data_2FI2
#
_entry.id   2FI2
#
_cell.length_a   1.000
_cell.length_b   1.000
_cell.length_c   1.000
_cell.angle_alpha   90.00
_cell.angle_beta   90.00
_cell.angle_gamma   90.00
#
_symmetry.space_group_name_H-M   'P 1'
#
_entity_poly.entity_id   1
_entity_poly.type   'polypeptide(L)'
_entity_poly.pdbx_seq_one_letter_code
;GSDPGPEAARLRFRCFHYEEATGPQEALAQLRELCRQWLRPEVRSKEQMLELLVLEQFLGALPPEIQARVQGQRPGSPEE
AAALVDGLRREPGG
;
_entity_poly.pdbx_strand_id   A,B
#
# COMPACT_ATOMS: atom_id res chain seq x y z
N GLY A 1 -9.97 -26.34 -2.15
CA GLY A 1 -9.86 -25.27 -3.16
C GLY A 1 -10.69 -24.08 -2.76
N SER A 2 -10.03 -22.95 -2.58
CA SER A 2 -10.67 -21.73 -2.18
C SER A 2 -9.64 -20.60 -2.28
N ASP A 3 -10.02 -19.42 -1.86
CA ASP A 3 -9.11 -18.29 -1.89
C ASP A 3 -8.45 -18.20 -0.52
N PRO A 4 -7.22 -17.67 -0.42
CA PRO A 4 -6.52 -17.55 0.86
C PRO A 4 -7.24 -16.63 1.87
N GLY A 5 -8.11 -15.79 1.35
CA GLY A 5 -8.80 -14.84 2.19
C GLY A 5 -8.10 -13.51 2.13
N PRO A 6 -8.84 -12.39 2.18
CA PRO A 6 -8.27 -11.04 2.00
C PRO A 6 -7.14 -10.72 2.98
N GLU A 7 -7.27 -11.21 4.20
CA GLU A 7 -6.28 -10.96 5.21
C GLU A 7 -4.97 -11.68 4.90
N ALA A 8 -5.07 -12.94 4.51
CA ALA A 8 -3.91 -13.76 4.18
C ALA A 8 -3.35 -13.38 2.82
N ALA A 9 -4.22 -12.92 1.95
CA ALA A 9 -3.82 -12.48 0.63
C ALA A 9 -2.91 -11.28 0.72
N ARG A 10 -3.23 -10.33 1.61
CA ARG A 10 -2.38 -9.18 1.79
C ARG A 10 -1.02 -9.62 2.35
N LEU A 11 -1.04 -10.66 3.19
CA LEU A 11 0.20 -11.20 3.76
C LEU A 11 1.11 -11.66 2.64
N ARG A 12 0.57 -12.49 1.76
CA ARG A 12 1.30 -13.02 0.62
C ARG A 12 1.77 -11.88 -0.30
N PHE A 13 0.94 -10.87 -0.41
CA PHE A 13 1.20 -9.69 -1.23
C PHE A 13 2.33 -8.83 -0.63
N ARG A 14 2.32 -8.65 0.68
CA ARG A 14 3.35 -7.85 1.39
C ARG A 14 4.62 -8.65 1.65
N CYS A 15 4.48 -9.95 1.77
CA CYS A 15 5.62 -10.82 1.99
C CYS A 15 6.40 -11.01 0.68
N PHE A 16 5.79 -10.57 -0.41
CA PHE A 16 6.39 -10.64 -1.71
C PHE A 16 7.57 -9.68 -1.77
N HIS A 17 8.70 -10.20 -2.11
CA HIS A 17 9.88 -9.39 -2.23
C HIS A 17 10.12 -9.19 -3.69
N TYR A 18 10.58 -8.05 -4.09
CA TYR A 18 10.91 -7.85 -5.45
C TYR A 18 12.16 -8.62 -5.80
N GLU A 19 12.01 -9.52 -6.72
CA GLU A 19 13.08 -10.31 -7.22
C GLU A 19 13.26 -10.05 -8.70
N GLU A 20 14.40 -9.47 -9.04
CA GLU A 20 14.73 -9.09 -10.40
C GLU A 20 14.69 -10.27 -11.33
N ALA A 21 14.97 -11.43 -10.78
CA ALA A 21 14.98 -12.67 -11.52
C ALA A 21 13.59 -13.02 -12.10
N THR A 22 12.52 -12.61 -11.43
CA THR A 22 11.21 -12.91 -11.95
C THR A 22 10.78 -11.74 -12.87
N GLY A 23 11.48 -10.62 -12.74
CA GLY A 23 11.15 -9.47 -13.54
C GLY A 23 10.06 -8.64 -12.89
N PRO A 24 10.07 -7.31 -13.07
CA PRO A 24 9.10 -6.45 -12.41
C PRO A 24 7.68 -6.66 -12.90
N GLN A 25 7.53 -6.87 -14.18
CA GLN A 25 6.23 -7.04 -14.78
C GLN A 25 5.65 -8.40 -14.56
N GLU A 26 6.48 -9.37 -14.38
CA GLU A 26 6.02 -10.69 -14.00
C GLU A 26 5.66 -10.67 -12.53
N ALA A 27 6.45 -9.94 -11.75
CA ALA A 27 6.16 -9.73 -10.34
C ALA A 27 4.85 -8.97 -10.21
N LEU A 28 4.63 -7.99 -11.09
CA LEU A 28 3.38 -7.26 -11.14
C LEU A 28 2.24 -8.19 -11.34
N ALA A 29 2.39 -9.13 -12.27
CA ALA A 29 1.34 -10.10 -12.55
C ALA A 29 0.97 -10.91 -11.30
N GLN A 30 1.98 -11.20 -10.48
CA GLN A 30 1.78 -11.94 -9.24
C GLN A 30 1.08 -11.03 -8.23
N LEU A 31 1.63 -9.85 -8.06
CA LEU A 31 1.11 -8.83 -7.15
C LEU A 31 -0.32 -8.42 -7.52
N ARG A 32 -0.56 -8.31 -8.80
CA ARG A 32 -1.85 -7.90 -9.36
C ARG A 32 -2.90 -8.96 -9.05
N GLU A 33 -2.45 -10.15 -9.00
CA GLU A 33 -3.23 -11.31 -8.70
C GLU A 33 -3.45 -11.40 -7.19
N LEU A 34 -2.37 -11.29 -6.42
CA LEU A 34 -2.42 -11.35 -4.96
C LEU A 34 -3.26 -10.22 -4.37
N CYS A 35 -3.09 -9.02 -4.90
CA CYS A 35 -3.84 -7.87 -4.41
C CYS A 35 -5.31 -8.04 -4.79
N ARG A 36 -5.57 -8.73 -5.89
CA ARG A 36 -6.88 -8.97 -6.34
C ARG A 36 -7.56 -10.01 -5.45
N GLN A 37 -6.77 -10.91 -4.90
CA GLN A 37 -7.27 -11.91 -3.95
C GLN A 37 -7.56 -11.28 -2.59
N TRP A 38 -7.01 -10.09 -2.41
CA TRP A 38 -7.16 -9.31 -1.21
C TRP A 38 -8.33 -8.29 -1.34
N LEU A 39 -8.25 -7.46 -2.34
CA LEU A 39 -9.26 -6.43 -2.57
C LEU A 39 -10.54 -7.05 -3.14
N ARG A 40 -10.36 -7.94 -4.13
CA ARG A 40 -11.44 -8.72 -4.75
C ARG A 40 -12.60 -7.88 -5.30
N PRO A 41 -12.45 -7.23 -6.48
CA PRO A 41 -13.55 -6.49 -7.15
C PRO A 41 -14.73 -7.42 -7.43
N GLU A 42 -14.38 -8.67 -7.56
CA GLU A 42 -15.29 -9.77 -7.80
C GLU A 42 -16.36 -9.88 -6.70
N VAL A 43 -15.98 -9.64 -5.45
CA VAL A 43 -16.94 -9.74 -4.35
C VAL A 43 -17.11 -8.43 -3.60
N ARG A 44 -16.08 -7.60 -3.58
CA ARG A 44 -16.14 -6.35 -2.83
C ARG A 44 -16.29 -5.14 -3.72
N SER A 45 -16.64 -4.06 -3.10
CA SER A 45 -16.82 -2.78 -3.71
C SER A 45 -15.65 -1.82 -3.38
N LYS A 46 -15.72 -0.65 -3.97
CA LYS A 46 -14.62 0.34 -3.97
C LYS A 46 -14.33 0.90 -2.59
N GLU A 47 -15.36 1.11 -1.81
CA GLU A 47 -15.18 1.72 -0.48
C GLU A 47 -14.48 0.74 0.45
N GLN A 48 -14.71 -0.55 0.22
CA GLN A 48 -14.02 -1.59 0.96
C GLN A 48 -12.54 -1.52 0.66
N MET A 49 -12.23 -1.22 -0.60
CA MET A 49 -10.87 -1.09 -1.04
C MET A 49 -10.22 0.10 -0.44
N LEU A 50 -11.00 1.19 -0.28
CA LEU A 50 -10.50 2.37 0.41
C LEU A 50 -10.02 1.96 1.79
N GLU A 51 -10.91 1.29 2.53
CA GLU A 51 -10.64 0.85 3.90
C GLU A 51 -9.40 -0.04 3.99
N LEU A 52 -9.35 -1.07 3.15
CA LEU A 52 -8.24 -2.00 3.13
C LEU A 52 -6.92 -1.28 2.84
N LEU A 53 -6.97 -0.33 1.94
CA LEU A 53 -5.82 0.41 1.56
C LEU A 53 -5.43 1.48 2.62
N VAL A 54 -6.42 2.02 3.35
CA VAL A 54 -6.11 2.94 4.45
C VAL A 54 -5.28 2.19 5.48
N LEU A 55 -5.73 0.98 5.80
CA LEU A 55 -5.06 0.05 6.73
C LEU A 55 -3.64 -0.18 6.29
N GLU A 56 -3.50 -0.45 5.01
CA GLU A 56 -2.21 -0.72 4.39
C GLU A 56 -1.20 0.40 4.68
N GLN A 57 -1.58 1.64 4.42
CA GLN A 57 -0.68 2.76 4.61
C GLN A 57 -0.55 3.05 6.10
N PHE A 58 -1.67 2.96 6.83
CA PHE A 58 -1.70 3.23 8.27
C PHE A 58 -0.65 2.41 8.98
N LEU A 59 -0.58 1.14 8.62
CA LEU A 59 0.44 0.27 9.18
C LEU A 59 1.86 0.71 8.87
N GLY A 60 2.09 1.20 7.67
CA GLY A 60 3.42 1.62 7.30
C GLY A 60 3.77 3.01 7.83
N ALA A 61 2.73 3.78 8.13
CA ALA A 61 2.92 5.12 8.69
C ALA A 61 3.42 5.00 10.13
N LEU A 62 3.02 3.91 10.78
CA LEU A 62 3.45 3.57 12.14
C LEU A 62 4.97 3.38 12.16
N PRO A 63 5.62 3.59 13.32
CA PRO A 63 7.05 3.37 13.43
C PRO A 63 7.33 1.86 13.40
N PRO A 64 8.53 1.44 12.92
CA PRO A 64 8.92 0.03 12.79
C PRO A 64 8.53 -0.83 14.00
N GLU A 65 8.77 -0.31 15.21
CA GLU A 65 8.45 -1.03 16.43
C GLU A 65 6.92 -1.25 16.63
N ILE A 66 6.12 -0.21 16.45
CA ILE A 66 4.67 -0.34 16.58
C ILE A 66 4.10 -1.15 15.42
N GLN A 67 4.66 -0.93 14.24
CA GLN A 67 4.23 -1.62 13.04
C GLN A 67 4.47 -3.12 13.17
N ALA A 68 5.59 -3.48 13.77
CA ALA A 68 5.96 -4.88 13.99
C ALA A 68 4.91 -5.60 14.84
N ARG A 69 4.33 -4.88 15.79
CA ARG A 69 3.31 -5.45 16.66
C ARG A 69 2.05 -5.73 15.87
N VAL A 70 1.63 -4.77 15.05
CA VAL A 70 0.44 -4.95 14.22
C VAL A 70 0.67 -6.06 13.24
N GLN A 71 1.80 -6.03 12.61
CA GLN A 71 2.22 -7.03 11.66
C GLN A 71 2.28 -8.44 12.28
N GLY A 72 2.54 -8.50 13.57
CA GLY A 72 2.55 -9.77 14.26
C GLY A 72 1.14 -10.29 14.58
N GLN A 73 0.16 -9.40 14.70
CA GLN A 73 -1.20 -9.83 15.02
C GLN A 73 -2.05 -9.93 13.75
N ARG A 74 -1.93 -8.90 12.94
CA ARG A 74 -2.66 -8.74 11.68
C ARG A 74 -4.17 -8.63 11.88
N PRO A 75 -4.67 -7.43 12.22
CA PRO A 75 -6.12 -7.20 12.35
C PRO A 75 -6.80 -7.24 10.98
N GLY A 76 -6.26 -6.46 10.06
CA GLY A 76 -6.80 -6.40 8.71
C GLY A 76 -7.80 -5.28 8.52
N SER A 77 -8.20 -4.68 9.61
CA SER A 77 -9.11 -3.57 9.58
C SER A 77 -8.39 -2.34 10.18
N PRO A 78 -8.46 -1.18 9.50
CA PRO A 78 -7.77 0.05 9.93
C PRO A 78 -8.09 0.47 11.36
N GLU A 79 -9.36 0.46 11.72
CA GLU A 79 -9.76 0.90 13.04
C GLU A 79 -9.32 -0.07 14.11
N GLU A 80 -9.29 -1.33 13.76
CA GLU A 80 -8.81 -2.35 14.65
C GLU A 80 -7.32 -2.13 14.93
N ALA A 81 -6.55 -1.87 13.86
CA ALA A 81 -5.14 -1.56 14.01
C ALA A 81 -4.96 -0.31 14.86
N ALA A 82 -5.82 0.68 14.64
CA ALA A 82 -5.81 1.93 15.38
C ALA A 82 -6.00 1.68 16.87
N ALA A 83 -6.75 0.67 17.19
CA ALA A 83 -7.03 0.29 18.55
C ALA A 83 -5.78 -0.28 19.25
N LEU A 84 -5.08 -1.24 18.61
CA LEU A 84 -3.87 -1.76 19.25
C LEU A 84 -2.77 -0.74 19.33
N VAL A 85 -2.60 0.06 18.29
CA VAL A 85 -1.55 1.07 18.28
C VAL A 85 -1.80 2.14 19.32
N ASP A 86 -3.07 2.43 19.58
CA ASP A 86 -3.45 3.38 20.61
C ASP A 86 -3.02 2.86 21.97
N GLY A 87 -3.01 1.54 22.10
CA GLY A 87 -2.58 0.90 23.32
C GLY A 87 -1.06 0.79 23.39
N LEU A 88 -0.44 0.51 22.26
CA LEU A 88 1.02 0.35 22.14
C LEU A 88 1.75 1.68 22.42
N ARG A 89 1.06 2.77 22.17
CA ARG A 89 1.64 4.09 22.40
C ARG A 89 1.40 4.53 23.84
N ARG A 90 0.70 3.72 24.59
CA ARG A 90 0.46 4.03 26.00
C ARG A 90 1.67 3.59 26.75
N GLU A 91 2.46 4.55 27.18
CA GLU A 91 3.75 4.32 27.78
C GLU A 91 4.59 3.60 26.73
N PRO A 92 5.08 4.38 25.70
CA PRO A 92 5.73 3.88 24.47
C PRO A 92 6.31 2.48 24.57
N GLY A 93 5.53 1.53 24.09
CA GLY A 93 5.91 0.14 24.15
C GLY A 93 4.79 -0.70 24.69
N GLY A 94 4.02 -0.13 25.59
CA GLY A 94 2.90 -0.84 26.17
C GLY A 94 3.18 -1.26 27.59
N GLY B 1 -10.91 23.48 -11.91
CA GLY B 1 -11.38 22.46 -12.84
C GLY B 1 -10.35 21.38 -13.06
N SER B 2 -9.19 21.58 -12.48
CA SER B 2 -8.12 20.64 -12.60
C SER B 2 -8.06 19.81 -11.30
N ASP B 3 -7.46 18.66 -11.37
CA ASP B 3 -7.31 17.81 -10.19
C ASP B 3 -5.83 17.66 -9.90
N PRO B 4 -5.44 17.50 -8.63
CA PRO B 4 -4.03 17.32 -8.25
C PRO B 4 -3.42 16.10 -8.93
N GLY B 5 -4.20 15.06 -9.01
CA GLY B 5 -3.74 13.85 -9.60
C GLY B 5 -3.70 12.75 -8.60
N PRO B 6 -3.94 11.51 -9.02
CA PRO B 6 -3.95 10.36 -8.12
C PRO B 6 -2.57 10.11 -7.51
N GLU B 7 -1.52 10.33 -8.31
CA GLU B 7 -0.20 10.04 -7.83
C GLU B 7 0.19 11.06 -6.76
N ALA B 8 -0.14 12.33 -7.02
CA ALA B 8 0.15 13.41 -6.09
C ALA B 8 -0.62 13.20 -4.78
N ALA B 9 -1.87 12.76 -4.90
CA ALA B 9 -2.69 12.50 -3.75
C ALA B 9 -2.12 11.35 -2.94
N ARG B 10 -1.60 10.34 -3.62
CA ARG B 10 -1.02 9.20 -2.94
C ARG B 10 0.25 9.62 -2.20
N LEU B 11 0.98 10.57 -2.78
CA LEU B 11 2.20 11.06 -2.17
C LEU B 11 1.86 11.74 -0.87
N ARG B 12 0.83 12.56 -0.90
CA ARG B 12 0.35 13.24 0.31
C ARG B 12 -0.13 12.23 1.34
N PHE B 13 -0.76 11.19 0.84
CA PHE B 13 -1.25 10.07 1.63
C PHE B 13 -0.11 9.34 2.36
N ARG B 14 1.03 9.19 1.69
CA ARG B 14 2.18 8.56 2.34
C ARG B 14 3.12 9.53 3.01
N CYS B 15 2.99 10.78 2.67
CA CYS B 15 3.76 11.82 3.32
C CYS B 15 3.26 12.00 4.74
N PHE B 16 2.02 11.55 4.97
CA PHE B 16 1.40 11.60 6.26
C PHE B 16 2.16 10.71 7.23
N HIS B 17 2.65 11.30 8.26
CA HIS B 17 3.35 10.57 9.28
C HIS B 17 2.34 10.16 10.31
N TYR B 18 2.46 8.99 10.86
CA TYR B 18 1.58 8.62 11.92
C TYR B 18 1.88 9.46 13.12
N GLU B 19 0.90 10.20 13.54
CA GLU B 19 1.03 11.04 14.67
C GLU B 19 0.07 10.63 15.74
N GLU B 20 0.63 10.33 16.88
CA GLU B 20 -0.10 9.93 18.05
C GLU B 20 -0.97 11.08 18.57
N ALA B 21 -0.51 12.29 18.31
CA ALA B 21 -1.20 13.50 18.75
C ALA B 21 -2.64 13.59 18.23
N THR B 22 -2.85 13.18 16.99
CA THR B 22 -4.19 13.25 16.42
C THR B 22 -4.98 11.98 16.80
N GLY B 23 -4.25 10.94 17.22
CA GLY B 23 -4.87 9.68 17.53
C GLY B 23 -4.99 8.83 16.29
N PRO B 24 -4.75 7.50 16.36
CA PRO B 24 -4.78 6.64 15.18
C PRO B 24 -6.12 6.63 14.44
N GLN B 25 -7.24 6.75 15.17
CA GLN B 25 -8.54 6.74 14.53
C GLN B 25 -8.76 8.00 13.73
N GLU B 26 -8.33 9.09 14.29
CA GLU B 26 -8.43 10.37 13.62
C GLU B 26 -7.44 10.45 12.46
N ALA B 27 -6.29 9.81 12.63
CA ALA B 27 -5.30 9.71 11.56
C ALA B 27 -5.89 8.92 10.39
N LEU B 28 -6.69 7.90 10.73
CA LEU B 28 -7.41 7.12 9.72
C LEU B 28 -8.31 8.01 8.91
N ALA B 29 -8.98 8.94 9.56
CA ALA B 29 -9.88 9.87 8.87
C ALA B 29 -9.12 10.73 7.87
N GLN B 30 -7.84 10.95 8.16
CA GLN B 30 -6.98 11.74 7.27
C GLN B 30 -6.57 10.86 6.11
N LEU B 31 -6.06 9.70 6.44
CA LEU B 31 -5.61 8.72 5.48
C LEU B 31 -6.73 8.28 4.56
N ARG B 32 -7.90 8.07 5.11
CA ARG B 32 -9.06 7.67 4.36
C ARG B 32 -9.41 8.76 3.36
N GLU B 33 -9.37 9.97 3.82
CA GLU B 33 -9.62 11.14 3.02
C GLU B 33 -8.59 11.24 1.88
N LEU B 34 -7.33 11.14 2.23
CA LEU B 34 -6.24 11.24 1.27
C LEU B 34 -6.27 10.09 0.27
N CYS B 35 -6.50 8.87 0.74
CA CYS B 35 -6.54 7.71 -0.15
C CYS B 35 -7.73 7.82 -1.08
N ARG B 36 -8.81 8.41 -0.57
CA ARG B 36 -10.03 8.58 -1.33
C ARG B 36 -9.83 9.57 -2.46
N GLN B 37 -8.95 10.55 -2.25
CA GLN B 37 -8.63 11.55 -3.29
C GLN B 37 -7.72 10.96 -4.37
N TRP B 38 -7.11 9.84 -4.04
CA TRP B 38 -6.23 9.09 -4.90
C TRP B 38 -6.99 7.96 -5.66
N LEU B 39 -7.75 7.18 -4.93
CA LEU B 39 -8.50 6.06 -5.48
C LEU B 39 -9.77 6.56 -6.18
N ARG B 40 -10.54 7.40 -5.47
CA ARG B 40 -11.75 8.03 -6.00
C ARG B 40 -12.78 7.06 -6.61
N PRO B 41 -13.50 6.28 -5.76
CA PRO B 41 -14.61 5.38 -6.17
C PRO B 41 -15.60 6.05 -7.11
N GLU B 42 -15.72 7.34 -6.96
CA GLU B 42 -16.59 8.18 -7.76
C GLU B 42 -16.28 8.08 -9.26
N VAL B 43 -15.01 8.04 -9.60
CA VAL B 43 -14.61 8.03 -10.99
C VAL B 43 -13.86 6.77 -11.35
N ARG B 44 -13.23 6.15 -10.38
CA ARG B 44 -12.51 4.94 -10.67
C ARG B 44 -13.20 3.73 -10.15
N SER B 45 -13.07 2.70 -10.88
CA SER B 45 -13.60 1.44 -10.55
C SER B 45 -12.57 0.58 -9.81
N LYS B 46 -13.00 -0.58 -9.39
CA LYS B 46 -12.27 -1.44 -8.45
C LYS B 46 -10.98 -1.99 -9.04
N GLU B 47 -11.02 -2.30 -10.31
CA GLU B 47 -9.86 -2.88 -10.97
C GLU B 47 -8.76 -1.86 -11.15
N GLN B 48 -9.14 -0.61 -11.27
CA GLN B 48 -8.18 0.47 -11.37
C GLN B 48 -7.51 0.69 -10.03
N MET B 49 -8.26 0.42 -8.96
CA MET B 49 -7.73 0.48 -7.62
C MET B 49 -6.72 -0.59 -7.40
N LEU B 50 -6.97 -1.77 -8.00
CA LEU B 50 -6.02 -2.87 -7.98
C LEU B 50 -4.68 -2.38 -8.50
N GLU B 51 -4.72 -1.78 -9.69
CA GLU B 51 -3.50 -1.29 -10.39
C GLU B 51 -2.69 -0.34 -9.50
N LEU B 52 -3.38 0.62 -8.91
CA LEU B 52 -2.76 1.61 -8.05
C LEU B 52 -2.10 0.95 -6.84
N LEU B 53 -2.79 -0.02 -6.27
CA LEU B 53 -2.31 -0.71 -5.13
C LEU B 53 -1.19 -1.74 -5.48
N VAL B 54 -1.22 -2.30 -6.69
CA VAL B 54 -0.12 -3.19 -7.13
C VAL B 54 1.19 -2.39 -7.10
N LEU B 55 1.11 -1.19 -7.68
CA LEU B 55 2.22 -0.21 -7.74
C LEU B 55 2.75 0.04 -6.35
N GLU B 56 1.84 0.22 -5.43
CA GLU B 56 2.12 0.54 -4.06
C GLU B 56 3.06 -0.49 -3.41
N GLN B 57 2.71 -1.76 -3.48
CA GLN B 57 3.55 -2.77 -2.85
C GLN B 57 4.81 -2.94 -3.68
N PHE B 58 4.64 -2.89 -4.99
CA PHE B 58 5.75 -3.08 -5.92
C PHE B 58 6.90 -2.14 -5.61
N LEU B 59 6.58 -0.87 -5.42
CA LEU B 59 7.60 0.11 -5.06
C LEU B 59 8.32 -0.20 -3.77
N GLY B 60 7.59 -0.63 -2.76
CA GLY B 60 8.24 -0.91 -1.49
C GLY B 60 8.92 -2.26 -1.46
N ALA B 61 8.61 -3.09 -2.44
CA ALA B 61 9.23 -4.39 -2.57
C ALA B 61 10.61 -4.24 -3.19
N LEU B 62 10.78 -3.19 -3.96
CA LEU B 62 12.06 -2.84 -4.59
C LEU B 62 13.10 -2.54 -3.50
N PRO B 63 14.40 -2.77 -3.77
CA PRO B 63 15.45 -2.46 -2.82
C PRO B 63 15.57 -0.95 -2.69
N PRO B 64 16.00 -0.44 -1.52
CA PRO B 64 16.12 1.00 -1.24
C PRO B 64 16.70 1.83 -2.41
N GLU B 65 17.75 1.30 -3.05
CA GLU B 65 18.40 2.00 -4.15
C GLU B 65 17.52 2.06 -5.42
N ILE B 66 16.93 0.92 -5.83
CA ILE B 66 16.05 0.90 -6.98
C ILE B 66 14.78 1.69 -6.70
N GLN B 67 14.27 1.55 -5.48
CA GLN B 67 13.07 2.25 -5.04
C GLN B 67 13.28 3.77 -5.07
N ALA B 68 14.47 4.19 -4.67
CA ALA B 68 14.84 5.61 -4.68
C ALA B 68 14.82 6.18 -6.10
N ARG B 69 15.22 5.35 -7.06
CA ARG B 69 15.22 5.77 -8.46
C ARG B 69 13.79 6.02 -8.93
N VAL B 70 12.88 5.14 -8.51
CA VAL B 70 11.47 5.32 -8.83
C VAL B 70 10.94 6.56 -8.18
N GLN B 71 11.16 6.65 -6.89
CA GLN B 71 10.72 7.79 -6.09
C GLN B 71 11.28 9.12 -6.61
N GLY B 72 12.44 9.08 -7.23
CA GLY B 72 13.03 10.26 -7.81
C GLY B 72 12.38 10.66 -9.14
N GLN B 73 11.48 9.84 -9.66
CA GLN B 73 10.79 10.15 -10.91
C GLN B 73 9.28 10.22 -10.71
N ARG B 74 8.77 9.20 -10.00
CA ARG B 74 7.35 9.01 -9.68
C ARG B 74 6.54 8.68 -10.93
N PRO B 75 6.45 7.39 -11.28
CA PRO B 75 5.65 6.94 -12.44
C PRO B 75 4.14 7.03 -12.16
N GLY B 76 3.72 6.43 -11.06
CA GLY B 76 2.32 6.46 -10.66
C GLY B 76 1.54 5.26 -11.18
N SER B 77 2.14 4.52 -12.07
CA SER B 77 1.53 3.33 -12.59
C SER B 77 2.53 2.16 -12.49
N PRO B 78 2.05 0.95 -12.14
CA PRO B 78 2.93 -0.22 -11.88
C PRO B 78 3.86 -0.60 -13.05
N GLU B 79 3.32 -0.63 -14.24
CA GLU B 79 4.08 -1.03 -15.44
C GLU B 79 5.13 0.00 -15.80
N GLU B 80 4.86 1.26 -15.50
CA GLU B 80 5.79 2.31 -15.75
C GLU B 80 6.93 2.14 -14.76
N ALA B 81 6.59 1.91 -13.47
CA ALA B 81 7.58 1.63 -12.45
C ALA B 81 8.41 0.41 -12.85
N ALA B 82 7.73 -0.60 -13.37
CA ALA B 82 8.36 -1.82 -13.85
C ALA B 82 9.37 -1.51 -14.93
N ALA B 83 9.00 -0.66 -15.83
CA ALA B 83 9.87 -0.25 -16.93
C ALA B 83 11.07 0.55 -16.42
N LEU B 84 10.88 1.33 -15.35
CA LEU B 84 11.97 2.10 -14.77
C LEU B 84 13.01 1.13 -14.21
N VAL B 85 12.50 0.19 -13.44
CA VAL B 85 13.31 -0.79 -12.73
C VAL B 85 13.89 -1.84 -13.65
N ASP B 86 13.17 -2.15 -14.72
CA ASP B 86 13.59 -3.12 -15.73
C ASP B 86 15.00 -2.81 -16.23
N GLY B 87 15.32 -1.53 -16.35
CA GLY B 87 16.65 -1.12 -16.73
C GLY B 87 17.61 -1.08 -15.54
N LEU B 88 17.10 -0.73 -14.38
CA LEU B 88 17.90 -0.61 -13.14
C LEU B 88 18.45 -1.96 -12.67
N ARG B 89 17.73 -3.01 -12.98
CA ARG B 89 18.16 -4.35 -12.61
C ARG B 89 19.21 -4.86 -13.58
N ARG B 90 19.40 -4.13 -14.67
CA ARG B 90 20.39 -4.52 -15.67
C ARG B 90 21.73 -3.94 -15.29
N GLU B 91 22.32 -4.52 -14.24
CA GLU B 91 23.60 -4.09 -13.70
C GLU B 91 23.51 -2.64 -13.16
N PRO B 92 23.35 -2.48 -11.82
CA PRO B 92 23.13 -1.17 -11.18
C PRO B 92 24.13 -0.11 -11.62
N GLY B 93 23.64 0.93 -12.24
CA GLY B 93 24.48 1.98 -12.73
C GLY B 93 23.83 2.75 -13.87
N GLY B 94 22.54 2.83 -13.81
CA GLY B 94 21.78 3.53 -14.80
C GLY B 94 20.54 4.08 -14.19
N GLY A 1 -14.63 -24.62 -3.75
CA GLY A 1 -13.30 -24.42 -3.17
C GLY A 1 -13.31 -23.32 -2.16
N SER A 2 -12.25 -23.23 -1.39
CA SER A 2 -12.12 -22.20 -0.41
C SER A 2 -10.89 -21.34 -0.69
N ASP A 3 -11.07 -20.04 -0.61
CA ASP A 3 -10.01 -19.10 -0.92
C ASP A 3 -9.11 -18.95 0.29
N PRO A 4 -7.81 -18.67 0.06
CA PRO A 4 -6.82 -18.50 1.14
C PRO A 4 -7.19 -17.35 2.09
N GLY A 5 -7.86 -16.37 1.57
CA GLY A 5 -8.27 -15.25 2.35
C GLY A 5 -7.47 -14.04 2.00
N PRO A 6 -8.08 -12.83 2.03
CA PRO A 6 -7.41 -11.59 1.69
C PRO A 6 -6.16 -11.36 2.52
N GLU A 7 -6.22 -11.80 3.77
CA GLU A 7 -5.08 -11.68 4.69
C GLU A 7 -3.88 -12.50 4.19
N ALA A 8 -4.13 -13.71 3.74
CA ALA A 8 -3.07 -14.59 3.27
C ALA A 8 -2.60 -14.16 1.90
N ALA A 9 -3.52 -13.70 1.08
CA ALA A 9 -3.19 -13.23 -0.25
C ALA A 9 -2.31 -11.99 -0.19
N ARG A 10 -2.67 -11.07 0.70
CA ARG A 10 -1.87 -9.88 0.91
C ARG A 10 -0.50 -10.25 1.48
N LEU A 11 -0.45 -11.30 2.29
CA LEU A 11 0.75 -11.77 2.85
C LEU A 11 1.66 -12.35 1.76
N ARG A 12 1.08 -13.08 0.80
CA ARG A 12 1.82 -13.58 -0.37
C ARG A 12 2.41 -12.39 -1.13
N PHE A 13 1.58 -11.38 -1.28
CA PHE A 13 1.86 -10.14 -1.97
C PHE A 13 2.99 -9.35 -1.28
N ARG A 14 3.03 -9.40 0.05
CA ARG A 14 4.07 -8.73 0.82
C ARG A 14 5.30 -9.61 1.02
N CYS A 15 5.16 -10.90 0.81
CA CYS A 15 6.28 -11.82 0.92
C CYS A 15 7.03 -11.82 -0.41
N PHE A 16 6.42 -11.23 -1.43
CA PHE A 16 7.02 -11.14 -2.72
C PHE A 16 8.19 -10.18 -2.67
N HIS A 17 9.35 -10.66 -3.00
CA HIS A 17 10.50 -9.79 -3.06
C HIS A 17 10.64 -9.33 -4.48
N TYR A 18 10.93 -8.09 -4.71
CA TYR A 18 11.19 -7.72 -6.05
C TYR A 18 12.57 -8.17 -6.39
N GLU A 19 12.64 -9.02 -7.33
CA GLU A 19 13.86 -9.50 -7.80
C GLU A 19 14.12 -8.98 -9.19
N GLU A 20 15.29 -8.43 -9.37
CA GLU A 20 15.71 -7.83 -10.61
C GLU A 20 15.82 -8.90 -11.69
N ALA A 21 15.97 -10.13 -11.24
CA ALA A 21 16.08 -11.29 -12.09
C ALA A 21 14.75 -11.68 -12.75
N THR A 22 13.63 -11.43 -12.08
CA THR A 22 12.34 -11.84 -12.66
C THR A 22 11.84 -10.71 -13.58
N GLY A 23 12.39 -9.52 -13.39
CA GLY A 23 12.00 -8.38 -14.18
C GLY A 23 10.81 -7.66 -13.55
N PRO A 24 10.80 -6.31 -13.53
CA PRO A 24 9.71 -5.55 -12.90
C PRO A 24 8.36 -5.77 -13.59
N GLN A 25 8.34 -5.91 -14.91
CA GLN A 25 7.08 -6.12 -15.62
C GLN A 25 6.49 -7.47 -15.21
N GLU A 26 7.34 -8.46 -15.12
CA GLU A 26 6.94 -9.79 -14.73
C GLU A 26 6.53 -9.83 -13.26
N ALA A 27 7.24 -9.08 -12.45
CA ALA A 27 6.94 -8.95 -11.04
C ALA A 27 5.54 -8.40 -10.85
N LEU A 28 5.19 -7.44 -11.68
CA LEU A 28 3.88 -6.80 -11.65
C LEU A 28 2.75 -7.76 -11.92
N ALA A 29 2.95 -8.65 -12.89
CA ALA A 29 1.92 -9.64 -13.22
C ALA A 29 1.65 -10.54 -12.03
N GLN A 30 2.70 -10.86 -11.32
CA GLN A 30 2.63 -11.66 -10.14
C GLN A 30 2.02 -10.90 -8.98
N LEU A 31 2.46 -9.67 -8.80
CA LEU A 31 1.92 -8.79 -7.77
C LEU A 31 0.45 -8.49 -7.98
N ARG A 32 0.08 -8.22 -9.21
CA ARG A 32 -1.29 -7.97 -9.55
C ARG A 32 -2.16 -9.17 -9.27
N GLU A 33 -1.67 -10.32 -9.61
CA GLU A 33 -2.35 -11.56 -9.32
C GLU A 33 -2.57 -11.67 -7.81
N LEU A 34 -1.52 -11.45 -7.05
CA LEU A 34 -1.55 -11.54 -5.59
C LEU A 34 -2.46 -10.48 -4.97
N CYS A 35 -2.40 -9.26 -5.49
CA CYS A 35 -3.21 -8.19 -4.95
C CYS A 35 -4.67 -8.41 -5.32
N ARG A 36 -4.91 -8.94 -6.51
CA ARG A 36 -6.22 -9.27 -6.95
C ARG A 36 -6.82 -10.42 -6.14
N GLN A 37 -5.98 -11.32 -5.67
CA GLN A 37 -6.41 -12.41 -4.78
C GLN A 37 -6.77 -11.88 -3.39
N TRP A 38 -6.23 -10.72 -3.10
CA TRP A 38 -6.42 -10.01 -1.85
C TRP A 38 -7.64 -9.07 -1.91
N LEU A 39 -7.60 -8.12 -2.80
CA LEU A 39 -8.64 -7.13 -2.98
C LEU A 39 -9.90 -7.79 -3.51
N ARG A 40 -9.72 -8.57 -4.58
CA ARG A 40 -10.79 -9.30 -5.25
C ARG A 40 -11.97 -8.41 -5.65
N PRO A 41 -11.85 -7.65 -6.75
CA PRO A 41 -12.95 -6.80 -7.26
C PRO A 41 -14.15 -7.65 -7.65
N GLU A 42 -13.90 -8.94 -7.80
CA GLU A 42 -14.90 -9.94 -8.10
C GLU A 42 -15.90 -10.07 -6.95
N VAL A 43 -15.43 -9.92 -5.71
CA VAL A 43 -16.32 -10.05 -4.57
C VAL A 43 -16.42 -8.76 -3.75
N ARG A 44 -15.36 -7.98 -3.73
CA ARG A 44 -15.37 -6.76 -2.94
C ARG A 44 -15.56 -5.54 -3.78
N SER A 45 -16.19 -4.57 -3.19
CA SER A 45 -16.45 -3.31 -3.79
C SER A 45 -15.31 -2.33 -3.46
N LYS A 46 -15.39 -1.15 -4.04
CA LYS A 46 -14.35 -0.13 -3.95
C LYS A 46 -14.06 0.33 -2.52
N GLU A 47 -15.10 0.52 -1.72
CA GLU A 47 -14.91 1.09 -0.37
C GLU A 47 -14.12 0.14 0.52
N GLN A 48 -14.26 -1.15 0.26
CA GLN A 48 -13.50 -2.16 0.98
C GLN A 48 -12.03 -2.06 0.64
N MET A 49 -11.74 -1.69 -0.60
CA MET A 49 -10.37 -1.52 -1.05
C MET A 49 -9.71 -0.37 -0.35
N LEU A 50 -10.48 0.69 -0.12
CA LEU A 50 -10.01 1.84 0.67
C LEU A 50 -9.57 1.34 2.03
N GLU A 51 -10.46 0.61 2.71
CA GLU A 51 -10.20 0.09 4.07
C GLU A 51 -8.90 -0.72 4.11
N LEU A 52 -8.77 -1.66 3.19
CA LEU A 52 -7.60 -2.52 3.10
C LEU A 52 -6.33 -1.70 2.90
N LEU A 53 -6.40 -0.72 2.02
CA LEU A 53 -5.26 0.08 1.69
C LEU A 53 -4.94 1.15 2.76
N VAL A 54 -5.95 1.66 3.47
CA VAL A 54 -5.68 2.59 4.58
C VAL A 54 -4.83 1.87 5.61
N LEU A 55 -5.23 0.62 5.87
CA LEU A 55 -4.54 -0.27 6.80
C LEU A 55 -3.11 -0.48 6.36
N GLU A 56 -2.97 -0.77 5.08
CA GLU A 56 -1.72 -1.13 4.49
C GLU A 56 -0.68 0.00 4.69
N GLN A 57 -1.12 1.23 4.49
CA GLN A 57 -0.24 2.38 4.66
C GLN A 57 -0.03 2.61 6.16
N PHE A 58 -1.14 2.60 6.92
CA PHE A 58 -1.12 2.88 8.35
C PHE A 58 -0.12 2.03 9.09
N LEU A 59 -0.09 0.75 8.78
CA LEU A 59 0.85 -0.14 9.43
C LEU A 59 2.28 0.26 9.18
N GLY A 60 2.56 0.79 8.02
CA GLY A 60 3.90 1.20 7.70
C GLY A 60 4.21 2.57 8.29
N ALA A 61 3.18 3.36 8.52
CA ALA A 61 3.34 4.70 9.09
C ALA A 61 3.76 4.60 10.56
N LEU A 62 3.51 3.45 11.16
CA LEU A 62 3.92 3.15 12.51
C LEU A 62 5.45 3.05 12.57
N PRO A 63 6.08 3.39 13.72
CA PRO A 63 7.53 3.25 13.88
C PRO A 63 7.88 1.77 13.93
N PRO A 64 9.10 1.39 13.48
CA PRO A 64 9.54 -0.01 13.44
C PRO A 64 9.16 -0.83 14.70
N GLU A 65 9.37 -0.25 15.87
CA GLU A 65 9.07 -0.94 17.13
C GLU A 65 7.57 -1.28 17.28
N ILE A 66 6.69 -0.32 16.98
CA ILE A 66 5.26 -0.56 17.06
C ILE A 66 4.81 -1.43 15.88
N GLN A 67 5.34 -1.12 14.71
CA GLN A 67 4.99 -1.81 13.48
C GLN A 67 5.33 -3.29 13.57
N ALA A 68 6.47 -3.60 14.13
CA ALA A 68 6.94 -4.98 14.28
C ALA A 68 6.01 -5.82 15.17
N ARG A 69 5.37 -5.18 16.13
CA ARG A 69 4.47 -5.88 17.06
C ARG A 69 3.17 -6.26 16.33
N VAL A 70 2.74 -5.37 15.47
CA VAL A 70 1.54 -5.54 14.64
C VAL A 70 1.81 -6.46 13.47
N GLN A 71 3.03 -6.41 13.02
CA GLN A 71 3.49 -7.00 11.79
C GLN A 71 3.14 -8.48 11.60
N GLY A 72 3.10 -9.23 12.67
CA GLY A 72 2.76 -10.63 12.55
C GLY A 72 1.29 -10.86 12.33
N GLN A 73 0.48 -9.95 12.82
CA GLN A 73 -0.93 -10.05 12.73
C GLN A 73 -1.46 -9.48 11.43
N ARG A 74 -0.96 -8.27 11.09
CA ARG A 74 -1.41 -7.52 9.90
C ARG A 74 -2.96 -7.49 9.83
N PRO A 75 -3.63 -6.80 10.81
CA PRO A 75 -5.11 -6.74 10.97
C PRO A 75 -5.93 -6.86 9.66
N GLY A 76 -5.63 -5.99 8.72
CA GLY A 76 -6.33 -6.01 7.43
C GLY A 76 -7.49 -5.05 7.43
N SER A 77 -7.80 -4.56 8.58
CA SER A 77 -8.78 -3.57 8.78
C SER A 77 -8.13 -2.42 9.58
N PRO A 78 -8.20 -1.19 9.07
CA PRO A 78 -7.50 -0.04 9.66
C PRO A 78 -7.81 0.21 11.12
N GLU A 79 -9.07 0.16 11.46
CA GLU A 79 -9.51 0.47 12.81
C GLU A 79 -9.15 -0.63 13.80
N GLU A 80 -9.06 -1.85 13.31
CA GLU A 80 -8.56 -2.96 14.11
C GLU A 80 -7.13 -2.64 14.53
N ALA A 81 -6.32 -2.21 13.54
CA ALA A 81 -4.94 -1.82 13.78
C ALA A 81 -4.86 -0.74 14.82
N ALA A 82 -5.76 0.25 14.71
CA ALA A 82 -5.83 1.36 15.65
C ALA A 82 -5.94 0.85 17.06
N ALA A 83 -6.78 -0.13 17.25
CA ALA A 83 -7.01 -0.72 18.54
C ALA A 83 -5.74 -1.33 19.13
N LEU A 84 -5.01 -2.16 18.37
CA LEU A 84 -3.79 -2.73 18.93
C LEU A 84 -2.70 -1.69 19.13
N VAL A 85 -2.55 -0.78 18.17
CA VAL A 85 -1.51 0.25 18.29
C VAL A 85 -1.81 1.24 19.40
N ASP A 86 -3.09 1.51 19.64
CA ASP A 86 -3.50 2.38 20.75
C ASP A 86 -2.95 1.86 22.08
N GLY A 87 -2.86 0.54 22.18
CA GLY A 87 -2.28 -0.07 23.37
C GLY A 87 -0.75 -0.16 23.29
N LEU A 88 -0.23 -0.29 22.08
CA LEU A 88 1.23 -0.43 21.85
C LEU A 88 1.96 0.90 21.89
N ARG A 89 1.22 1.97 21.70
CA ARG A 89 1.80 3.28 21.61
C ARG A 89 2.12 3.86 22.97
N ARG A 90 2.56 5.05 22.91
CA ARG A 90 2.97 5.85 24.03
C ARG A 90 2.45 7.24 23.81
N GLU A 91 2.41 8.04 24.88
CA GLU A 91 1.93 9.43 24.84
C GLU A 91 0.40 9.52 24.65
N PRO A 92 -0.25 10.34 25.48
CA PRO A 92 -1.70 10.49 25.47
C PRO A 92 -2.21 11.21 24.21
N GLY A 93 -3.42 10.91 23.84
CA GLY A 93 -4.01 11.54 22.70
C GLY A 93 -4.86 10.59 21.94
N GLY A 94 -6.09 10.45 22.34
CA GLY A 94 -7.00 9.55 21.67
C GLY A 94 -8.34 10.19 21.49
N GLY B 1 -11.50 24.40 -9.10
CA GLY B 1 -11.32 24.37 -10.54
C GLY B 1 -10.55 23.17 -10.98
N SER B 2 -9.69 22.70 -10.11
CA SER B 2 -8.91 21.54 -10.36
C SER B 2 -8.66 20.80 -9.05
N ASP B 3 -8.23 19.58 -9.15
CA ASP B 3 -7.97 18.75 -8.00
C ASP B 3 -6.49 18.78 -7.72
N PRO B 4 -6.06 18.37 -6.51
CA PRO B 4 -4.64 18.21 -6.20
C PRO B 4 -4.07 17.05 -7.01
N GLY B 5 -4.97 16.19 -7.47
CA GLY B 5 -4.58 15.06 -8.25
C GLY B 5 -4.31 13.85 -7.38
N PRO B 6 -4.79 12.66 -7.78
CA PRO B 6 -4.55 11.41 -7.03
C PRO B 6 -3.06 11.16 -6.79
N GLU B 7 -2.23 11.72 -7.66
CA GLU B 7 -0.79 11.62 -7.54
C GLU B 7 -0.31 12.37 -6.29
N ALA B 8 -0.76 13.60 -6.11
CA ALA B 8 -0.39 14.41 -4.97
C ALA B 8 -1.13 13.92 -3.74
N ALA B 9 -2.32 13.38 -3.95
CA ALA B 9 -3.10 12.81 -2.87
C ALA B 9 -2.35 11.66 -2.23
N ARG B 10 -1.80 10.78 -3.06
CA ARG B 10 -1.03 9.67 -2.56
C ARG B 10 0.27 10.15 -1.92
N LEU B 11 0.82 11.23 -2.44
CA LEU B 11 2.00 11.82 -1.93
C LEU B 11 1.75 12.31 -0.49
N ARG B 12 0.63 12.98 -0.29
CA ARG B 12 0.24 13.47 1.03
C ARG B 12 -0.06 12.29 1.97
N PHE B 13 -0.63 11.26 1.38
CA PHE B 13 -0.97 10.01 2.08
C PHE B 13 0.30 9.25 2.54
N ARG B 14 1.36 9.33 1.74
CA ARG B 14 2.65 8.74 2.11
C ARG B 14 3.51 9.67 2.95
N CYS B 15 3.31 10.95 2.79
CA CYS B 15 4.04 11.94 3.57
C CYS B 15 3.49 11.98 5.00
N PHE B 16 2.30 11.43 5.16
CA PHE B 16 1.61 11.40 6.44
C PHE B 16 2.44 10.65 7.47
N HIS B 17 2.62 11.26 8.61
CA HIS B 17 3.35 10.61 9.67
C HIS B 17 2.37 10.09 10.69
N TYR B 18 2.63 8.95 11.24
CA TYR B 18 1.78 8.51 12.31
C TYR B 18 2.19 9.27 13.55
N GLU B 19 1.28 10.03 14.05
CA GLU B 19 1.50 10.81 15.21
C GLU B 19 0.69 10.30 16.36
N GLU B 20 1.38 9.91 17.39
CA GLU B 20 0.76 9.34 18.57
C GLU B 20 -0.01 10.41 19.36
N ALA B 21 0.26 11.66 19.05
CA ALA B 21 -0.39 12.78 19.70
C ALA B 21 -1.89 12.86 19.37
N THR B 22 -2.29 12.48 18.15
CA THR B 22 -3.69 12.59 17.79
C THR B 22 -4.39 11.23 17.90
N GLY B 23 -3.60 10.16 18.00
CA GLY B 23 -4.17 8.83 18.10
C GLY B 23 -4.16 8.15 16.75
N PRO B 24 -4.34 6.82 16.68
CA PRO B 24 -4.25 6.12 15.43
C PRO B 24 -5.54 6.21 14.64
N GLN B 25 -6.63 6.29 15.33
CA GLN B 25 -7.90 6.22 14.74
C GLN B 25 -8.28 7.53 14.06
N GLU B 26 -7.73 8.64 14.56
CA GLU B 26 -7.91 9.89 13.86
C GLU B 26 -7.04 9.85 12.62
N ALA B 27 -5.83 9.32 12.80
CA ALA B 27 -4.88 9.18 11.70
C ALA B 27 -5.50 8.38 10.57
N LEU B 28 -6.25 7.36 10.93
CA LEU B 28 -6.98 6.54 9.97
C LEU B 28 -8.02 7.33 9.24
N ALA B 29 -8.72 8.20 9.96
CA ALA B 29 -9.73 9.04 9.36
C ALA B 29 -9.10 9.93 8.32
N GLN B 30 -8.00 10.56 8.70
CA GLN B 30 -7.24 11.43 7.84
C GLN B 30 -6.71 10.64 6.63
N LEU B 31 -6.10 9.49 6.91
CA LEU B 31 -5.59 8.58 5.87
C LEU B 31 -6.68 8.12 4.93
N ARG B 32 -7.81 7.71 5.47
CA ARG B 32 -8.92 7.26 4.68
C ARG B 32 -9.43 8.34 3.74
N GLU B 33 -9.54 9.52 4.26
CA GLU B 33 -9.87 10.71 3.49
C GLU B 33 -8.82 10.92 2.37
N LEU B 34 -7.54 10.90 2.74
CA LEU B 34 -6.44 11.13 1.80
C LEU B 34 -6.37 10.06 0.72
N CYS B 35 -6.48 8.80 1.12
CA CYS B 35 -6.42 7.71 0.17
C CYS B 35 -7.68 7.69 -0.69
N ARG B 36 -8.80 8.15 -0.14
CA ARG B 36 -10.01 8.26 -0.89
C ARG B 36 -9.87 9.30 -1.99
N GLN B 37 -9.08 10.32 -1.74
CA GLN B 37 -8.82 11.36 -2.74
C GLN B 37 -7.88 10.84 -3.84
N TRP B 38 -7.21 9.75 -3.52
CA TRP B 38 -6.28 9.05 -4.38
C TRP B 38 -6.96 7.92 -5.18
N LEU B 39 -7.57 7.01 -4.47
CA LEU B 39 -8.23 5.85 -5.04
C LEU B 39 -9.54 6.26 -5.67
N ARG B 40 -10.30 7.08 -4.94
CA ARG B 40 -11.56 7.62 -5.40
C ARG B 40 -12.60 6.59 -5.79
N PRO B 41 -13.32 6.04 -4.79
CA PRO B 41 -14.41 5.09 -5.06
C PRO B 41 -15.61 5.82 -5.67
N GLU B 42 -15.52 7.13 -5.59
CA GLU B 42 -16.51 8.04 -6.08
C GLU B 42 -16.49 8.14 -7.61
N VAL B 43 -15.32 8.20 -8.21
CA VAL B 43 -15.21 8.34 -9.66
C VAL B 43 -14.50 7.19 -10.34
N ARG B 44 -13.63 6.51 -9.61
CA ARG B 44 -12.84 5.44 -10.18
C ARG B 44 -13.41 4.08 -9.87
N SER B 45 -13.06 3.15 -10.71
CA SER B 45 -13.51 1.79 -10.61
C SER B 45 -12.52 0.96 -9.80
N LYS B 46 -12.99 -0.21 -9.34
CA LYS B 46 -12.20 -1.16 -8.55
C LYS B 46 -10.90 -1.48 -9.26
N GLU B 47 -10.98 -1.68 -10.56
CA GLU B 47 -9.84 -2.09 -11.38
C GLU B 47 -8.68 -1.09 -11.34
N GLN B 48 -9.01 0.19 -11.15
CA GLN B 48 -8.01 1.23 -11.05
C GLN B 48 -7.25 1.07 -9.74
N MET B 49 -7.98 0.66 -8.72
CA MET B 49 -7.43 0.48 -7.39
C MET B 49 -6.44 -0.66 -7.37
N LEU B 50 -6.75 -1.73 -8.13
CA LEU B 50 -5.81 -2.86 -8.26
C LEU B 50 -4.48 -2.36 -8.77
N GLU B 51 -4.52 -1.64 -9.90
CA GLU B 51 -3.30 -1.12 -10.54
C GLU B 51 -2.51 -0.21 -9.60
N LEU B 52 -3.18 0.76 -9.01
CA LEU B 52 -2.53 1.70 -8.10
C LEU B 52 -1.86 0.99 -6.94
N LEU B 53 -2.56 0.01 -6.39
CA LEU B 53 -2.08 -0.72 -5.27
C LEU B 53 -0.94 -1.70 -5.62
N VAL B 54 -0.93 -2.23 -6.86
CA VAL B 54 0.19 -3.07 -7.30
C VAL B 54 1.47 -2.24 -7.24
N LEU B 55 1.36 -1.02 -7.75
CA LEU B 55 2.46 -0.06 -7.79
C LEU B 55 2.95 0.23 -6.39
N GLU B 56 2.00 0.45 -5.50
CA GLU B 56 2.30 0.80 -4.14
C GLU B 56 3.17 -0.26 -3.45
N GLN B 57 2.87 -1.53 -3.66
CA GLN B 57 3.68 -2.61 -3.08
C GLN B 57 4.98 -2.69 -3.85
N PHE B 58 4.87 -2.63 -5.18
CA PHE B 58 6.01 -2.77 -6.09
C PHE B 58 7.13 -1.82 -5.74
N LEU B 59 6.80 -0.58 -5.44
CA LEU B 59 7.80 0.40 -5.07
C LEU B 59 8.50 0.04 -3.78
N GLY B 60 7.77 -0.51 -2.83
CA GLY B 60 8.40 -0.90 -1.58
C GLY B 60 9.08 -2.23 -1.67
N ALA B 61 8.75 -2.99 -2.71
CA ALA B 61 9.38 -4.27 -2.97
C ALA B 61 10.74 -4.06 -3.58
N LEU B 62 10.92 -2.92 -4.24
CA LEU B 62 12.20 -2.51 -4.79
C LEU B 62 13.21 -2.38 -3.66
N PRO B 63 14.49 -2.72 -3.90
CA PRO B 63 15.54 -2.59 -2.90
C PRO B 63 15.72 -1.10 -2.60
N PRO B 64 16.14 -0.74 -1.38
CA PRO B 64 16.32 0.67 -0.96
C PRO B 64 17.01 1.52 -2.04
N GLU B 65 18.03 0.97 -2.67
CA GLU B 65 18.78 1.69 -3.70
C GLU B 65 17.94 2.02 -4.95
N ILE B 66 17.21 1.05 -5.48
CA ILE B 66 16.37 1.27 -6.65
C ILE B 66 15.16 2.08 -6.24
N GLN B 67 14.60 1.72 -5.11
CA GLN B 67 13.41 2.34 -4.60
C GLN B 67 13.59 3.82 -4.40
N ALA B 68 14.67 4.22 -3.72
CA ALA B 68 14.92 5.63 -3.41
C ALA B 68 14.99 6.50 -4.66
N ARG B 69 15.44 5.91 -5.76
CA ARG B 69 15.54 6.62 -7.02
C ARG B 69 14.14 6.96 -7.53
N VAL B 70 13.25 6.00 -7.45
CA VAL B 70 11.85 6.13 -7.91
C VAL B 70 11.03 6.92 -6.90
N GLN B 71 11.40 6.75 -5.68
CA GLN B 71 10.75 7.28 -4.50
C GLN B 71 10.57 8.79 -4.58
N GLY B 72 11.46 9.45 -5.28
CA GLY B 72 11.36 10.88 -5.47
C GLY B 72 10.30 11.25 -6.50
N GLN B 73 10.13 10.40 -7.50
CA GLN B 73 9.16 10.67 -8.57
C GLN B 73 7.78 10.23 -8.19
N ARG B 74 7.66 8.96 -7.82
CA ARG B 74 6.37 8.31 -7.61
C ARG B 74 5.52 8.35 -8.90
N PRO B 75 5.82 7.45 -9.88
CA PRO B 75 5.05 7.35 -11.15
C PRO B 75 3.55 7.19 -10.91
N GLY B 76 3.22 6.27 -10.04
CA GLY B 76 1.83 6.03 -9.67
C GLY B 76 1.20 4.95 -10.49
N SER B 77 1.89 4.52 -11.50
CA SER B 77 1.47 3.45 -12.32
C SER B 77 2.57 2.37 -12.35
N PRO B 78 2.19 1.09 -12.11
CA PRO B 78 3.13 -0.03 -11.97
C PRO B 78 4.10 -0.20 -13.14
N GLU B 79 3.58 -0.13 -14.34
CA GLU B 79 4.38 -0.38 -15.53
C GLU B 79 5.29 0.79 -15.81
N GLU B 80 4.84 1.98 -15.45
CA GLU B 80 5.64 3.19 -15.56
C GLU B 80 6.90 3.01 -14.71
N ALA B 81 6.70 2.58 -13.45
CA ALA B 81 7.79 2.31 -12.53
C ALA B 81 8.67 1.19 -13.06
N ALA B 82 8.03 0.13 -13.57
CA ALA B 82 8.72 -1.04 -14.13
C ALA B 82 9.70 -0.62 -15.22
N ALA B 83 9.36 0.42 -15.91
CA ALA B 83 10.16 0.94 -16.99
C ALA B 83 11.42 1.66 -16.47
N LEU B 84 11.27 2.59 -15.49
CA LEU B 84 12.49 3.25 -14.98
C LEU B 84 13.36 2.31 -14.21
N VAL B 85 12.75 1.43 -13.42
CA VAL B 85 13.51 0.49 -12.63
C VAL B 85 14.27 -0.49 -13.51
N ASP B 86 13.70 -0.80 -14.67
CA ASP B 86 14.38 -1.65 -15.68
C ASP B 86 15.76 -1.09 -16.03
N GLY B 87 15.86 0.23 -16.08
CA GLY B 87 17.13 0.88 -16.36
C GLY B 87 17.99 1.04 -15.11
N LEU B 88 17.35 1.13 -13.95
CA LEU B 88 18.03 1.33 -12.68
C LEU B 88 18.58 0.02 -12.11
N ARG B 89 17.94 -1.08 -12.46
CA ARG B 89 18.29 -2.37 -11.94
C ARG B 89 19.60 -2.87 -12.47
N ARG B 90 20.18 -3.67 -11.69
CA ARG B 90 21.41 -4.35 -11.98
C ARG B 90 21.07 -5.78 -12.37
N GLU B 91 21.63 -6.26 -13.46
CA GLU B 91 21.31 -7.57 -14.03
C GLU B 91 19.89 -7.57 -14.59
N PRO B 92 19.75 -7.34 -15.89
CA PRO B 92 18.46 -7.31 -16.50
C PRO B 92 17.92 -8.70 -16.75
N GLY B 93 17.18 -9.20 -15.78
CA GLY B 93 16.55 -10.47 -15.91
C GLY B 93 15.45 -10.41 -16.93
N GLY B 94 15.54 -11.26 -17.92
CA GLY B 94 14.58 -11.30 -18.99
C GLY B 94 15.19 -10.80 -20.28
N GLY A 1 -12.72 -25.83 0.05
CA GLY A 1 -11.27 -26.00 -0.04
C GLY A 1 -10.56 -25.12 0.96
N SER A 2 -9.33 -24.80 0.68
CA SER A 2 -8.58 -23.96 1.56
C SER A 2 -8.04 -22.76 0.79
N ASP A 3 -8.53 -21.61 1.13
CA ASP A 3 -8.08 -20.36 0.54
C ASP A 3 -7.11 -19.71 1.49
N PRO A 4 -5.97 -19.17 0.99
CA PRO A 4 -4.98 -18.49 1.82
C PRO A 4 -5.61 -17.38 2.68
N GLY A 5 -6.55 -16.69 2.10
CA GLY A 5 -7.20 -15.63 2.77
C GLY A 5 -6.49 -14.33 2.51
N PRO A 6 -7.20 -13.21 2.49
CA PRO A 6 -6.59 -11.87 2.27
C PRO A 6 -5.42 -11.61 3.23
N GLU A 7 -5.50 -12.21 4.39
CA GLU A 7 -4.46 -12.17 5.39
C GLU A 7 -3.12 -12.73 4.86
N ALA A 8 -3.16 -13.96 4.34
CA ALA A 8 -1.97 -14.59 3.82
C ALA A 8 -1.62 -14.00 2.46
N ALA A 9 -2.65 -13.57 1.74
CA ALA A 9 -2.48 -12.96 0.43
C ALA A 9 -1.61 -11.72 0.54
N ARG A 10 -1.93 -10.84 1.49
CA ARG A 10 -1.15 -9.62 1.69
C ARG A 10 0.28 -9.95 2.11
N LEU A 11 0.43 -11.00 2.90
CA LEU A 11 1.69 -11.42 3.36
C LEU A 11 2.57 -11.86 2.18
N ARG A 12 2.03 -12.75 1.35
CA ARG A 12 2.76 -13.26 0.18
C ARG A 12 3.06 -12.13 -0.79
N PHE A 13 2.13 -11.22 -0.89
CA PHE A 13 2.22 -10.06 -1.74
C PHE A 13 3.29 -9.07 -1.29
N ARG A 14 3.27 -8.71 -0.03
CA ARG A 14 4.19 -7.70 0.43
C ARG A 14 5.59 -8.27 0.73
N CYS A 15 5.66 -9.57 0.96
CA CYS A 15 6.94 -10.23 1.20
C CYS A 15 7.60 -10.59 -0.14
N PHE A 16 6.89 -10.32 -1.23
CA PHE A 16 7.38 -10.58 -2.57
C PHE A 16 8.64 -9.79 -2.83
N HIS A 17 9.65 -10.45 -3.30
CA HIS A 17 10.88 -9.79 -3.59
C HIS A 17 10.92 -9.52 -5.07
N TYR A 18 11.41 -8.40 -5.47
CA TYR A 18 11.54 -8.14 -6.86
C TYR A 18 12.76 -8.86 -7.38
N GLU A 19 12.53 -9.76 -8.27
CA GLU A 19 13.58 -10.47 -8.89
C GLU A 19 13.73 -10.01 -10.32
N GLU A 20 14.87 -9.41 -10.58
CA GLU A 20 15.24 -8.87 -11.88
C GLU A 20 15.09 -9.92 -12.97
N ALA A 21 15.33 -11.16 -12.60
CA ALA A 21 15.25 -12.30 -13.51
C ALA A 21 13.85 -12.51 -14.08
N THR A 22 12.81 -12.31 -13.27
CA THR A 22 11.46 -12.56 -13.77
C THR A 22 10.96 -11.33 -14.54
N GLY A 23 11.64 -10.20 -14.35
CA GLY A 23 11.27 -8.99 -15.03
C GLY A 23 10.21 -8.23 -14.27
N PRO A 24 10.11 -6.90 -14.43
CA PRO A 24 9.14 -6.11 -13.69
C PRO A 24 7.72 -6.30 -14.15
N GLN A 25 7.52 -6.47 -15.45
CA GLN A 25 6.20 -6.60 -16.01
C GLN A 25 5.60 -7.92 -15.52
N GLU A 26 6.44 -8.94 -15.47
CA GLU A 26 6.02 -10.25 -15.06
C GLU A 26 5.82 -10.30 -13.55
N ALA A 27 6.65 -9.56 -12.82
CA ALA A 27 6.52 -9.46 -11.37
C ALA A 27 5.18 -8.83 -11.02
N LEU A 28 4.77 -7.84 -11.80
CA LEU A 28 3.48 -7.18 -11.63
C LEU A 28 2.33 -8.14 -11.78
N ALA A 29 2.42 -9.04 -12.75
CA ALA A 29 1.37 -10.05 -12.99
C ALA A 29 1.19 -10.94 -11.76
N GLN A 30 2.29 -11.17 -11.08
CA GLN A 30 2.32 -11.95 -9.88
C GLN A 30 1.75 -11.14 -8.72
N LEU A 31 2.24 -9.92 -8.59
CA LEU A 31 1.79 -8.98 -7.56
C LEU A 31 0.33 -8.66 -7.66
N ARG A 32 -0.17 -8.40 -8.86
CA ARG A 32 -1.56 -8.06 -9.03
C ARG A 32 -2.46 -9.20 -8.65
N GLU A 33 -1.99 -10.42 -8.87
CA GLU A 33 -2.71 -11.64 -8.50
C GLU A 33 -2.80 -11.73 -6.99
N LEU A 34 -1.66 -11.59 -6.34
CA LEU A 34 -1.55 -11.68 -4.90
C LEU A 34 -2.34 -10.55 -4.24
N CYS A 35 -2.19 -9.34 -4.76
CA CYS A 35 -2.91 -8.19 -4.30
C CYS A 35 -4.43 -8.39 -4.54
N ARG A 36 -4.78 -9.00 -5.67
CA ARG A 36 -6.13 -9.24 -6.02
C ARG A 36 -6.76 -10.26 -5.07
N GLN A 37 -6.01 -11.25 -4.64
CA GLN A 37 -6.52 -12.24 -3.68
C GLN A 37 -6.77 -11.58 -2.33
N TRP A 38 -6.12 -10.47 -2.14
CA TRP A 38 -6.19 -9.69 -0.94
C TRP A 38 -7.39 -8.71 -0.95
N LEU A 39 -7.52 -7.85 -1.96
CA LEU A 39 -8.64 -6.91 -1.95
C LEU A 39 -9.87 -7.50 -2.59
N ARG A 40 -9.67 -8.23 -3.70
CA ARG A 40 -10.75 -8.91 -4.43
C ARG A 40 -11.73 -7.92 -5.08
N PRO A 41 -11.37 -7.40 -6.26
CA PRO A 41 -12.18 -6.42 -6.97
C PRO A 41 -13.44 -7.00 -7.58
N GLU A 42 -13.47 -8.31 -7.77
CA GLU A 42 -14.61 -8.91 -8.41
C GLU A 42 -15.76 -9.08 -7.42
N VAL A 43 -15.45 -9.34 -6.17
CA VAL A 43 -16.47 -9.53 -5.16
C VAL A 43 -16.66 -8.30 -4.26
N ARG A 44 -15.60 -7.54 -4.05
CA ARG A 44 -15.67 -6.38 -3.16
C ARG A 44 -15.72 -5.07 -3.89
N SER A 45 -16.10 -4.05 -3.15
CA SER A 45 -16.24 -2.72 -3.67
C SER A 45 -14.96 -1.91 -3.42
N LYS A 46 -14.89 -0.78 -4.11
CA LYS A 46 -13.77 0.17 -4.04
C LYS A 46 -13.52 0.62 -2.61
N GLU A 47 -14.61 0.87 -1.91
CA GLU A 47 -14.59 1.34 -0.51
C GLU A 47 -13.79 0.40 0.38
N GLN A 48 -13.96 -0.89 0.14
CA GLN A 48 -13.29 -1.91 0.91
C GLN A 48 -11.78 -1.82 0.73
N MET A 49 -11.39 -1.37 -0.44
CA MET A 49 -9.99 -1.23 -0.78
C MET A 49 -9.32 -0.08 -0.09
N LEU A 50 -10.04 1.05 0.05
CA LEU A 50 -9.52 2.21 0.77
C LEU A 50 -9.12 1.82 2.18
N GLU A 51 -10.01 1.13 2.86
CA GLU A 51 -9.76 0.66 4.23
C GLU A 51 -8.52 -0.22 4.35
N LEU A 52 -8.40 -1.22 3.47
CA LEU A 52 -7.25 -2.11 3.49
C LEU A 52 -5.95 -1.36 3.26
N LEU A 53 -6.01 -0.38 2.39
CA LEU A 53 -4.86 0.39 2.05
C LEU A 53 -4.51 1.42 3.15
N VAL A 54 -5.53 1.95 3.82
CA VAL A 54 -5.28 2.84 4.95
C VAL A 54 -4.57 2.04 6.05
N LEU A 55 -4.98 0.79 6.23
CA LEU A 55 -4.37 -0.13 7.20
C LEU A 55 -2.87 -0.28 6.90
N GLU A 56 -2.57 -0.45 5.62
CA GLU A 56 -1.19 -0.59 5.12
C GLU A 56 -0.29 0.54 5.56
N GLN A 57 -0.73 1.76 5.32
CA GLN A 57 0.07 2.90 5.65
C GLN A 57 0.08 3.10 7.15
N PHE A 58 -1.11 3.00 7.76
CA PHE A 58 -1.29 3.22 9.20
C PHE A 58 -0.35 2.33 10.01
N LEU A 59 -0.28 1.06 9.65
CA LEU A 59 0.61 0.12 10.33
C LEU A 59 2.07 0.50 10.22
N GLY A 60 2.48 0.98 9.07
CA GLY A 60 3.87 1.37 8.91
C GLY A 60 4.15 2.74 9.49
N ALA A 61 3.12 3.56 9.58
CA ALA A 61 3.22 4.87 10.15
C ALA A 61 3.50 4.76 11.64
N LEU A 62 2.98 3.69 12.25
CA LEU A 62 3.25 3.35 13.62
C LEU A 62 4.75 3.17 13.83
N PRO A 63 5.27 3.51 15.01
CA PRO A 63 6.67 3.27 15.32
C PRO A 63 6.90 1.77 15.38
N PRO A 64 8.09 1.29 15.00
CA PRO A 64 8.41 -0.16 14.98
C PRO A 64 7.94 -0.93 16.24
N GLU A 65 8.00 -0.28 17.38
CA GLU A 65 7.57 -0.91 18.63
C GLU A 65 6.04 -1.13 18.69
N ILE A 66 5.25 -0.11 18.34
CA ILE A 66 3.80 -0.25 18.31
C ILE A 66 3.38 -1.14 17.14
N GLN A 67 4.07 -0.95 16.02
CA GLN A 67 3.80 -1.70 14.81
C GLN A 67 4.00 -3.20 15.03
N ALA A 68 5.02 -3.55 15.79
CA ALA A 68 5.34 -4.95 16.11
C ALA A 68 4.22 -5.61 16.90
N ARG A 69 3.50 -4.82 17.69
CA ARG A 69 2.40 -5.34 18.50
C ARG A 69 1.27 -5.77 17.57
N VAL A 70 0.87 -4.85 16.69
CA VAL A 70 -0.19 -5.07 15.71
C VAL A 70 0.18 -6.21 14.80
N GLN A 71 1.43 -6.21 14.43
CA GLN A 71 2.04 -7.16 13.53
C GLN A 71 1.74 -8.61 13.98
N GLY A 72 1.68 -8.82 15.29
CA GLY A 72 1.41 -10.14 15.82
C GLY A 72 -0.07 -10.52 15.78
N GLN A 73 -0.94 -9.58 16.12
CA GLN A 73 -2.37 -9.88 16.16
C GLN A 73 -3.00 -9.86 14.79
N ARG A 74 -2.67 -8.84 14.02
CA ARG A 74 -3.29 -8.57 12.72
C ARG A 74 -4.80 -8.31 12.88
N PRO A 75 -5.17 -7.08 13.27
CA PRO A 75 -6.57 -6.65 13.50
C PRO A 75 -7.50 -6.92 12.31
N GLY A 76 -6.98 -6.78 11.11
CA GLY A 76 -7.75 -7.04 9.91
C GLY A 76 -8.44 -5.79 9.35
N SER A 77 -8.42 -4.71 10.12
CA SER A 77 -9.03 -3.46 9.70
C SER A 77 -8.30 -2.29 10.36
N PRO A 78 -8.23 -1.12 9.68
CA PRO A 78 -7.54 0.07 10.22
C PRO A 78 -8.13 0.54 11.55
N GLU A 79 -9.47 0.60 11.64
CA GLU A 79 -10.13 1.03 12.89
C GLU A 79 -9.85 0.07 14.01
N GLU A 80 -9.66 -1.17 13.65
CA GLU A 80 -9.41 -2.18 14.60
C GLU A 80 -7.97 -2.01 15.12
N ALA A 81 -7.00 -1.78 14.20
CA ALA A 81 -5.62 -1.50 14.58
C ALA A 81 -5.56 -0.26 15.44
N ALA A 82 -6.32 0.77 15.05
CA ALA A 82 -6.41 2.03 15.78
C ALA A 82 -6.83 1.79 17.22
N ALA A 83 -7.65 0.80 17.44
CA ALA A 83 -8.16 0.45 18.76
C ALA A 83 -7.05 -0.05 19.69
N LEU A 84 -6.21 -0.98 19.22
CA LEU A 84 -5.13 -1.46 20.06
C LEU A 84 -4.04 -0.44 20.26
N VAL A 85 -3.66 0.24 19.19
CA VAL A 85 -2.60 1.23 19.25
C VAL A 85 -3.00 2.43 20.10
N ASP A 86 -4.29 2.73 20.11
CA ASP A 86 -4.87 3.80 20.91
C ASP A 86 -4.52 3.61 22.38
N GLY A 87 -4.49 2.35 22.80
CA GLY A 87 -4.11 2.03 24.16
C GLY A 87 -2.59 1.95 24.30
N LEU A 88 -1.95 1.34 23.29
CA LEU A 88 -0.49 1.14 23.25
C LEU A 88 0.29 2.46 23.35
N ARG A 89 -0.26 3.52 22.79
CA ARG A 89 0.38 4.83 22.83
C ARG A 89 0.53 5.33 24.27
N ARG A 90 -0.58 5.51 24.96
CA ARG A 90 -0.59 6.01 26.35
C ARG A 90 -1.89 5.69 27.05
N GLU A 91 -2.93 6.38 26.65
CA GLU A 91 -4.24 6.26 27.28
C GLU A 91 -4.90 4.90 26.99
N PRO A 92 -5.28 4.16 28.05
CA PRO A 92 -5.89 2.83 27.90
C PRO A 92 -7.44 2.86 27.90
N GLY A 93 -8.02 4.02 27.65
CA GLY A 93 -9.47 4.14 27.66
C GLY A 93 -10.08 3.91 26.29
N GLY A 94 -9.59 2.92 25.60
CA GLY A 94 -10.05 2.61 24.27
C GLY A 94 -8.99 1.84 23.51
N GLY B 1 -10.52 23.13 -11.68
CA GLY B 1 -10.13 23.15 -13.08
C GLY B 1 -8.90 22.33 -13.34
N SER B 2 -8.43 21.66 -12.31
CA SER B 2 -7.27 20.81 -12.40
C SER B 2 -7.24 19.92 -11.18
N ASP B 3 -6.42 18.90 -11.21
CA ASP B 3 -6.29 17.98 -10.08
C ASP B 3 -4.96 18.22 -9.42
N PRO B 4 -4.86 17.96 -8.11
CA PRO B 4 -3.60 18.09 -7.38
C PRO B 4 -2.64 16.95 -7.72
N GLY B 5 -3.17 15.92 -8.36
CA GLY B 5 -2.38 14.79 -8.73
C GLY B 5 -2.49 13.67 -7.71
N PRO B 6 -2.96 12.47 -8.12
CA PRO B 6 -3.10 11.31 -7.22
C PRO B 6 -1.75 10.91 -6.63
N GLU B 7 -0.70 11.12 -7.42
CA GLU B 7 0.66 10.84 -7.00
C GLU B 7 1.06 11.76 -5.84
N ALA B 8 0.61 13.00 -5.89
CA ALA B 8 0.93 13.98 -4.89
C ALA B 8 0.13 13.70 -3.64
N ALA B 9 -1.12 13.30 -3.83
CA ALA B 9 -1.99 12.89 -2.74
C ALA B 9 -1.35 11.76 -1.98
N ARG B 10 -0.85 10.78 -2.74
CA ARG B 10 -0.15 9.65 -2.17
C ARG B 10 1.08 10.12 -1.42
N LEU B 11 1.79 11.07 -1.99
CA LEU B 11 3.02 11.55 -1.46
C LEU B 11 2.83 12.20 -0.07
N ARG B 12 1.67 12.80 0.14
CA ARG B 12 1.35 13.41 1.43
C ARG B 12 0.96 12.30 2.42
N PHE B 13 0.17 11.39 1.93
CA PHE B 13 -0.34 10.22 2.66
C PHE B 13 0.76 9.23 3.06
N ARG B 14 1.65 8.97 2.14
CA ARG B 14 2.68 7.94 2.31
C ARG B 14 3.87 8.50 3.11
N CYS B 15 3.79 9.78 3.43
CA CYS B 15 4.82 10.43 4.22
C CYS B 15 4.29 10.68 5.64
N PHE B 16 3.02 10.34 5.85
CA PHE B 16 2.34 10.55 7.11
C PHE B 16 2.94 9.69 8.22
N HIS B 17 3.40 10.32 9.26
CA HIS B 17 3.88 9.59 10.39
C HIS B 17 2.73 9.45 11.35
N TYR B 18 2.56 8.29 11.93
CA TYR B 18 1.56 8.16 12.93
C TYR B 18 1.99 8.90 14.15
N GLU B 19 1.23 9.87 14.50
CA GLU B 19 1.48 10.66 15.64
C GLU B 19 0.54 10.30 16.75
N GLU B 20 1.12 9.80 17.82
CA GLU B 20 0.40 9.35 18.99
C GLU B 20 -0.40 10.49 19.61
N ALA B 21 0.06 11.70 19.38
CA ALA B 21 -0.57 12.90 19.88
C ALA B 21 -1.96 13.14 19.27
N THR B 22 -2.17 12.77 18.01
CA THR B 22 -3.44 13.08 17.37
C THR B 22 -4.43 11.92 17.55
N GLY B 23 -3.89 10.76 17.91
CA GLY B 23 -4.71 9.60 18.09
C GLY B 23 -4.83 8.80 16.81
N PRO B 24 -4.95 7.48 16.88
CA PRO B 24 -4.98 6.63 15.69
C PRO B 24 -6.29 6.72 14.93
N GLN B 25 -7.38 6.97 15.64
CA GLN B 25 -8.68 7.02 15.03
C GLN B 25 -8.73 8.29 14.18
N GLU B 26 -8.14 9.37 14.71
CA GLU B 26 -8.09 10.62 14.00
C GLU B 26 -7.14 10.52 12.83
N ALA B 27 -6.02 9.83 13.04
CA ALA B 27 -5.04 9.59 11.98
C ALA B 27 -5.71 8.89 10.80
N LEU B 28 -6.54 7.90 11.09
CA LEU B 28 -7.29 7.18 10.05
C LEU B 28 -8.17 8.11 9.22
N ALA B 29 -8.81 9.06 9.89
CA ALA B 29 -9.67 10.02 9.22
C ALA B 29 -8.88 10.82 8.20
N GLN B 30 -7.68 11.17 8.59
CA GLN B 30 -6.78 11.94 7.77
C GLN B 30 -6.30 11.07 6.62
N LEU B 31 -5.87 9.87 6.96
CA LEU B 31 -5.35 8.90 6.01
C LEU B 31 -6.36 8.50 4.96
N ARG B 32 -7.59 8.21 5.36
CA ARG B 32 -8.60 7.80 4.39
C ARG B 32 -8.90 8.91 3.40
N GLU B 33 -8.92 10.15 3.89
CA GLU B 33 -9.11 11.33 3.06
C GLU B 33 -8.00 11.40 2.01
N LEU B 34 -6.76 11.32 2.48
CA LEU B 34 -5.59 11.43 1.62
C LEU B 34 -5.51 10.24 0.66
N CYS B 35 -5.82 9.06 1.18
CA CYS B 35 -5.84 7.84 0.39
C CYS B 35 -6.94 7.93 -0.67
N ARG B 36 -8.07 8.50 -0.30
CA ARG B 36 -9.17 8.68 -1.19
C ARG B 36 -8.83 9.68 -2.28
N GLN B 37 -8.06 10.69 -1.92
CA GLN B 37 -7.59 11.68 -2.90
C GLN B 37 -6.61 11.06 -3.88
N TRP B 38 -6.07 9.93 -3.48
CA TRP B 38 -5.12 9.16 -4.25
C TRP B 38 -5.82 8.14 -5.17
N LEU B 39 -6.59 7.21 -4.62
CA LEU B 39 -7.22 6.20 -5.49
C LEU B 39 -8.46 6.73 -6.16
N ARG B 40 -9.21 7.59 -5.45
CA ARG B 40 -10.38 8.28 -5.97
C ARG B 40 -11.48 7.31 -6.45
N PRO B 41 -12.25 6.72 -5.49
CA PRO B 41 -13.34 5.76 -5.81
C PRO B 41 -14.49 6.40 -6.60
N GLU B 42 -14.47 7.70 -6.67
CA GLU B 42 -15.51 8.45 -7.36
C GLU B 42 -15.29 8.40 -8.85
N VAL B 43 -14.05 8.39 -9.25
CA VAL B 43 -13.71 8.46 -10.65
C VAL B 43 -12.96 7.22 -11.12
N ARG B 44 -12.26 6.56 -10.23
CA ARG B 44 -11.55 5.37 -10.60
C ARG B 44 -12.25 4.14 -10.09
N SER B 45 -12.00 3.03 -10.72
CA SER B 45 -12.65 1.79 -10.41
C SER B 45 -11.82 0.98 -9.41
N LYS B 46 -12.39 -0.14 -8.93
CA LYS B 46 -11.67 -1.08 -8.05
C LYS B 46 -10.39 -1.52 -8.73
N GLU B 47 -10.52 -1.77 -10.00
CA GLU B 47 -9.46 -2.24 -10.85
C GLU B 47 -8.23 -1.32 -10.81
N GLN B 48 -8.47 -0.02 -10.88
CA GLN B 48 -7.37 0.95 -10.82
C GLN B 48 -6.71 0.98 -9.45
N MET B 49 -7.47 0.63 -8.43
CA MET B 49 -6.96 0.59 -7.09
C MET B 49 -5.92 -0.50 -6.92
N LEU B 50 -6.16 -1.63 -7.58
CA LEU B 50 -5.17 -2.71 -7.59
C LEU B 50 -3.90 -2.22 -8.24
N GLU B 51 -4.03 -1.47 -9.33
CA GLU B 51 -2.89 -0.94 -10.05
C GLU B 51 -2.02 -0.08 -9.12
N LEU B 52 -2.65 0.85 -8.43
CA LEU B 52 -1.96 1.74 -7.52
C LEU B 52 -1.32 0.99 -6.37
N LEU B 53 -1.99 -0.02 -5.87
CA LEU B 53 -1.52 -0.76 -4.75
C LEU B 53 -0.39 -1.74 -5.13
N VAL B 54 -0.46 -2.27 -6.33
CA VAL B 54 0.63 -3.12 -6.84
C VAL B 54 1.90 -2.27 -6.98
N LEU B 55 1.71 -1.03 -7.42
CA LEU B 55 2.80 -0.06 -7.55
C LEU B 55 3.52 0.10 -6.22
N GLU B 56 2.72 0.22 -5.16
CA GLU B 56 3.24 0.39 -3.80
C GLU B 56 4.23 -0.69 -3.40
N GLN B 57 3.87 -1.93 -3.58
CA GLN B 57 4.74 -3.00 -3.19
C GLN B 57 5.89 -3.10 -4.17
N PHE B 58 5.56 -3.03 -5.46
CA PHE B 58 6.53 -3.16 -6.53
C PHE B 58 7.69 -2.20 -6.38
N LEU B 59 7.39 -0.95 -6.11
CA LEU B 59 8.43 0.06 -5.95
C LEU B 59 9.34 -0.25 -4.78
N GLY B 60 8.79 -0.74 -3.69
CA GLY B 60 9.61 -1.03 -2.53
C GLY B 60 10.32 -2.34 -2.64
N ALA B 61 9.82 -3.22 -3.50
CA ALA B 61 10.43 -4.51 -3.75
C ALA B 61 11.72 -4.32 -4.54
N LEU B 62 11.75 -3.25 -5.32
CA LEU B 62 12.92 -2.87 -6.09
C LEU B 62 14.10 -2.61 -5.14
N PRO B 63 15.34 -2.85 -5.60
CA PRO B 63 16.52 -2.53 -4.82
C PRO B 63 16.59 -1.03 -4.64
N PRO B 64 17.10 -0.56 -3.49
CA PRO B 64 17.21 0.89 -3.17
C PRO B 64 17.70 1.74 -4.35
N GLU B 65 18.66 1.22 -5.10
CA GLU B 65 19.23 1.94 -6.24
C GLU B 65 18.22 2.09 -7.40
N ILE B 66 17.54 0.99 -7.77
CA ILE B 66 16.55 1.03 -8.83
C ILE B 66 15.34 1.85 -8.38
N GLN B 67 14.97 1.64 -7.13
CA GLN B 67 13.85 2.33 -6.52
C GLN B 67 14.10 3.84 -6.48
N ALA B 68 15.35 4.22 -6.23
CA ALA B 68 15.77 5.62 -6.17
C ALA B 68 15.60 6.31 -7.51
N ARG B 69 15.84 5.59 -8.57
CA ARG B 69 15.73 6.15 -9.93
C ARG B 69 14.28 6.49 -10.24
N VAL B 70 13.39 5.61 -9.82
CA VAL B 70 11.96 5.79 -10.01
C VAL B 70 11.44 6.90 -9.11
N GLN B 71 12.03 6.96 -7.95
CA GLN B 71 11.63 7.81 -6.87
C GLN B 71 11.59 9.28 -7.32
N GLY B 72 12.58 9.68 -8.11
CA GLY B 72 12.66 11.06 -8.58
C GLY B 72 11.50 11.46 -9.49
N GLN B 73 11.02 10.53 -10.31
CA GLN B 73 9.92 10.82 -11.22
C GLN B 73 8.59 10.62 -10.55
N ARG B 74 8.42 9.48 -9.91
CA ARG B 74 7.15 9.03 -9.34
C ARG B 74 6.10 8.84 -10.47
N PRO B 75 6.15 7.68 -11.17
CA PRO B 75 5.22 7.37 -12.28
C PRO B 75 3.74 7.42 -11.84
N GLY B 76 3.41 6.68 -10.81
CA GLY B 76 2.04 6.64 -10.34
C GLY B 76 1.25 5.52 -10.98
N SER B 77 1.95 4.62 -11.64
CA SER B 77 1.36 3.45 -12.26
C SER B 77 2.44 2.34 -12.31
N PRO B 78 2.08 1.09 -11.97
CA PRO B 78 3.05 -0.02 -11.87
C PRO B 78 3.74 -0.39 -13.19
N GLU B 79 2.97 -0.48 -14.27
CA GLU B 79 3.54 -0.84 -15.57
C GLU B 79 4.41 0.27 -16.11
N GLU B 80 4.07 1.49 -15.73
CA GLU B 80 4.85 2.66 -16.06
C GLU B 80 6.22 2.50 -15.39
N ALA B 81 6.22 2.18 -14.09
CA ALA B 81 7.43 1.96 -13.33
C ALA B 81 8.21 0.78 -13.89
N ALA B 82 7.48 -0.30 -14.22
CA ALA B 82 8.06 -1.52 -14.77
C ALA B 82 8.89 -1.23 -16.02
N ALA B 83 8.45 -0.27 -16.79
CA ALA B 83 9.13 0.13 -18.01
C ALA B 83 10.50 0.76 -17.71
N LEU B 84 10.57 1.69 -16.74
CA LEU B 84 11.87 2.30 -16.43
C LEU B 84 12.80 1.36 -15.70
N VAL B 85 12.24 0.56 -14.82
CA VAL B 85 13.04 -0.39 -14.04
C VAL B 85 13.60 -1.51 -14.90
N ASP B 86 12.88 -1.88 -15.95
CA ASP B 86 13.33 -2.91 -16.90
C ASP B 86 14.67 -2.53 -17.51
N GLY B 87 14.88 -1.23 -17.68
CA GLY B 87 16.13 -0.74 -18.21
C GLY B 87 17.20 -0.59 -17.13
N LEU B 88 16.76 -0.61 -15.88
CA LEU B 88 17.65 -0.45 -14.73
C LEU B 88 18.17 -1.78 -14.19
N ARG B 89 17.45 -2.85 -14.44
CA ARG B 89 17.76 -4.19 -13.85
C ARG B 89 18.96 -4.91 -14.51
N ARG B 90 20.09 -4.23 -14.58
CA ARG B 90 21.35 -4.77 -15.12
C ARG B 90 21.36 -4.97 -16.64
N GLU B 91 20.33 -5.57 -17.19
CA GLU B 91 20.19 -5.60 -18.63
C GLU B 91 19.66 -4.24 -19.07
N PRO B 92 20.11 -3.74 -20.23
CA PRO B 92 19.59 -2.48 -20.79
C PRO B 92 18.06 -2.53 -21.00
N GLY B 93 17.54 -3.73 -21.26
CA GLY B 93 16.12 -3.92 -21.42
C GLY B 93 15.58 -3.18 -22.62
N GLY B 94 14.51 -2.47 -22.43
CA GLY B 94 13.95 -1.70 -23.50
C GLY B 94 13.30 -0.47 -22.98
N GLY A 1 -13.11 -26.62 2.68
CA GLY A 1 -12.02 -25.65 2.52
C GLY A 1 -12.55 -24.26 2.62
N SER A 2 -11.69 -23.31 2.82
CA SER A 2 -12.10 -21.94 2.98
C SER A 2 -11.16 -21.04 2.23
N ASP A 3 -11.49 -19.78 2.15
CA ASP A 3 -10.64 -18.83 1.47
C ASP A 3 -9.51 -18.45 2.41
N PRO A 4 -8.28 -18.28 1.89
CA PRO A 4 -7.11 -17.90 2.72
C PRO A 4 -7.37 -16.65 3.58
N GLY A 5 -8.17 -15.75 3.06
CA GLY A 5 -8.43 -14.52 3.76
C GLY A 5 -7.74 -13.37 3.08
N PRO A 6 -8.34 -12.17 3.07
CA PRO A 6 -7.76 -11.01 2.41
C PRO A 6 -6.43 -10.59 3.02
N GLU A 7 -6.31 -10.73 4.32
CA GLU A 7 -5.10 -10.32 5.01
C GLU A 7 -3.99 -11.33 4.74
N ALA A 8 -4.36 -12.60 4.62
CA ALA A 8 -3.40 -13.65 4.29
C ALA A 8 -2.95 -13.50 2.84
N ALA A 9 -3.86 -13.06 1.99
CA ALA A 9 -3.55 -12.80 0.60
C ALA A 9 -2.63 -11.60 0.51
N ARG A 10 -2.91 -10.58 1.33
CA ARG A 10 -2.06 -9.40 1.39
C ARG A 10 -0.68 -9.78 1.86
N LEU A 11 -0.60 -10.77 2.73
CA LEU A 11 0.61 -11.25 3.25
C LEU A 11 1.45 -11.89 2.13
N ARG A 12 0.77 -12.61 1.23
CA ARG A 12 1.44 -13.21 0.05
C ARG A 12 2.01 -12.10 -0.82
N PHE A 13 1.21 -11.07 -0.98
CA PHE A 13 1.53 -9.89 -1.76
C PHE A 13 2.72 -9.12 -1.14
N ARG A 14 2.68 -8.94 0.18
CA ARG A 14 3.77 -8.30 0.93
C ARG A 14 5.02 -9.19 0.98
N CYS A 15 4.81 -10.49 0.95
CA CYS A 15 5.89 -11.47 0.99
C CYS A 15 6.67 -11.46 -0.31
N PHE A 16 6.03 -11.04 -1.38
CA PHE A 16 6.63 -11.03 -2.69
C PHE A 16 7.84 -10.11 -2.73
N HIS A 17 8.97 -10.70 -3.03
CA HIS A 17 10.22 -9.96 -3.12
C HIS A 17 10.38 -9.49 -4.55
N TYR A 18 10.92 -8.33 -4.75
CA TYR A 18 11.19 -7.93 -6.09
C TYR A 18 12.43 -8.64 -6.55
N GLU A 19 12.26 -9.42 -7.56
CA GLU A 19 13.34 -10.17 -8.08
C GLU A 19 13.54 -9.80 -9.53
N GLU A 20 14.76 -9.48 -9.84
CA GLU A 20 15.13 -9.13 -11.19
C GLU A 20 15.08 -10.35 -12.08
N ALA A 21 15.17 -11.50 -11.46
CA ALA A 21 15.13 -12.78 -12.13
C ALA A 21 13.82 -12.97 -12.90
N THR A 22 12.73 -12.43 -12.39
CA THR A 22 11.47 -12.59 -13.07
C THR A 22 11.19 -11.32 -13.92
N GLY A 23 11.93 -10.24 -13.62
CA GLY A 23 11.73 -8.97 -14.31
C GLY A 23 10.57 -8.19 -13.69
N PRO A 24 10.56 -6.84 -13.76
CA PRO A 24 9.52 -6.06 -13.10
C PRO A 24 8.15 -6.18 -13.75
N GLN A 25 8.12 -6.38 -15.05
CA GLN A 25 6.87 -6.46 -15.79
C GLN A 25 6.16 -7.74 -15.39
N GLU A 26 6.94 -8.80 -15.26
CA GLU A 26 6.42 -10.08 -14.89
C GLU A 26 6.05 -10.11 -13.42
N ALA A 27 6.87 -9.47 -12.59
CA ALA A 27 6.61 -9.36 -11.15
C ALA A 27 5.24 -8.73 -10.91
N LEU A 28 4.87 -7.80 -11.77
CA LEU A 28 3.58 -7.14 -11.72
C LEU A 28 2.42 -8.12 -11.88
N ALA A 29 2.61 -9.13 -12.70
CA ALA A 29 1.56 -10.12 -12.93
C ALA A 29 1.30 -10.91 -11.66
N GLN A 30 2.39 -11.27 -11.00
CA GLN A 30 2.33 -11.98 -9.73
C GLN A 30 1.70 -11.10 -8.66
N LEU A 31 2.16 -9.87 -8.57
CA LEU A 31 1.63 -8.90 -7.64
C LEU A 31 0.15 -8.60 -7.89
N ARG A 32 -0.21 -8.43 -9.15
CA ARG A 32 -1.59 -8.15 -9.53
C ARG A 32 -2.52 -9.26 -9.08
N GLU A 33 -2.13 -10.48 -9.30
CA GLU A 33 -2.88 -11.64 -8.87
C GLU A 33 -3.03 -11.66 -7.34
N LEU A 34 -1.92 -11.49 -6.66
CA LEU A 34 -1.89 -11.52 -5.20
C LEU A 34 -2.69 -10.38 -4.58
N CYS A 35 -2.57 -9.19 -5.15
CA CYS A 35 -3.31 -8.05 -4.63
C CYS A 35 -4.80 -8.26 -4.91
N ARG A 36 -5.09 -8.92 -6.03
CA ARG A 36 -6.41 -9.23 -6.42
C ARG A 36 -7.05 -10.24 -5.46
N GLN A 37 -6.25 -11.18 -4.94
CA GLN A 37 -6.75 -12.17 -3.96
C GLN A 37 -7.18 -11.48 -2.67
N TRP A 38 -6.54 -10.36 -2.43
CA TRP A 38 -6.74 -9.54 -1.26
C TRP A 38 -7.90 -8.54 -1.46
N LEU A 39 -7.83 -7.76 -2.50
CA LEU A 39 -8.81 -6.73 -2.78
C LEU A 39 -10.09 -7.32 -3.32
N ARG A 40 -9.97 -8.23 -4.30
CA ARG A 40 -11.09 -8.94 -4.90
C ARG A 40 -12.20 -8.04 -5.38
N PRO A 41 -12.04 -7.42 -6.56
CA PRO A 41 -13.08 -6.57 -7.15
C PRO A 41 -14.32 -7.39 -7.51
N GLU A 42 -14.12 -8.69 -7.54
CA GLU A 42 -15.14 -9.65 -7.86
C GLU A 42 -16.02 -9.91 -6.64
N VAL A 43 -15.49 -9.62 -5.44
CA VAL A 43 -16.21 -9.86 -4.22
C VAL A 43 -16.49 -8.56 -3.46
N ARG A 44 -15.61 -7.60 -3.58
CA ARG A 44 -15.74 -6.37 -2.85
C ARG A 44 -15.95 -5.20 -3.75
N SER A 45 -16.37 -4.13 -3.15
CA SER A 45 -16.61 -2.89 -3.82
C SER A 45 -15.43 -1.97 -3.60
N LYS A 46 -15.39 -0.89 -4.37
CA LYS A 46 -14.34 0.13 -4.28
C LYS A 46 -14.15 0.61 -2.85
N GLU A 47 -15.26 0.83 -2.18
CA GLU A 47 -15.25 1.34 -0.82
C GLU A 47 -14.50 0.45 0.19
N GLN A 48 -14.46 -0.86 -0.06
CA GLN A 48 -13.70 -1.76 0.80
C GLN A 48 -12.22 -1.59 0.54
N MET A 49 -11.88 -1.28 -0.71
CA MET A 49 -10.50 -1.13 -1.14
C MET A 49 -9.84 0.03 -0.46
N LEU A 50 -10.61 1.13 -0.29
CA LEU A 50 -10.09 2.29 0.45
C LEU A 50 -9.61 1.86 1.81
N GLU A 51 -10.46 1.17 2.58
CA GLU A 51 -10.11 0.76 3.96
C GLU A 51 -8.89 -0.13 4.00
N LEU A 52 -8.83 -1.10 3.09
CA LEU A 52 -7.72 -2.02 3.03
C LEU A 52 -6.42 -1.29 2.77
N LEU A 53 -6.47 -0.34 1.87
CA LEU A 53 -5.33 0.41 1.52
C LEU A 53 -4.98 1.46 2.61
N VAL A 54 -6.00 1.97 3.32
CA VAL A 54 -5.76 2.87 4.46
C VAL A 54 -4.93 2.12 5.50
N LEU A 55 -5.34 0.87 5.77
CA LEU A 55 -4.67 -0.04 6.70
C LEU A 55 -3.21 -0.22 6.31
N GLU A 56 -2.99 -0.44 5.02
CA GLU A 56 -1.67 -0.70 4.49
C GLU A 56 -0.69 0.44 4.86
N GLN A 57 -1.08 1.67 4.58
CA GLN A 57 -0.25 2.81 4.93
C GLN A 57 -0.27 3.08 6.42
N PHE A 58 -1.42 2.89 7.05
CA PHE A 58 -1.55 3.11 8.49
C PHE A 58 -0.53 2.28 9.25
N LEU A 59 -0.40 1.02 8.90
CA LEU A 59 0.56 0.15 9.55
C LEU A 59 1.98 0.57 9.32
N GLY A 60 2.30 1.05 8.13
CA GLY A 60 3.65 1.50 7.86
C GLY A 60 3.93 2.90 8.38
N ALA A 61 2.87 3.65 8.65
CA ALA A 61 2.99 4.98 9.20
C ALA A 61 3.36 4.92 10.66
N LEU A 62 2.97 3.82 11.31
CA LEU A 62 3.31 3.52 12.68
C LEU A 62 4.82 3.52 12.86
N PRO A 63 5.32 3.93 14.04
CA PRO A 63 6.73 3.93 14.30
C PRO A 63 7.22 2.49 14.49
N PRO A 64 8.50 2.23 14.18
CA PRO A 64 9.12 0.90 14.25
C PRO A 64 8.67 0.03 15.44
N GLU A 65 8.62 0.60 16.64
CA GLU A 65 8.23 -0.20 17.81
C GLU A 65 6.77 -0.65 17.76
N ILE A 66 5.86 0.28 17.46
CA ILE A 66 4.46 -0.04 17.39
C ILE A 66 4.19 -0.97 16.20
N GLN A 67 4.76 -0.62 15.05
CA GLN A 67 4.57 -1.39 13.82
C GLN A 67 5.06 -2.82 13.99
N ALA A 68 6.21 -2.98 14.65
CA ALA A 68 6.77 -4.31 14.88
C ALA A 68 5.86 -5.16 15.74
N ARG A 69 5.21 -4.53 16.72
CA ARG A 69 4.28 -5.24 17.58
C ARG A 69 3.06 -5.66 16.79
N VAL A 70 2.50 -4.72 16.04
CA VAL A 70 1.32 -4.96 15.19
C VAL A 70 1.59 -6.05 14.19
N GLN A 71 2.81 -6.10 13.75
CA GLN A 71 3.26 -7.02 12.78
C GLN A 71 3.09 -8.46 13.26
N GLY A 72 3.09 -8.64 14.57
CA GLY A 72 2.85 -9.96 15.13
C GLY A 72 1.43 -10.46 14.82
N GLN A 73 0.44 -9.56 14.79
CA GLN A 73 -0.94 -9.97 14.56
C GLN A 73 -1.45 -9.68 13.15
N ARG A 74 -1.31 -8.45 12.69
CA ARG A 74 -1.99 -7.97 11.48
C ARG A 74 -3.52 -8.05 11.59
N PRO A 75 -4.15 -7.01 12.18
CA PRO A 75 -5.63 -6.93 12.34
C PRO A 75 -6.39 -7.11 11.02
N GLY A 76 -5.85 -6.52 9.97
CA GLY A 76 -6.41 -6.64 8.62
C GLY A 76 -7.38 -5.52 8.27
N SER A 77 -7.75 -4.74 9.24
CA SER A 77 -8.62 -3.62 9.05
C SER A 77 -8.07 -2.39 9.79
N PRO A 78 -8.19 -1.18 9.20
CA PRO A 78 -7.57 0.05 9.75
C PRO A 78 -8.00 0.40 11.16
N GLU A 79 -9.28 0.31 11.45
CA GLU A 79 -9.81 0.67 12.76
C GLU A 79 -9.42 -0.34 13.79
N GLU A 80 -9.34 -1.57 13.36
CA GLU A 80 -8.94 -2.66 14.21
C GLU A 80 -7.50 -2.42 14.64
N ALA A 81 -6.67 -2.03 13.67
CA ALA A 81 -5.28 -1.66 13.92
C ALA A 81 -5.22 -0.48 14.86
N ALA A 82 -6.04 0.52 14.59
CA ALA A 82 -6.13 1.73 15.41
C ALA A 82 -6.43 1.38 16.88
N ALA A 83 -7.14 0.30 17.07
CA ALA A 83 -7.48 -0.16 18.39
C ALA A 83 -6.26 -0.75 19.12
N LEU A 84 -5.51 -1.67 18.49
CA LEU A 84 -4.34 -2.25 19.17
C LEU A 84 -3.22 -1.25 19.34
N VAL A 85 -3.04 -0.39 18.35
CA VAL A 85 -1.98 0.61 18.40
C VAL A 85 -2.20 1.63 19.51
N ASP A 86 -3.46 1.91 19.81
CA ASP A 86 -3.80 2.82 20.90
C ASP A 86 -3.30 2.25 22.24
N GLY A 87 -3.23 0.94 22.33
CA GLY A 87 -2.65 0.31 23.49
C GLY A 87 -1.12 0.25 23.40
N LEU A 88 -0.62 0.04 22.18
CA LEU A 88 0.83 -0.13 21.90
C LEU A 88 1.60 1.20 21.84
N ARG A 89 0.88 2.30 21.88
CA ARG A 89 1.49 3.65 21.80
C ARG A 89 2.21 4.04 23.10
N ARG A 90 3.28 3.29 23.42
CA ARG A 90 4.10 3.47 24.63
C ARG A 90 3.27 3.13 25.87
N GLU A 91 2.43 4.04 26.27
CA GLU A 91 1.52 3.80 27.34
C GLU A 91 0.13 3.77 26.75
N PRO A 92 -0.66 2.72 27.05
CA PRO A 92 -2.01 2.56 26.52
C PRO A 92 -2.87 3.80 26.74
N GLY A 93 -3.36 4.37 25.65
CA GLY A 93 -4.17 5.56 25.74
C GLY A 93 -5.50 5.25 26.37
N GLY A 94 -6.12 4.20 25.89
CA GLY A 94 -7.36 3.74 26.44
C GLY A 94 -7.42 2.24 26.46
N GLY B 1 -11.61 23.17 -10.31
CA GLY B 1 -11.80 21.97 -11.11
C GLY B 1 -10.50 21.42 -11.62
N SER B 2 -9.48 21.58 -10.82
CA SER B 2 -8.16 21.11 -11.15
C SER B 2 -7.82 19.85 -10.36
N ASP B 3 -6.85 19.11 -10.83
CA ASP B 3 -6.40 17.93 -10.13
C ASP B 3 -4.87 17.84 -10.18
N PRO B 4 -4.22 17.86 -9.02
CA PRO B 4 -2.75 17.81 -8.93
C PRO B 4 -2.19 16.41 -9.21
N GLY B 5 -3.07 15.48 -9.50
CA GLY B 5 -2.64 14.16 -9.83
C GLY B 5 -2.79 13.22 -8.65
N PRO B 6 -3.25 11.98 -8.89
CA PRO B 6 -3.40 10.97 -7.84
C PRO B 6 -2.05 10.63 -7.20
N GLU B 7 -0.98 10.82 -7.98
CA GLU B 7 0.37 10.59 -7.51
C GLU B 7 0.71 11.55 -6.36
N ALA B 8 0.20 12.78 -6.46
CA ALA B 8 0.42 13.79 -5.45
C ALA B 8 -0.43 13.51 -4.23
N ALA B 9 -1.64 13.02 -4.48
CA ALA B 9 -2.54 12.65 -3.41
C ALA B 9 -1.97 11.47 -2.64
N ARG B 10 -1.40 10.54 -3.37
CA ARG B 10 -0.76 9.38 -2.78
C ARG B 10 0.45 9.81 -1.98
N LEU B 11 1.12 10.86 -2.43
CA LEU B 11 2.26 11.38 -1.77
C LEU B 11 1.86 11.94 -0.41
N ARG B 12 0.70 12.57 -0.35
CA ARG B 12 0.14 13.09 0.91
C ARG B 12 -0.08 11.93 1.87
N PHE B 13 -0.67 10.88 1.33
CA PHE B 13 -1.00 9.67 2.05
C PHE B 13 0.27 8.94 2.54
N ARG B 14 1.26 8.81 1.67
CA ARG B 14 2.54 8.18 2.02
C ARG B 14 3.39 9.03 2.96
N CYS B 15 3.34 10.33 2.80
CA CYS B 15 4.14 11.23 3.62
C CYS B 15 3.52 11.39 5.01
N PHE B 16 2.26 11.01 5.14
CA PHE B 16 1.56 11.10 6.40
C PHE B 16 2.23 10.20 7.43
N HIS B 17 2.69 10.80 8.49
CA HIS B 17 3.29 10.05 9.56
C HIS B 17 2.22 9.73 10.57
N TYR B 18 2.27 8.59 11.17
CA TYR B 18 1.36 8.35 12.23
C TYR B 18 1.84 9.06 13.46
N GLU B 19 1.04 9.97 13.91
CA GLU B 19 1.35 10.70 15.07
C GLU B 19 0.40 10.33 16.17
N GLU B 20 0.96 9.85 17.26
CA GLU B 20 0.24 9.40 18.42
C GLU B 20 -0.59 10.53 19.00
N ALA B 21 -0.09 11.74 18.84
CA ALA B 21 -0.74 12.94 19.33
C ALA B 21 -2.13 13.15 18.70
N THR B 22 -2.33 12.69 17.48
CA THR B 22 -3.62 12.90 16.84
C THR B 22 -4.52 11.66 17.08
N GLY B 23 -3.90 10.56 17.47
CA GLY B 23 -4.63 9.32 17.71
C GLY B 23 -4.82 8.53 16.42
N PRO B 24 -4.85 7.19 16.48
CA PRO B 24 -4.94 6.36 15.28
C PRO B 24 -6.30 6.43 14.61
N GLN B 25 -7.36 6.53 15.42
CA GLN B 25 -8.71 6.54 14.88
C GLN B 25 -8.89 7.81 14.07
N GLU B 26 -8.26 8.87 14.54
CA GLU B 26 -8.34 10.15 13.90
C GLU B 26 -7.49 10.17 12.64
N ALA B 27 -6.26 9.68 12.75
CA ALA B 27 -5.35 9.62 11.62
C ALA B 27 -5.97 8.84 10.45
N LEU B 28 -6.78 7.84 10.78
CA LEU B 28 -7.52 7.08 9.77
C LEU B 28 -8.45 7.95 8.96
N ALA B 29 -9.03 8.96 9.58
CA ALA B 29 -9.92 9.87 8.87
C ALA B 29 -9.14 10.62 7.81
N GLN B 30 -7.96 11.07 8.22
CA GLN B 30 -7.03 11.76 7.36
C GLN B 30 -6.54 10.85 6.24
N LEU B 31 -6.08 9.67 6.60
CA LEU B 31 -5.60 8.68 5.64
C LEU B 31 -6.67 8.26 4.65
N ARG B 32 -7.87 8.02 5.13
CA ARG B 32 -8.97 7.62 4.26
C ARG B 32 -9.29 8.71 3.25
N GLU B 33 -9.32 9.92 3.70
CA GLU B 33 -9.53 11.11 2.87
C GLU B 33 -8.41 11.17 1.81
N LEU B 34 -7.17 11.06 2.25
CA LEU B 34 -6.01 11.12 1.37
C LEU B 34 -5.99 10.00 0.36
N CYS B 35 -6.26 8.78 0.80
CA CYS B 35 -6.27 7.65 -0.08
C CYS B 35 -7.42 7.80 -1.08
N ARG B 36 -8.51 8.42 -0.64
CA ARG B 36 -9.66 8.65 -1.44
C ARG B 36 -9.36 9.69 -2.54
N GLN B 37 -8.52 10.67 -2.24
CA GLN B 37 -8.12 11.70 -3.21
C GLN B 37 -7.29 11.08 -4.34
N TRP B 38 -6.70 9.97 -4.01
CA TRP B 38 -5.84 9.20 -4.87
C TRP B 38 -6.62 8.11 -5.64
N LEU B 39 -7.29 7.25 -4.91
CA LEU B 39 -8.05 6.15 -5.48
C LEU B 39 -9.29 6.66 -6.19
N ARG B 40 -10.03 7.57 -5.52
CA ARG B 40 -11.23 8.20 -6.06
C ARG B 40 -12.26 7.20 -6.57
N PRO B 41 -13.02 6.54 -5.68
CA PRO B 41 -14.08 5.58 -6.09
C PRO B 41 -15.20 6.27 -6.86
N GLU B 42 -15.22 7.56 -6.74
CA GLU B 42 -16.17 8.44 -7.37
C GLU B 42 -15.78 8.71 -8.83
N VAL B 43 -14.49 8.53 -9.14
CA VAL B 43 -13.98 8.81 -10.47
C VAL B 43 -13.44 7.53 -11.13
N ARG B 44 -12.93 6.63 -10.33
CA ARG B 44 -12.33 5.42 -10.81
C ARG B 44 -13.08 4.21 -10.32
N SER B 45 -12.87 3.12 -11.01
CA SER B 45 -13.47 1.87 -10.69
C SER B 45 -12.45 0.98 -10.00
N LYS B 46 -12.90 -0.17 -9.58
CA LYS B 46 -12.12 -1.14 -8.82
C LYS B 46 -10.79 -1.53 -9.48
N GLU B 47 -10.79 -1.78 -10.78
CA GLU B 47 -9.57 -2.30 -11.42
C GLU B 47 -8.42 -1.31 -11.45
N GLN B 48 -8.73 -0.02 -11.47
CA GLN B 48 -7.67 0.98 -11.39
C GLN B 48 -7.01 0.88 -10.03
N MET B 49 -7.82 0.63 -9.00
CA MET B 49 -7.35 0.52 -7.62
C MET B 49 -6.37 -0.61 -7.46
N LEU B 50 -6.67 -1.74 -8.11
CA LEU B 50 -5.76 -2.88 -8.11
C LEU B 50 -4.39 -2.43 -8.59
N GLU B 51 -4.33 -1.80 -9.76
CA GLU B 51 -3.06 -1.36 -10.35
C GLU B 51 -2.31 -0.38 -9.47
N LEU B 52 -3.03 0.57 -8.92
CA LEU B 52 -2.45 1.57 -8.06
C LEU B 52 -1.79 0.92 -6.86
N LEU B 53 -2.47 -0.06 -6.32
CA LEU B 53 -1.98 -0.75 -5.18
C LEU B 53 -0.88 -1.77 -5.56
N VAL B 54 -0.94 -2.33 -6.78
CA VAL B 54 0.14 -3.19 -7.28
C VAL B 54 1.43 -2.38 -7.29
N LEU B 55 1.33 -1.16 -7.81
CA LEU B 55 2.41 -0.19 -7.88
C LEU B 55 2.98 0.09 -6.51
N GLU B 56 2.09 0.30 -5.58
CA GLU B 56 2.46 0.67 -4.23
C GLU B 56 3.36 -0.41 -3.60
N GLN B 57 2.97 -1.66 -3.75
CA GLN B 57 3.78 -2.75 -3.25
C GLN B 57 5.00 -2.97 -4.12
N PHE B 58 4.82 -2.85 -5.42
CA PHE B 58 5.91 -3.03 -6.37
C PHE B 58 7.08 -2.13 -6.02
N LEU B 59 6.79 -0.88 -5.71
CA LEU B 59 7.84 0.06 -5.36
C LEU B 59 8.52 -0.28 -4.05
N GLY B 60 7.76 -0.76 -3.10
CA GLY B 60 8.34 -1.11 -1.82
C GLY B 60 9.01 -2.46 -1.84
N ALA B 61 8.63 -3.29 -2.79
CA ALA B 61 9.24 -4.60 -2.97
C ALA B 61 10.65 -4.45 -3.50
N LEU B 62 10.86 -3.38 -4.27
CA LEU B 62 12.17 -3.03 -4.80
C LEU B 62 13.15 -2.84 -3.63
N PRO B 63 14.45 -3.11 -3.85
CA PRO B 63 15.44 -2.89 -2.83
C PRO B 63 15.60 -1.39 -2.63
N PRO B 64 15.95 -0.95 -1.41
CA PRO B 64 16.13 0.47 -1.08
C PRO B 64 16.86 1.27 -2.17
N GLU B 65 17.90 0.71 -2.75
CA GLU B 65 18.68 1.38 -3.79
C GLU B 65 17.84 1.68 -5.06
N ILE B 66 17.10 0.69 -5.55
CA ILE B 66 16.26 0.87 -6.72
C ILE B 66 15.04 1.71 -6.36
N GLN B 67 14.53 1.49 -5.18
CA GLN B 67 13.36 2.18 -4.68
C GLN B 67 13.66 3.68 -4.49
N ALA B 68 14.84 3.98 -3.99
CA ALA B 68 15.27 5.37 -3.78
C ALA B 68 15.36 6.11 -5.11
N ARG B 69 15.68 5.40 -6.15
CA ARG B 69 15.73 5.98 -7.49
C ARG B 69 14.33 6.37 -7.91
N VAL B 70 13.39 5.42 -7.79
CA VAL B 70 11.98 5.60 -8.14
C VAL B 70 11.36 6.76 -7.41
N GLN B 71 11.75 6.87 -6.17
CA GLN B 71 11.25 7.87 -5.25
C GLN B 71 11.40 9.29 -5.83
N GLY B 72 12.39 9.51 -6.69
CA GLY B 72 12.62 10.82 -7.27
C GLY B 72 11.58 11.20 -8.34
N GLN B 73 11.20 10.28 -9.21
CA GLN B 73 10.20 10.62 -10.24
C GLN B 73 8.79 10.30 -9.77
N ARG B 74 8.66 9.19 -9.07
CA ARG B 74 7.40 8.69 -8.54
C ARG B 74 6.37 8.48 -9.69
N PRO B 75 6.47 7.35 -10.43
CA PRO B 75 5.57 7.05 -11.58
C PRO B 75 4.08 7.03 -11.19
N GLY B 76 3.74 6.15 -10.26
CA GLY B 76 2.36 6.05 -9.77
C GLY B 76 1.55 5.00 -10.51
N SER B 77 2.08 4.49 -11.59
CA SER B 77 1.49 3.41 -12.33
C SER B 77 2.49 2.23 -12.41
N PRO B 78 2.01 0.99 -12.19
CA PRO B 78 2.89 -0.20 -12.07
C PRO B 78 3.78 -0.48 -13.27
N GLU B 79 3.24 -0.42 -14.48
CA GLU B 79 4.03 -0.74 -15.67
C GLU B 79 5.01 0.36 -15.99
N GLU B 80 4.63 1.58 -15.65
CA GLU B 80 5.50 2.73 -15.81
C GLU B 80 6.73 2.51 -14.95
N ALA B 81 6.48 2.17 -13.67
CA ALA B 81 7.52 1.89 -12.71
C ALA B 81 8.40 0.75 -13.18
N ALA B 82 7.76 -0.33 -13.64
CA ALA B 82 8.46 -1.51 -14.13
C ALA B 82 9.45 -1.14 -15.24
N ALA B 83 9.05 -0.20 -16.06
CA ALA B 83 9.88 0.28 -17.15
C ALA B 83 11.12 1.03 -16.62
N LEU B 84 10.92 1.99 -15.69
CA LEU B 84 12.08 2.71 -15.17
C LEU B 84 13.01 1.81 -14.36
N VAL B 85 12.43 0.97 -13.52
CA VAL B 85 13.22 0.09 -12.68
C VAL B 85 14.05 -0.89 -13.47
N ASP B 86 13.55 -1.32 -14.62
CA ASP B 86 14.28 -2.27 -15.45
C ASP B 86 15.58 -1.65 -15.96
N GLY B 87 15.55 -0.34 -16.15
CA GLY B 87 16.75 0.37 -16.55
C GLY B 87 17.62 0.74 -15.36
N LEU B 88 17.03 0.78 -14.17
CA LEU B 88 17.74 1.12 -12.93
C LEU B 88 18.55 -0.05 -12.42
N ARG B 89 17.99 -1.22 -12.54
CA ARG B 89 18.62 -2.45 -12.12
C ARG B 89 19.81 -2.79 -13.02
N ARG B 90 21.00 -2.58 -12.48
CA ARG B 90 22.26 -2.89 -13.18
C ARG B 90 22.37 -2.03 -14.44
N GLU B 91 23.29 -2.39 -15.30
CA GLU B 91 23.44 -1.69 -16.56
C GLU B 91 22.32 -2.09 -17.50
N PRO B 92 21.57 -1.10 -18.00
CA PRO B 92 20.37 -1.32 -18.80
C PRO B 92 20.64 -2.04 -20.13
N GLY B 93 19.73 -2.90 -20.48
CA GLY B 93 19.78 -3.63 -21.70
C GLY B 93 18.56 -4.50 -21.80
N GLY B 94 18.21 -4.91 -22.98
CA GLY B 94 17.04 -5.75 -23.12
C GLY B 94 17.24 -6.76 -24.20
N GLY A 1 -14.25 -22.50 -0.51
CA GLY A 1 -13.99 -23.50 0.56
C GLY A 1 -13.35 -22.86 1.78
N SER A 2 -12.33 -22.10 1.55
CA SER A 2 -11.66 -21.38 2.59
C SER A 2 -11.28 -20.03 2.05
N ASP A 3 -11.22 -19.04 2.90
CA ASP A 3 -10.86 -17.73 2.45
C ASP A 3 -9.44 -17.47 2.88
N PRO A 4 -8.52 -17.26 1.91
CA PRO A 4 -7.13 -16.90 2.23
C PRO A 4 -7.09 -15.63 3.06
N GLY A 5 -8.11 -14.81 2.89
CA GLY A 5 -8.24 -13.61 3.62
C GLY A 5 -7.33 -12.53 3.13
N PRO A 6 -7.58 -11.28 3.53
CA PRO A 6 -6.72 -10.18 3.16
C PRO A 6 -5.37 -10.31 3.87
N GLU A 7 -5.39 -11.06 4.97
CA GLU A 7 -4.24 -11.27 5.82
C GLU A 7 -3.13 -12.00 5.08
N ALA A 8 -3.46 -13.17 4.54
CA ALA A 8 -2.48 -14.02 3.88
C ALA A 8 -2.10 -13.47 2.53
N ALA A 9 -3.07 -12.99 1.79
CA ALA A 9 -2.83 -12.49 0.45
C ALA A 9 -1.90 -11.29 0.46
N ARG A 10 -2.12 -10.33 1.36
CA ARG A 10 -1.25 -9.17 1.44
C ARG A 10 0.13 -9.59 1.90
N LEU A 11 0.18 -10.60 2.76
CA LEU A 11 1.40 -11.09 3.29
C LEU A 11 2.27 -11.65 2.16
N ARG A 12 1.63 -12.36 1.24
CA ARG A 12 2.33 -12.92 0.07
C ARG A 12 2.75 -11.78 -0.85
N PHE A 13 1.84 -10.85 -1.06
CA PHE A 13 2.03 -9.67 -1.89
C PHE A 13 3.21 -8.81 -1.38
N ARG A 14 3.32 -8.68 -0.07
CA ARG A 14 4.42 -7.93 0.56
C ARG A 14 5.66 -8.81 0.79
N CYS A 15 5.51 -10.09 0.57
CA CYS A 15 6.63 -11.02 0.70
C CYS A 15 7.38 -11.05 -0.62
N PHE A 16 6.70 -10.62 -1.65
CA PHE A 16 7.26 -10.58 -2.96
C PHE A 16 8.33 -9.51 -3.02
N HIS A 17 9.53 -9.92 -3.32
CA HIS A 17 10.58 -8.98 -3.46
C HIS A 17 10.74 -8.71 -4.94
N TYR A 18 10.98 -7.50 -5.30
CA TYR A 18 11.25 -7.23 -6.67
C TYR A 18 12.63 -7.70 -7.01
N GLU A 19 12.71 -8.53 -7.98
CA GLU A 19 13.95 -9.04 -8.47
C GLU A 19 14.16 -8.57 -9.89
N GLU A 20 15.22 -7.84 -10.09
CA GLU A 20 15.55 -7.24 -11.38
C GLU A 20 15.64 -8.29 -12.47
N ALA A 21 16.09 -9.47 -12.07
CA ALA A 21 16.23 -10.59 -12.98
C ALA A 21 14.90 -11.04 -13.58
N THR A 22 13.80 -10.85 -12.87
CA THR A 22 12.52 -11.28 -13.39
C THR A 22 11.91 -10.13 -14.23
N GLY A 23 12.43 -8.93 -14.03
CA GLY A 23 11.91 -7.79 -14.75
C GLY A 23 10.78 -7.12 -14.00
N PRO A 24 10.60 -5.81 -14.12
CA PRO A 24 9.59 -5.09 -13.38
C PRO A 24 8.16 -5.44 -13.78
N GLN A 25 7.95 -5.63 -15.05
CA GLN A 25 6.64 -5.92 -15.56
C GLN A 25 6.22 -7.34 -15.34
N GLU A 26 7.17 -8.23 -15.29
CA GLU A 26 6.88 -9.60 -14.96
C GLU A 26 6.53 -9.69 -13.48
N ALA A 27 7.19 -8.84 -12.71
CA ALA A 27 6.93 -8.73 -11.30
C ALA A 27 5.53 -8.16 -11.09
N LEU A 28 5.16 -7.16 -11.89
CA LEU A 28 3.84 -6.53 -11.83
C LEU A 28 2.72 -7.53 -12.04
N ALA A 29 2.89 -8.41 -13.00
CA ALA A 29 1.89 -9.43 -13.29
C ALA A 29 1.69 -10.34 -12.08
N GLN A 30 2.77 -10.70 -11.44
CA GLN A 30 2.75 -11.52 -10.26
C GLN A 30 2.10 -10.79 -9.09
N LEU A 31 2.45 -9.53 -8.95
CA LEU A 31 1.92 -8.66 -7.93
C LEU A 31 0.43 -8.37 -8.11
N ARG A 32 0.00 -8.16 -9.34
CA ARG A 32 -1.39 -7.83 -9.59
C ARG A 32 -2.36 -8.89 -9.09
N GLU A 33 -2.14 -10.15 -9.45
CA GLU A 33 -3.07 -11.16 -8.98
C GLU A 33 -2.99 -11.31 -7.48
N LEU A 34 -1.79 -11.16 -6.90
CA LEU A 34 -1.61 -11.21 -5.43
C LEU A 34 -2.41 -10.11 -4.77
N CYS A 35 -2.32 -8.93 -5.33
CA CYS A 35 -3.05 -7.77 -4.88
C CYS A 35 -4.55 -8.04 -5.02
N ARG A 36 -4.91 -8.66 -6.13
CA ARG A 36 -6.25 -8.98 -6.41
C ARG A 36 -6.78 -10.06 -5.47
N GLN A 37 -5.91 -10.95 -4.99
CA GLN A 37 -6.32 -11.97 -4.01
C GLN A 37 -6.68 -11.26 -2.70
N TRP A 38 -5.91 -10.20 -2.42
CA TRP A 38 -6.03 -9.39 -1.22
C TRP A 38 -7.31 -8.53 -1.19
N LEU A 39 -7.57 -7.75 -2.24
CA LEU A 39 -8.76 -6.90 -2.22
C LEU A 39 -9.96 -7.60 -2.80
N ARG A 40 -9.76 -8.28 -3.91
CA ARG A 40 -10.80 -9.01 -4.65
C ARG A 40 -11.94 -8.12 -5.15
N PRO A 41 -11.78 -7.51 -6.33
CA PRO A 41 -12.80 -6.65 -6.95
C PRO A 41 -14.04 -7.43 -7.38
N GLU A 42 -13.93 -8.72 -7.46
CA GLU A 42 -15.02 -9.56 -7.90
C GLU A 42 -16.09 -9.62 -6.80
N VAL A 43 -15.63 -9.73 -5.57
CA VAL A 43 -16.55 -9.87 -4.46
C VAL A 43 -16.63 -8.64 -3.58
N ARG A 44 -15.70 -7.74 -3.75
CA ARG A 44 -15.70 -6.52 -2.95
C ARG A 44 -15.76 -5.28 -3.81
N SER A 45 -16.32 -4.25 -3.24
CA SER A 45 -16.46 -2.97 -3.86
C SER A 45 -15.26 -2.10 -3.48
N LYS A 46 -15.22 -0.92 -4.06
CA LYS A 46 -14.13 0.03 -3.92
C LYS A 46 -13.97 0.44 -2.48
N GLU A 47 -15.08 0.53 -1.80
CA GLU A 47 -15.18 0.91 -0.40
C GLU A 47 -14.26 0.06 0.48
N GLN A 48 -14.20 -1.22 0.17
CA GLN A 48 -13.37 -2.14 0.91
C GLN A 48 -11.92 -1.91 0.57
N MET A 49 -11.67 -1.53 -0.67
CA MET A 49 -10.32 -1.30 -1.14
C MET A 49 -9.70 -0.11 -0.46
N LEU A 50 -10.50 0.96 -0.31
CA LEU A 50 -10.07 2.14 0.45
C LEU A 50 -9.60 1.71 1.83
N GLU A 51 -10.44 0.96 2.55
CA GLU A 51 -10.11 0.50 3.91
C GLU A 51 -8.84 -0.34 3.94
N LEU A 52 -8.74 -1.28 3.01
CA LEU A 52 -7.58 -2.14 2.92
C LEU A 52 -6.31 -1.36 2.63
N LEU A 53 -6.40 -0.40 1.73
CA LEU A 53 -5.28 0.39 1.39
C LEU A 53 -4.95 1.43 2.51
N VAL A 54 -5.96 1.89 3.25
CA VAL A 54 -5.71 2.72 4.44
C VAL A 54 -4.91 1.91 5.45
N LEU A 55 -5.34 0.66 5.64
CA LEU A 55 -4.68 -0.30 6.53
C LEU A 55 -3.23 -0.47 6.15
N GLU A 56 -3.00 -0.69 4.85
CA GLU A 56 -1.67 -0.93 4.31
C GLU A 56 -0.67 0.16 4.72
N GLN A 57 -1.03 1.41 4.47
CA GLN A 57 -0.12 2.51 4.77
C GLN A 57 -0.06 2.68 6.28
N PHE A 58 -1.23 2.61 6.92
CA PHE A 58 -1.33 2.80 8.37
C PHE A 58 -0.38 1.87 9.11
N LEU A 59 -0.37 0.61 8.72
CA LEU A 59 0.48 -0.36 9.36
C LEU A 59 1.95 -0.05 9.19
N GLY A 60 2.33 0.49 8.04
CA GLY A 60 3.72 0.82 7.81
C GLY A 60 4.09 2.15 8.44
N ALA A 61 3.09 2.98 8.69
CA ALA A 61 3.29 4.26 9.33
C ALA A 61 3.58 4.07 10.81
N LEU A 62 3.12 2.93 11.33
CA LEU A 62 3.39 2.51 12.69
C LEU A 62 4.89 2.32 12.90
N PRO A 63 5.41 2.58 14.11
CA PRO A 63 6.80 2.34 14.41
C PRO A 63 7.04 0.83 14.52
N PRO A 64 8.27 0.38 14.20
CA PRO A 64 8.68 -1.05 14.24
C PRO A 64 8.04 -1.86 15.37
N GLU A 65 8.12 -1.36 16.60
CA GLU A 65 7.56 -2.08 17.76
C GLU A 65 6.05 -2.33 17.62
N ILE A 66 5.30 -1.30 17.27
CA ILE A 66 3.86 -1.42 17.13
C ILE A 66 3.51 -2.22 15.87
N GLN A 67 4.23 -1.93 14.80
CA GLN A 67 4.02 -2.57 13.51
C GLN A 67 4.26 -4.08 13.60
N ALA A 68 5.33 -4.45 14.30
CA ALA A 68 5.67 -5.86 14.47
C ALA A 68 4.56 -6.61 15.20
N ARG A 69 3.92 -5.95 16.15
CA ARG A 69 2.84 -6.56 16.91
C ARG A 69 1.64 -6.83 16.01
N VAL A 70 1.33 -5.89 15.12
CA VAL A 70 0.25 -6.08 14.15
C VAL A 70 0.59 -7.21 13.22
N GLN A 71 1.78 -7.17 12.69
CA GLN A 71 2.25 -8.16 11.77
C GLN A 71 2.23 -9.56 12.31
N GLY A 72 2.31 -9.70 13.62
CA GLY A 72 2.17 -11.01 14.23
C GLY A 72 0.69 -11.47 14.32
N GLN A 73 -0.25 -10.52 14.27
CA GLN A 73 -1.68 -10.84 14.42
C GLN A 73 -2.44 -10.79 13.09
N ARG A 74 -2.41 -9.62 12.47
CA ARG A 74 -3.21 -9.25 11.30
C ARG A 74 -4.69 -9.14 11.63
N PRO A 75 -5.13 -7.96 12.07
CA PRO A 75 -6.54 -7.68 12.36
C PRO A 75 -7.43 -7.82 11.11
N GLY A 76 -6.86 -7.45 9.97
CA GLY A 76 -7.55 -7.56 8.70
C GLY A 76 -8.29 -6.29 8.29
N SER A 77 -8.39 -5.36 9.20
CA SER A 77 -9.03 -4.10 8.92
C SER A 77 -8.34 -2.98 9.69
N PRO A 78 -8.32 -1.74 9.14
CA PRO A 78 -7.64 -0.60 9.76
C PRO A 78 -8.17 -0.25 11.15
N GLU A 79 -9.48 -0.22 11.29
CA GLU A 79 -10.13 0.11 12.55
C GLU A 79 -9.89 -0.96 13.61
N GLU A 80 -9.72 -2.18 13.17
CA GLU A 80 -9.42 -3.27 14.05
C GLU A 80 -7.96 -3.15 14.51
N ALA A 81 -7.08 -2.77 13.54
CA ALA A 81 -5.67 -2.51 13.84
C ALA A 81 -5.55 -1.39 14.84
N ALA A 82 -6.40 -0.37 14.66
CA ALA A 82 -6.45 0.79 15.52
C ALA A 82 -6.59 0.40 16.98
N ALA A 83 -7.37 -0.63 17.22
CA ALA A 83 -7.61 -1.12 18.57
C ALA A 83 -6.33 -1.65 19.24
N LEU A 84 -5.58 -2.51 18.54
CA LEU A 84 -4.36 -3.02 19.14
C LEU A 84 -3.29 -1.95 19.25
N VAL A 85 -3.14 -1.15 18.21
CA VAL A 85 -2.11 -0.13 18.18
C VAL A 85 -2.37 0.99 19.19
N ASP A 86 -3.64 1.28 19.43
CA ASP A 86 -4.06 2.30 20.41
C ASP A 86 -3.53 1.94 21.78
N GLY A 87 -3.55 0.66 22.08
CA GLY A 87 -3.09 0.16 23.36
C GLY A 87 -1.58 0.02 23.41
N LEU A 88 -0.94 0.01 22.26
CA LEU A 88 0.50 -0.13 22.17
C LEU A 88 1.20 1.22 22.22
N ARG A 89 0.40 2.27 22.38
CA ARG A 89 0.90 3.60 22.48
C ARG A 89 1.46 3.81 23.86
N ARG A 90 2.75 4.10 23.92
CA ARG A 90 3.43 4.36 25.19
C ARG A 90 2.90 5.65 25.79
N GLU A 91 2.48 6.54 24.94
CA GLU A 91 1.85 7.75 25.38
C GLU A 91 0.46 7.88 24.72
N PRO A 92 -0.56 7.31 25.37
CA PRO A 92 -1.92 7.36 24.89
C PRO A 92 -2.77 8.40 25.62
N GLY A 93 -2.14 9.23 26.43
CA GLY A 93 -2.87 10.21 27.20
C GLY A 93 -2.54 11.62 26.81
N GLY A 94 -1.26 11.92 26.82
CA GLY A 94 -0.82 13.25 26.50
C GLY A 94 -0.22 13.33 25.11
N GLY B 1 -12.12 22.84 -8.91
CA GLY B 1 -12.15 22.79 -10.37
C GLY B 1 -11.05 21.90 -10.91
N SER B 2 -10.26 21.39 -10.02
CA SER B 2 -9.15 20.53 -10.37
C SER B 2 -9.10 19.37 -9.39
N ASP B 3 -8.04 18.59 -9.43
CA ASP B 3 -7.86 17.44 -8.55
C ASP B 3 -6.44 17.38 -8.08
N PRO B 4 -6.20 16.90 -6.83
CA PRO B 4 -4.85 16.74 -6.31
C PRO B 4 -4.05 15.77 -7.15
N GLY B 5 -4.73 14.78 -7.68
CA GLY B 5 -4.10 13.82 -8.53
C GLY B 5 -3.58 12.64 -7.76
N PRO B 6 -3.62 11.44 -8.34
CA PRO B 6 -3.16 10.20 -7.68
C PRO B 6 -1.70 10.28 -7.26
N GLU B 7 -0.94 11.14 -7.91
CA GLU B 7 0.45 11.30 -7.60
C GLU B 7 0.63 12.09 -6.29
N ALA B 8 0.05 13.27 -6.25
CA ALA B 8 0.18 14.14 -5.09
C ALA B 8 -0.59 13.60 -3.91
N ALA B 9 -1.78 13.09 -4.17
CA ALA B 9 -2.64 12.57 -3.13
C ALA B 9 -2.00 11.39 -2.44
N ARG B 10 -1.43 10.46 -3.22
CA ARG B 10 -0.81 9.30 -2.63
C ARG B 10 0.39 9.71 -1.81
N LEU B 11 1.11 10.72 -2.28
CA LEU B 11 2.27 11.20 -1.64
C LEU B 11 1.93 11.73 -0.25
N ARG B 12 0.85 12.52 -0.17
CA ARG B 12 0.34 13.02 1.12
C ARG B 12 0.06 11.85 2.06
N PHE B 13 -0.62 10.86 1.51
CA PHE B 13 -1.05 9.66 2.20
C PHE B 13 0.12 8.82 2.74
N ARG B 14 1.16 8.67 1.94
CA ARG B 14 2.31 7.83 2.33
C ARG B 14 3.23 8.59 3.27
N CYS B 15 3.33 9.89 3.04
CA CYS B 15 4.22 10.77 3.81
C CYS B 15 3.65 11.02 5.22
N PHE B 16 2.46 10.50 5.46
CA PHE B 16 1.83 10.60 6.75
C PHE B 16 2.47 9.61 7.70
N HIS B 17 3.02 10.11 8.78
CA HIS B 17 3.61 9.24 9.78
C HIS B 17 2.55 8.96 10.81
N TYR B 18 2.53 7.78 11.35
CA TYR B 18 1.61 7.53 12.40
C TYR B 18 2.05 8.26 13.65
N GLU B 19 1.22 9.14 14.07
CA GLU B 19 1.42 9.90 15.24
C GLU B 19 0.46 9.45 16.30
N GLU B 20 0.99 8.77 17.31
CA GLU B 20 0.20 8.22 18.41
C GLU B 20 -0.61 9.31 19.10
N ALA B 21 -0.09 10.51 19.01
CA ALA B 21 -0.67 11.71 19.56
C ALA B 21 -2.06 12.02 18.99
N THR B 22 -2.31 11.63 17.75
CA THR B 22 -3.60 11.93 17.16
C THR B 22 -4.54 10.73 17.35
N GLY B 23 -3.93 9.59 17.69
CA GLY B 23 -4.70 8.36 17.83
C GLY B 23 -4.68 7.61 16.51
N PRO B 24 -4.85 6.29 16.48
CA PRO B 24 -4.70 5.55 15.24
C PRO B 24 -5.91 5.68 14.36
N GLN B 25 -7.05 5.78 14.98
CA GLN B 25 -8.28 5.80 14.31
C GLN B 25 -8.52 7.17 13.71
N GLU B 26 -7.99 8.19 14.37
CA GLU B 26 -8.04 9.53 13.86
C GLU B 26 -7.03 9.67 12.73
N ALA B 27 -5.92 8.95 12.86
CA ALA B 27 -4.94 8.85 11.81
C ALA B 27 -5.59 8.19 10.59
N LEU B 28 -6.41 7.16 10.85
CA LEU B 28 -7.16 6.47 9.81
C LEU B 28 -8.09 7.41 9.08
N ALA B 29 -8.72 8.32 9.80
CA ALA B 29 -9.64 9.29 9.19
C ALA B 29 -8.89 10.15 8.18
N GLN B 30 -7.75 10.63 8.61
CA GLN B 30 -6.86 11.42 7.78
C GLN B 30 -6.41 10.63 6.56
N LEU B 31 -5.92 9.43 6.82
CA LEU B 31 -5.48 8.51 5.78
C LEU B 31 -6.61 8.13 4.83
N ARG B 32 -7.80 7.95 5.37
CA ARG B 32 -8.95 7.55 4.57
C ARG B 32 -9.28 8.56 3.50
N GLU B 33 -9.34 9.83 3.85
CA GLU B 33 -9.66 10.83 2.85
C GLU B 33 -8.51 10.96 1.87
N LEU B 34 -7.27 10.92 2.36
CA LEU B 34 -6.08 11.00 1.51
C LEU B 34 -6.04 9.85 0.51
N CYS B 35 -6.34 8.67 1.01
CA CYS B 35 -6.42 7.46 0.22
C CYS B 35 -7.51 7.65 -0.86
N ARG B 36 -8.63 8.25 -0.45
CA ARG B 36 -9.70 8.55 -1.33
C ARG B 36 -9.33 9.61 -2.37
N GLN B 37 -8.53 10.61 -1.99
CA GLN B 37 -8.10 11.68 -2.92
C GLN B 37 -7.30 11.08 -4.07
N TRP B 38 -6.64 9.99 -3.73
CA TRP B 38 -5.79 9.24 -4.61
C TRP B 38 -6.59 8.21 -5.45
N LEU B 39 -7.25 7.29 -4.79
CA LEU B 39 -7.99 6.23 -5.48
C LEU B 39 -9.25 6.77 -6.15
N ARG B 40 -9.98 7.61 -5.41
CA ARG B 40 -11.23 8.22 -5.86
C ARG B 40 -12.23 7.18 -6.38
N PRO B 41 -12.93 6.47 -5.47
CA PRO B 41 -13.93 5.45 -5.85
C PRO B 41 -15.09 6.05 -6.63
N GLU B 42 -15.23 7.35 -6.50
CA GLU B 42 -16.25 8.12 -7.16
C GLU B 42 -16.03 8.10 -8.67
N VAL B 43 -14.77 8.14 -9.06
CA VAL B 43 -14.45 8.26 -10.47
C VAL B 43 -13.71 7.04 -11.01
N ARG B 44 -12.97 6.35 -10.17
CA ARG B 44 -12.25 5.19 -10.63
C ARG B 44 -12.95 3.91 -10.31
N SER B 45 -12.73 2.95 -11.15
CA SER B 45 -13.24 1.63 -11.01
C SER B 45 -12.29 0.85 -10.13
N LYS B 46 -12.77 -0.27 -9.62
CA LYS B 46 -11.99 -1.17 -8.76
C LYS B 46 -10.67 -1.56 -9.40
N GLU B 47 -10.70 -1.81 -10.69
CA GLU B 47 -9.54 -2.23 -11.48
C GLU B 47 -8.38 -1.24 -11.34
N GLN B 48 -8.69 0.05 -11.40
CA GLN B 48 -7.69 1.09 -11.28
C GLN B 48 -7.06 1.10 -9.89
N MET B 49 -7.81 0.65 -8.91
CA MET B 49 -7.32 0.58 -7.54
C MET B 49 -6.28 -0.50 -7.41
N LEU B 50 -6.54 -1.65 -8.05
CA LEU B 50 -5.54 -2.73 -8.09
C LEU B 50 -4.27 -2.21 -8.71
N GLU B 51 -4.40 -1.53 -9.84
CA GLU B 51 -3.27 -0.94 -10.55
C GLU B 51 -2.45 -0.02 -9.64
N LEU B 52 -3.12 0.94 -9.00
CA LEU B 52 -2.47 1.88 -8.11
C LEU B 52 -1.80 1.18 -6.93
N LEU B 53 -2.42 0.14 -6.46
CA LEU B 53 -1.94 -0.58 -5.33
C LEU B 53 -0.76 -1.53 -5.70
N VAL B 54 -0.79 -2.06 -6.92
CA VAL B 54 0.34 -2.86 -7.42
C VAL B 54 1.56 -1.95 -7.50
N LEU B 55 1.33 -0.72 -7.96
CA LEU B 55 2.34 0.33 -8.03
C LEU B 55 2.92 0.56 -6.64
N GLU B 56 2.04 0.68 -5.66
CA GLU B 56 2.41 0.90 -4.27
C GLU B 56 3.36 -0.18 -3.73
N GLN B 57 3.03 -1.43 -3.97
CA GLN B 57 3.88 -2.51 -3.46
C GLN B 57 5.14 -2.54 -4.28
N PHE B 58 4.98 -2.47 -5.60
CA PHE B 58 6.08 -2.55 -6.53
C PHE B 58 7.18 -1.55 -6.23
N LEU B 59 6.79 -0.31 -5.97
CA LEU B 59 7.77 0.70 -5.69
C LEU B 59 8.53 0.43 -4.41
N GLY B 60 7.89 -0.17 -3.42
CA GLY B 60 8.57 -0.51 -2.20
C GLY B 60 9.36 -1.80 -2.32
N ALA B 61 8.95 -2.63 -3.27
CA ALA B 61 9.64 -3.89 -3.54
C ALA B 61 10.96 -3.61 -4.24
N LEU B 62 11.05 -2.44 -4.86
CA LEU B 62 12.27 -1.96 -5.46
C LEU B 62 13.32 -1.73 -4.38
N PRO B 63 14.61 -1.93 -4.69
CA PRO B 63 15.67 -1.65 -3.75
C PRO B 63 15.74 -0.15 -3.52
N PRO B 64 16.17 0.30 -2.33
CA PRO B 64 16.23 1.73 -1.97
C PRO B 64 16.79 2.63 -3.09
N GLU B 65 17.85 2.19 -3.74
CA GLU B 65 18.45 2.97 -4.83
C GLU B 65 17.50 3.15 -6.04
N ILE B 66 16.88 2.05 -6.49
CA ILE B 66 15.96 2.13 -7.62
C ILE B 66 14.67 2.85 -7.18
N GLN B 67 14.25 2.55 -5.97
CA GLN B 67 13.06 3.13 -5.39
C GLN B 67 13.21 4.65 -5.25
N ALA B 68 14.40 5.09 -4.88
CA ALA B 68 14.71 6.51 -4.73
C ALA B 68 14.60 7.24 -6.07
N ARG B 69 14.98 6.56 -7.14
CA ARG B 69 14.90 7.13 -8.49
C ARG B 69 13.44 7.38 -8.86
N VAL B 70 12.60 6.44 -8.52
CA VAL B 70 11.18 6.57 -8.76
C VAL B 70 10.60 7.60 -7.81
N GLN B 71 11.14 7.61 -6.62
CA GLN B 71 10.68 8.47 -5.55
C GLN B 71 10.81 9.94 -5.95
N GLY B 72 11.75 10.23 -6.83
CA GLY B 72 11.88 11.57 -7.35
C GLY B 72 10.86 11.90 -8.46
N GLN B 73 10.29 10.86 -9.10
CA GLN B 73 9.36 11.05 -10.23
C GLN B 73 7.90 10.75 -9.83
N ARG B 74 7.68 9.50 -9.44
CA ARG B 74 6.35 8.92 -9.19
C ARG B 74 5.44 9.01 -10.41
N PRO B 75 5.56 8.07 -11.35
CA PRO B 75 4.69 8.00 -12.54
C PRO B 75 3.21 7.84 -12.17
N GLY B 76 2.97 7.00 -11.19
CA GLY B 76 1.61 6.75 -10.70
C GLY B 76 0.96 5.54 -11.36
N SER B 77 1.65 4.99 -12.33
CA SER B 77 1.21 3.80 -13.00
C SER B 77 2.35 2.76 -12.99
N PRO B 78 2.04 1.52 -12.55
CA PRO B 78 3.04 0.42 -12.41
C PRO B 78 3.93 0.20 -13.65
N GLU B 79 3.33 0.18 -14.80
CA GLU B 79 4.04 -0.09 -16.05
C GLU B 79 4.93 1.07 -16.45
N GLU B 80 4.53 2.26 -16.07
CA GLU B 80 5.32 3.44 -16.32
C GLU B 80 6.55 3.39 -15.42
N ALA B 81 6.34 2.96 -14.15
CA ALA B 81 7.42 2.80 -13.20
C ALA B 81 8.36 1.72 -13.69
N ALA B 82 7.78 0.66 -14.25
CA ALA B 82 8.52 -0.46 -14.81
C ALA B 82 9.54 0.02 -15.82
N ALA B 83 9.14 0.95 -16.64
CA ALA B 83 9.98 1.50 -17.67
C ALA B 83 11.24 2.19 -17.08
N LEU B 84 11.07 3.06 -16.07
CA LEU B 84 12.27 3.69 -15.50
C LEU B 84 13.13 2.71 -14.72
N VAL B 85 12.50 1.81 -14.00
CA VAL B 85 13.22 0.85 -13.19
C VAL B 85 13.97 -0.20 -14.01
N ASP B 86 13.40 -0.53 -15.17
CA ASP B 86 13.97 -1.50 -16.11
C ASP B 86 15.44 -1.19 -16.43
N GLY B 87 15.75 0.09 -16.63
CA GLY B 87 17.10 0.49 -16.94
C GLY B 87 17.98 0.66 -15.70
N LEU B 88 17.36 0.73 -14.55
CA LEU B 88 18.07 0.94 -13.28
C LEU B 88 18.48 -0.39 -12.66
N ARG B 89 18.21 -1.45 -13.36
CA ARG B 89 18.47 -2.78 -12.90
C ARG B 89 19.94 -3.11 -12.94
N ARG B 90 20.47 -3.47 -11.80
CA ARG B 90 21.85 -3.96 -11.71
C ARG B 90 21.95 -5.35 -12.33
N GLU B 91 20.81 -6.00 -12.47
CA GLU B 91 20.78 -7.29 -13.06
C GLU B 91 19.87 -7.31 -14.29
N PRO B 92 20.44 -7.14 -15.47
CA PRO B 92 19.71 -7.21 -16.71
C PRO B 92 19.84 -8.58 -17.39
N GLY B 93 20.56 -9.50 -16.77
CA GLY B 93 20.76 -10.79 -17.36
C GLY B 93 20.88 -11.87 -16.32
N GLY B 94 19.76 -12.23 -15.74
CA GLY B 94 19.76 -13.27 -14.77
C GLY B 94 18.94 -14.42 -15.25
N GLY A 1 -14.17 -16.22 -3.79
CA GLY A 1 -13.34 -17.20 -4.49
C GLY A 1 -13.19 -18.47 -3.70
N SER A 2 -12.48 -18.37 -2.61
CA SER A 2 -12.21 -19.47 -1.69
C SER A 2 -11.79 -18.80 -0.40
N ASP A 3 -10.96 -17.76 -0.60
CA ASP A 3 -10.61 -16.78 0.41
C ASP A 3 -9.83 -17.32 1.60
N PRO A 4 -8.49 -17.19 1.56
CA PRO A 4 -7.62 -17.54 2.68
C PRO A 4 -7.64 -16.44 3.73
N GLY A 5 -8.20 -15.31 3.37
CA GLY A 5 -8.28 -14.17 4.25
C GLY A 5 -7.53 -12.99 3.66
N PRO A 6 -8.00 -11.75 3.88
CA PRO A 6 -7.35 -10.55 3.31
C PRO A 6 -5.95 -10.31 3.88
N GLU A 7 -5.78 -10.59 5.16
CA GLU A 7 -4.49 -10.45 5.80
C GLU A 7 -3.53 -11.51 5.32
N ALA A 8 -4.05 -12.69 5.10
CA ALA A 8 -3.26 -13.79 4.58
C ALA A 8 -2.87 -13.51 3.13
N ALA A 9 -3.83 -13.03 2.34
CA ALA A 9 -3.59 -12.71 0.95
C ALA A 9 -2.61 -11.55 0.82
N ARG A 10 -2.82 -10.49 1.62
CA ARG A 10 -1.90 -9.37 1.62
C ARG A 10 -0.51 -9.79 2.09
N LEU A 11 -0.46 -10.76 3.00
CA LEU A 11 0.75 -11.28 3.50
C LEU A 11 1.50 -12.00 2.37
N ARG A 12 0.78 -12.80 1.57
CA ARG A 12 1.38 -13.49 0.41
C ARG A 12 1.86 -12.49 -0.62
N PHE A 13 1.06 -11.46 -0.81
CA PHE A 13 1.35 -10.37 -1.71
C PHE A 13 2.61 -9.62 -1.27
N ARG A 14 2.76 -9.41 0.02
CA ARG A 14 3.94 -8.79 0.57
C ARG A 14 5.06 -9.79 0.83
N CYS A 15 4.78 -11.06 0.60
CA CYS A 15 5.75 -12.12 0.78
C CYS A 15 6.49 -12.34 -0.53
N PHE A 16 6.07 -11.62 -1.53
CA PHE A 16 6.69 -11.67 -2.82
C PHE A 16 7.87 -10.71 -2.82
N HIS A 17 9.06 -11.22 -3.05
CA HIS A 17 10.22 -10.36 -3.11
C HIS A 17 10.42 -9.97 -4.56
N TYR A 18 10.83 -8.77 -4.80
CA TYR A 18 11.13 -8.41 -6.16
C TYR A 18 12.39 -9.10 -6.59
N GLU A 19 12.24 -9.89 -7.59
CA GLU A 19 13.31 -10.63 -8.17
C GLU A 19 13.49 -10.19 -9.60
N GLU A 20 14.58 -9.52 -9.85
CA GLU A 20 14.91 -8.99 -11.15
C GLU A 20 14.93 -10.07 -12.20
N ALA A 21 15.31 -11.25 -11.77
CA ALA A 21 15.39 -12.43 -12.63
C ALA A 21 14.06 -12.82 -13.25
N THR A 22 12.94 -12.56 -12.58
CA THR A 22 11.66 -12.94 -13.14
C THR A 22 11.15 -11.80 -14.02
N GLY A 23 11.75 -10.62 -13.85
CA GLY A 23 11.35 -9.47 -14.59
C GLY A 23 10.23 -8.72 -13.89
N PRO A 24 10.29 -7.39 -13.82
CA PRO A 24 9.28 -6.60 -13.12
C PRO A 24 7.88 -6.71 -13.72
N GLN A 25 7.80 -6.89 -15.06
CA GLN A 25 6.48 -7.00 -15.70
C GLN A 25 5.85 -8.30 -15.33
N GLU A 26 6.66 -9.32 -15.26
CA GLU A 26 6.20 -10.62 -14.88
C GLU A 26 5.82 -10.64 -13.40
N ALA A 27 6.65 -10.02 -12.57
CA ALA A 27 6.38 -9.89 -11.13
C ALA A 27 5.02 -9.25 -10.89
N LEU A 28 4.68 -8.30 -11.74
CA LEU A 28 3.38 -7.63 -11.67
C LEU A 28 2.24 -8.60 -11.85
N ALA A 29 2.40 -9.58 -12.72
CA ALA A 29 1.34 -10.55 -12.97
C ALA A 29 1.05 -11.32 -11.69
N GLN A 30 2.12 -11.69 -11.00
CA GLN A 30 2.03 -12.39 -9.72
C GLN A 30 1.46 -11.47 -8.64
N LEU A 31 2.01 -10.27 -8.53
CA LEU A 31 1.55 -9.29 -7.57
C LEU A 31 0.10 -8.91 -7.78
N ARG A 32 -0.27 -8.71 -9.02
CA ARG A 32 -1.63 -8.35 -9.38
C ARG A 32 -2.60 -9.47 -9.04
N GLU A 33 -2.14 -10.67 -9.22
CA GLU A 33 -2.90 -11.86 -8.91
C GLU A 33 -3.17 -11.90 -7.42
N LEU A 34 -2.14 -11.74 -6.65
CA LEU A 34 -2.21 -11.78 -5.21
C LEU A 34 -2.92 -10.57 -4.62
N CYS A 35 -2.69 -9.41 -5.22
CA CYS A 35 -3.33 -8.19 -4.81
C CYS A 35 -4.83 -8.33 -5.04
N ARG A 36 -5.20 -8.98 -6.15
CA ARG A 36 -6.54 -9.20 -6.47
C ARG A 36 -7.21 -10.09 -5.45
N GLN A 37 -6.52 -11.14 -5.02
CA GLN A 37 -7.10 -12.14 -4.07
C GLN A 37 -7.45 -11.46 -2.74
N TRP A 38 -6.80 -10.35 -2.51
CA TRP A 38 -6.95 -9.55 -1.35
C TRP A 38 -8.09 -8.50 -1.51
N LEU A 39 -8.15 -7.86 -2.66
CA LEU A 39 -9.13 -6.79 -2.90
C LEU A 39 -10.43 -7.34 -3.52
N ARG A 40 -10.28 -8.18 -4.55
CA ARG A 40 -11.38 -8.81 -5.28
C ARG A 40 -12.50 -7.90 -5.75
N PRO A 41 -12.36 -7.31 -6.94
CA PRO A 41 -13.41 -6.46 -7.56
C PRO A 41 -14.67 -7.26 -7.87
N GLU A 42 -14.53 -8.58 -7.88
CA GLU A 42 -15.64 -9.48 -8.15
C GLU A 42 -16.64 -9.47 -6.99
N VAL A 43 -16.13 -9.42 -5.78
CA VAL A 43 -16.99 -9.51 -4.61
C VAL A 43 -16.98 -8.22 -3.80
N ARG A 44 -15.88 -7.51 -3.85
CA ARG A 44 -15.77 -6.29 -3.10
C ARG A 44 -15.81 -5.10 -4.00
N SER A 45 -16.20 -4.03 -3.43
CA SER A 45 -16.32 -2.82 -4.10
C SER A 45 -15.29 -1.82 -3.60
N LYS A 46 -15.31 -0.69 -4.21
CA LYS A 46 -14.30 0.35 -4.08
C LYS A 46 -14.23 0.88 -2.64
N GLU A 47 -15.39 0.95 -1.99
CA GLU A 47 -15.47 1.49 -0.64
C GLU A 47 -14.62 0.69 0.36
N GLN A 48 -14.64 -0.63 0.24
CA GLN A 48 -13.83 -1.45 1.11
C GLN A 48 -12.38 -1.42 0.69
N MET A 49 -12.14 -1.29 -0.62
CA MET A 49 -10.78 -1.18 -1.14
C MET A 49 -10.05 -0.02 -0.52
N LEU A 50 -10.75 1.12 -0.40
CA LEU A 50 -10.20 2.30 0.25
C LEU A 50 -9.72 1.96 1.66
N GLU A 51 -10.59 1.36 2.46
CA GLU A 51 -10.27 1.03 3.85
C GLU A 51 -9.10 0.05 3.97
N LEU A 52 -9.06 -0.94 3.11
CA LEU A 52 -7.98 -1.91 3.13
C LEU A 52 -6.66 -1.24 2.79
N LEU A 53 -6.73 -0.29 1.87
CA LEU A 53 -5.59 0.44 1.44
C LEU A 53 -5.14 1.47 2.50
N VAL A 54 -6.10 2.05 3.21
CA VAL A 54 -5.78 2.94 4.33
C VAL A 54 -4.97 2.17 5.37
N LEU A 55 -5.45 0.95 5.65
CA LEU A 55 -4.81 0.04 6.59
C LEU A 55 -3.37 -0.23 6.18
N GLU A 56 -3.18 -0.46 4.89
CA GLU A 56 -1.86 -0.75 4.33
C GLU A 56 -0.84 0.34 4.70
N GLN A 57 -1.19 1.58 4.42
CA GLN A 57 -0.28 2.69 4.71
C GLN A 57 -0.22 2.99 6.20
N PHE A 58 -1.38 2.96 6.84
CA PHE A 58 -1.48 3.27 8.28
C PHE A 58 -0.54 2.41 9.08
N LEU A 59 -0.50 1.14 8.76
CA LEU A 59 0.35 0.22 9.46
C LEU A 59 1.84 0.55 9.30
N GLY A 60 2.25 0.95 8.12
CA GLY A 60 3.64 1.29 7.91
C GLY A 60 3.99 2.68 8.39
N ALA A 61 2.97 3.50 8.65
CA ALA A 61 3.17 4.85 9.15
C ALA A 61 3.53 4.81 10.64
N LEU A 62 3.16 3.72 11.27
CA LEU A 62 3.47 3.46 12.67
C LEU A 62 4.98 3.27 12.85
N PRO A 63 5.52 3.49 14.06
CA PRO A 63 6.91 3.25 14.33
C PRO A 63 7.17 1.72 14.45
N PRO A 64 8.44 1.28 14.29
CA PRO A 64 8.82 -0.14 14.28
C PRO A 64 8.16 -1.03 15.33
N GLU A 65 8.21 -0.62 16.60
CA GLU A 65 7.70 -1.46 17.68
C GLU A 65 6.18 -1.54 17.66
N ILE A 66 5.51 -0.41 17.43
CA ILE A 66 4.06 -0.40 17.35
C ILE A 66 3.60 -1.20 16.14
N GLN A 67 4.30 -1.03 15.04
CA GLN A 67 3.99 -1.73 13.80
C GLN A 67 4.19 -3.24 13.97
N ALA A 68 5.27 -3.60 14.66
CA ALA A 68 5.58 -5.01 14.90
C ALA A 68 4.47 -5.70 15.69
N ARG A 69 3.85 -4.96 16.61
CA ARG A 69 2.76 -5.50 17.41
C ARG A 69 1.54 -5.81 16.54
N VAL A 70 1.22 -4.88 15.65
CA VAL A 70 0.10 -5.06 14.74
C VAL A 70 0.32 -6.25 13.84
N GLN A 71 1.48 -6.29 13.22
CA GLN A 71 1.83 -7.35 12.28
C GLN A 71 1.82 -8.73 12.91
N GLY A 72 2.12 -8.80 14.19
CA GLY A 72 2.06 -10.06 14.90
C GLY A 72 0.63 -10.45 15.28
N GLN A 73 -0.29 -9.50 15.21
CA GLN A 73 -1.67 -9.74 15.63
C GLN A 73 -2.61 -9.85 14.41
N ARG A 74 -2.47 -8.88 13.51
CA ARG A 74 -3.29 -8.74 12.30
C ARG A 74 -4.76 -8.41 12.65
N PRO A 75 -5.07 -7.10 12.82
CA PRO A 75 -6.42 -6.61 13.17
C PRO A 75 -7.49 -6.92 12.12
N GLY A 76 -7.12 -6.79 10.87
CA GLY A 76 -8.04 -7.04 9.79
C GLY A 76 -8.76 -5.79 9.29
N SER A 77 -8.64 -4.70 10.00
CA SER A 77 -9.25 -3.45 9.58
C SER A 77 -8.45 -2.27 10.14
N PRO A 78 -8.45 -1.11 9.42
CA PRO A 78 -7.73 0.10 9.86
C PRO A 78 -8.19 0.58 11.23
N GLU A 79 -9.49 0.56 11.46
CA GLU A 79 -10.05 1.01 12.73
C GLU A 79 -9.67 0.10 13.88
N GLU A 80 -9.51 -1.18 13.61
CA GLU A 80 -9.10 -2.11 14.60
C GLU A 80 -7.64 -1.85 14.90
N ALA A 81 -6.84 -1.64 13.84
CA ALA A 81 -5.43 -1.29 13.97
C ALA A 81 -5.27 -0.01 14.79
N ALA A 82 -6.09 0.99 14.47
CA ALA A 82 -6.10 2.28 15.15
C ALA A 82 -6.40 2.11 16.65
N ALA A 83 -7.20 1.15 16.94
CA ALA A 83 -7.57 0.82 18.30
C ALA A 83 -6.41 0.12 19.01
N LEU A 84 -5.74 -0.80 18.30
CA LEU A 84 -4.61 -1.54 18.88
C LEU A 84 -3.53 -0.55 19.25
N VAL A 85 -3.22 0.30 18.28
CA VAL A 85 -2.12 1.22 18.39
C VAL A 85 -2.36 2.30 19.40
N ASP A 86 -3.60 2.71 19.57
CA ASP A 86 -3.93 3.74 20.54
C ASP A 86 -3.63 3.27 21.97
N GLY A 87 -3.74 1.98 22.20
CA GLY A 87 -3.36 1.42 23.47
C GLY A 87 -1.85 1.16 23.54
N LEU A 88 -1.30 0.70 22.42
CA LEU A 88 0.14 0.37 22.30
C LEU A 88 1.03 1.61 22.41
N ARG A 89 0.58 2.72 21.82
CA ARG A 89 1.31 4.00 21.84
C ARG A 89 1.55 4.49 23.26
N ARG A 90 0.64 4.16 24.14
CA ARG A 90 0.74 4.56 25.50
C ARG A 90 1.54 3.49 26.21
N GLU A 91 2.80 3.83 26.47
CA GLU A 91 3.80 2.92 27.01
C GLU A 91 4.11 1.83 25.98
N PRO A 92 4.94 2.15 24.96
CA PRO A 92 5.29 1.19 23.91
C PRO A 92 6.33 0.17 24.38
N GLY A 93 6.94 0.44 25.52
CA GLY A 93 7.93 -0.43 26.08
C GLY A 93 9.31 -0.13 25.54
N GLY A 94 9.43 -0.19 24.23
CA GLY A 94 10.69 0.08 23.58
C GLY A 94 10.87 -0.78 22.36
N GLY B 1 -13.63 17.24 -10.58
CA GLY B 1 -12.85 16.94 -11.76
C GLY B 1 -11.64 17.82 -11.84
N SER B 2 -11.19 18.27 -10.70
CA SER B 2 -10.03 19.11 -10.62
C SER B 2 -8.76 18.25 -10.55
N ASP B 3 -8.67 17.46 -9.47
CA ASP B 3 -7.54 16.54 -9.20
C ASP B 3 -6.23 17.26 -9.00
N PRO B 4 -5.66 17.21 -7.79
CA PRO B 4 -4.33 17.77 -7.53
C PRO B 4 -3.26 16.80 -8.06
N GLY B 5 -3.74 15.65 -8.48
CA GLY B 5 -2.91 14.61 -8.98
C GLY B 5 -3.05 13.38 -8.11
N PRO B 6 -3.43 12.23 -8.68
CA PRO B 6 -3.53 10.97 -7.92
C PRO B 6 -2.19 10.60 -7.29
N GLU B 7 -1.11 10.89 -8.00
CA GLU B 7 0.23 10.65 -7.50
C GLU B 7 0.58 11.66 -6.42
N ALA B 8 -0.01 12.83 -6.50
CA ALA B 8 0.18 13.86 -5.50
C ALA B 8 -0.56 13.48 -4.24
N ALA B 9 -1.80 13.05 -4.40
CA ALA B 9 -2.62 12.59 -3.29
C ALA B 9 -1.93 11.41 -2.62
N ARG B 10 -1.43 10.50 -3.44
CA ARG B 10 -0.69 9.35 -2.96
C ARG B 10 0.62 9.75 -2.28
N LEU B 11 1.25 10.81 -2.74
CA LEU B 11 2.45 11.30 -2.16
C LEU B 11 2.14 11.85 -0.77
N ARG B 12 1.09 12.64 -0.68
CA ARG B 12 0.62 13.20 0.60
C ARG B 12 0.22 12.07 1.56
N PHE B 13 -0.28 11.02 0.98
CA PHE B 13 -0.71 9.83 1.67
C PHE B 13 0.49 9.05 2.24
N ARG B 14 1.51 8.81 1.43
CA ARG B 14 2.70 8.11 1.92
C ARG B 14 3.59 9.00 2.78
N CYS B 15 3.58 10.29 2.51
CA CYS B 15 4.40 11.24 3.25
C CYS B 15 3.78 11.52 4.62
N PHE B 16 2.58 10.99 4.83
CA PHE B 16 1.86 11.13 6.07
C PHE B 16 2.58 10.33 7.15
N HIS B 17 2.85 10.96 8.26
CA HIS B 17 3.49 10.28 9.35
C HIS B 17 2.44 9.98 10.39
N TYR B 18 2.54 8.86 11.04
CA TYR B 18 1.61 8.58 12.11
C TYR B 18 1.93 9.47 13.29
N GLU B 19 0.97 10.27 13.63
CA GLU B 19 1.10 11.18 14.72
C GLU B 19 0.01 10.91 15.73
N GLU B 20 0.44 10.57 16.92
CA GLU B 20 -0.44 10.25 18.03
C GLU B 20 -1.24 11.46 18.47
N ALA B 21 -0.74 12.63 18.13
CA ALA B 21 -1.37 13.89 18.46
C ALA B 21 -2.75 14.01 17.83
N THR B 22 -2.92 13.53 16.61
CA THR B 22 -4.21 13.62 15.97
C THR B 22 -5.03 12.35 16.29
N GLY B 23 -4.31 11.31 16.77
CA GLY B 23 -4.95 10.05 17.12
C GLY B 23 -5.04 9.14 15.91
N PRO B 24 -4.82 7.81 16.06
CA PRO B 24 -4.85 6.88 14.92
C PRO B 24 -6.20 6.85 14.18
N GLN B 25 -7.30 7.06 14.90
CA GLN B 25 -8.62 7.04 14.24
C GLN B 25 -8.76 8.24 13.34
N GLU B 26 -8.39 9.38 13.85
CA GLU B 26 -8.45 10.60 13.09
C GLU B 26 -7.37 10.62 12.00
N ALA B 27 -6.23 10.00 12.28
CA ALA B 27 -5.18 9.83 11.29
C ALA B 27 -5.69 8.98 10.13
N LEU B 28 -6.49 7.94 10.46
CA LEU B 28 -7.15 7.14 9.45
C LEU B 28 -8.02 7.99 8.60
N ALA B 29 -8.74 8.89 9.24
CA ALA B 29 -9.62 9.80 8.53
C ALA B 29 -8.83 10.65 7.52
N GLN B 30 -7.62 11.06 7.93
CA GLN B 30 -6.76 11.85 7.04
C GLN B 30 -6.34 10.96 5.87
N LEU B 31 -5.83 9.77 6.20
CA LEU B 31 -5.39 8.78 5.21
C LEU B 31 -6.50 8.35 4.31
N ARG B 32 -7.66 8.16 4.87
CA ARG B 32 -8.85 7.77 4.13
C ARG B 32 -9.20 8.83 3.13
N GLU B 33 -9.14 10.04 3.58
CA GLU B 33 -9.37 11.19 2.76
C GLU B 33 -8.36 11.26 1.61
N LEU B 34 -7.09 11.09 1.96
CA LEU B 34 -6.00 11.10 0.99
C LEU B 34 -6.14 9.94 0.02
N CYS B 35 -6.38 8.76 0.55
CA CYS B 35 -6.61 7.55 -0.23
C CYS B 35 -7.81 7.75 -1.17
N ARG B 36 -8.87 8.33 -0.66
CA ARG B 36 -10.03 8.56 -1.44
C ARG B 36 -9.77 9.57 -2.56
N GLN B 37 -8.96 10.57 -2.27
CA GLN B 37 -8.59 11.55 -3.29
C GLN B 37 -7.61 10.98 -4.30
N TRP B 38 -6.97 9.92 -3.89
CA TRP B 38 -6.05 9.19 -4.70
C TRP B 38 -6.75 8.23 -5.67
N LEU B 39 -7.61 7.34 -5.17
CA LEU B 39 -8.27 6.40 -6.07
C LEU B 39 -9.53 6.98 -6.66
N ARG B 40 -10.34 7.62 -5.82
CA ARG B 40 -11.63 8.19 -6.22
C ARG B 40 -12.60 7.20 -6.85
N PRO B 41 -13.27 6.35 -6.00
CA PRO B 41 -14.33 5.42 -6.43
C PRO B 41 -15.39 6.08 -7.30
N GLU B 42 -15.57 7.36 -7.05
CA GLU B 42 -16.50 8.20 -7.77
C GLU B 42 -16.20 8.21 -9.28
N VAL B 43 -14.91 8.22 -9.63
CA VAL B 43 -14.53 8.26 -11.03
C VAL B 43 -13.85 6.97 -11.48
N ARG B 44 -13.17 6.28 -10.57
CA ARG B 44 -12.48 5.06 -10.93
C ARG B 44 -13.20 3.81 -10.50
N SER B 45 -13.02 2.79 -11.28
CA SER B 45 -13.60 1.50 -11.02
C SER B 45 -12.62 0.67 -10.17
N LYS B 46 -13.06 -0.51 -9.79
CA LYS B 46 -12.34 -1.35 -8.85
C LYS B 46 -11.03 -1.84 -9.40
N GLU B 47 -11.04 -2.29 -10.64
CA GLU B 47 -9.86 -2.85 -11.27
C GLU B 47 -8.74 -1.85 -11.40
N GLN B 48 -9.10 -0.59 -11.51
CA GLN B 48 -8.13 0.48 -11.59
C GLN B 48 -7.39 0.60 -10.26
N MET B 49 -8.12 0.33 -9.18
CA MET B 49 -7.57 0.42 -7.84
C MET B 49 -6.56 -0.68 -7.61
N LEU B 50 -6.83 -1.85 -8.20
CA LEU B 50 -5.90 -2.97 -8.16
C LEU B 50 -4.56 -2.54 -8.69
N GLU B 51 -4.56 -1.95 -9.88
CA GLU B 51 -3.33 -1.51 -10.52
C GLU B 51 -2.59 -0.47 -9.68
N LEU B 52 -3.33 0.45 -9.09
CA LEU B 52 -2.76 1.48 -8.27
C LEU B 52 -2.08 0.87 -7.04
N LEU B 53 -2.76 -0.08 -6.42
CA LEU B 53 -2.27 -0.72 -5.24
C LEU B 53 -1.15 -1.76 -5.54
N VAL B 54 -1.19 -2.40 -6.71
CA VAL B 54 -0.11 -3.30 -7.13
C VAL B 54 1.21 -2.53 -7.16
N LEU B 55 1.13 -1.28 -7.62
CA LEU B 55 2.30 -0.40 -7.72
C LEU B 55 2.94 -0.24 -6.35
N GLU B 56 2.12 -0.05 -5.34
CA GLU B 56 2.56 0.16 -3.97
C GLU B 56 3.47 -0.94 -3.46
N GLN B 57 3.05 -2.17 -3.57
CA GLN B 57 3.86 -3.27 -3.11
C GLN B 57 4.99 -3.54 -4.07
N PHE B 58 4.75 -3.37 -5.37
CA PHE B 58 5.79 -3.57 -6.36
C PHE B 58 6.98 -2.68 -6.07
N LEU B 59 6.70 -1.43 -5.76
CA LEU B 59 7.75 -0.49 -5.47
C LEU B 59 8.45 -0.82 -4.18
N GLY B 60 7.72 -1.28 -3.19
CA GLY B 60 8.35 -1.63 -1.93
C GLY B 60 9.08 -2.95 -2.00
N ALA B 61 8.70 -3.79 -2.95
CA ALA B 61 9.37 -5.06 -3.17
C ALA B 61 10.76 -4.82 -3.76
N LEU B 62 10.88 -3.72 -4.51
CA LEU B 62 12.13 -3.27 -5.10
C LEU B 62 13.18 -3.02 -4.01
N PRO B 63 14.48 -3.05 -4.36
CA PRO B 63 15.52 -2.74 -3.42
C PRO B 63 15.60 -1.21 -3.20
N PRO B 64 16.25 -0.75 -2.12
CA PRO B 64 16.30 0.67 -1.73
C PRO B 64 16.65 1.64 -2.85
N GLU B 65 17.70 1.34 -3.61
CA GLU B 65 18.17 2.29 -4.62
C GLU B 65 17.20 2.36 -5.81
N ILE B 66 16.77 1.20 -6.30
CA ILE B 66 15.82 1.14 -7.40
C ILE B 66 14.50 1.78 -7.00
N GLN B 67 14.01 1.43 -5.82
CA GLN B 67 12.76 1.95 -5.30
C GLN B 67 12.80 3.47 -5.22
N ALA B 68 13.90 3.99 -4.72
CA ALA B 68 14.08 5.42 -4.54
C ALA B 68 13.98 6.17 -5.86
N ARG B 69 14.61 5.63 -6.89
CA ARG B 69 14.61 6.27 -8.20
C ARG B 69 13.19 6.38 -8.75
N VAL B 70 12.43 5.31 -8.59
CA VAL B 70 11.04 5.30 -9.01
C VAL B 70 10.21 6.21 -8.11
N GLN B 71 10.59 6.25 -6.86
CA GLN B 71 9.87 6.95 -5.82
C GLN B 71 9.85 8.46 -6.10
N GLY B 72 10.92 8.94 -6.70
CA GLY B 72 11.02 10.34 -7.05
C GLY B 72 10.21 10.69 -8.29
N GLN B 73 9.93 9.69 -9.10
CA GLN B 73 9.18 9.90 -10.33
C GLN B 73 7.70 9.72 -10.09
N ARG B 74 7.38 8.58 -9.48
CA ARG B 74 6.01 8.14 -9.24
C ARG B 74 5.20 8.10 -10.53
N PRO B 75 5.42 7.04 -11.34
CA PRO B 75 4.74 6.86 -12.64
C PRO B 75 3.22 6.76 -12.48
N GLY B 76 2.83 6.13 -11.40
CA GLY B 76 1.42 5.99 -11.07
C GLY B 76 0.83 4.71 -11.58
N SER B 77 1.57 4.02 -12.42
CA SER B 77 1.14 2.76 -12.95
C SER B 77 2.24 1.72 -12.79
N PRO B 78 1.88 0.49 -12.34
CA PRO B 78 2.84 -0.60 -12.10
C PRO B 78 3.70 -0.94 -13.32
N GLU B 79 3.10 -1.00 -14.50
CA GLU B 79 3.82 -1.37 -15.72
C GLU B 79 4.82 -0.31 -16.13
N GLU B 80 4.53 0.93 -15.81
CA GLU B 80 5.40 2.01 -16.08
C GLU B 80 6.60 1.89 -15.15
N ALA B 81 6.31 1.64 -13.85
CA ALA B 81 7.35 1.40 -12.86
C ALA B 81 8.21 0.22 -13.26
N ALA B 82 7.57 -0.83 -13.73
CA ALA B 82 8.24 -2.05 -14.18
C ALA B 82 9.20 -1.72 -15.32
N ALA B 83 8.82 -0.82 -16.15
CA ALA B 83 9.62 -0.37 -17.27
C ALA B 83 10.78 0.52 -16.81
N LEU B 84 10.57 1.25 -15.70
CA LEU B 84 11.63 2.11 -15.17
C LEU B 84 12.70 1.21 -14.57
N VAL B 85 12.25 0.27 -13.76
CA VAL B 85 13.12 -0.63 -13.03
C VAL B 85 13.83 -1.62 -13.93
N ASP B 86 13.16 -2.01 -15.03
CA ASP B 86 13.74 -2.90 -16.06
C ASP B 86 15.13 -2.42 -16.47
N GLY B 87 15.28 -1.11 -16.55
CA GLY B 87 16.55 -0.52 -16.87
C GLY B 87 17.43 -0.35 -15.63
N LEU B 88 16.83 0.16 -14.55
CA LEU B 88 17.54 0.48 -13.29
C LEU B 88 18.16 -0.76 -12.62
N ARG B 89 17.53 -1.92 -12.80
CA ARG B 89 18.04 -3.18 -12.22
C ARG B 89 19.39 -3.53 -12.79
N ARG B 90 19.62 -3.10 -13.99
CA ARG B 90 20.81 -3.40 -14.70
C ARG B 90 21.74 -2.20 -14.59
N GLU B 91 22.56 -2.22 -13.56
CA GLU B 91 23.46 -1.13 -13.17
C GLU B 91 22.68 0.13 -12.74
N PRO B 92 22.42 0.26 -11.44
CA PRO B 92 21.74 1.43 -10.89
C PRO B 92 22.69 2.61 -10.73
N GLY B 93 23.96 2.36 -10.99
CA GLY B 93 24.96 3.38 -10.88
C GLY B 93 25.39 3.59 -9.45
N GLY B 94 24.63 4.39 -8.75
CA GLY B 94 24.92 4.73 -7.40
C GLY B 94 23.68 5.28 -6.78
N GLY A 1 -14.21 -19.12 -2.30
CA GLY A 1 -13.28 -20.18 -2.70
C GLY A 1 -12.41 -20.55 -1.56
N SER A 2 -11.19 -20.96 -1.82
CA SER A 2 -10.24 -21.19 -0.77
C SER A 2 -9.57 -19.86 -0.47
N ASP A 3 -10.15 -19.11 0.44
CA ASP A 3 -9.71 -17.75 0.70
C ASP A 3 -8.97 -17.66 2.01
N PRO A 4 -7.68 -17.33 1.97
CA PRO A 4 -6.83 -17.23 3.17
C PRO A 4 -7.15 -15.98 4.02
N GLY A 5 -7.67 -14.96 3.38
CA GLY A 5 -7.99 -13.74 4.07
C GLY A 5 -7.16 -12.59 3.56
N PRO A 6 -7.64 -11.34 3.71
CA PRO A 6 -6.94 -10.15 3.19
C PRO A 6 -5.56 -9.95 3.80
N GLU A 7 -5.41 -10.28 5.09
CA GLU A 7 -4.12 -10.17 5.76
C GLU A 7 -3.11 -11.14 5.19
N ALA A 8 -3.50 -12.38 5.03
CA ALA A 8 -2.63 -13.41 4.48
C ALA A 8 -2.24 -13.08 3.04
N ALA A 9 -3.22 -12.67 2.26
CA ALA A 9 -3.00 -12.32 0.86
C ALA A 9 -2.11 -11.07 0.76
N ARG A 10 -2.40 -10.07 1.59
CA ARG A 10 -1.60 -8.86 1.61
C ARG A 10 -0.17 -9.15 2.08
N LEU A 11 -0.03 -10.10 2.98
CA LEU A 11 1.22 -10.50 3.51
C LEU A 11 2.09 -11.06 2.39
N ARG A 12 1.52 -11.95 1.58
CA ARG A 12 2.23 -12.53 0.42
C ARG A 12 2.72 -11.42 -0.50
N PHE A 13 1.82 -10.51 -0.76
CA PHE A 13 2.01 -9.38 -1.63
C PHE A 13 3.10 -8.42 -1.11
N ARG A 14 3.09 -8.13 0.18
CA ARG A 14 4.08 -7.22 0.77
C ARG A 14 5.43 -7.88 0.98
N CYS A 15 5.42 -9.18 1.16
CA CYS A 15 6.67 -9.90 1.36
C CYS A 15 7.29 -10.27 0.02
N PHE A 16 6.57 -9.98 -1.06
CA PHE A 16 7.05 -10.21 -2.39
C PHE A 16 8.25 -9.34 -2.64
N HIS A 17 9.36 -9.95 -2.91
CA HIS A 17 10.55 -9.18 -3.16
C HIS A 17 10.69 -9.03 -4.65
N TYR A 18 11.16 -7.89 -5.09
CA TYR A 18 11.38 -7.73 -6.49
C TYR A 18 12.62 -8.49 -6.89
N GLU A 19 12.42 -9.43 -7.72
CA GLU A 19 13.44 -10.27 -8.23
C GLU A 19 13.59 -10.04 -9.70
N GLU A 20 14.77 -9.71 -10.09
CA GLU A 20 15.07 -9.35 -11.44
C GLU A 20 15.00 -10.59 -12.36
N ALA A 21 15.21 -11.75 -11.77
CA ALA A 21 15.20 -13.02 -12.48
C ALA A 21 13.82 -13.37 -13.03
N THR A 22 12.76 -12.93 -12.36
CA THR A 22 11.43 -13.24 -12.83
C THR A 22 11.00 -12.14 -13.83
N GLY A 23 11.71 -11.02 -13.79
CA GLY A 23 11.39 -9.88 -14.62
C GLY A 23 10.27 -9.06 -14.01
N PRO A 24 10.25 -7.73 -14.20
CA PRO A 24 9.23 -6.88 -13.59
C PRO A 24 7.85 -7.14 -14.14
N GLN A 25 7.77 -7.54 -15.41
CA GLN A 25 6.55 -7.76 -16.08
C GLN A 25 5.84 -8.93 -15.40
N GLU A 26 6.60 -9.98 -15.16
CA GLU A 26 6.10 -11.18 -14.52
C GLU A 26 5.88 -10.95 -13.03
N ALA A 27 6.71 -10.11 -12.43
CA ALA A 27 6.52 -9.70 -11.05
C ALA A 27 5.14 -9.07 -10.90
N LEU A 28 4.77 -8.23 -11.88
CA LEU A 28 3.45 -7.62 -11.91
C LEU A 28 2.35 -8.65 -12.01
N ALA A 29 2.54 -9.66 -12.85
CA ALA A 29 1.55 -10.73 -13.02
C ALA A 29 1.28 -11.42 -11.69
N GLN A 30 2.32 -11.57 -10.91
CA GLN A 30 2.25 -12.13 -9.60
C GLN A 30 1.61 -11.16 -8.60
N LEU A 31 2.08 -9.92 -8.61
CA LEU A 31 1.56 -8.86 -7.74
C LEU A 31 0.09 -8.55 -7.97
N ARG A 32 -0.31 -8.43 -9.22
CA ARG A 32 -1.71 -8.12 -9.51
C ARG A 32 -2.64 -9.24 -9.10
N GLU A 33 -2.13 -10.45 -9.13
CA GLU A 33 -2.87 -11.61 -8.66
C GLU A 33 -2.98 -11.56 -7.13
N LEU A 34 -1.84 -11.37 -6.47
CA LEU A 34 -1.79 -11.32 -5.01
C LEU A 34 -2.58 -10.15 -4.46
N CYS A 35 -2.45 -9.00 -5.10
CA CYS A 35 -3.21 -7.84 -4.72
C CYS A 35 -4.71 -8.10 -4.95
N ARG A 36 -5.01 -8.89 -5.98
CA ARG A 36 -6.34 -9.24 -6.28
C ARG A 36 -6.89 -10.23 -5.25
N GLN A 37 -6.06 -11.16 -4.79
CA GLN A 37 -6.44 -12.10 -3.74
C GLN A 37 -6.78 -11.34 -2.47
N TRP A 38 -6.09 -10.25 -2.29
CA TRP A 38 -6.27 -9.37 -1.18
C TRP A 38 -7.49 -8.43 -1.33
N LEU A 39 -7.52 -7.60 -2.38
CA LEU A 39 -8.61 -6.64 -2.54
C LEU A 39 -9.91 -7.35 -2.97
N ARG A 40 -9.78 -8.24 -3.95
CA ARG A 40 -10.89 -8.99 -4.54
C ARG A 40 -11.93 -8.08 -5.20
N PRO A 41 -11.61 -7.56 -6.40
CA PRO A 41 -12.47 -6.61 -7.12
C PRO A 41 -13.73 -7.22 -7.68
N GLU A 42 -13.72 -8.52 -7.90
CA GLU A 42 -14.86 -9.19 -8.48
C GLU A 42 -15.96 -9.45 -7.48
N VAL A 43 -15.63 -9.38 -6.19
CA VAL A 43 -16.62 -9.62 -5.16
C VAL A 43 -16.82 -8.38 -4.27
N ARG A 44 -15.79 -7.58 -4.10
CA ARG A 44 -15.90 -6.38 -3.26
C ARG A 44 -16.02 -5.13 -4.10
N SER A 45 -16.27 -4.03 -3.43
CA SER A 45 -16.44 -2.77 -4.07
C SER A 45 -15.25 -1.84 -3.73
N LYS A 46 -15.25 -0.67 -4.33
CA LYS A 46 -14.20 0.35 -4.16
C LYS A 46 -13.93 0.68 -2.68
N GLU A 47 -15.00 0.82 -1.93
CA GLU A 47 -14.93 1.24 -0.53
C GLU A 47 -14.15 0.28 0.35
N GLN A 48 -14.20 -1.01 0.03
CA GLN A 48 -13.43 -1.99 0.77
C GLN A 48 -11.95 -1.83 0.46
N MET A 49 -11.65 -1.38 -0.74
CA MET A 49 -10.28 -1.19 -1.17
C MET A 49 -9.66 0.00 -0.49
N LEU A 50 -10.43 1.10 -0.40
CA LEU A 50 -10.00 2.26 0.40
C LEU A 50 -9.70 1.80 1.81
N GLU A 51 -10.64 1.06 2.39
CA GLU A 51 -10.52 0.54 3.73
C GLU A 51 -9.23 -0.27 3.93
N LEU A 52 -8.98 -1.22 3.03
CA LEU A 52 -7.80 -2.05 3.09
C LEU A 52 -6.52 -1.27 2.90
N LEU A 53 -6.52 -0.37 1.93
CA LEU A 53 -5.36 0.39 1.63
C LEU A 53 -5.07 1.49 2.69
N VAL A 54 -6.09 2.01 3.33
CA VAL A 54 -5.91 2.92 4.46
C VAL A 54 -5.27 2.16 5.60
N LEU A 55 -5.76 0.95 5.84
CA LEU A 55 -5.24 0.04 6.86
C LEU A 55 -3.75 -0.20 6.63
N GLU A 56 -3.38 -0.33 5.37
CA GLU A 56 -2.00 -0.59 4.96
C GLU A 56 -1.07 0.51 5.48
N GLN A 57 -1.42 1.75 5.19
CA GLN A 57 -0.60 2.87 5.59
C GLN A 57 -0.70 3.09 7.06
N PHE A 58 -1.90 2.98 7.60
CA PHE A 58 -2.11 3.17 9.02
C PHE A 58 -1.24 2.24 9.85
N LEU A 59 -1.25 0.97 9.50
CA LEU A 59 -0.50 -0.01 10.25
C LEU A 59 0.99 0.22 10.13
N GLY A 60 1.45 0.63 8.96
CA GLY A 60 2.87 0.88 8.78
C GLY A 60 3.28 2.23 9.31
N ALA A 61 2.32 3.13 9.50
CA ALA A 61 2.58 4.44 10.05
C ALA A 61 2.82 4.33 11.55
N LEU A 62 2.23 3.30 12.16
CA LEU A 62 2.42 2.98 13.56
C LEU A 62 3.90 2.70 13.81
N PRO A 63 4.41 2.94 15.03
CA PRO A 63 5.78 2.61 15.36
C PRO A 63 5.93 1.11 15.32
N PRO A 64 7.08 0.57 14.87
CA PRO A 64 7.33 -0.88 14.75
C PRO A 64 6.83 -1.68 15.97
N GLU A 65 7.08 -1.13 17.13
CA GLU A 65 6.66 -1.72 18.40
C GLU A 65 5.13 -1.91 18.51
N ILE A 66 4.37 -0.86 18.19
CA ILE A 66 2.90 -0.93 18.20
C ILE A 66 2.42 -1.74 17.00
N GLN A 67 3.07 -1.52 15.88
CA GLN A 67 2.75 -2.17 14.63
C GLN A 67 2.84 -3.69 14.73
N ALA A 68 3.89 -4.17 15.39
CA ALA A 68 4.08 -5.59 15.56
C ALA A 68 2.99 -6.21 16.44
N ARG A 69 2.52 -5.46 17.42
CA ARG A 69 1.44 -5.93 18.31
C ARG A 69 0.18 -6.16 17.51
N VAL A 70 -0.07 -5.29 16.54
CA VAL A 70 -1.19 -5.40 15.63
C VAL A 70 -1.15 -6.71 14.90
N GLN A 71 0.01 -7.02 14.39
CA GLN A 71 0.18 -8.16 13.53
C GLN A 71 -0.13 -9.46 14.28
N GLY A 72 0.07 -9.44 15.59
CA GLY A 72 -0.24 -10.59 16.41
C GLY A 72 -1.74 -10.83 16.55
N GLN A 73 -2.55 -9.80 16.32
CA GLN A 73 -4.00 -9.95 16.45
C GLN A 73 -4.67 -9.96 15.08
N ARG A 74 -4.22 -9.04 14.21
CA ARG A 74 -4.77 -8.80 12.87
C ARG A 74 -6.22 -8.29 12.96
N PRO A 75 -6.40 -6.96 13.10
CA PRO A 75 -7.75 -6.33 13.19
C PRO A 75 -8.62 -6.55 11.95
N GLY A 76 -8.02 -6.39 10.79
CA GLY A 76 -8.72 -6.57 9.53
C GLY A 76 -9.32 -5.28 8.99
N SER A 77 -9.32 -4.24 9.79
CA SER A 77 -9.83 -2.96 9.38
C SER A 77 -9.16 -1.83 10.18
N PRO A 78 -8.99 -0.63 9.57
CA PRO A 78 -8.27 0.49 10.20
C PRO A 78 -8.84 0.96 11.54
N GLU A 79 -10.15 1.10 11.63
CA GLU A 79 -10.80 1.59 12.86
C GLU A 79 -10.73 0.53 13.96
N GLU A 80 -10.69 -0.73 13.56
CA GLU A 80 -10.52 -1.83 14.47
C GLU A 80 -9.09 -1.77 15.02
N ALA A 81 -8.13 -1.51 14.11
CA ALA A 81 -6.73 -1.35 14.47
C ALA A 81 -6.55 -0.20 15.45
N ALA A 82 -7.28 0.88 15.20
CA ALA A 82 -7.27 2.06 16.04
C ALA A 82 -7.58 1.72 17.49
N ALA A 83 -8.51 0.84 17.67
CA ALA A 83 -8.96 0.39 18.97
C ALA A 83 -7.84 -0.31 19.76
N LEU A 84 -7.03 -1.16 19.10
CA LEU A 84 -5.92 -1.78 19.81
C LEU A 84 -4.78 -0.83 20.02
N VAL A 85 -4.45 -0.07 18.99
CA VAL A 85 -3.31 0.85 19.08
C VAL A 85 -3.52 1.91 20.15
N ASP A 86 -4.77 2.31 20.33
CA ASP A 86 -5.18 3.24 21.37
C ASP A 86 -4.75 2.72 22.74
N GLY A 87 -4.93 1.42 22.92
CA GLY A 87 -4.60 0.77 24.17
C GLY A 87 -3.13 0.39 24.28
N LEU A 88 -2.42 0.37 23.17
CA LEU A 88 -1.01 -0.02 23.15
C LEU A 88 -0.10 1.17 23.47
N ARG A 89 -0.70 2.35 23.53
CA ARG A 89 -0.01 3.62 23.74
C ARG A 89 0.66 3.81 25.13
N ARG A 90 0.89 2.74 25.85
CA ARG A 90 1.61 2.84 27.12
C ARG A 90 2.72 1.83 27.22
N GLU A 91 3.01 1.16 26.12
CA GLU A 91 4.11 0.24 26.08
C GLU A 91 5.14 0.76 25.06
N PRO A 92 6.04 1.65 25.50
CA PRO A 92 7.01 2.27 24.63
C PRO A 92 8.31 1.47 24.57
N GLY A 93 8.66 1.04 23.39
CA GLY A 93 9.87 0.30 23.20
C GLY A 93 11.04 1.23 22.95
N GLY A 94 10.78 2.28 22.23
CA GLY A 94 11.78 3.28 21.93
C GLY A 94 11.18 4.66 21.85
N GLY B 1 -13.83 16.91 -8.04
CA GLY B 1 -13.13 16.03 -8.94
C GLY B 1 -11.89 16.69 -9.50
N SER B 2 -11.38 17.63 -8.76
CA SER B 2 -10.20 18.36 -9.14
C SER B 2 -8.98 17.45 -8.96
N ASP B 3 -7.98 17.62 -9.80
CA ASP B 3 -6.79 16.78 -9.74
C ASP B 3 -5.64 17.50 -9.08
N PRO B 4 -5.34 17.18 -7.82
CA PRO B 4 -4.16 17.72 -7.15
C PRO B 4 -2.95 16.87 -7.49
N GLY B 5 -3.22 15.82 -8.22
CA GLY B 5 -2.24 14.85 -8.54
C GLY B 5 -2.41 13.66 -7.65
N PRO B 6 -3.00 12.56 -8.14
CA PRO B 6 -3.23 11.35 -7.33
C PRO B 6 -1.92 10.78 -6.80
N GLU B 7 -0.85 10.92 -7.57
CA GLU B 7 0.45 10.48 -7.14
C GLU B 7 0.93 11.33 -5.96
N ALA B 8 0.67 12.63 -6.04
CA ALA B 8 0.98 13.57 -4.97
C ALA B 8 0.12 13.27 -3.75
N ALA B 9 -1.13 12.91 -4.00
CA ALA B 9 -2.06 12.53 -2.96
C ALA B 9 -1.53 11.33 -2.20
N ARG B 10 -1.04 10.35 -2.95
CA ARG B 10 -0.48 9.15 -2.36
C ARG B 10 0.75 9.51 -1.54
N LEU B 11 1.52 10.49 -2.01
CA LEU B 11 2.69 10.93 -1.38
C LEU B 11 2.35 11.56 -0.02
N ARG B 12 1.31 12.40 0.01
CA ARG B 12 0.86 13.04 1.25
C ARG B 12 0.42 11.96 2.25
N PHE B 13 -0.23 10.95 1.71
CA PHE B 13 -0.71 9.79 2.43
C PHE B 13 0.47 8.96 2.98
N ARG B 14 1.47 8.70 2.16
CA ARG B 14 2.68 7.98 2.56
C ARG B 14 3.55 8.76 3.55
N CYS B 15 3.51 10.07 3.48
CA CYS B 15 4.30 10.90 4.37
C CYS B 15 3.64 11.06 5.72
N PHE B 16 2.40 10.64 5.81
CA PHE B 16 1.67 10.75 7.04
C PHE B 16 2.25 9.83 8.10
N HIS B 17 2.70 10.40 9.19
CA HIS B 17 3.22 9.61 10.30
C HIS B 17 2.09 9.35 11.25
N TYR B 18 2.05 8.21 11.85
CA TYR B 18 1.06 8.00 12.86
C TYR B 18 1.49 8.72 14.09
N GLU B 19 0.71 9.65 14.48
CA GLU B 19 0.98 10.41 15.63
C GLU B 19 -0.08 10.19 16.65
N GLU B 20 0.35 9.85 17.83
CA GLU B 20 -0.54 9.56 18.92
C GLU B 20 -1.32 10.79 19.35
N ALA B 21 -0.74 11.96 19.12
CA ALA B 21 -1.37 13.22 19.47
C ALA B 21 -2.68 13.44 18.75
N THR B 22 -2.78 12.98 17.50
CA THR B 22 -3.99 13.23 16.76
C THR B 22 -4.97 12.06 17.00
N GLY B 23 -4.47 10.94 17.50
CA GLY B 23 -5.31 9.77 17.75
C GLY B 23 -5.44 8.92 16.48
N PRO B 24 -5.56 7.59 16.58
CA PRO B 24 -5.58 6.72 15.41
C PRO B 24 -6.76 6.98 14.49
N GLN B 25 -7.93 7.19 15.05
CA GLN B 25 -9.12 7.39 14.25
C GLN B 25 -9.21 8.76 13.60
N GLU B 26 -8.61 9.73 14.23
CA GLU B 26 -8.52 11.05 13.62
C GLU B 26 -7.46 11.01 12.52
N ALA B 27 -6.44 10.19 12.75
CA ALA B 27 -5.43 9.93 11.75
C ALA B 27 -6.06 9.20 10.56
N LEU B 28 -6.96 8.27 10.87
CA LEU B 28 -7.68 7.50 9.87
C LEU B 28 -8.52 8.38 8.99
N ALA B 29 -9.18 9.37 9.58
CA ALA B 29 -10.00 10.31 8.81
C ALA B 29 -9.15 10.96 7.75
N GLN B 30 -7.99 11.43 8.17
CA GLN B 30 -7.02 12.02 7.30
C GLN B 30 -6.51 11.04 6.27
N LEU B 31 -6.13 9.85 6.73
CA LEU B 31 -5.66 8.79 5.85
C LEU B 31 -6.67 8.37 4.80
N ARG B 32 -7.92 8.17 5.20
CA ARG B 32 -8.93 7.81 4.23
C ARG B 32 -9.29 8.95 3.31
N GLU B 33 -9.18 10.16 3.83
CA GLU B 33 -9.35 11.35 3.01
C GLU B 33 -8.26 11.41 1.94
N LEU B 34 -7.02 11.24 2.36
CA LEU B 34 -5.86 11.29 1.47
C LEU B 34 -5.84 10.13 0.51
N CYS B 35 -6.14 8.94 1.03
CA CYS B 35 -6.20 7.75 0.21
C CYS B 35 -7.29 7.91 -0.83
N ARG B 36 -8.41 8.52 -0.43
CA ARG B 36 -9.49 8.84 -1.34
C ARG B 36 -9.02 9.75 -2.47
N GLN B 37 -8.19 10.74 -2.19
CA GLN B 37 -7.75 11.69 -3.25
C GLN B 37 -6.86 10.97 -4.27
N TRP B 38 -6.33 9.87 -3.85
CA TRP B 38 -5.46 9.05 -4.64
C TRP B 38 -6.21 7.93 -5.39
N LEU B 39 -7.02 7.15 -4.69
CA LEU B 39 -7.77 6.06 -5.31
C LEU B 39 -9.01 6.59 -6.03
N ARG B 40 -9.68 7.54 -5.38
CA ARG B 40 -10.92 8.16 -5.88
C ARG B 40 -12.00 7.15 -6.26
N PRO B 41 -12.71 6.65 -5.24
CA PRO B 41 -13.73 5.60 -5.41
C PRO B 41 -14.94 6.02 -6.23
N GLU B 42 -15.21 7.29 -6.28
CA GLU B 42 -16.35 7.77 -7.00
C GLU B 42 -16.09 7.86 -8.51
N VAL B 43 -14.90 8.31 -8.88
CA VAL B 43 -14.56 8.46 -10.31
C VAL B 43 -13.79 7.26 -10.86
N ARG B 44 -13.02 6.61 -10.03
CA ARG B 44 -12.26 5.44 -10.47
C ARG B 44 -12.94 4.16 -10.05
N SER B 45 -12.69 3.12 -10.80
CA SER B 45 -13.29 1.84 -10.56
C SER B 45 -12.32 0.93 -9.81
N LYS B 46 -12.83 -0.23 -9.35
CA LYS B 46 -12.03 -1.22 -8.58
C LYS B 46 -10.72 -1.55 -9.31
N GLU B 47 -10.84 -1.70 -10.60
CA GLU B 47 -9.72 -2.08 -11.47
C GLU B 47 -8.54 -1.09 -11.39
N GLN B 48 -8.82 0.18 -11.16
CA GLN B 48 -7.77 1.17 -11.01
C GLN B 48 -7.05 0.96 -9.69
N MET B 49 -7.83 0.62 -8.68
CA MET B 49 -7.32 0.45 -7.32
C MET B 49 -6.33 -0.67 -7.23
N LEU B 50 -6.66 -1.82 -7.83
CA LEU B 50 -5.73 -2.95 -7.94
C LEU B 50 -4.43 -2.48 -8.57
N GLU B 51 -4.56 -1.84 -9.72
CA GLU B 51 -3.42 -1.38 -10.47
C GLU B 51 -2.57 -0.37 -9.68
N LEU B 52 -3.22 0.58 -9.02
CA LEU B 52 -2.54 1.56 -8.20
C LEU B 52 -1.80 0.89 -7.06
N LEU B 53 -2.44 -0.06 -6.43
CA LEU B 53 -1.86 -0.75 -5.34
C LEU B 53 -0.75 -1.71 -5.79
N VAL B 54 -0.87 -2.27 -6.98
CA VAL B 54 0.20 -3.07 -7.56
C VAL B 54 1.41 -2.19 -7.79
N LEU B 55 1.17 -0.99 -8.31
CA LEU B 55 2.22 0.01 -8.53
C LEU B 55 2.90 0.31 -7.20
N GLU B 56 2.09 0.49 -6.18
CA GLU B 56 2.52 0.77 -4.81
C GLU B 56 3.56 -0.26 -4.32
N GLN B 57 3.23 -1.52 -4.43
CA GLN B 57 4.16 -2.56 -4.00
C GLN B 57 5.31 -2.72 -4.96
N PHE B 58 5.02 -2.70 -6.24
CA PHE B 58 6.03 -2.90 -7.25
C PHE B 58 7.16 -1.89 -7.11
N LEU B 59 6.79 -0.63 -6.97
CA LEU B 59 7.77 0.43 -6.85
C LEU B 59 8.58 0.32 -5.58
N GLY B 60 7.94 -0.10 -4.50
CA GLY B 60 8.66 -0.22 -3.24
C GLY B 60 9.47 -1.50 -3.15
N ALA B 61 9.07 -2.51 -3.91
CA ALA B 61 9.78 -3.78 -3.96
C ALA B 61 11.11 -3.60 -4.68
N LEU B 62 11.15 -2.64 -5.59
CA LEU B 62 12.36 -2.26 -6.28
C LEU B 62 13.39 -1.80 -5.24
N PRO B 63 14.69 -2.04 -5.49
CA PRO B 63 15.71 -1.63 -4.57
C PRO B 63 15.88 -0.12 -4.63
N PRO B 64 16.31 0.50 -3.50
CA PRO B 64 16.50 1.95 -3.34
C PRO B 64 16.88 2.72 -4.62
N GLU B 65 17.92 2.28 -5.34
CA GLU B 65 18.35 3.01 -6.52
C GLU B 65 17.37 2.91 -7.67
N ILE B 66 16.90 1.70 -7.98
CA ILE B 66 15.97 1.52 -9.08
C ILE B 66 14.64 2.22 -8.75
N GLN B 67 14.26 2.12 -7.50
CA GLN B 67 13.06 2.75 -7.01
C GLN B 67 13.18 4.27 -7.12
N ALA B 68 14.36 4.78 -6.81
CA ALA B 68 14.64 6.21 -6.87
C ALA B 68 14.58 6.74 -8.31
N ARG B 69 15.00 5.90 -9.27
CA ARG B 69 14.98 6.28 -10.70
C ARG B 69 13.55 6.62 -11.11
N VAL B 70 12.63 5.75 -10.70
CA VAL B 70 11.21 5.87 -10.99
C VAL B 70 10.64 7.18 -10.52
N GLN B 71 11.01 7.55 -9.32
CA GLN B 71 10.45 8.70 -8.65
C GLN B 71 10.65 9.98 -9.49
N GLY B 72 11.76 10.04 -10.20
CA GLY B 72 12.05 11.20 -11.01
C GLY B 72 11.30 11.21 -12.35
N GLN B 73 10.79 10.07 -12.75
CA GLN B 73 10.09 9.97 -14.03
C GLN B 73 8.59 9.91 -13.87
N ARG B 74 8.14 9.05 -12.97
CA ARG B 74 6.70 8.77 -12.73
C ARG B 74 6.08 8.10 -13.97
N PRO B 75 6.17 6.76 -14.07
CA PRO B 75 5.57 6.00 -15.18
C PRO B 75 4.05 6.18 -15.25
N GLY B 76 3.42 6.21 -14.08
CA GLY B 76 1.98 6.39 -13.99
C GLY B 76 1.22 5.08 -13.98
N SER B 77 1.92 4.01 -14.28
CA SER B 77 1.34 2.70 -14.30
C SER B 77 2.41 1.65 -13.98
N PRO B 78 2.03 0.55 -13.29
CA PRO B 78 2.97 -0.52 -12.93
C PRO B 78 3.64 -1.13 -14.16
N GLU B 79 2.88 -1.29 -15.22
CA GLU B 79 3.37 -1.90 -16.43
C GLU B 79 4.38 -1.02 -17.14
N GLU B 80 4.21 0.29 -17.03
CA GLU B 80 5.18 1.22 -17.57
C GLU B 80 6.42 1.20 -16.67
N ALA B 81 6.21 1.13 -15.35
CA ALA B 81 7.31 1.01 -14.40
C ALA B 81 8.17 -0.20 -14.75
N ALA B 82 7.52 -1.31 -15.06
CA ALA B 82 8.18 -2.56 -15.45
C ALA B 82 9.07 -2.36 -16.69
N ALA B 83 8.67 -1.45 -17.53
CA ALA B 83 9.38 -1.14 -18.74
C ALA B 83 10.68 -0.39 -18.46
N LEU B 84 10.63 0.69 -17.66
CA LEU B 84 11.86 1.40 -17.36
C LEU B 84 12.81 0.59 -16.51
N VAL B 85 12.27 -0.09 -15.49
CA VAL B 85 13.11 -0.86 -14.57
C VAL B 85 13.88 -1.98 -15.24
N ASP B 86 13.29 -2.56 -16.28
CA ASP B 86 13.95 -3.62 -17.04
C ASP B 86 15.24 -3.07 -17.65
N GLY B 87 15.18 -1.84 -18.12
CA GLY B 87 16.33 -1.19 -18.72
C GLY B 87 17.25 -0.56 -17.68
N LEU B 88 16.67 -0.22 -16.52
CA LEU B 88 17.44 0.35 -15.41
C LEU B 88 18.41 -0.66 -14.85
N ARG B 89 18.09 -1.93 -15.09
CA ARG B 89 18.97 -3.02 -14.75
C ARG B 89 20.22 -2.95 -15.61
N ARG B 90 21.23 -2.30 -15.08
CA ARG B 90 22.48 -2.05 -15.74
C ARG B 90 23.38 -1.27 -14.83
N GLU B 91 22.78 -0.43 -14.01
CA GLU B 91 23.53 0.45 -13.16
C GLU B 91 22.84 0.66 -11.82
N PRO B 92 23.19 -0.14 -10.83
CA PRO B 92 22.68 0.01 -9.50
C PRO B 92 23.67 0.80 -8.65
N GLY B 93 23.40 0.90 -7.38
CA GLY B 93 24.29 1.55 -6.48
C GLY B 93 24.76 0.58 -5.43
N GLY B 94 23.86 -0.26 -5.01
CA GLY B 94 24.16 -1.25 -4.03
C GLY B 94 22.90 -1.84 -3.52
N GLY A 1 -12.14 -20.97 -3.78
CA GLY A 1 -11.36 -21.48 -2.64
C GLY A 1 -9.88 -21.16 -2.70
N SER A 2 -9.42 -20.59 -3.81
CA SER A 2 -8.02 -20.29 -3.94
C SER A 2 -7.65 -18.94 -3.32
N ASP A 3 -7.48 -18.95 -2.01
CA ASP A 3 -7.07 -17.78 -1.24
C ASP A 3 -6.85 -18.20 0.19
N PRO A 4 -5.98 -17.51 0.91
CA PRO A 4 -5.74 -17.78 2.32
C PRO A 4 -6.48 -16.76 3.21
N GLY A 5 -7.49 -16.12 2.66
CA GLY A 5 -8.19 -15.08 3.36
C GLY A 5 -7.61 -13.72 2.99
N PRO A 6 -8.46 -12.67 2.82
CA PRO A 6 -7.99 -11.31 2.40
C PRO A 6 -6.86 -10.74 3.27
N GLU A 7 -6.90 -11.04 4.57
CA GLU A 7 -5.87 -10.57 5.48
C GLU A 7 -4.54 -11.23 5.16
N ALA A 8 -4.57 -12.55 4.95
CA ALA A 8 -3.38 -13.30 4.63
C ALA A 8 -2.94 -13.06 3.19
N ALA A 9 -3.92 -12.71 2.35
CA ALA A 9 -3.65 -12.35 0.97
C ALA A 9 -2.79 -11.09 0.94
N ARG A 10 -3.20 -10.08 1.71
CA ARG A 10 -2.42 -8.85 1.81
C ARG A 10 -1.07 -9.14 2.45
N LEU A 11 -1.06 -10.08 3.39
CA LEU A 11 0.12 -10.48 4.07
C LEU A 11 1.15 -11.02 3.08
N ARG A 12 0.74 -11.96 2.23
CA ARG A 12 1.63 -12.51 1.21
C ARG A 12 2.06 -11.44 0.22
N PHE A 13 1.13 -10.56 -0.09
CA PHE A 13 1.36 -9.45 -1.00
C PHE A 13 2.41 -8.48 -0.43
N ARG A 14 2.40 -8.28 0.88
CA ARG A 14 3.38 -7.42 1.54
C ARG A 14 4.61 -8.18 1.99
N CYS A 15 4.55 -9.47 1.91
CA CYS A 15 5.68 -10.28 2.27
C CYS A 15 6.47 -10.60 1.00
N PHE A 16 5.93 -10.16 -0.13
CA PHE A 16 6.54 -10.32 -1.42
C PHE A 16 7.73 -9.40 -1.51
N HIS A 17 8.86 -9.94 -1.91
CA HIS A 17 10.03 -9.13 -2.07
C HIS A 17 10.25 -8.93 -3.55
N TYR A 18 10.69 -7.77 -3.95
CA TYR A 18 10.99 -7.58 -5.34
C TYR A 18 12.21 -8.37 -5.69
N GLU A 19 12.03 -9.27 -6.59
CA GLU A 19 13.06 -10.14 -7.04
C GLU A 19 13.29 -9.97 -8.53
N GLU A 20 14.42 -9.42 -8.85
CA GLU A 20 14.82 -9.14 -10.22
C GLU A 20 14.85 -10.43 -11.03
N ALA A 21 15.10 -11.52 -10.33
CA ALA A 21 15.16 -12.85 -10.91
C ALA A 21 13.83 -13.28 -11.55
N THR A 22 12.72 -12.77 -11.03
CA THR A 22 11.43 -13.15 -11.58
C THR A 22 11.01 -12.13 -12.65
N GLY A 23 11.65 -10.97 -12.64
CA GLY A 23 11.29 -9.89 -13.55
C GLY A 23 10.23 -9.01 -12.92
N PRO A 24 10.08 -7.74 -13.29
CA PRO A 24 9.16 -6.89 -12.60
C PRO A 24 7.73 -7.15 -13.01
N GLN A 25 7.56 -7.50 -14.25
CA GLN A 25 6.31 -7.67 -14.84
C GLN A 25 5.71 -9.02 -14.42
N GLU A 26 6.58 -10.02 -14.23
CA GLU A 26 6.14 -11.29 -13.71
C GLU A 26 5.78 -11.14 -12.24
N ALA A 27 6.51 -10.28 -11.55
CA ALA A 27 6.20 -9.94 -10.17
C ALA A 27 4.84 -9.28 -10.12
N LEU A 28 4.61 -8.36 -11.05
CA LEU A 28 3.31 -7.68 -11.18
C LEU A 28 2.18 -8.64 -11.35
N ALA A 29 2.35 -9.65 -12.20
CA ALA A 29 1.32 -10.67 -12.43
C ALA A 29 0.93 -11.34 -11.11
N GLN A 30 1.93 -11.68 -10.34
CA GLN A 30 1.77 -12.31 -9.05
C GLN A 30 1.14 -11.34 -8.04
N LEU A 31 1.66 -10.14 -8.00
CA LEU A 31 1.15 -9.08 -7.13
C LEU A 31 -0.28 -8.74 -7.45
N ARG A 32 -0.59 -8.65 -8.73
CA ARG A 32 -1.93 -8.38 -9.21
C ARG A 32 -2.88 -9.45 -8.71
N GLU A 33 -2.43 -10.68 -8.82
CA GLU A 33 -3.17 -11.83 -8.37
C GLU A 33 -3.40 -11.76 -6.85
N LEU A 34 -2.33 -11.54 -6.11
CA LEU A 34 -2.39 -11.45 -4.65
C LEU A 34 -3.24 -10.28 -4.20
N CYS A 35 -3.09 -9.16 -4.88
CA CYS A 35 -3.83 -7.96 -4.58
C CYS A 35 -5.32 -8.18 -4.87
N ARG A 36 -5.60 -8.84 -5.99
CA ARG A 36 -6.95 -9.17 -6.34
C ARG A 36 -7.61 -10.15 -5.36
N GLN A 37 -6.82 -11.06 -4.78
CA GLN A 37 -7.34 -11.97 -3.75
C GLN A 37 -7.78 -11.22 -2.51
N TRP A 38 -7.10 -10.12 -2.29
CA TRP A 38 -7.29 -9.26 -1.16
C TRP A 38 -8.40 -8.20 -1.39
N LEU A 39 -8.31 -7.44 -2.47
CA LEU A 39 -9.29 -6.38 -2.74
C LEU A 39 -10.60 -6.95 -3.26
N ARG A 40 -10.50 -7.95 -4.15
CA ARG A 40 -11.66 -8.58 -4.80
C ARG A 40 -12.65 -7.61 -5.42
N PRO A 41 -12.34 -7.09 -6.62
CA PRO A 41 -13.21 -6.11 -7.30
C PRO A 41 -14.59 -6.66 -7.64
N GLU A 42 -14.65 -7.96 -7.82
CA GLU A 42 -15.90 -8.61 -8.19
C GLU A 42 -16.81 -8.80 -6.98
N VAL A 43 -16.20 -8.81 -5.79
CA VAL A 43 -16.93 -9.09 -4.59
C VAL A 43 -17.07 -7.84 -3.73
N ARG A 44 -16.10 -6.97 -3.79
CA ARG A 44 -16.10 -5.78 -2.98
C ARG A 44 -16.25 -4.53 -3.81
N SER A 45 -16.79 -3.55 -3.18
CA SER A 45 -17.05 -2.28 -3.78
C SER A 45 -15.81 -1.40 -3.67
N LYS A 46 -15.74 -0.38 -4.51
CA LYS A 46 -14.65 0.58 -4.52
C LYS A 46 -14.43 1.19 -3.15
N GLU A 47 -15.54 1.45 -2.48
CA GLU A 47 -15.55 2.10 -1.15
C GLU A 47 -14.70 1.31 -0.17
N GLN A 48 -14.80 0.00 -0.26
CA GLN A 48 -14.11 -0.92 0.62
C GLN A 48 -12.60 -0.93 0.34
N MET A 49 -12.22 -0.70 -0.90
CA MET A 49 -10.81 -0.68 -1.28
C MET A 49 -10.07 0.44 -0.59
N LEU A 50 -10.72 1.59 -0.47
CA LEU A 50 -10.19 2.71 0.30
C LEU A 50 -9.86 2.25 1.71
N GLU A 51 -10.85 1.63 2.36
CA GLU A 51 -10.71 1.15 3.71
C GLU A 51 -9.51 0.21 3.86
N LEU A 52 -9.40 -0.75 2.97
CA LEU A 52 -8.32 -1.71 2.99
C LEU A 52 -6.98 -1.01 2.81
N LEU A 53 -6.93 -0.08 1.89
CA LEU A 53 -5.74 0.63 1.61
C LEU A 53 -5.36 1.64 2.73
N VAL A 54 -6.35 2.20 3.41
CA VAL A 54 -6.08 3.06 4.56
C VAL A 54 -5.33 2.26 5.62
N LEU A 55 -5.80 1.04 5.85
CA LEU A 55 -5.16 0.10 6.78
C LEU A 55 -3.74 -0.19 6.35
N GLU A 56 -3.58 -0.36 5.06
CA GLU A 56 -2.31 -0.69 4.45
C GLU A 56 -1.25 0.35 4.81
N GLN A 57 -1.56 1.61 4.57
CA GLN A 57 -0.61 2.65 4.83
C GLN A 57 -0.49 2.85 6.33
N PHE A 58 -1.64 2.79 7.02
CA PHE A 58 -1.69 3.02 8.46
C PHE A 58 -0.71 2.11 9.20
N LEU A 59 -0.75 0.83 8.87
CA LEU A 59 0.17 -0.13 9.48
C LEU A 59 1.62 0.20 9.22
N GLY A 60 1.94 0.66 8.04
CA GLY A 60 3.32 0.97 7.74
C GLY A 60 3.71 2.32 8.29
N ALA A 61 2.73 3.20 8.46
CA ALA A 61 2.93 4.52 9.03
C ALA A 61 3.28 4.39 10.50
N LEU A 62 2.76 3.34 11.12
CA LEU A 62 3.11 2.99 12.48
C LEU A 62 4.61 2.73 12.56
N PRO A 63 5.26 3.10 13.67
CA PRO A 63 6.67 2.84 13.84
C PRO A 63 6.85 1.35 14.08
N PRO A 64 7.99 0.78 13.64
CA PRO A 64 8.31 -0.66 13.77
C PRO A 64 7.82 -1.30 15.08
N GLU A 65 8.04 -0.64 16.21
CA GLU A 65 7.63 -1.17 17.51
C GLU A 65 6.11 -1.40 17.59
N ILE A 66 5.34 -0.40 17.21
CA ILE A 66 3.89 -0.51 17.22
C ILE A 66 3.43 -1.41 16.07
N GLN A 67 4.04 -1.22 14.91
CA GLN A 67 3.69 -1.95 13.71
C GLN A 67 3.86 -3.45 13.89
N ALA A 68 4.99 -3.86 14.47
CA ALA A 68 5.31 -5.26 14.66
C ALA A 68 4.29 -5.98 15.53
N ARG A 69 3.70 -5.25 16.46
CA ARG A 69 2.67 -5.80 17.33
C ARG A 69 1.44 -6.16 16.50
N VAL A 70 0.99 -5.19 15.73
CA VAL A 70 -0.19 -5.29 14.86
C VAL A 70 0.03 -6.29 13.74
N GLN A 71 1.26 -6.29 13.29
CA GLN A 71 1.73 -7.07 12.17
C GLN A 71 1.32 -8.54 12.30
N GLY A 72 1.51 -9.10 13.48
CA GLY A 72 1.19 -10.51 13.70
C GLY A 72 -0.27 -10.86 13.47
N GLN A 73 -1.14 -9.94 13.84
CA GLN A 73 -2.57 -10.19 13.71
C GLN A 73 -3.04 -9.84 12.31
N ARG A 74 -2.69 -8.64 11.88
CA ARG A 74 -3.24 -8.04 10.66
C ARG A 74 -4.77 -7.89 10.79
N PRO A 75 -5.23 -6.83 11.53
CA PRO A 75 -6.66 -6.56 11.84
C PRO A 75 -7.65 -6.80 10.70
N GLY A 76 -7.29 -6.38 9.52
CA GLY A 76 -8.15 -6.55 8.36
C GLY A 76 -9.00 -5.33 8.09
N SER A 77 -9.02 -4.42 9.03
CA SER A 77 -9.69 -3.14 8.88
C SER A 77 -8.89 -2.07 9.65
N PRO A 78 -8.83 -0.83 9.12
CA PRO A 78 -8.06 0.25 9.73
C PRO A 78 -8.53 0.62 11.14
N GLU A 79 -9.84 0.69 11.33
CA GLU A 79 -10.41 1.03 12.63
C GLU A 79 -10.13 -0.03 13.66
N GLU A 80 -10.02 -1.26 13.21
CA GLU A 80 -9.66 -2.35 14.09
C GLU A 80 -8.24 -2.11 14.60
N ALA A 81 -7.31 -1.81 13.67
CA ALA A 81 -5.93 -1.49 14.02
C ALA A 81 -5.88 -0.34 15.01
N ALA A 82 -6.70 0.68 14.75
CA ALA A 82 -6.79 1.89 15.58
C ALA A 82 -7.04 1.55 17.04
N ALA A 83 -7.84 0.53 17.26
CA ALA A 83 -8.20 0.07 18.58
C ALA A 83 -6.98 -0.48 19.33
N LEU A 84 -6.22 -1.38 18.70
CA LEU A 84 -5.05 -1.91 19.36
C LEU A 84 -3.93 -0.90 19.47
N VAL A 85 -3.69 -0.15 18.40
CA VAL A 85 -2.62 0.84 18.39
C VAL A 85 -2.83 1.94 19.40
N ASP A 86 -4.08 2.27 19.67
CA ASP A 86 -4.42 3.26 20.70
C ASP A 86 -3.79 2.87 22.04
N GLY A 87 -3.75 1.57 22.30
CA GLY A 87 -3.13 1.06 23.49
C GLY A 87 -1.63 0.91 23.32
N LEU A 88 -1.23 0.49 22.13
CA LEU A 88 0.18 0.25 21.80
C LEU A 88 0.99 1.54 21.76
N ARG A 89 0.35 2.66 21.46
CA ARG A 89 1.02 3.97 21.43
C ARG A 89 1.38 4.43 22.84
N ARG A 90 0.86 3.72 23.81
CA ARG A 90 1.10 3.99 25.20
C ARG A 90 2.27 3.14 25.70
N GLU A 91 2.76 2.28 24.83
CA GLU A 91 3.84 1.38 25.15
C GLU A 91 5.08 1.77 24.33
N PRO A 92 6.02 2.50 24.93
CA PRO A 92 7.24 2.91 24.26
C PRO A 92 8.26 1.77 24.20
N GLY A 93 8.60 1.35 23.00
CA GLY A 93 9.55 0.28 22.82
C GLY A 93 10.97 0.77 22.97
N GLY A 94 11.37 1.07 24.18
CA GLY A 94 12.69 1.55 24.43
C GLY A 94 13.54 0.54 25.16
N GLY B 1 -14.51 16.80 -7.33
CA GLY B 1 -14.13 17.80 -8.32
C GLY B 1 -12.88 18.53 -7.90
N SER B 2 -12.23 18.01 -6.88
CA SER B 2 -11.03 18.58 -6.35
C SER B 2 -10.03 17.49 -6.00
N ASP B 3 -8.98 17.39 -6.77
CA ASP B 3 -7.93 16.40 -6.57
C ASP B 3 -6.59 16.99 -6.98
N PRO B 4 -5.51 16.60 -6.31
CA PRO B 4 -4.16 17.06 -6.63
C PRO B 4 -3.44 16.11 -7.58
N GLY B 5 -4.19 15.23 -8.22
CA GLY B 5 -3.60 14.21 -9.04
C GLY B 5 -3.48 12.94 -8.23
N PRO B 6 -4.08 11.83 -8.67
CA PRO B 6 -4.11 10.57 -7.90
C PRO B 6 -2.72 10.02 -7.57
N GLU B 7 -1.78 10.17 -8.49
CA GLU B 7 -0.46 9.69 -8.25
C GLU B 7 0.25 10.55 -7.19
N ALA B 8 -0.05 11.84 -7.22
CA ALA B 8 0.51 12.77 -6.25
C ALA B 8 -0.20 12.61 -4.90
N ALA B 9 -1.45 12.23 -4.95
CA ALA B 9 -2.25 12.00 -3.76
C ALA B 9 -1.71 10.83 -2.98
N ARG B 10 -1.27 9.78 -3.71
CA ARG B 10 -0.67 8.62 -3.08
C ARG B 10 0.58 9.03 -2.30
N LEU B 11 1.27 10.03 -2.84
CA LEU B 11 2.45 10.54 -2.26
C LEU B 11 2.13 11.20 -0.92
N ARG B 12 1.04 11.98 -0.87
CA ARG B 12 0.60 12.59 0.41
C ARG B 12 0.27 11.50 1.41
N PHE B 13 -0.45 10.51 0.92
CA PHE B 13 -0.91 9.37 1.69
C PHE B 13 0.28 8.59 2.30
N ARG B 14 1.35 8.40 1.53
CA ARG B 14 2.56 7.76 2.03
C ARG B 14 3.43 8.69 2.85
N CYS B 15 3.33 9.98 2.57
CA CYS B 15 4.08 10.99 3.30
C CYS B 15 3.61 11.05 4.73
N PHE B 16 2.31 10.84 4.92
CA PHE B 16 1.70 10.86 6.22
C PHE B 16 2.38 9.86 7.15
N HIS B 17 2.81 10.34 8.29
CA HIS B 17 3.47 9.50 9.25
C HIS B 17 2.50 9.28 10.38
N TYR B 18 2.49 8.12 10.96
CA TYR B 18 1.63 7.94 12.08
C TYR B 18 2.17 8.68 13.27
N GLU B 19 1.39 9.60 13.73
CA GLU B 19 1.70 10.39 14.86
C GLU B 19 0.70 10.08 15.96
N GLU B 20 1.20 9.44 17.00
CA GLU B 20 0.39 9.01 18.13
C GLU B 20 -0.39 10.15 18.73
N ALA B 21 0.19 11.33 18.68
CA ALA B 21 -0.41 12.53 19.22
C ALA B 21 -1.77 12.85 18.60
N THR B 22 -1.95 12.55 17.32
CA THR B 22 -3.20 12.91 16.65
C THR B 22 -4.22 11.78 16.87
N GLY B 23 -3.74 10.62 17.28
CA GLY B 23 -4.61 9.46 17.47
C GLY B 23 -4.64 8.63 16.21
N PRO B 24 -4.94 7.32 16.27
CA PRO B 24 -4.84 6.50 15.09
C PRO B 24 -6.04 6.64 14.18
N GLN B 25 -7.17 6.86 14.77
CA GLN B 25 -8.39 6.92 14.10
C GLN B 25 -8.54 8.27 13.41
N GLU B 26 -7.92 9.28 13.99
CA GLU B 26 -7.90 10.60 13.40
C GLU B 26 -6.91 10.58 12.24
N ALA B 27 -5.87 9.80 12.40
CA ALA B 27 -4.92 9.56 11.35
C ALA B 27 -5.61 8.84 10.20
N LEU B 28 -6.48 7.88 10.54
CA LEU B 28 -7.26 7.14 9.54
C LEU B 28 -8.10 8.07 8.71
N ALA B 29 -8.71 9.06 9.34
CA ALA B 29 -9.53 10.03 8.63
C ALA B 29 -8.70 10.75 7.56
N GLN B 30 -7.55 11.23 7.99
CA GLN B 30 -6.62 11.92 7.12
C GLN B 30 -6.12 11.02 6.01
N LEU B 31 -5.76 9.79 6.37
CA LEU B 31 -5.32 8.77 5.42
C LEU B 31 -6.43 8.42 4.45
N ARG B 32 -7.64 8.27 4.96
CA ARG B 32 -8.79 7.97 4.13
C ARG B 32 -9.00 9.05 3.10
N GLU B 33 -8.92 10.28 3.56
CA GLU B 33 -9.05 11.44 2.72
C GLU B 33 -7.97 11.43 1.61
N LEU B 34 -6.73 11.23 2.02
CA LEU B 34 -5.59 11.21 1.10
C LEU B 34 -5.69 10.04 0.13
N CYS B 35 -6.07 8.88 0.65
CA CYS B 35 -6.25 7.70 -0.15
C CYS B 35 -7.41 7.88 -1.12
N ARG B 36 -8.41 8.62 -0.69
CA ARG B 36 -9.57 8.87 -1.53
C ARG B 36 -9.23 9.81 -2.66
N GLN B 37 -8.33 10.74 -2.41
CA GLN B 37 -7.85 11.64 -3.45
C GLN B 37 -7.02 10.88 -4.47
N TRP B 38 -6.52 9.74 -4.04
CA TRP B 38 -5.74 8.86 -4.85
C TRP B 38 -6.59 7.81 -5.60
N LEU B 39 -7.32 6.95 -4.88
CA LEU B 39 -8.11 5.93 -5.55
C LEU B 39 -9.28 6.55 -6.29
N ARG B 40 -9.93 7.53 -5.63
CA ARG B 40 -11.06 8.26 -6.17
C ARG B 40 -12.15 7.36 -6.72
N PRO B 41 -12.97 6.77 -5.84
CA PRO B 41 -14.07 5.88 -6.25
C PRO B 41 -15.14 6.66 -7.01
N GLU B 42 -15.00 7.96 -6.94
CA GLU B 42 -15.86 8.90 -7.60
C GLU B 42 -15.65 8.87 -9.13
N VAL B 43 -14.40 8.75 -9.56
CA VAL B 43 -14.11 8.75 -10.99
C VAL B 43 -13.43 7.47 -11.44
N ARG B 44 -12.70 6.84 -10.56
CA ARG B 44 -12.01 5.62 -10.92
C ARG B 44 -12.77 4.41 -10.44
N SER B 45 -12.61 3.36 -11.17
CA SER B 45 -13.25 2.12 -10.89
C SER B 45 -12.30 1.17 -10.16
N LYS B 46 -12.84 0.05 -9.73
CA LYS B 46 -12.12 -0.95 -8.95
C LYS B 46 -10.88 -1.49 -9.63
N GLU B 47 -10.99 -1.71 -10.92
CA GLU B 47 -9.87 -2.24 -11.75
C GLU B 47 -8.66 -1.36 -11.59
N GLN B 48 -8.93 -0.08 -11.64
CA GLN B 48 -7.92 0.95 -11.52
C GLN B 48 -7.32 0.96 -10.12
N MET B 49 -8.12 0.65 -9.12
CA MET B 49 -7.64 0.60 -7.75
C MET B 49 -6.64 -0.52 -7.57
N LEU B 50 -6.93 -1.68 -8.18
CA LEU B 50 -5.97 -2.79 -8.23
C LEU B 50 -4.65 -2.31 -8.81
N GLU B 51 -4.72 -1.66 -9.97
CA GLU B 51 -3.57 -1.14 -10.66
C GLU B 51 -2.75 -0.21 -9.76
N LEU B 52 -3.42 0.73 -9.13
CA LEU B 52 -2.79 1.69 -8.25
C LEU B 52 -2.17 1.01 -7.03
N LEU B 53 -2.88 0.08 -6.44
CA LEU B 53 -2.42 -0.57 -5.28
C LEU B 53 -1.31 -1.61 -5.58
N VAL B 54 -1.34 -2.23 -6.76
CA VAL B 54 -0.24 -3.09 -7.19
C VAL B 54 1.03 -2.24 -7.36
N LEU B 55 0.85 -1.06 -7.95
CA LEU B 55 1.94 -0.08 -8.12
C LEU B 55 2.54 0.26 -6.76
N GLU B 56 1.66 0.48 -5.80
CA GLU B 56 2.01 0.81 -4.44
C GLU B 56 2.97 -0.23 -3.84
N GLN B 57 2.62 -1.49 -3.92
CA GLN B 57 3.47 -2.51 -3.33
C GLN B 57 4.73 -2.67 -4.15
N PHE B 58 4.56 -2.75 -5.46
CA PHE B 58 5.68 -3.00 -6.37
C PHE B 58 6.78 -1.96 -6.20
N LEU B 59 6.39 -0.70 -6.16
CA LEU B 59 7.34 0.37 -5.99
C LEU B 59 8.06 0.30 -4.66
N GLY B 60 7.36 -0.11 -3.61
CA GLY B 60 8.01 -0.19 -2.32
C GLY B 60 8.83 -1.46 -2.17
N ALA B 61 8.45 -2.49 -2.91
CA ALA B 61 9.20 -3.75 -2.91
C ALA B 61 10.57 -3.54 -3.53
N LEU B 62 10.64 -2.64 -4.51
CA LEU B 62 11.89 -2.24 -5.14
C LEU B 62 12.84 -1.71 -4.07
N PRO B 63 14.15 -1.92 -4.22
CA PRO B 63 15.10 -1.40 -3.26
C PRO B 63 15.14 0.12 -3.36
N PRO B 64 15.42 0.81 -2.24
CA PRO B 64 15.43 2.28 -2.16
C PRO B 64 16.05 2.98 -3.40
N GLU B 65 17.18 2.49 -3.88
CA GLU B 65 17.84 3.08 -5.04
C GLU B 65 16.99 2.99 -6.33
N ILE B 66 16.46 1.80 -6.61
CA ILE B 66 15.64 1.59 -7.80
C ILE B 66 14.32 2.33 -7.63
N GLN B 67 13.81 2.28 -6.42
CA GLN B 67 12.56 2.93 -6.08
C GLN B 67 12.68 4.45 -6.26
N ALA B 68 13.77 5.02 -5.77
CA ALA B 68 14.01 6.47 -5.88
C ALA B 68 14.11 6.91 -7.33
N ARG B 69 14.67 6.05 -8.18
CA ARG B 69 14.76 6.34 -9.60
C ARG B 69 13.35 6.42 -10.20
N VAL B 70 12.46 5.53 -9.76
CA VAL B 70 11.06 5.56 -10.16
C VAL B 70 10.44 6.86 -9.75
N GLN B 71 10.63 7.19 -8.48
CA GLN B 71 10.14 8.44 -7.90
C GLN B 71 10.57 9.67 -8.72
N GLY B 72 11.70 9.58 -9.39
CA GLY B 72 12.17 10.67 -10.21
C GLY B 72 11.29 10.92 -11.44
N GLN B 73 10.82 9.84 -12.07
CA GLN B 73 10.01 9.98 -13.29
C GLN B 73 8.51 9.94 -13.01
N ARG B 74 8.12 9.05 -12.08
CA ARG B 74 6.72 8.82 -11.73
C ARG B 74 5.91 8.27 -12.93
N PRO B 75 5.96 6.95 -13.17
CA PRO B 75 5.22 6.31 -14.28
C PRO B 75 3.69 6.41 -14.09
N GLY B 76 3.24 6.10 -12.90
CA GLY B 76 1.82 6.16 -12.58
C GLY B 76 1.10 4.84 -12.78
N SER B 77 1.78 3.90 -13.39
CA SER B 77 1.23 2.59 -13.58
C SER B 77 2.33 1.53 -13.34
N PRO B 78 1.97 0.38 -12.74
CA PRO B 78 2.94 -0.68 -12.37
C PRO B 78 3.70 -1.23 -13.57
N GLU B 79 2.99 -1.47 -14.65
CA GLU B 79 3.57 -2.03 -15.86
C GLU B 79 4.52 -1.05 -16.51
N GLU B 80 4.24 0.23 -16.34
CA GLU B 80 5.13 1.24 -16.84
C GLU B 80 6.38 1.28 -15.97
N ALA B 81 6.19 1.17 -14.63
CA ALA B 81 7.32 1.10 -13.70
C ALA B 81 8.22 -0.09 -14.03
N ALA B 82 7.60 -1.19 -14.44
CA ALA B 82 8.29 -2.43 -14.83
C ALA B 82 9.35 -2.15 -15.90
N ALA B 83 9.04 -1.24 -16.78
CA ALA B 83 9.90 -0.87 -17.89
C ALA B 83 11.18 -0.21 -17.42
N LEU B 84 11.06 0.78 -16.54
CA LEU B 84 12.25 1.44 -16.04
C LEU B 84 13.04 0.57 -15.11
N VAL B 85 12.35 -0.14 -14.23
CA VAL B 85 13.02 -1.02 -13.28
C VAL B 85 13.76 -2.14 -13.97
N ASP B 86 13.23 -2.58 -15.11
CA ASP B 86 13.87 -3.55 -15.99
C ASP B 86 15.32 -3.13 -16.29
N GLY B 87 15.51 -1.83 -16.51
CA GLY B 87 16.83 -1.30 -16.73
C GLY B 87 17.58 -0.95 -15.43
N LEU B 88 16.85 -0.38 -14.48
CA LEU B 88 17.41 0.08 -13.19
C LEU B 88 18.00 -1.06 -12.35
N ARG B 89 17.39 -2.24 -12.46
CA ARG B 89 17.85 -3.42 -11.72
C ARG B 89 19.22 -3.89 -12.20
N ARG B 90 19.65 -3.33 -13.33
CA ARG B 90 20.92 -3.68 -13.94
C ARG B 90 21.94 -2.62 -13.60
N GLU B 91 21.57 -1.70 -12.76
CA GLU B 91 22.41 -0.60 -12.39
C GLU B 91 22.48 -0.45 -10.87
N PRO B 92 23.56 -0.94 -10.23
CA PRO B 92 23.76 -0.80 -8.80
C PRO B 92 24.17 0.63 -8.48
N GLY B 93 23.28 1.37 -7.89
CA GLY B 93 23.53 2.75 -7.61
C GLY B 93 23.31 3.08 -6.18
N GLY B 94 24.26 2.75 -5.37
CA GLY B 94 24.18 3.01 -3.97
C GLY B 94 25.15 2.13 -3.27
N GLY A 1 -15.41 -26.07 0.57
CA GLY A 1 -14.09 -25.58 0.27
C GLY A 1 -13.61 -24.63 1.34
N SER A 2 -12.47 -24.05 1.14
CA SER A 2 -11.92 -23.09 2.06
C SER A 2 -11.25 -21.98 1.27
N ASP A 3 -11.54 -20.77 1.62
CA ASP A 3 -10.93 -19.63 0.97
C ASP A 3 -9.77 -19.14 1.82
N PRO A 4 -8.58 -18.95 1.22
CA PRO A 4 -7.37 -18.54 1.96
C PRO A 4 -7.53 -17.23 2.75
N GLY A 5 -8.39 -16.36 2.27
CA GLY A 5 -8.59 -15.11 2.91
C GLY A 5 -7.74 -14.01 2.30
N PRO A 6 -8.30 -12.79 2.14
CA PRO A 6 -7.56 -11.65 1.57
C PRO A 6 -6.31 -11.33 2.38
N GLU A 7 -6.38 -11.56 3.68
CA GLU A 7 -5.28 -11.36 4.58
C GLU A 7 -4.10 -12.27 4.21
N ALA A 8 -4.38 -13.51 3.85
CA ALA A 8 -3.34 -14.45 3.47
C ALA A 8 -2.81 -14.10 2.09
N ALA A 9 -3.70 -13.58 1.26
CA ALA A 9 -3.35 -13.14 -0.07
C ALA A 9 -2.40 -11.95 0.03
N ARG A 10 -2.73 -11.01 0.91
CA ARG A 10 -1.87 -9.87 1.17
C ARG A 10 -0.54 -10.31 1.73
N LEU A 11 -0.54 -11.38 2.50
CA LEU A 11 0.64 -11.92 3.04
C LEU A 11 1.57 -12.40 1.91
N ARG A 12 1.01 -13.10 0.94
CA ARG A 12 1.78 -13.55 -0.23
C ARG A 12 2.35 -12.34 -0.97
N PHE A 13 1.47 -11.39 -1.19
CA PHE A 13 1.76 -10.14 -1.89
C PHE A 13 2.83 -9.29 -1.20
N ARG A 14 2.73 -9.14 0.10
CA ARG A 14 3.72 -8.36 0.86
C ARG A 14 5.05 -9.09 1.02
N CYS A 15 5.02 -10.41 0.94
CA CYS A 15 6.24 -11.19 1.04
C CYS A 15 6.92 -11.32 -0.31
N PHE A 16 6.29 -10.80 -1.34
CA PHE A 16 6.84 -10.85 -2.67
C PHE A 16 8.04 -9.90 -2.75
N HIS A 17 9.18 -10.46 -3.06
CA HIS A 17 10.38 -9.66 -3.20
C HIS A 17 10.55 -9.38 -4.67
N TYR A 18 11.02 -8.23 -5.01
CA TYR A 18 11.29 -7.99 -6.38
C TYR A 18 12.55 -8.71 -6.80
N GLU A 19 12.38 -9.58 -7.74
CA GLU A 19 13.41 -10.37 -8.31
C GLU A 19 13.75 -9.86 -9.71
N GLU A 20 14.92 -9.24 -9.84
CA GLU A 20 15.39 -8.60 -11.08
C GLU A 20 15.48 -9.60 -12.21
N ALA A 21 15.81 -10.82 -11.87
CA ALA A 21 15.95 -11.92 -12.82
C ALA A 21 14.64 -12.14 -13.57
N THR A 22 13.59 -11.94 -12.86
CA THR A 22 12.26 -12.20 -13.32
C THR A 22 11.68 -11.04 -14.11
N GLY A 23 12.26 -9.87 -13.97
CA GLY A 23 11.80 -8.71 -14.68
C GLY A 23 10.65 -8.04 -13.96
N PRO A 24 10.64 -6.70 -13.86
CA PRO A 24 9.61 -5.96 -13.16
C PRO A 24 8.22 -6.13 -13.79
N GLN A 25 8.17 -6.32 -15.12
CA GLN A 25 6.90 -6.48 -15.81
C GLN A 25 6.24 -7.79 -15.43
N GLU A 26 7.05 -8.83 -15.36
CA GLU A 26 6.55 -10.14 -15.02
C GLU A 26 6.15 -10.20 -13.55
N ALA A 27 6.94 -9.56 -12.71
CA ALA A 27 6.64 -9.48 -11.28
C ALA A 27 5.28 -8.82 -11.07
N LEU A 28 4.99 -7.83 -11.90
CA LEU A 28 3.69 -7.15 -11.88
C LEU A 28 2.54 -8.11 -12.17
N ALA A 29 2.75 -9.05 -13.08
CA ALA A 29 1.73 -10.03 -13.43
C ALA A 29 1.34 -10.81 -12.20
N GLN A 30 2.33 -11.15 -11.41
CA GLN A 30 2.16 -11.84 -10.16
C GLN A 30 1.57 -10.92 -9.09
N LEU A 31 2.13 -9.74 -8.95
CA LEU A 31 1.66 -8.76 -7.97
C LEU A 31 0.22 -8.34 -8.19
N ARG A 32 -0.15 -8.05 -9.43
CA ARG A 32 -1.51 -7.62 -9.71
C ARG A 32 -2.48 -8.75 -9.44
N GLU A 33 -1.99 -9.97 -9.63
CA GLU A 33 -2.77 -11.16 -9.38
C GLU A 33 -2.97 -11.33 -7.86
N LEU A 34 -1.87 -11.24 -7.13
CA LEU A 34 -1.87 -11.43 -5.67
C LEU A 34 -2.67 -10.37 -4.95
N CYS A 35 -2.50 -9.11 -5.34
CA CYS A 35 -3.24 -8.04 -4.72
C CYS A 35 -4.72 -8.17 -5.06
N ARG A 36 -5.00 -8.72 -6.23
CA ARG A 36 -6.34 -8.98 -6.65
C ARG A 36 -7.00 -10.09 -5.82
N GLN A 37 -6.20 -11.04 -5.33
CA GLN A 37 -6.72 -12.10 -4.44
C GLN A 37 -7.05 -11.50 -3.06
N TRP A 38 -6.50 -10.35 -2.82
CA TRP A 38 -6.65 -9.63 -1.59
C TRP A 38 -7.76 -8.57 -1.65
N LEU A 39 -7.66 -7.69 -2.60
CA LEU A 39 -8.63 -6.62 -2.79
C LEU A 39 -9.95 -7.18 -3.35
N ARG A 40 -9.81 -8.18 -4.22
CA ARG A 40 -10.92 -8.96 -4.81
C ARG A 40 -11.98 -8.07 -5.49
N PRO A 41 -11.65 -7.52 -6.67
CA PRO A 41 -12.52 -6.57 -7.40
C PRO A 41 -13.84 -7.14 -7.87
N GLU A 42 -13.91 -8.44 -8.04
CA GLU A 42 -15.13 -9.03 -8.55
C GLU A 42 -16.19 -9.12 -7.46
N VAL A 43 -15.77 -9.50 -6.27
CA VAL A 43 -16.72 -9.69 -5.18
C VAL A 43 -16.80 -8.49 -4.25
N ARG A 44 -15.71 -7.76 -4.13
CA ARG A 44 -15.70 -6.59 -3.28
C ARG A 44 -15.79 -5.31 -4.08
N SER A 45 -16.27 -4.29 -3.44
CA SER A 45 -16.44 -3.02 -4.06
C SER A 45 -15.23 -2.11 -3.78
N LYS A 46 -15.23 -0.94 -4.44
CA LYS A 46 -14.17 0.07 -4.26
C LYS A 46 -13.93 0.40 -2.79
N GLU A 47 -15.01 0.57 -2.08
CA GLU A 47 -14.98 0.99 -0.68
C GLU A 47 -14.16 0.10 0.28
N GLN A 48 -14.17 -1.21 0.06
CA GLN A 48 -13.33 -2.13 0.83
C GLN A 48 -11.86 -1.86 0.57
N MET A 49 -11.56 -1.55 -0.68
CA MET A 49 -10.19 -1.33 -1.11
C MET A 49 -9.55 -0.14 -0.42
N LEU A 50 -10.35 0.91 -0.19
CA LEU A 50 -9.88 2.08 0.55
C LEU A 50 -9.39 1.65 1.92
N GLU A 51 -10.25 0.93 2.65
CA GLU A 51 -9.94 0.53 4.02
C GLU A 51 -8.73 -0.39 4.08
N LEU A 52 -8.68 -1.35 3.18
CA LEU A 52 -7.58 -2.29 3.12
C LEU A 52 -6.25 -1.56 2.90
N LEU A 53 -6.28 -0.57 2.04
CA LEU A 53 -5.12 0.19 1.70
C LEU A 53 -4.76 1.23 2.79
N VAL A 54 -5.76 1.74 3.51
CA VAL A 54 -5.48 2.65 4.64
C VAL A 54 -4.65 1.91 5.70
N LEU A 55 -5.00 0.63 5.93
CA LEU A 55 -4.29 -0.26 6.87
C LEU A 55 -2.81 -0.33 6.49
N GLU A 56 -2.58 -0.53 5.20
CA GLU A 56 -1.24 -0.66 4.64
C GLU A 56 -0.34 0.51 5.01
N GLN A 57 -0.87 1.72 4.88
CA GLN A 57 -0.09 2.89 5.20
C GLN A 57 0.03 3.03 6.70
N PHE A 58 -1.11 2.90 7.39
CA PHE A 58 -1.19 3.13 8.82
C PHE A 58 -0.18 2.32 9.59
N LEU A 59 -0.09 1.03 9.28
CA LEU A 59 0.87 0.18 9.95
C LEU A 59 2.30 0.60 9.76
N GLY A 60 2.67 1.05 8.57
CA GLY A 60 4.04 1.44 8.35
C GLY A 60 4.32 2.84 8.86
N ALA A 61 3.26 3.61 9.04
CA ALA A 61 3.37 4.96 9.57
C ALA A 61 3.69 4.92 11.05
N LEU A 62 3.25 3.85 11.70
CA LEU A 62 3.53 3.60 13.11
C LEU A 62 5.04 3.43 13.30
N PRO A 63 5.58 3.81 14.48
CA PRO A 63 6.99 3.61 14.77
C PRO A 63 7.26 2.13 14.91
N PRO A 64 8.49 1.68 14.60
CA PRO A 64 8.89 0.25 14.66
C PRO A 64 8.36 -0.48 15.89
N GLU A 65 8.52 0.12 17.08
CA GLU A 65 8.07 -0.50 18.32
C GLU A 65 6.55 -0.76 18.34
N ILE A 66 5.76 0.24 17.95
CA ILE A 66 4.32 0.10 17.92
C ILE A 66 3.90 -0.82 16.77
N GLN A 67 4.52 -0.60 15.63
CA GLN A 67 4.23 -1.35 14.42
C GLN A 67 4.48 -2.84 14.61
N ALA A 68 5.56 -3.18 15.28
CA ALA A 68 5.92 -4.58 15.54
C ALA A 68 4.87 -5.28 16.40
N ARG A 69 4.31 -4.57 17.37
CA ARG A 69 3.27 -5.14 18.24
C ARG A 69 2.05 -5.48 17.39
N VAL A 70 1.63 -4.52 16.59
CA VAL A 70 0.51 -4.69 15.68
C VAL A 70 0.79 -5.82 14.70
N GLN A 71 1.99 -5.80 14.17
CA GLN A 71 2.46 -6.76 13.18
C GLN A 71 2.37 -8.19 13.73
N GLY A 72 2.51 -8.32 15.05
CA GLY A 72 2.43 -9.63 15.68
C GLY A 72 1.02 -10.19 15.68
N GLN A 73 0.03 -9.33 15.67
CA GLN A 73 -1.34 -9.78 15.68
C GLN A 73 -1.89 -9.78 14.27
N ARG A 74 -1.64 -8.68 13.57
CA ARG A 74 -2.17 -8.43 12.24
C ARG A 74 -3.69 -8.39 12.22
N PRO A 75 -4.26 -7.23 12.58
CA PRO A 75 -5.72 -7.05 12.62
C PRO A 75 -6.34 -7.11 11.23
N GLY A 76 -5.71 -6.44 10.31
CA GLY A 76 -6.13 -6.42 8.93
C GLY A 76 -7.06 -5.28 8.61
N SER A 77 -7.54 -4.62 9.64
CA SER A 77 -8.43 -3.48 9.51
C SER A 77 -7.83 -2.28 10.25
N PRO A 78 -7.82 -1.09 9.61
CA PRO A 78 -7.22 0.14 10.18
C PRO A 78 -7.77 0.51 11.54
N GLU A 79 -9.08 0.46 11.67
CA GLU A 79 -9.77 0.82 12.91
C GLU A 79 -9.44 -0.16 14.04
N GLU A 80 -9.16 -1.39 13.68
CA GLU A 80 -8.79 -2.38 14.61
C GLU A 80 -7.37 -2.06 15.09
N ALA A 81 -6.47 -1.77 14.12
CA ALA A 81 -5.11 -1.35 14.42
C ALA A 81 -5.10 -0.11 15.32
N ALA A 82 -6.02 0.82 15.04
CA ALA A 82 -6.18 2.05 15.83
C ALA A 82 -6.36 1.74 17.31
N ALA A 83 -7.21 0.78 17.58
CA ALA A 83 -7.49 0.36 18.92
C ALA A 83 -6.27 -0.30 19.56
N LEU A 84 -5.55 -1.08 18.77
CA LEU A 84 -4.36 -1.79 19.27
C LEU A 84 -3.32 -0.76 19.68
N VAL A 85 -3.08 0.19 18.78
CA VAL A 85 -2.07 1.21 18.96
C VAL A 85 -2.40 2.20 20.04
N ASP A 86 -3.69 2.45 20.24
CA ASP A 86 -4.14 3.31 21.34
C ASP A 86 -3.56 2.84 22.69
N GLY A 87 -3.46 1.53 22.85
CA GLY A 87 -2.90 0.94 24.06
C GLY A 87 -1.37 0.90 24.04
N LEU A 88 -0.80 1.12 22.86
CA LEU A 88 0.64 1.08 22.67
C LEU A 88 1.26 2.46 22.86
N ARG A 89 0.58 3.49 22.32
CA ARG A 89 1.07 4.88 22.42
C ARG A 89 1.15 5.32 23.88
N ARG A 90 0.16 4.93 24.65
CA ARG A 90 0.07 5.16 26.07
C ARG A 90 -0.63 3.98 26.66
N GLU A 91 -0.27 3.60 27.87
CA GLU A 91 -0.89 2.45 28.49
C GLU A 91 -2.36 2.68 28.74
N PRO A 92 -3.20 1.65 28.42
CA PRO A 92 -4.65 1.68 28.59
C PRO A 92 -5.07 2.18 29.96
N GLY A 93 -6.08 3.00 29.98
CA GLY A 93 -6.59 3.52 31.18
C GLY A 93 -7.74 4.44 30.92
N GLY A 94 -8.47 4.75 31.95
CA GLY A 94 -9.58 5.65 31.81
C GLY A 94 -9.23 7.02 32.32
N GLY B 1 -9.57 21.95 -12.77
CA GLY B 1 -8.33 21.20 -12.88
C GLY B 1 -7.56 21.23 -11.58
N SER B 2 -8.26 21.48 -10.51
CA SER B 2 -7.67 21.53 -9.22
C SER B 2 -7.89 20.20 -8.51
N ASP B 3 -6.90 19.36 -8.54
CA ASP B 3 -7.00 18.06 -7.93
C ASP B 3 -5.60 17.58 -7.67
N PRO B 4 -5.35 16.96 -6.50
CA PRO B 4 -4.03 16.45 -6.15
C PRO B 4 -3.52 15.44 -7.17
N GLY B 5 -4.43 14.65 -7.71
CA GLY B 5 -4.03 13.64 -8.63
C GLY B 5 -3.54 12.40 -7.91
N PRO B 6 -3.72 11.22 -8.50
CA PRO B 6 -3.29 9.94 -7.90
C PRO B 6 -1.79 9.91 -7.55
N GLU B 7 -1.00 10.74 -8.22
CA GLU B 7 0.42 10.82 -7.92
C GLU B 7 0.67 11.58 -6.59
N ALA B 8 0.15 12.79 -6.49
CA ALA B 8 0.40 13.64 -5.34
C ALA B 8 -0.40 13.22 -4.12
N ALA B 9 -1.61 12.73 -4.33
CA ALA B 9 -2.45 12.30 -3.22
C ALA B 9 -1.81 11.13 -2.48
N ARG B 10 -1.32 10.17 -3.25
CA ARG B 10 -0.62 9.03 -2.69
C ARG B 10 0.67 9.45 -2.01
N LEU B 11 1.32 10.45 -2.55
CA LEU B 11 2.53 10.97 -2.03
C LEU B 11 2.30 11.52 -0.62
N ARG B 12 1.25 12.32 -0.48
CA ARG B 12 0.86 12.88 0.83
C ARG B 12 0.55 11.74 1.79
N PHE B 13 -0.25 10.83 1.29
CA PHE B 13 -0.74 9.68 2.01
C PHE B 13 0.36 8.72 2.50
N ARG B 14 1.26 8.34 1.64
CA ARG B 14 2.29 7.37 2.04
C ARG B 14 3.39 7.98 2.90
N CYS B 15 3.62 9.26 2.74
CA CYS B 15 4.63 9.95 3.53
C CYS B 15 4.06 10.39 4.89
N PHE B 16 2.76 10.16 5.08
CA PHE B 16 2.06 10.51 6.30
C PHE B 16 2.71 9.85 7.51
N HIS B 17 3.08 10.66 8.48
CA HIS B 17 3.65 10.12 9.68
C HIS B 17 2.53 9.89 10.66
N TYR B 18 2.52 8.75 11.28
CA TYR B 18 1.56 8.52 12.31
C TYR B 18 1.90 9.36 13.51
N GLU B 19 1.01 10.22 13.85
CA GLU B 19 1.19 11.10 14.95
C GLU B 19 0.23 10.73 16.07
N GLU B 20 0.81 10.24 17.14
CA GLU B 20 0.10 9.75 18.31
C GLU B 20 -0.77 10.85 18.92
N ALA B 21 -0.31 12.07 18.79
CA ALA B 21 -0.98 13.25 19.35
C ALA B 21 -2.36 13.45 18.73
N THR B 22 -2.50 13.14 17.45
CA THR B 22 -3.75 13.37 16.79
C THR B 22 -4.67 12.14 17.00
N GLY B 23 -4.06 11.03 17.42
CA GLY B 23 -4.79 9.80 17.62
C GLY B 23 -4.70 8.93 16.39
N PRO B 24 -4.89 7.61 16.47
CA PRO B 24 -4.72 6.78 15.31
C PRO B 24 -5.93 6.79 14.42
N GLN B 25 -7.07 6.88 15.03
CA GLN B 25 -8.31 6.83 14.38
C GLN B 25 -8.60 8.15 13.69
N GLU B 26 -8.13 9.23 14.30
CA GLU B 26 -8.26 10.53 13.69
C GLU B 26 -7.26 10.62 12.53
N ALA B 27 -6.12 9.95 12.69
CA ALA B 27 -5.14 9.84 11.63
C ALA B 27 -5.72 9.01 10.49
N LEU B 28 -6.50 7.99 10.84
CA LEU B 28 -7.20 7.18 9.86
C LEU B 28 -8.15 8.03 9.05
N ALA B 29 -8.79 8.99 9.71
CA ALA B 29 -9.70 9.91 9.03
C ALA B 29 -8.94 10.72 7.98
N GLN B 30 -7.68 11.00 8.27
CA GLN B 30 -6.83 11.75 7.36
C GLN B 30 -6.41 10.82 6.24
N LEU B 31 -5.96 9.64 6.61
CA LEU B 31 -5.53 8.62 5.67
C LEU B 31 -6.61 8.21 4.73
N ARG B 32 -7.82 7.98 5.24
CA ARG B 32 -8.92 7.59 4.39
C ARG B 32 -9.29 8.73 3.46
N GLU B 33 -9.08 9.96 3.91
CA GLU B 33 -9.29 11.14 3.10
C GLU B 33 -8.25 11.18 1.98
N LEU B 34 -7.00 11.05 2.36
CA LEU B 34 -5.89 11.09 1.42
C LEU B 34 -5.94 9.93 0.44
N CYS B 35 -6.24 8.73 0.93
CA CYS B 35 -6.35 7.58 0.07
C CYS B 35 -7.52 7.77 -0.91
N ARG B 36 -8.60 8.39 -0.44
CA ARG B 36 -9.73 8.67 -1.27
C ARG B 36 -9.43 9.74 -2.33
N GLN B 37 -8.52 10.65 -2.02
CA GLN B 37 -8.07 11.67 -2.99
C GLN B 37 -7.27 11.01 -4.11
N TRP B 38 -6.70 9.87 -3.78
CA TRP B 38 -5.87 9.07 -4.65
C TRP B 38 -6.67 8.03 -5.44
N LEU B 39 -7.27 7.12 -4.72
CA LEU B 39 -8.02 5.99 -5.28
C LEU B 39 -9.31 6.49 -5.93
N ARG B 40 -9.92 7.51 -5.30
CA ARG B 40 -11.14 8.17 -5.78
C ARG B 40 -12.27 7.19 -6.12
N PRO B 41 -12.86 6.53 -5.09
CA PRO B 41 -13.93 5.54 -5.28
C PRO B 41 -15.21 6.15 -5.81
N GLU B 42 -15.31 7.45 -5.65
CA GLU B 42 -16.49 8.21 -6.05
C GLU B 42 -16.65 8.13 -7.56
N VAL B 43 -15.54 8.23 -8.26
CA VAL B 43 -15.55 8.31 -9.70
C VAL B 43 -14.83 7.14 -10.36
N ARG B 44 -13.98 6.47 -9.62
CA ARG B 44 -13.25 5.35 -10.16
C ARG B 44 -13.82 4.04 -9.71
N SER B 45 -13.42 3.03 -10.41
CA SER B 45 -13.82 1.69 -10.17
C SER B 45 -12.73 0.94 -9.47
N LYS B 46 -13.03 -0.28 -9.13
CA LYS B 46 -12.11 -1.16 -8.44
C LYS B 46 -10.79 -1.33 -9.19
N GLU B 47 -10.89 -1.46 -10.48
CA GLU B 47 -9.74 -1.76 -11.35
C GLU B 47 -8.53 -0.83 -11.19
N GLN B 48 -8.74 0.47 -11.09
CA GLN B 48 -7.64 1.39 -10.88
C GLN B 48 -7.01 1.20 -9.53
N MET B 49 -7.82 0.83 -8.55
CA MET B 49 -7.34 0.63 -7.20
C MET B 49 -6.37 -0.51 -7.11
N LEU B 50 -6.66 -1.59 -7.84
CA LEU B 50 -5.74 -2.71 -7.93
C LEU B 50 -4.40 -2.21 -8.46
N GLU B 51 -4.46 -1.55 -9.61
CA GLU B 51 -3.27 -1.04 -10.31
C GLU B 51 -2.44 -0.11 -9.42
N LEU B 52 -3.10 0.85 -8.80
CA LEU B 52 -2.45 1.82 -7.95
C LEU B 52 -1.77 1.15 -6.77
N LEU B 53 -2.41 0.14 -6.22
CA LEU B 53 -1.89 -0.56 -5.10
C LEU B 53 -0.76 -1.56 -5.50
N VAL B 54 -0.81 -2.10 -6.72
CA VAL B 54 0.29 -2.97 -7.20
C VAL B 54 1.59 -2.17 -7.17
N LEU B 55 1.51 -0.95 -7.70
CA LEU B 55 2.62 0.00 -7.75
C LEU B 55 3.19 0.24 -6.36
N GLU B 56 2.28 0.40 -5.41
CA GLU B 56 2.62 0.72 -4.03
C GLU B 56 3.61 -0.34 -3.49
N GLN B 57 3.24 -1.61 -3.63
CA GLN B 57 4.08 -2.69 -3.14
C GLN B 57 5.28 -2.88 -4.03
N PHE B 58 5.07 -2.79 -5.35
CA PHE B 58 6.15 -2.99 -6.33
C PHE B 58 7.34 -2.10 -6.04
N LEU B 59 7.09 -0.82 -5.81
CA LEU B 59 8.16 0.11 -5.47
C LEU B 59 8.89 -0.28 -4.19
N GLY B 60 8.18 -0.74 -3.20
CA GLY B 60 8.84 -1.12 -1.95
C GLY B 60 9.45 -2.51 -2.00
N ALA B 61 9.13 -3.26 -3.06
CA ALA B 61 9.69 -4.58 -3.26
C ALA B 61 11.07 -4.44 -3.88
N LEU B 62 11.26 -3.33 -4.58
CA LEU B 62 12.51 -2.96 -5.18
C LEU B 62 13.57 -2.72 -4.10
N PRO B 63 14.84 -3.03 -4.38
CA PRO B 63 15.93 -2.76 -3.45
C PRO B 63 16.10 -1.25 -3.32
N PRO B 64 16.61 -0.77 -2.17
CA PRO B 64 16.79 0.67 -1.90
C PRO B 64 17.34 1.46 -3.10
N GLU B 65 18.37 0.92 -3.74
CA GLU B 65 19.01 1.59 -4.88
C GLU B 65 18.06 1.76 -6.09
N ILE B 66 17.36 0.69 -6.47
CA ILE B 66 16.45 0.75 -7.60
C ILE B 66 15.22 1.57 -7.23
N GLN B 67 14.75 1.35 -6.02
CA GLN B 67 13.58 2.02 -5.50
C GLN B 67 13.78 3.53 -5.47
N ALA B 68 14.96 3.95 -5.02
CA ALA B 68 15.29 5.37 -4.91
C ALA B 68 15.25 6.07 -6.27
N ARG B 69 15.62 5.35 -7.32
CA ARG B 69 15.63 5.92 -8.67
C ARG B 69 14.19 6.24 -9.07
N VAL B 70 13.33 5.26 -8.86
CA VAL B 70 11.92 5.37 -9.17
C VAL B 70 11.26 6.39 -8.26
N GLN B 71 11.67 6.35 -7.03
CA GLN B 71 11.18 7.19 -5.95
C GLN B 71 11.29 8.69 -6.31
N GLY B 72 12.29 9.02 -7.12
CA GLY B 72 12.45 10.39 -7.53
C GLY B 72 11.43 10.81 -8.58
N GLN B 73 11.19 9.91 -9.53
CA GLN B 73 10.26 10.17 -10.63
C GLN B 73 8.81 10.06 -10.17
N ARG B 74 8.52 8.96 -9.51
CA ARG B 74 7.17 8.62 -9.05
C ARG B 74 6.17 8.58 -10.21
N PRO B 75 6.24 7.53 -11.06
CA PRO B 75 5.30 7.35 -12.18
C PRO B 75 3.88 7.18 -11.67
N GLY B 76 3.75 6.33 -10.68
CA GLY B 76 2.49 6.10 -10.04
C GLY B 76 1.73 4.95 -10.66
N SER B 77 2.19 4.50 -11.79
CA SER B 77 1.60 3.39 -12.46
C SER B 77 2.63 2.26 -12.46
N PRO B 78 2.18 1.03 -12.17
CA PRO B 78 3.06 -0.12 -12.00
C PRO B 78 3.93 -0.43 -13.22
N GLU B 79 3.34 -0.44 -14.41
CA GLU B 79 4.07 -0.80 -15.60
C GLU B 79 5.01 0.29 -15.99
N GLU B 80 4.63 1.52 -15.68
CA GLU B 80 5.46 2.66 -15.96
C GLU B 80 6.74 2.55 -15.11
N ALA B 81 6.56 2.22 -13.82
CA ALA B 81 7.69 1.99 -12.94
C ALA B 81 8.54 0.85 -13.46
N ALA B 82 7.88 -0.25 -13.82
CA ALA B 82 8.55 -1.44 -14.36
C ALA B 82 9.40 -1.10 -15.57
N ALA B 83 8.91 -0.18 -16.36
CA ALA B 83 9.60 0.28 -17.55
C ALA B 83 10.92 0.98 -17.21
N LEU B 84 10.95 1.79 -16.13
CA LEU B 84 12.23 2.36 -15.75
C LEU B 84 13.09 1.36 -15.01
N VAL B 85 12.45 0.53 -14.19
CA VAL B 85 13.14 -0.51 -13.42
C VAL B 85 13.87 -1.50 -14.35
N ASP B 86 13.26 -1.75 -15.49
CA ASP B 86 13.86 -2.60 -16.51
C ASP B 86 15.22 -2.05 -16.96
N GLY B 87 15.31 -0.73 -17.01
CA GLY B 87 16.54 -0.06 -17.37
C GLY B 87 17.48 0.14 -16.17
N LEU B 88 16.95 -0.05 -14.98
CA LEU B 88 17.71 0.14 -13.74
C LEU B 88 18.41 -1.14 -13.31
N ARG B 89 17.69 -2.27 -13.41
CA ARG B 89 18.22 -3.59 -13.00
C ARG B 89 19.43 -3.98 -13.85
N ARG B 90 19.44 -3.54 -15.07
CA ARG B 90 20.52 -3.84 -15.97
C ARG B 90 21.11 -2.55 -16.48
N GLU B 91 22.13 -2.67 -17.25
CA GLU B 91 22.71 -1.53 -17.88
C GLU B 91 22.56 -1.72 -19.36
N PRO B 92 21.56 -1.06 -19.97
CA PRO B 92 21.23 -1.23 -21.38
C PRO B 92 22.40 -0.91 -22.31
N GLY B 93 22.94 -1.94 -22.93
CA GLY B 93 24.02 -1.77 -23.87
C GLY B 93 23.51 -1.30 -25.21
N GLY B 94 22.28 -1.62 -25.49
CA GLY B 94 21.65 -1.21 -26.70
C GLY B 94 20.18 -1.03 -26.47
N GLY A 1 -16.64 -22.71 -1.99
CA GLY A 1 -15.37 -22.37 -2.61
C GLY A 1 -14.26 -22.40 -1.60
N SER A 2 -13.05 -22.59 -2.06
CA SER A 2 -11.93 -22.63 -1.20
C SER A 2 -10.82 -21.77 -1.79
N ASP A 3 -10.51 -20.71 -1.11
CA ASP A 3 -9.47 -19.80 -1.53
C ASP A 3 -8.47 -19.63 -0.39
N PRO A 4 -7.24 -19.12 -0.66
CA PRO A 4 -6.22 -18.99 0.39
C PRO A 4 -6.43 -17.81 1.35
N GLY A 5 -7.55 -17.10 1.25
CA GLY A 5 -7.78 -15.98 2.14
C GLY A 5 -7.20 -14.68 1.60
N PRO A 6 -7.99 -13.60 1.54
CA PRO A 6 -7.53 -12.30 1.02
C PRO A 6 -6.32 -11.73 1.76
N GLU A 7 -6.24 -11.93 3.08
CA GLU A 7 -5.10 -11.42 3.81
C GLU A 7 -3.87 -12.25 3.60
N ALA A 8 -4.05 -13.54 3.35
CA ALA A 8 -2.91 -14.39 3.06
C ALA A 8 -2.43 -14.07 1.65
N ALA A 9 -3.38 -13.65 0.82
CA ALA A 9 -3.07 -13.16 -0.51
C ALA A 9 -2.24 -11.90 -0.37
N ARG A 10 -2.69 -11.01 0.51
CA ARG A 10 -1.97 -9.78 0.80
C ARG A 10 -0.60 -10.06 1.39
N LEU A 11 -0.49 -11.12 2.16
CA LEU A 11 0.74 -11.53 2.75
C LEU A 11 1.74 -11.88 1.65
N ARG A 12 1.30 -12.73 0.73
CA ARG A 12 2.12 -13.15 -0.42
C ARG A 12 2.50 -11.94 -1.26
N PHE A 13 1.54 -11.06 -1.42
CA PHE A 13 1.68 -9.87 -2.20
C PHE A 13 2.61 -8.83 -1.54
N ARG A 14 2.38 -8.51 -0.29
CA ARG A 14 3.17 -7.47 0.39
C ARG A 14 4.59 -7.95 0.71
N CYS A 15 4.72 -9.23 1.00
CA CYS A 15 6.02 -9.81 1.30
C CYS A 15 6.80 -10.16 0.02
N PHE A 16 6.16 -9.97 -1.14
CA PHE A 16 6.80 -10.21 -2.43
C PHE A 16 8.05 -9.33 -2.56
N HIS A 17 9.18 -9.97 -2.76
CA HIS A 17 10.43 -9.26 -2.89
C HIS A 17 10.63 -8.93 -4.35
N TYR A 18 11.18 -7.80 -4.64
CA TYR A 18 11.48 -7.53 -6.00
C TYR A 18 12.67 -8.34 -6.44
N GLU A 19 12.43 -9.17 -7.38
CA GLU A 19 13.39 -10.07 -7.91
C GLU A 19 13.77 -9.67 -9.33
N GLU A 20 15.00 -9.12 -9.47
CA GLU A 20 15.51 -8.63 -10.77
C GLU A 20 15.57 -9.73 -11.81
N ALA A 21 15.75 -10.94 -11.37
CA ALA A 21 15.81 -12.11 -12.24
C ALA A 21 14.50 -12.26 -13.00
N THR A 22 13.47 -11.82 -12.38
CA THR A 22 12.15 -11.91 -12.84
C THR A 22 11.69 -10.64 -13.59
N GLY A 23 12.42 -9.57 -13.40
CA GLY A 23 12.07 -8.31 -14.05
C GLY A 23 10.98 -7.60 -13.27
N PRO A 24 10.70 -6.34 -13.55
CA PRO A 24 9.69 -5.64 -12.81
C PRO A 24 8.30 -5.88 -13.33
N GLN A 25 8.20 -6.10 -14.60
CA GLN A 25 6.97 -6.21 -15.23
C GLN A 25 6.37 -7.59 -15.02
N GLU A 26 7.22 -8.62 -14.89
CA GLU A 26 6.71 -9.92 -14.56
C GLU A 26 6.28 -9.90 -13.12
N ALA A 27 7.01 -9.13 -12.31
CA ALA A 27 6.65 -8.92 -10.94
C ALA A 27 5.27 -8.30 -10.87
N LEU A 28 5.03 -7.29 -11.71
CA LEU A 28 3.72 -6.64 -11.82
C LEU A 28 2.63 -7.63 -12.17
N ALA A 29 2.92 -8.52 -13.12
CA ALA A 29 1.95 -9.55 -13.52
C ALA A 29 1.56 -10.40 -12.32
N GLN A 30 2.56 -10.82 -11.56
CA GLN A 30 2.36 -11.60 -10.36
C GLN A 30 1.59 -10.80 -9.32
N LEU A 31 2.08 -9.60 -9.05
CA LEU A 31 1.48 -8.69 -8.08
C LEU A 31 0.07 -8.33 -8.43
N ARG A 32 -0.21 -8.19 -9.70
CA ARG A 32 -1.53 -7.81 -10.14
C ARG A 32 -2.55 -8.86 -9.78
N GLU A 33 -2.25 -10.13 -10.06
CA GLU A 33 -3.22 -11.14 -9.72
C GLU A 33 -3.23 -11.38 -8.23
N LEU A 34 -2.05 -11.30 -7.57
CA LEU A 34 -1.96 -11.45 -6.11
C LEU A 34 -2.77 -10.37 -5.39
N CYS A 35 -2.64 -9.15 -5.88
CA CYS A 35 -3.40 -8.03 -5.36
C CYS A 35 -4.89 -8.28 -5.59
N ARG A 36 -5.21 -8.90 -6.73
CA ARG A 36 -6.56 -9.23 -7.06
C ARG A 36 -7.10 -10.39 -6.20
N GLN A 37 -6.22 -11.30 -5.79
CA GLN A 37 -6.62 -12.43 -4.89
C GLN A 37 -6.97 -11.83 -3.52
N TRP A 38 -6.51 -10.63 -3.31
CA TRP A 38 -6.67 -9.89 -2.08
C TRP A 38 -7.85 -8.90 -2.13
N LEU A 39 -7.74 -7.83 -2.95
CA LEU A 39 -8.78 -6.81 -3.03
C LEU A 39 -10.07 -7.41 -3.55
N ARG A 40 -9.91 -8.32 -4.51
CA ARG A 40 -10.99 -9.06 -5.16
C ARG A 40 -12.09 -8.15 -5.71
N PRO A 41 -11.84 -7.49 -6.86
CA PRO A 41 -12.80 -6.57 -7.49
C PRO A 41 -14.04 -7.29 -8.02
N GLU A 42 -13.97 -8.60 -8.07
CA GLU A 42 -15.07 -9.39 -8.56
C GLU A 42 -16.17 -9.47 -7.50
N VAL A 43 -15.76 -9.56 -6.24
CA VAL A 43 -16.71 -9.75 -5.16
C VAL A 43 -16.78 -8.56 -4.20
N ARG A 44 -15.68 -7.84 -4.04
CA ARG A 44 -15.68 -6.71 -3.13
C ARG A 44 -15.87 -5.41 -3.87
N SER A 45 -16.34 -4.44 -3.16
CA SER A 45 -16.61 -3.14 -3.69
C SER A 45 -15.38 -2.24 -3.54
N LYS A 46 -15.50 -1.06 -4.09
CA LYS A 46 -14.44 -0.07 -4.11
C LYS A 46 -14.11 0.41 -2.69
N GLU A 47 -15.14 0.56 -1.87
CA GLU A 47 -14.99 1.06 -0.49
C GLU A 47 -14.03 0.18 0.32
N GLN A 48 -14.19 -1.12 0.17
CA GLN A 48 -13.36 -2.10 0.85
C GLN A 48 -11.90 -1.97 0.47
N MET A 49 -11.64 -1.58 -0.76
CA MET A 49 -10.27 -1.42 -1.23
C MET A 49 -9.58 -0.29 -0.47
N LEU A 50 -10.33 0.78 -0.22
CA LEU A 50 -9.87 1.88 0.65
C LEU A 50 -9.50 1.34 2.00
N GLU A 51 -10.42 0.61 2.60
CA GLU A 51 -10.27 0.05 3.90
C GLU A 51 -9.00 -0.83 3.99
N LEU A 52 -8.81 -1.68 3.01
CA LEU A 52 -7.65 -2.53 2.95
C LEU A 52 -6.37 -1.72 2.78
N LEU A 53 -6.38 -0.75 1.88
CA LEU A 53 -5.23 0.06 1.63
C LEU A 53 -4.90 1.02 2.81
N VAL A 54 -5.91 1.50 3.52
CA VAL A 54 -5.67 2.32 4.69
C VAL A 54 -4.91 1.52 5.75
N LEU A 55 -5.28 0.25 5.90
CA LEU A 55 -4.60 -0.66 6.83
C LEU A 55 -3.13 -0.78 6.44
N GLU A 56 -2.90 -0.97 5.14
CA GLU A 56 -1.56 -1.07 4.54
C GLU A 56 -0.67 0.10 4.92
N GLN A 57 -1.17 1.30 4.71
CA GLN A 57 -0.39 2.47 4.96
C GLN A 57 -0.28 2.71 6.46
N PHE A 58 -1.41 2.61 7.17
CA PHE A 58 -1.45 2.86 8.62
C PHE A 58 -0.41 2.02 9.35
N LEU A 59 -0.34 0.75 9.00
CA LEU A 59 0.62 -0.14 9.62
C LEU A 59 2.06 0.28 9.39
N GLY A 60 2.38 0.70 8.18
CA GLY A 60 3.75 1.11 7.92
C GLY A 60 4.03 2.53 8.38
N ALA A 61 2.97 3.26 8.66
CA ALA A 61 3.08 4.60 9.17
C ALA A 61 3.49 4.56 10.62
N LEU A 62 3.00 3.53 11.31
CA LEU A 62 3.34 3.24 12.70
C LEU A 62 4.86 3.08 12.85
N PRO A 63 5.41 3.41 14.02
CA PRO A 63 6.82 3.23 14.27
C PRO A 63 7.09 1.74 14.43
N PRO A 64 8.33 1.28 14.14
CA PRO A 64 8.71 -0.14 14.23
C PRO A 64 8.16 -0.85 15.48
N GLU A 65 8.29 -0.23 16.64
CA GLU A 65 7.82 -0.80 17.92
C GLU A 65 6.32 -1.04 17.89
N ILE A 66 5.57 -0.05 17.49
CA ILE A 66 4.13 -0.16 17.47
C ILE A 66 3.67 -1.06 16.31
N GLN A 67 4.34 -0.95 15.20
CA GLN A 67 4.03 -1.72 14.02
C GLN A 67 4.26 -3.21 14.27
N ALA A 68 5.37 -3.54 14.91
CA ALA A 68 5.72 -4.94 15.18
C ALA A 68 4.64 -5.64 16.00
N ARG A 69 3.98 -4.87 16.84
CA ARG A 69 2.95 -5.41 17.71
C ARG A 69 1.72 -5.78 16.89
N VAL A 70 1.28 -4.87 16.01
CA VAL A 70 0.14 -5.13 15.11
C VAL A 70 0.44 -6.33 14.24
N GLN A 71 1.60 -6.29 13.62
CA GLN A 71 2.08 -7.34 12.73
C GLN A 71 2.11 -8.71 13.41
N GLY A 72 2.31 -8.71 14.73
CA GLY A 72 2.32 -9.95 15.48
C GLY A 72 0.96 -10.63 15.52
N GLN A 73 -0.11 -9.88 15.67
CA GLN A 73 -1.43 -10.47 15.75
C GLN A 73 -2.11 -10.49 14.40
N ARG A 74 -1.95 -9.39 13.67
CA ARG A 74 -2.65 -9.16 12.41
C ARG A 74 -4.16 -8.98 12.65
N PRO A 75 -4.59 -7.73 12.92
CA PRO A 75 -6.01 -7.40 13.23
C PRO A 75 -6.98 -7.70 12.09
N GLY A 76 -6.55 -7.42 10.88
CA GLY A 76 -7.40 -7.63 9.71
C GLY A 76 -8.17 -6.39 9.32
N SER A 77 -8.15 -5.36 10.14
CA SER A 77 -8.84 -4.13 9.83
C SER A 77 -8.11 -2.92 10.45
N PRO A 78 -8.13 -1.77 9.75
CA PRO A 78 -7.46 -0.55 10.21
C PRO A 78 -7.93 -0.05 11.58
N GLU A 79 -9.23 -0.05 11.81
CA GLU A 79 -9.77 0.47 13.07
C GLU A 79 -9.39 -0.45 14.22
N GLU A 80 -9.24 -1.72 13.90
CA GLU A 80 -8.81 -2.69 14.84
C GLU A 80 -7.36 -2.42 15.18
N ALA A 81 -6.52 -2.20 14.14
CA ALA A 81 -5.13 -1.85 14.33
C ALA A 81 -5.00 -0.58 15.18
N ALA A 82 -5.83 0.41 14.87
CA ALA A 82 -5.87 1.69 15.60
C ALA A 82 -6.16 1.47 17.08
N ALA A 83 -7.00 0.53 17.35
CA ALA A 83 -7.36 0.16 18.70
C ALA A 83 -6.22 -0.59 19.38
N LEU A 84 -5.52 -1.45 18.62
CA LEU A 84 -4.41 -2.23 19.19
C LEU A 84 -3.33 -1.28 19.63
N VAL A 85 -2.99 -0.37 18.73
CA VAL A 85 -1.92 0.54 18.93
C VAL A 85 -2.22 1.56 19.99
N ASP A 86 -3.48 1.94 20.12
CA ASP A 86 -3.89 2.92 21.12
C ASP A 86 -3.62 2.40 22.52
N GLY A 87 -3.80 1.10 22.69
CA GLY A 87 -3.58 0.49 23.97
C GLY A 87 -2.12 0.52 24.40
N LEU A 88 -1.22 0.22 23.48
CA LEU A 88 0.19 0.15 23.81
C LEU A 88 0.92 1.50 23.60
N ARG A 89 0.21 2.42 22.97
CA ARG A 89 0.58 3.81 22.79
C ARG A 89 0.96 4.41 24.14
N ARG A 90 2.21 4.71 24.27
CA ARG A 90 2.76 5.21 25.51
C ARG A 90 2.54 6.72 25.60
N GLU A 91 1.70 7.11 26.54
CA GLU A 91 1.42 8.51 26.81
C GLU A 91 1.14 8.68 28.31
N PRO A 92 1.24 9.92 28.86
CA PRO A 92 0.94 10.17 30.27
C PRO A 92 -0.51 9.80 30.61
N GLY A 93 -0.66 8.80 31.43
CA GLY A 93 -1.97 8.32 31.78
C GLY A 93 -2.35 7.17 30.87
N GLY A 94 -2.93 7.48 29.75
CA GLY A 94 -3.34 6.46 28.80
C GLY A 94 -4.78 6.04 28.98
N GLY B 1 -14.31 22.07 -9.96
CA GLY B 1 -14.14 20.79 -9.32
C GLY B 1 -12.70 20.30 -9.43
N SER B 2 -11.79 21.06 -8.90
CA SER B 2 -10.39 20.74 -8.95
C SER B 2 -10.00 19.84 -7.79
N ASP B 3 -8.84 19.24 -7.91
CA ASP B 3 -8.28 18.36 -6.91
C ASP B 3 -6.76 18.43 -7.03
N PRO B 4 -5.99 17.97 -6.02
CA PRO B 4 -4.51 18.07 -6.05
C PRO B 4 -3.82 17.01 -6.92
N GLY B 5 -4.61 16.19 -7.60
CA GLY B 5 -4.04 15.14 -8.40
C GLY B 5 -3.90 13.85 -7.59
N PRO B 6 -4.24 12.68 -8.17
CA PRO B 6 -4.16 11.39 -7.44
C PRO B 6 -2.71 11.03 -7.11
N GLU B 7 -1.79 11.56 -7.90
CA GLU B 7 -0.38 11.31 -7.71
C GLU B 7 0.10 11.97 -6.42
N ALA B 8 -0.28 13.24 -6.24
CA ALA B 8 0.07 13.97 -5.04
C ALA B 8 -0.74 13.45 -3.86
N ALA B 9 -1.95 12.99 -4.15
CA ALA B 9 -2.82 12.41 -3.15
C ALA B 9 -2.17 11.24 -2.48
N ARG B 10 -1.60 10.32 -3.27
CA ARG B 10 -0.95 9.16 -2.71
C ARG B 10 0.27 9.59 -1.90
N LEU B 11 0.96 10.60 -2.38
CA LEU B 11 2.14 11.09 -1.76
C LEU B 11 1.83 11.65 -0.36
N ARG B 12 0.73 12.34 -0.23
CA ARG B 12 0.32 12.91 1.05
C ARG B 12 -0.19 11.83 2.00
N PHE B 13 -0.83 10.83 1.42
CA PHE B 13 -1.35 9.70 2.16
C PHE B 13 -0.24 8.72 2.60
N ARG B 14 0.60 8.36 1.68
CA ARG B 14 1.60 7.32 1.90
C ARG B 14 2.75 7.79 2.78
N CYS B 15 3.11 9.04 2.66
CA CYS B 15 4.20 9.59 3.45
C CYS B 15 3.73 10.05 4.83
N PHE B 16 2.41 9.96 5.06
CA PHE B 16 1.83 10.30 6.35
C PHE B 16 2.47 9.45 7.43
N HIS B 17 3.01 10.11 8.42
CA HIS B 17 3.61 9.40 9.51
C HIS B 17 2.55 9.17 10.54
N TYR B 18 2.53 8.03 11.14
CA TYR B 18 1.62 7.83 12.21
C TYR B 18 2.08 8.66 13.36
N GLU B 19 1.26 9.58 13.73
CA GLU B 19 1.58 10.45 14.78
C GLU B 19 0.66 10.25 15.95
N GLU B 20 1.25 9.92 17.08
CA GLU B 20 0.52 9.68 18.32
C GLU B 20 -0.15 10.96 18.78
N ALA B 21 0.32 12.08 18.26
CA ALA B 21 -0.22 13.36 18.58
C ALA B 21 -1.64 13.51 18.05
N THR B 22 -1.97 12.84 16.95
CA THR B 22 -3.30 12.97 16.39
C THR B 22 -4.15 11.73 16.81
N GLY B 23 -3.47 10.66 17.22
CA GLY B 23 -4.18 9.43 17.60
C GLY B 23 -4.44 8.55 16.39
N PRO B 24 -4.41 7.21 16.53
CA PRO B 24 -4.59 6.29 15.40
C PRO B 24 -5.98 6.37 14.74
N GLN B 25 -7.02 6.60 15.53
CA GLN B 25 -8.37 6.67 14.95
C GLN B 25 -8.53 7.93 14.14
N GLU B 26 -7.96 8.99 14.63
CA GLU B 26 -7.98 10.26 13.96
C GLU B 26 -7.04 10.24 12.75
N ALA B 27 -5.94 9.52 12.88
CA ALA B 27 -5.02 9.30 11.77
C ALA B 27 -5.76 8.58 10.65
N LEU B 28 -6.53 7.56 11.02
CA LEU B 28 -7.36 6.81 10.06
C LEU B 28 -8.32 7.72 9.32
N ALA B 29 -8.91 8.67 10.04
CA ALA B 29 -9.84 9.63 9.41
C ALA B 29 -9.13 10.39 8.31
N GLN B 30 -7.96 10.89 8.63
CA GLN B 30 -7.12 11.61 7.71
C GLN B 30 -6.73 10.74 6.52
N LEU B 31 -6.21 9.57 6.84
CA LEU B 31 -5.78 8.60 5.85
C LEU B 31 -6.91 8.15 4.94
N ARG B 32 -8.06 7.90 5.53
CA ARG B 32 -9.19 7.39 4.80
C ARG B 32 -9.60 8.31 3.66
N GLU B 33 -9.68 9.61 3.91
CA GLU B 33 -10.07 10.49 2.84
C GLU B 33 -8.90 10.67 1.87
N LEU B 34 -7.67 10.77 2.39
CA LEU B 34 -6.48 10.95 1.55
C LEU B 34 -6.30 9.78 0.59
N CYS B 35 -6.54 8.59 1.09
CA CYS B 35 -6.48 7.40 0.28
C CYS B 35 -7.54 7.46 -0.80
N ARG B 36 -8.69 8.02 -0.46
CA ARG B 36 -9.78 8.16 -1.39
C ARG B 36 -9.51 9.23 -2.42
N GLN B 37 -8.73 10.25 -2.05
CA GLN B 37 -8.33 11.33 -3.00
C GLN B 37 -7.43 10.70 -4.08
N TRP B 38 -6.94 9.53 -3.78
CA TRP B 38 -6.08 8.78 -4.62
C TRP B 38 -6.83 7.63 -5.37
N LEU B 39 -7.59 6.80 -4.65
CA LEU B 39 -8.32 5.69 -5.29
C LEU B 39 -9.56 6.20 -6.03
N ARG B 40 -10.31 7.10 -5.38
CA ARG B 40 -11.48 7.80 -5.96
C ARG B 40 -12.59 6.86 -6.49
N PRO B 41 -13.23 6.09 -5.61
CA PRO B 41 -14.34 5.16 -5.97
C PRO B 41 -15.53 5.86 -6.63
N GLU B 42 -15.63 7.15 -6.45
CA GLU B 42 -16.76 7.88 -6.97
C GLU B 42 -16.63 8.06 -8.49
N VAL B 43 -15.40 8.14 -8.98
CA VAL B 43 -15.17 8.33 -10.40
C VAL B 43 -14.41 7.16 -11.02
N ARG B 44 -13.69 6.43 -10.21
CA ARG B 44 -12.90 5.32 -10.70
C ARG B 44 -13.47 3.99 -10.32
N SER B 45 -13.11 3.01 -11.09
CA SER B 45 -13.52 1.65 -10.89
C SER B 45 -12.45 0.89 -10.09
N LYS B 46 -12.76 -0.33 -9.77
CA LYS B 46 -11.92 -1.21 -9.00
C LYS B 46 -10.61 -1.58 -9.71
N GLU B 47 -10.64 -1.66 -11.04
CA GLU B 47 -9.45 -2.02 -11.86
C GLU B 47 -8.30 -1.09 -11.55
N GLN B 48 -8.62 0.17 -11.60
CA GLN B 48 -7.70 1.26 -11.31
C GLN B 48 -7.09 1.10 -9.93
N MET B 49 -7.91 0.72 -8.96
CA MET B 49 -7.47 0.55 -7.58
C MET B 49 -6.45 -0.55 -7.47
N LEU B 50 -6.72 -1.68 -8.11
CA LEU B 50 -5.78 -2.78 -8.21
C LEU B 50 -4.46 -2.29 -8.74
N GLU B 51 -4.50 -1.59 -9.86
CA GLU B 51 -3.33 -1.09 -10.53
C GLU B 51 -2.52 -0.13 -9.64
N LEU B 52 -3.21 0.81 -9.00
CA LEU B 52 -2.59 1.76 -8.12
C LEU B 52 -1.93 1.06 -6.94
N LEU B 53 -2.62 0.10 -6.38
CA LEU B 53 -2.11 -0.63 -5.26
C LEU B 53 -0.98 -1.61 -5.66
N VAL B 54 -1.01 -2.13 -6.89
CA VAL B 54 0.12 -2.94 -7.40
C VAL B 54 1.41 -2.13 -7.33
N LEU B 55 1.34 -0.88 -7.83
CA LEU B 55 2.49 0.04 -7.79
C LEU B 55 2.98 0.22 -6.37
N GLU B 56 2.05 0.44 -5.48
CA GLU B 56 2.32 0.69 -4.08
C GLU B 56 3.21 -0.40 -3.46
N GLN B 57 2.88 -1.65 -3.70
CA GLN B 57 3.70 -2.72 -3.17
C GLN B 57 4.96 -2.85 -3.99
N PHE B 58 4.80 -2.84 -5.31
CA PHE B 58 5.90 -3.06 -6.26
C PHE B 58 7.05 -2.11 -6.01
N LEU B 59 6.72 -0.88 -5.86
CA LEU B 59 7.68 0.15 -5.74
C LEU B 59 8.44 -0.01 -4.43
N GLY B 60 7.75 -0.46 -3.39
CA GLY B 60 8.37 -0.69 -2.13
C GLY B 60 9.10 -2.03 -2.06
N ALA B 61 8.81 -2.91 -3.02
CA ALA B 61 9.45 -4.21 -3.10
C ALA B 61 10.85 -4.06 -3.66
N LEU B 62 11.04 -3.03 -4.47
CA LEU B 62 12.33 -2.68 -5.04
C LEU B 62 13.35 -2.43 -3.91
N PRO B 63 14.64 -2.68 -4.16
CA PRO B 63 15.66 -2.41 -3.18
C PRO B 63 15.86 -0.90 -3.05
N PRO B 64 16.44 -0.43 -1.94
CA PRO B 64 16.62 1.01 -1.67
C PRO B 64 17.20 1.79 -2.85
N GLU B 65 18.22 1.23 -3.52
CA GLU B 65 18.85 1.90 -4.65
C GLU B 65 17.85 2.10 -5.79
N ILE B 66 17.18 1.03 -6.17
CA ILE B 66 16.28 1.07 -7.28
C ILE B 66 15.03 1.89 -6.98
N GLN B 67 14.54 1.77 -5.77
CA GLN B 67 13.37 2.50 -5.33
C GLN B 67 13.65 4.00 -5.23
N ALA B 68 14.82 4.34 -4.70
CA ALA B 68 15.21 5.75 -4.54
C ALA B 68 15.32 6.45 -5.88
N ARG B 69 15.74 5.71 -6.90
CA ARG B 69 15.87 6.25 -8.25
C ARG B 69 14.51 6.71 -8.75
N VAL B 70 13.52 5.84 -8.64
CA VAL B 70 12.14 6.14 -9.04
C VAL B 70 11.58 7.30 -8.24
N GLN B 71 11.90 7.30 -6.97
CA GLN B 71 11.38 8.26 -6.01
C GLN B 71 11.67 9.71 -6.43
N GLY B 72 12.77 9.91 -7.15
CA GLY B 72 13.14 11.24 -7.59
C GLY B 72 12.25 11.75 -8.73
N GLN B 73 11.59 10.85 -9.45
CA GLN B 73 10.75 11.25 -10.56
C GLN B 73 9.28 11.12 -10.22
N ARG B 74 8.93 9.99 -9.60
CA ARG B 74 7.55 9.64 -9.22
C ARG B 74 6.68 9.42 -10.48
N PRO B 75 6.69 8.20 -11.02
CA PRO B 75 5.94 7.84 -12.25
C PRO B 75 4.42 7.91 -12.10
N GLY B 76 3.94 7.43 -10.98
CA GLY B 76 2.50 7.46 -10.69
C GLY B 76 1.77 6.20 -11.13
N SER B 77 2.45 5.36 -11.88
CA SER B 77 1.85 4.12 -12.37
C SER B 77 2.88 2.98 -12.34
N PRO B 78 2.43 1.72 -12.09
CA PRO B 78 3.32 0.55 -11.92
C PRO B 78 4.17 0.22 -13.16
N GLU B 79 3.58 0.24 -14.33
CA GLU B 79 4.29 -0.11 -15.55
C GLU B 79 5.33 0.94 -15.91
N GLU B 80 5.05 2.18 -15.53
CA GLU B 80 5.95 3.25 -15.72
C GLU B 80 7.16 3.02 -14.79
N ALA B 81 6.88 2.71 -13.49
CA ALA B 81 7.94 2.38 -12.54
C ALA B 81 8.76 1.20 -13.05
N ALA B 82 8.07 0.20 -13.62
CA ALA B 82 8.69 -0.97 -14.21
C ALA B 82 9.69 -0.58 -15.27
N ALA B 83 9.27 0.32 -16.13
CA ALA B 83 10.11 0.83 -17.20
C ALA B 83 11.33 1.54 -16.65
N LEU B 84 11.12 2.40 -15.65
CA LEU B 84 12.19 3.20 -15.05
C LEU B 84 13.27 2.28 -14.48
N VAL B 85 12.81 1.30 -13.72
CA VAL B 85 13.70 0.38 -13.03
C VAL B 85 14.34 -0.63 -13.94
N ASP B 86 13.61 -1.06 -14.96
CA ASP B 86 14.08 -2.11 -15.87
C ASP B 86 15.37 -1.72 -16.56
N GLY B 87 15.50 -0.44 -16.84
CA GLY B 87 16.70 0.07 -17.48
C GLY B 87 17.91 0.12 -16.55
N LEU B 88 17.69 0.48 -15.29
CA LEU B 88 18.80 0.60 -14.34
C LEU B 88 19.08 -0.69 -13.54
N ARG B 89 18.15 -1.62 -13.66
CA ARG B 89 18.22 -2.96 -13.16
C ARG B 89 19.46 -3.66 -13.64
N ARG B 90 19.93 -4.56 -12.85
CA ARG B 90 21.08 -5.34 -13.21
C ARG B 90 20.60 -6.53 -14.04
N GLU B 91 20.84 -6.45 -15.32
CA GLU B 91 20.53 -7.52 -16.22
C GLU B 91 21.73 -7.67 -17.14
N PRO B 92 21.83 -8.78 -17.90
CA PRO B 92 22.92 -8.95 -18.86
C PRO B 92 22.81 -7.94 -20.00
N GLY B 93 23.65 -6.93 -19.98
CA GLY B 93 23.65 -5.93 -21.02
C GLY B 93 22.79 -4.74 -20.66
N GLY B 94 21.50 -4.89 -20.77
CA GLY B 94 20.61 -3.81 -20.48
C GLY B 94 20.01 -3.29 -21.74
N GLY A 1 -11.98 -24.80 -4.23
CA GLY A 1 -11.38 -24.41 -2.95
C GLY A 1 -11.93 -23.10 -2.51
N SER A 2 -11.84 -22.82 -1.23
CA SER A 2 -12.32 -21.57 -0.70
C SER A 2 -11.22 -20.54 -0.75
N ASP A 3 -11.52 -19.31 -0.39
CA ASP A 3 -10.51 -18.28 -0.36
C ASP A 3 -9.65 -18.48 0.89
N PRO A 4 -8.34 -18.21 0.80
CA PRO A 4 -7.40 -18.43 1.92
C PRO A 4 -7.47 -17.30 2.96
N GLY A 5 -8.39 -16.39 2.75
CA GLY A 5 -8.51 -15.28 3.63
C GLY A 5 -7.75 -14.08 3.11
N PRO A 6 -8.43 -12.93 2.96
CA PRO A 6 -7.81 -11.67 2.50
C PRO A 6 -6.48 -11.34 3.22
N GLU A 7 -6.38 -11.68 4.50
CA GLU A 7 -5.16 -11.44 5.26
C GLU A 7 -3.98 -12.22 4.69
N ALA A 8 -4.24 -13.48 4.32
CA ALA A 8 -3.21 -14.35 3.78
C ALA A 8 -2.87 -13.95 2.37
N ALA A 9 -3.90 -13.60 1.61
CA ALA A 9 -3.71 -13.14 0.24
C ALA A 9 -2.89 -11.87 0.23
N ARG A 10 -3.21 -10.95 1.14
CA ARG A 10 -2.47 -9.71 1.27
C ARG A 10 -1.06 -9.99 1.72
N LEU A 11 -0.88 -10.99 2.57
CA LEU A 11 0.39 -11.34 3.07
C LEU A 11 1.30 -11.85 1.95
N ARG A 12 0.76 -12.71 1.11
CA ARG A 12 1.49 -13.23 -0.04
C ARG A 12 1.89 -12.10 -0.98
N PHE A 13 1.01 -11.13 -1.10
CA PHE A 13 1.21 -9.94 -1.92
C PHE A 13 2.19 -8.94 -1.30
N ARG A 14 2.00 -8.61 -0.05
CA ARG A 14 2.81 -7.60 0.61
C ARG A 14 4.22 -8.12 0.95
N CYS A 15 4.33 -9.40 1.24
CA CYS A 15 5.61 -10.01 1.56
C CYS A 15 6.42 -10.32 0.29
N PHE A 16 5.81 -10.08 -0.87
CA PHE A 16 6.47 -10.30 -2.14
C PHE A 16 7.73 -9.45 -2.23
N HIS A 17 8.83 -10.11 -2.48
CA HIS A 17 10.07 -9.40 -2.62
C HIS A 17 10.24 -9.06 -4.07
N TYR A 18 10.69 -7.89 -4.37
CA TYR A 18 10.94 -7.56 -5.73
C TYR A 18 12.17 -8.30 -6.18
N GLU A 19 11.99 -9.14 -7.14
CA GLU A 19 13.05 -9.91 -7.67
C GLU A 19 13.35 -9.47 -9.09
N GLU A 20 14.55 -9.01 -9.26
CA GLU A 20 15.07 -8.51 -10.52
C GLU A 20 15.09 -9.62 -11.57
N ALA A 21 15.15 -10.87 -11.10
CA ALA A 21 15.22 -12.05 -11.95
C ALA A 21 13.90 -12.29 -12.73
N THR A 22 12.76 -11.98 -12.14
CA THR A 22 11.49 -12.22 -12.82
C THR A 22 11.12 -10.97 -13.64
N GLY A 23 11.79 -9.86 -13.34
CA GLY A 23 11.55 -8.62 -14.02
C GLY A 23 10.38 -7.88 -13.41
N PRO A 24 10.32 -6.55 -13.50
CA PRO A 24 9.26 -5.79 -12.86
C PRO A 24 7.90 -5.99 -13.51
N GLN A 25 7.89 -6.24 -14.82
CA GLN A 25 6.70 -6.36 -15.55
C GLN A 25 5.95 -7.63 -15.09
N GLU A 26 6.70 -8.71 -14.98
CA GLU A 26 6.17 -9.99 -14.58
C GLU A 26 5.85 -10.00 -13.09
N ALA A 27 6.64 -9.28 -12.31
CA ALA A 27 6.38 -9.13 -10.88
C ALA A 27 5.02 -8.44 -10.67
N LEU A 28 4.74 -7.43 -11.50
CA LEU A 28 3.44 -6.74 -11.47
C LEU A 28 2.31 -7.71 -11.74
N ALA A 29 2.55 -8.63 -12.65
CA ALA A 29 1.56 -9.65 -13.00
C ALA A 29 1.23 -10.51 -11.78
N GLN A 30 2.25 -10.78 -10.98
CA GLN A 30 2.10 -11.57 -9.77
C GLN A 30 1.32 -10.77 -8.76
N LEU A 31 1.79 -9.55 -8.56
CA LEU A 31 1.21 -8.62 -7.61
C LEU A 31 -0.23 -8.30 -7.91
N ARG A 32 -0.54 -8.03 -9.16
CA ARG A 32 -1.91 -7.69 -9.54
C ARG A 32 -2.87 -8.81 -9.23
N GLU A 33 -2.41 -10.01 -9.45
CA GLU A 33 -3.16 -11.22 -9.19
C GLU A 33 -3.36 -11.39 -7.68
N LEU A 34 -2.28 -11.30 -6.92
CA LEU A 34 -2.34 -11.44 -5.47
C LEU A 34 -3.16 -10.31 -4.84
N CYS A 35 -3.01 -9.12 -5.39
CA CYS A 35 -3.79 -7.96 -5.00
C CYS A 35 -5.26 -8.24 -5.25
N ARG A 36 -5.55 -8.92 -6.34
CA ARG A 36 -6.88 -9.27 -6.72
C ARG A 36 -7.44 -10.33 -5.79
N GLN A 37 -6.61 -11.25 -5.36
CA GLN A 37 -7.03 -12.33 -4.45
C GLN A 37 -7.38 -11.80 -3.08
N TRP A 38 -6.85 -10.65 -2.79
CA TRP A 38 -7.08 -9.96 -1.56
C TRP A 38 -8.21 -8.91 -1.67
N LEU A 39 -8.11 -7.97 -2.61
CA LEU A 39 -9.16 -6.96 -2.78
C LEU A 39 -10.43 -7.60 -3.29
N ARG A 40 -10.29 -8.42 -4.35
CA ARG A 40 -11.40 -9.15 -4.95
C ARG A 40 -12.51 -8.21 -5.43
N PRO A 41 -12.31 -7.52 -6.58
CA PRO A 41 -13.33 -6.63 -7.18
C PRO A 41 -14.61 -7.37 -7.55
N GLU A 42 -14.53 -8.68 -7.48
CA GLU A 42 -15.65 -9.54 -7.71
C GLU A 42 -16.62 -9.46 -6.55
N VAL A 43 -16.09 -9.41 -5.33
CA VAL A 43 -16.96 -9.44 -4.15
C VAL A 43 -16.89 -8.14 -3.34
N ARG A 44 -15.77 -7.47 -3.35
CA ARG A 44 -15.66 -6.25 -2.56
C ARG A 44 -15.83 -5.02 -3.41
N SER A 45 -16.37 -4.01 -2.79
CA SER A 45 -16.63 -2.76 -3.43
C SER A 45 -15.41 -1.85 -3.34
N LYS A 46 -15.48 -0.74 -4.05
CA LYS A 46 -14.41 0.25 -4.10
C LYS A 46 -14.08 0.79 -2.73
N GLU A 47 -15.11 1.03 -1.92
CA GLU A 47 -14.91 1.59 -0.56
C GLU A 47 -14.00 0.71 0.27
N GLN A 48 -14.22 -0.58 0.14
CA GLN A 48 -13.38 -1.58 0.80
C GLN A 48 -11.94 -1.50 0.37
N MET A 49 -11.73 -1.21 -0.89
CA MET A 49 -10.39 -1.12 -1.44
C MET A 49 -9.65 0.05 -0.84
N LEU A 50 -10.35 1.18 -0.66
CA LEU A 50 -9.78 2.33 0.02
C LEU A 50 -9.36 1.91 1.41
N GLU A 51 -10.28 1.32 2.16
CA GLU A 51 -10.02 0.91 3.54
C GLU A 51 -8.84 -0.04 3.66
N LEU A 52 -8.77 -1.03 2.79
CA LEU A 52 -7.70 -1.99 2.82
C LEU A 52 -6.36 -1.34 2.52
N LEU A 53 -6.35 -0.42 1.56
CA LEU A 53 -5.16 0.29 1.21
C LEU A 53 -4.78 1.35 2.28
N VAL A 54 -5.78 1.89 2.98
CA VAL A 54 -5.53 2.78 4.14
C VAL A 54 -4.71 2.00 5.18
N LEU A 55 -5.12 0.75 5.43
CA LEU A 55 -4.43 -0.18 6.34
C LEU A 55 -2.97 -0.35 5.89
N GLU A 56 -2.80 -0.60 4.61
CA GLU A 56 -1.49 -0.80 4.00
C GLU A 56 -0.51 0.32 4.28
N GLN A 57 -0.95 1.55 4.12
CA GLN A 57 -0.10 2.69 4.38
C GLN A 57 0.05 2.87 5.89
N PHE A 58 -1.07 2.74 6.60
CA PHE A 58 -1.12 2.95 8.06
C PHE A 58 -0.08 2.10 8.77
N LEU A 59 -0.01 0.83 8.41
CA LEU A 59 0.97 -0.07 9.02
C LEU A 59 2.40 0.38 8.84
N GLY A 60 2.74 0.88 7.68
CA GLY A 60 4.12 1.33 7.47
C GLY A 60 4.35 2.71 8.05
N ALA A 61 3.28 3.46 8.25
CA ALA A 61 3.35 4.80 8.84
C ALA A 61 3.70 4.69 10.31
N LEU A 62 3.31 3.57 10.91
CA LEU A 62 3.62 3.24 12.28
C LEU A 62 5.14 3.10 12.44
N PRO A 63 5.70 3.51 13.60
CA PRO A 63 7.12 3.35 13.84
C PRO A 63 7.43 1.88 14.10
N PRO A 64 8.68 1.43 13.79
CA PRO A 64 9.15 0.04 13.94
C PRO A 64 8.50 -0.73 15.10
N GLU A 65 8.61 -0.22 16.31
CA GLU A 65 8.08 -0.88 17.49
C GLU A 65 6.56 -1.13 17.42
N ILE A 66 5.81 -0.11 17.03
CA ILE A 66 4.37 -0.22 16.95
C ILE A 66 3.98 -1.10 15.74
N GLN A 67 4.67 -0.89 14.63
CA GLN A 67 4.41 -1.62 13.40
C GLN A 67 4.65 -3.11 13.58
N ALA A 68 5.76 -3.45 14.25
CA ALA A 68 6.15 -4.83 14.49
C ALA A 68 5.10 -5.59 15.29
N ARG A 69 4.42 -4.87 16.19
CA ARG A 69 3.37 -5.46 17.01
C ARG A 69 2.22 -5.92 16.13
N VAL A 70 1.77 -5.02 15.27
CA VAL A 70 0.69 -5.32 14.34
C VAL A 70 1.11 -6.41 13.40
N GLN A 71 2.33 -6.29 12.92
CA GLN A 71 2.93 -7.24 12.00
C GLN A 71 2.90 -8.65 12.63
N GLY A 72 2.96 -8.71 13.94
CA GLY A 72 2.91 -9.97 14.66
C GLY A 72 1.51 -10.54 14.81
N GLN A 73 0.47 -9.70 14.75
CA GLN A 73 -0.90 -10.19 14.94
C GLN A 73 -1.63 -10.33 13.62
N ARG A 74 -1.49 -9.31 12.80
CA ARG A 74 -2.11 -9.18 11.47
C ARG A 74 -3.64 -9.03 11.54
N PRO A 75 -4.12 -7.80 11.69
CA PRO A 75 -5.56 -7.50 11.72
C PRO A 75 -6.20 -7.63 10.32
N GLY A 76 -5.64 -6.91 9.36
CA GLY A 76 -6.16 -6.90 8.00
C GLY A 76 -7.15 -5.77 7.76
N SER A 77 -7.54 -5.10 8.83
CA SER A 77 -8.48 -4.01 8.74
C SER A 77 -7.88 -2.78 9.43
N PRO A 78 -8.03 -1.58 8.82
CA PRO A 78 -7.41 -0.34 9.31
C PRO A 78 -7.80 0.04 10.74
N GLU A 79 -9.07 -0.06 11.05
CA GLU A 79 -9.56 0.33 12.37
C GLU A 79 -9.16 -0.65 13.44
N GLU A 80 -9.02 -1.91 13.04
CA GLU A 80 -8.55 -2.93 13.93
C GLU A 80 -7.10 -2.60 14.26
N ALA A 81 -6.27 -2.33 13.22
CA ALA A 81 -4.91 -1.89 13.42
C ALA A 81 -4.84 -0.65 14.30
N ALA A 82 -5.74 0.31 14.04
CA ALA A 82 -5.82 1.55 14.82
C ALA A 82 -6.07 1.25 16.29
N ALA A 83 -6.91 0.30 16.54
CA ALA A 83 -7.23 -0.12 17.88
C ALA A 83 -6.07 -0.90 18.51
N LEU A 84 -5.37 -1.72 17.70
CA LEU A 84 -4.22 -2.47 18.19
C LEU A 84 -3.17 -1.50 18.66
N VAL A 85 -2.90 -0.53 17.81
CA VAL A 85 -1.89 0.47 18.06
C VAL A 85 -2.29 1.40 19.16
N ASP A 86 -3.57 1.63 19.29
CA ASP A 86 -4.08 2.47 20.38
C ASP A 86 -3.74 1.84 21.74
N GLY A 87 -3.70 0.51 21.77
CA GLY A 87 -3.29 -0.18 22.97
C GLY A 87 -1.78 -0.22 23.14
N LEU A 88 -1.08 0.08 22.06
CA LEU A 88 0.37 0.10 22.05
C LEU A 88 0.88 1.47 22.49
N ARG A 89 0.18 2.51 22.07
CA ARG A 89 0.47 3.87 22.51
C ARG A 89 0.04 4.02 23.97
N ARG A 90 0.95 3.71 24.84
CA ARG A 90 0.67 3.71 26.23
C ARG A 90 1.54 4.73 26.92
N GLU A 91 0.96 5.44 27.81
CA GLU A 91 1.64 6.44 28.57
C GLU A 91 1.94 5.86 29.94
N PRO A 92 2.99 6.34 30.63
CA PRO A 92 3.39 5.83 31.96
C PRO A 92 2.27 5.93 33.02
N GLY A 93 1.32 6.83 32.81
CA GLY A 93 0.23 6.99 33.74
C GLY A 93 -1.00 6.22 33.28
N GLY A 94 -0.81 5.37 32.29
CA GLY A 94 -1.90 4.57 31.78
C GLY A 94 -1.55 3.11 31.78
N GLY B 1 -14.57 18.88 -8.57
CA GLY B 1 -14.24 19.02 -9.97
C GLY B 1 -12.79 19.33 -10.15
N SER B 2 -12.30 20.20 -9.32
CA SER B 2 -10.93 20.57 -9.34
C SER B 2 -10.25 19.87 -8.16
N ASP B 3 -9.13 19.23 -8.41
CA ASP B 3 -8.42 18.48 -7.38
C ASP B 3 -6.91 18.52 -7.67
N PRO B 4 -6.04 18.15 -6.68
CA PRO B 4 -4.59 18.24 -6.86
C PRO B 4 -3.98 17.08 -7.67
N GLY B 5 -4.80 16.22 -8.23
CA GLY B 5 -4.28 15.13 -9.00
C GLY B 5 -4.08 13.89 -8.16
N PRO B 6 -4.53 12.72 -8.65
CA PRO B 6 -4.42 11.44 -7.92
C PRO B 6 -2.97 11.09 -7.52
N GLU B 7 -2.02 11.42 -8.38
CA GLU B 7 -0.62 11.11 -8.09
C GLU B 7 -0.10 11.93 -6.90
N ALA B 8 -0.52 13.19 -6.83
CA ALA B 8 -0.11 14.07 -5.74
C ALA B 8 -0.85 13.70 -4.49
N ALA B 9 -2.05 13.20 -4.67
CA ALA B 9 -2.88 12.73 -3.59
C ALA B 9 -2.22 11.55 -2.91
N ARG B 10 -1.68 10.63 -3.71
CA ARG B 10 -0.98 9.47 -3.15
C ARG B 10 0.24 9.94 -2.38
N LEU B 11 0.87 11.01 -2.85
CA LEU B 11 2.03 11.53 -2.22
C LEU B 11 1.69 12.03 -0.81
N ARG B 12 0.64 12.82 -0.70
CA ARG B 12 0.20 13.36 0.60
C ARG B 12 -0.20 12.21 1.54
N PHE B 13 -0.75 11.18 0.95
CA PHE B 13 -1.19 10.00 1.66
C PHE B 13 -0.02 9.11 2.11
N ARG B 14 0.87 8.82 1.21
CA ARG B 14 1.99 7.93 1.47
C ARG B 14 3.10 8.62 2.28
N CYS B 15 3.14 9.94 2.24
CA CYS B 15 4.15 10.68 2.98
C CYS B 15 3.66 10.97 4.41
N PHE B 16 2.42 10.61 4.69
CA PHE B 16 1.81 10.80 6.00
C PHE B 16 2.50 9.91 7.03
N HIS B 17 2.93 10.49 8.12
CA HIS B 17 3.54 9.73 9.18
C HIS B 17 2.50 9.45 10.22
N TYR B 18 2.53 8.29 10.80
CA TYR B 18 1.64 8.01 11.88
C TYR B 18 2.06 8.77 13.10
N GLU B 19 1.16 9.54 13.60
CA GLU B 19 1.42 10.31 14.75
C GLU B 19 0.41 10.02 15.84
N GLU B 20 0.92 9.64 16.98
CA GLU B 20 0.13 9.32 18.14
C GLU B 20 -0.60 10.56 18.65
N ALA B 21 -0.07 11.72 18.27
CA ALA B 21 -0.65 13.00 18.63
C ALA B 21 -2.11 13.14 18.15
N THR B 22 -2.41 12.64 16.96
CA THR B 22 -3.75 12.80 16.41
C THR B 22 -4.58 11.52 16.68
N GLY B 23 -3.91 10.43 17.01
CA GLY B 23 -4.59 9.19 17.26
C GLY B 23 -4.74 8.38 15.98
N PRO B 24 -4.62 7.05 16.04
CA PRO B 24 -4.68 6.20 14.84
C PRO B 24 -6.02 6.22 14.11
N GLN B 25 -7.13 6.37 14.83
CA GLN B 25 -8.43 6.39 14.18
C GLN B 25 -8.59 7.67 13.41
N GLU B 26 -8.15 8.75 14.00
CA GLU B 26 -8.21 10.04 13.37
C GLU B 26 -7.21 10.13 12.22
N ALA B 27 -6.09 9.46 12.37
CA ALA B 27 -5.09 9.38 11.31
C ALA B 27 -5.65 8.59 10.13
N LEU B 28 -6.41 7.52 10.42
CA LEU B 28 -7.07 6.73 9.38
C LEU B 28 -8.01 7.58 8.57
N ALA B 29 -8.68 8.51 9.24
CA ALA B 29 -9.61 9.38 8.58
C ALA B 29 -8.88 10.28 7.57
N GLN B 30 -7.69 10.74 7.97
CA GLN B 30 -6.84 11.58 7.11
C GLN B 30 -6.46 10.75 5.90
N LEU B 31 -5.95 9.57 6.20
CA LEU B 31 -5.51 8.61 5.21
C LEU B 31 -6.61 8.23 4.26
N ARG B 32 -7.76 7.91 4.80
CA ARG B 32 -8.90 7.52 4.00
C ARG B 32 -9.28 8.61 3.00
N GLU B 33 -9.36 9.84 3.49
CA GLU B 33 -9.65 11.00 2.65
C GLU B 33 -8.59 11.17 1.56
N LEU B 34 -7.34 11.14 1.95
CA LEU B 34 -6.23 11.30 1.02
C LEU B 34 -6.15 10.15 0.04
N CYS B 35 -6.37 8.95 0.52
CA CYS B 35 -6.40 7.77 -0.29
C CYS B 35 -7.57 7.86 -1.28
N ARG B 36 -8.64 8.51 -0.86
CA ARG B 36 -9.81 8.69 -1.64
C ARG B 36 -9.57 9.70 -2.76
N GLN B 37 -8.70 10.66 -2.53
CA GLN B 37 -8.34 11.67 -3.53
C GLN B 37 -7.50 11.02 -4.64
N TRP B 38 -6.99 9.86 -4.33
CA TRP B 38 -6.13 9.08 -5.17
C TRP B 38 -6.87 7.89 -5.85
N LEU B 39 -7.47 7.01 -5.06
CA LEU B 39 -8.21 5.86 -5.62
C LEU B 39 -9.50 6.33 -6.28
N ARG B 40 -10.20 7.25 -5.59
CA ARG B 40 -11.37 7.96 -6.14
C ARG B 40 -12.52 7.02 -6.53
N PRO B 41 -13.24 6.45 -5.55
CA PRO B 41 -14.34 5.50 -5.79
C PRO B 41 -15.52 6.11 -6.53
N GLU B 42 -15.63 7.41 -6.51
CA GLU B 42 -16.75 8.08 -7.14
C GLU B 42 -16.54 8.14 -8.66
N VAL B 43 -15.32 8.40 -9.08
CA VAL B 43 -15.04 8.54 -10.51
C VAL B 43 -14.32 7.33 -11.10
N ARG B 44 -13.55 6.63 -10.30
CA ARG B 44 -12.82 5.48 -10.79
C ARG B 44 -13.49 4.18 -10.43
N SER B 45 -13.05 3.14 -11.08
CA SER B 45 -13.55 1.81 -10.90
C SER B 45 -12.57 0.98 -10.06
N LYS B 46 -13.08 -0.16 -9.58
CA LYS B 46 -12.33 -1.11 -8.74
C LYS B 46 -10.99 -1.51 -9.35
N GLU B 47 -10.98 -1.71 -10.66
CA GLU B 47 -9.80 -2.17 -11.43
C GLU B 47 -8.60 -1.31 -11.15
N GLN B 48 -8.82 -0.04 -11.25
CA GLN B 48 -7.81 0.99 -11.00
C GLN B 48 -7.21 0.85 -9.61
N MET B 49 -8.05 0.56 -8.64
CA MET B 49 -7.63 0.46 -7.24
C MET B 49 -6.65 -0.67 -7.04
N LEU B 50 -6.93 -1.81 -7.68
CA LEU B 50 -6.00 -2.94 -7.66
C LEU B 50 -4.64 -2.50 -8.17
N GLU B 51 -4.63 -1.87 -9.34
CA GLU B 51 -3.38 -1.44 -9.99
C GLU B 51 -2.62 -0.43 -9.14
N LEU B 52 -3.34 0.51 -8.56
CA LEU B 52 -2.74 1.52 -7.73
C LEU B 52 -2.14 0.90 -6.48
N LEU B 53 -2.82 -0.08 -5.92
CA LEU B 53 -2.32 -0.81 -4.80
C LEU B 53 -1.08 -1.67 -5.19
N VAL B 54 -1.08 -2.17 -6.43
CA VAL B 54 0.08 -2.92 -6.95
C VAL B 54 1.31 -2.03 -6.93
N LEU B 55 1.12 -0.79 -7.36
CA LEU B 55 2.17 0.23 -7.37
C LEU B 55 2.75 0.40 -5.96
N GLU B 56 1.85 0.53 -4.99
CA GLU B 56 2.20 0.68 -3.59
C GLU B 56 3.10 -0.44 -3.07
N GLN B 57 2.77 -1.67 -3.43
CA GLN B 57 3.58 -2.78 -2.97
C GLN B 57 4.86 -2.81 -3.76
N PHE B 58 4.73 -2.69 -5.08
CA PHE B 58 5.86 -2.78 -6.00
C PHE B 58 6.96 -1.82 -5.62
N LEU B 59 6.59 -0.57 -5.38
CA LEU B 59 7.58 0.43 -4.98
C LEU B 59 8.27 0.12 -3.69
N GLY B 60 7.54 -0.42 -2.72
CA GLY B 60 8.16 -0.73 -1.45
C GLY B 60 8.91 -2.05 -1.50
N ALA B 61 8.59 -2.86 -2.49
CA ALA B 61 9.27 -4.13 -2.69
C ALA B 61 10.65 -3.88 -3.29
N LEU B 62 10.76 -2.80 -4.02
CA LEU B 62 12.02 -2.36 -4.58
C LEU B 62 13.01 -2.08 -3.43
N PRO B 63 14.31 -2.35 -3.63
CA PRO B 63 15.33 -2.04 -2.64
C PRO B 63 15.38 -0.53 -2.42
N PRO B 64 15.82 -0.07 -1.23
CA PRO B 64 15.86 1.36 -0.88
C PRO B 64 16.52 2.25 -1.94
N GLU B 65 17.46 1.69 -2.68
CA GLU B 65 18.14 2.44 -3.72
C GLU B 65 17.28 2.57 -4.99
N ILE B 66 16.70 1.46 -5.47
CA ILE B 66 15.88 1.46 -6.67
C ILE B 66 14.59 2.23 -6.41
N GLN B 67 14.06 2.04 -5.22
CA GLN B 67 12.85 2.71 -4.78
C GLN B 67 13.07 4.22 -4.75
N ALA B 68 14.23 4.63 -4.29
CA ALA B 68 14.59 6.04 -4.24
C ALA B 68 14.64 6.64 -5.63
N ARG B 69 15.09 5.86 -6.61
CA ARG B 69 15.20 6.33 -7.99
C ARG B 69 13.80 6.62 -8.53
N VAL B 70 12.86 5.71 -8.23
CA VAL B 70 11.47 5.89 -8.60
C VAL B 70 10.93 7.12 -7.98
N GLN B 71 11.12 7.22 -6.68
CA GLN B 71 10.72 8.37 -5.91
C GLN B 71 11.30 9.69 -6.46
N GLY B 72 12.45 9.61 -7.10
CA GLY B 72 13.02 10.77 -7.73
C GLY B 72 12.23 11.23 -8.96
N GLN B 73 11.72 10.28 -9.75
CA GLN B 73 10.98 10.63 -10.97
C GLN B 73 9.49 10.77 -10.68
N ARG B 74 8.95 9.77 -9.98
CA ARG B 74 7.54 9.65 -9.61
C ARG B 74 6.63 9.27 -10.78
N PRO B 75 6.57 7.97 -11.13
CA PRO B 75 5.69 7.49 -12.19
C PRO B 75 4.20 7.59 -11.78
N GLY B 76 3.86 6.99 -10.64
CA GLY B 76 2.50 7.04 -10.14
C GLY B 76 1.66 5.87 -10.60
N SER B 77 2.21 5.04 -11.47
CA SER B 77 1.51 3.88 -11.98
C SER B 77 2.49 2.69 -12.04
N PRO B 78 2.01 1.44 -11.78
CA PRO B 78 2.88 0.26 -11.66
C PRO B 78 3.68 -0.08 -12.92
N GLU B 79 3.04 -0.05 -14.06
CA GLU B 79 3.70 -0.40 -15.31
C GLU B 79 4.66 0.68 -15.73
N GLU B 80 4.36 1.91 -15.35
CA GLU B 80 5.25 3.00 -15.62
C GLU B 80 6.51 2.81 -14.75
N ALA B 81 6.31 2.50 -13.46
CA ALA B 81 7.41 2.23 -12.53
C ALA B 81 8.28 1.07 -13.05
N ALA B 82 7.62 0.04 -13.56
CA ALA B 82 8.29 -1.15 -14.09
C ALA B 82 9.32 -0.77 -15.16
N ALA B 83 8.97 0.20 -15.97
CA ALA B 83 9.80 0.67 -17.07
C ALA B 83 11.12 1.24 -16.57
N LEU B 84 11.06 2.15 -15.59
CA LEU B 84 12.29 2.74 -15.06
C LEU B 84 13.11 1.74 -14.31
N VAL B 85 12.48 0.96 -13.44
CA VAL B 85 13.21 0.00 -12.62
C VAL B 85 13.90 -1.07 -13.48
N ASP B 86 13.29 -1.41 -14.59
CA ASP B 86 13.87 -2.34 -15.55
C ASP B 86 15.18 -1.76 -16.08
N GLY B 87 15.17 -0.47 -16.36
CA GLY B 87 16.36 0.21 -16.84
C GLY B 87 17.37 0.42 -15.71
N LEU B 88 16.87 0.57 -14.49
CA LEU B 88 17.70 0.77 -13.32
C LEU B 88 18.48 -0.49 -12.99
N ARG B 89 17.80 -1.63 -12.95
CA ARG B 89 18.48 -2.87 -12.72
C ARG B 89 19.24 -3.39 -13.92
N ARG B 90 20.53 -3.14 -13.87
CA ARG B 90 21.42 -3.43 -14.95
C ARG B 90 22.03 -4.81 -14.82
N GLU B 91 22.08 -5.53 -15.90
CA GLU B 91 22.77 -6.78 -15.93
C GLU B 91 24.15 -6.56 -16.50
N PRO B 92 25.21 -7.09 -15.85
CA PRO B 92 26.59 -6.98 -16.34
C PRO B 92 26.70 -7.44 -17.79
N GLY B 93 27.05 -6.53 -18.67
CA GLY B 93 27.13 -6.82 -20.07
C GLY B 93 26.07 -6.06 -20.84
N GLY B 94 25.09 -5.55 -20.13
CA GLY B 94 24.03 -4.82 -20.75
C GLY B 94 24.15 -3.35 -20.48
N GLY A 1 -15.03 -23.66 -2.18
CA GLY A 1 -14.00 -24.47 -1.55
C GLY A 1 -13.53 -23.83 -0.27
N SER A 2 -12.24 -23.78 -0.06
CA SER A 2 -11.68 -23.18 1.11
C SER A 2 -10.64 -22.15 0.71
N ASP A 3 -10.86 -20.94 1.12
CA ASP A 3 -9.94 -19.86 0.81
C ASP A 3 -9.04 -19.59 1.98
N PRO A 4 -7.76 -19.25 1.72
CA PRO A 4 -6.80 -18.90 2.77
C PRO A 4 -7.20 -17.60 3.46
N GLY A 5 -8.05 -16.84 2.79
CA GLY A 5 -8.55 -15.60 3.31
C GLY A 5 -7.79 -14.42 2.74
N PRO A 6 -8.41 -13.23 2.74
CA PRO A 6 -7.79 -12.02 2.19
C PRO A 6 -6.68 -11.50 3.08
N GLU A 7 -6.73 -11.87 4.36
CA GLU A 7 -5.77 -11.41 5.33
C GLU A 7 -4.42 -12.07 5.05
N ALA A 8 -4.46 -13.36 4.76
CA ALA A 8 -3.29 -14.13 4.41
C ALA A 8 -2.75 -13.67 3.07
N ALA A 9 -3.66 -13.38 2.16
CA ALA A 9 -3.30 -12.89 0.83
C ALA A 9 -2.56 -11.56 0.95
N ARG A 10 -3.05 -10.69 1.84
CA ARG A 10 -2.48 -9.40 2.10
C ARG A 10 -1.02 -9.60 2.57
N LEU A 11 -0.81 -10.63 3.40
CA LEU A 11 0.52 -10.93 3.92
C LEU A 11 1.42 -11.38 2.79
N ARG A 12 0.95 -12.35 2.03
CA ARG A 12 1.70 -12.95 0.91
C ARG A 12 2.08 -11.90 -0.12
N PHE A 13 1.16 -10.99 -0.37
CA PHE A 13 1.34 -9.89 -1.28
C PHE A 13 2.52 -9.01 -0.86
N ARG A 14 2.64 -8.72 0.42
CA ARG A 14 3.75 -7.91 0.90
C ARG A 14 5.02 -8.70 1.12
N CYS A 15 4.88 -9.98 1.39
CA CYS A 15 6.04 -10.83 1.62
C CYS A 15 6.75 -11.13 0.30
N PHE A 16 6.02 -10.94 -0.80
CA PHE A 16 6.57 -11.11 -2.12
C PHE A 16 7.75 -10.18 -2.31
N HIS A 17 8.87 -10.75 -2.66
CA HIS A 17 10.06 -9.97 -2.87
C HIS A 17 10.19 -9.72 -4.35
N TYR A 18 10.57 -8.53 -4.73
CA TYR A 18 10.82 -8.31 -6.12
C TYR A 18 12.12 -8.96 -6.49
N GLU A 19 12.03 -9.89 -7.38
CA GLU A 19 13.14 -10.61 -7.83
C GLU A 19 13.46 -10.26 -9.28
N GLU A 20 14.65 -9.73 -9.47
CA GLU A 20 15.13 -9.32 -10.78
C GLU A 20 15.26 -10.52 -11.71
N ALA A 21 15.30 -11.70 -11.12
CA ALA A 21 15.41 -12.95 -11.85
C ALA A 21 14.21 -13.18 -12.78
N THR A 22 13.01 -12.80 -12.35
CA THR A 22 11.85 -13.03 -13.17
C THR A 22 11.47 -11.75 -13.94
N GLY A 23 12.00 -10.64 -13.50
CA GLY A 23 11.68 -9.38 -14.12
C GLY A 23 10.48 -8.75 -13.45
N PRO A 24 10.30 -7.45 -13.59
CA PRO A 24 9.22 -6.75 -12.92
C PRO A 24 7.87 -7.00 -13.55
N GLN A 25 7.88 -7.26 -14.84
CA GLN A 25 6.70 -7.41 -15.58
C GLN A 25 5.94 -8.67 -15.08
N GLU A 26 6.69 -9.76 -14.87
CA GLU A 26 6.10 -10.98 -14.39
C GLU A 26 5.78 -10.88 -12.91
N ALA A 27 6.64 -10.19 -12.18
CA ALA A 27 6.44 -9.98 -10.75
C ALA A 27 5.15 -9.18 -10.49
N LEU A 28 4.87 -8.22 -11.36
CA LEU A 28 3.62 -7.46 -11.29
C LEU A 28 2.43 -8.35 -11.41
N ALA A 29 2.49 -9.28 -12.34
CA ALA A 29 1.39 -10.20 -12.57
C ALA A 29 1.10 -11.01 -11.31
N GLN A 30 2.16 -11.34 -10.58
CA GLN A 30 2.05 -12.10 -9.35
C GLN A 30 1.37 -11.23 -8.29
N LEU A 31 1.92 -10.04 -8.11
CA LEU A 31 1.39 -9.04 -7.17
C LEU A 31 -0.03 -8.68 -7.49
N ARG A 32 -0.32 -8.57 -8.75
CA ARG A 32 -1.61 -8.19 -9.25
C ARG A 32 -2.65 -9.20 -8.83
N GLU A 33 -2.34 -10.46 -9.00
CA GLU A 33 -3.29 -11.46 -8.62
C GLU A 33 -3.31 -11.61 -7.11
N LEU A 34 -2.15 -11.52 -6.45
CA LEU A 34 -2.08 -11.61 -4.97
C LEU A 34 -2.91 -10.50 -4.35
N CYS A 35 -2.79 -9.31 -4.91
CA CYS A 35 -3.54 -8.16 -4.50
C CYS A 35 -5.03 -8.43 -4.73
N ARG A 36 -5.32 -9.04 -5.87
CA ARG A 36 -6.66 -9.39 -6.22
C ARG A 36 -7.24 -10.49 -5.32
N GLN A 37 -6.38 -11.38 -4.81
CA GLN A 37 -6.84 -12.43 -3.87
C GLN A 37 -7.25 -11.76 -2.54
N TRP A 38 -6.65 -10.60 -2.31
CA TRP A 38 -6.82 -9.81 -1.11
C TRP A 38 -8.04 -8.87 -1.15
N LEU A 39 -8.14 -7.97 -2.15
CA LEU A 39 -9.31 -7.08 -2.17
C LEU A 39 -10.50 -7.78 -2.81
N ARG A 40 -10.22 -8.57 -3.84
CA ARG A 40 -11.24 -9.31 -4.61
C ARG A 40 -12.36 -8.40 -5.16
N PRO A 41 -12.13 -7.74 -6.31
CA PRO A 41 -13.12 -6.82 -6.94
C PRO A 41 -14.42 -7.52 -7.35
N GLU A 42 -14.40 -8.83 -7.33
CA GLU A 42 -15.57 -9.60 -7.69
C GLU A 42 -16.55 -9.63 -6.52
N VAL A 43 -16.04 -9.68 -5.31
CA VAL A 43 -16.88 -9.75 -4.13
C VAL A 43 -16.90 -8.44 -3.36
N ARG A 44 -15.81 -7.69 -3.45
CA ARG A 44 -15.72 -6.40 -2.79
C ARG A 44 -15.69 -5.29 -3.81
N SER A 45 -16.17 -4.17 -3.40
CA SER A 45 -16.27 -3.02 -4.26
C SER A 45 -15.26 -1.92 -3.83
N LYS A 46 -15.22 -0.83 -4.61
CA LYS A 46 -14.28 0.29 -4.42
C LYS A 46 -14.23 0.83 -2.98
N GLU A 47 -15.39 0.88 -2.34
CA GLU A 47 -15.53 1.37 -0.94
C GLU A 47 -14.57 0.62 -0.05
N GLN A 48 -14.63 -0.68 -0.17
CA GLN A 48 -13.84 -1.61 0.62
C GLN A 48 -12.36 -1.46 0.31
N MET A 49 -12.06 -1.17 -0.94
CA MET A 49 -10.68 -1.04 -1.36
C MET A 49 -10.04 0.18 -0.75
N LEU A 50 -10.82 1.27 -0.59
CA LEU A 50 -10.35 2.46 0.12
C LEU A 50 -9.86 2.06 1.50
N GLU A 51 -10.73 1.34 2.22
CA GLU A 51 -10.48 0.90 3.59
C GLU A 51 -9.18 0.11 3.70
N LEU A 52 -9.07 -0.93 2.88
CA LEU A 52 -7.92 -1.80 2.91
C LEU A 52 -6.63 -1.05 2.64
N LEU A 53 -6.68 -0.14 1.69
CA LEU A 53 -5.53 0.62 1.33
C LEU A 53 -5.17 1.69 2.39
N VAL A 54 -6.16 2.22 3.10
CA VAL A 54 -5.87 3.15 4.21
C VAL A 54 -5.07 2.40 5.30
N LEU A 55 -5.49 1.15 5.56
CA LEU A 55 -4.83 0.26 6.54
C LEU A 55 -3.36 0.11 6.19
N GLU A 56 -3.12 -0.17 4.93
CA GLU A 56 -1.78 -0.35 4.38
C GLU A 56 -0.84 0.81 4.70
N GLN A 57 -1.26 2.02 4.41
CA GLN A 57 -0.39 3.16 4.64
C GLN A 57 -0.33 3.44 6.14
N PHE A 58 -1.47 3.33 6.82
CA PHE A 58 -1.55 3.60 8.25
C PHE A 58 -0.56 2.76 9.04
N LEU A 59 -0.51 1.46 8.74
CA LEU A 59 0.43 0.57 9.43
C LEU A 59 1.88 0.94 9.22
N GLY A 60 2.22 1.41 8.04
CA GLY A 60 3.60 1.79 7.79
C GLY A 60 3.94 3.19 8.31
N ALA A 61 2.90 4.03 8.44
CA ALA A 61 3.07 5.38 8.96
C ALA A 61 3.49 5.33 10.42
N LEU A 62 3.10 4.27 11.10
CA LEU A 62 3.46 4.01 12.48
C LEU A 62 4.99 3.92 12.63
N PRO A 63 5.53 4.32 13.80
CA PRO A 63 6.96 4.19 14.05
C PRO A 63 7.31 2.71 14.27
N PRO A 64 8.61 2.35 14.15
CA PRO A 64 9.08 0.95 14.20
C PRO A 64 8.49 0.08 15.32
N GLU A 65 8.39 0.60 16.52
CA GLU A 65 7.90 -0.21 17.64
C GLU A 65 6.39 -0.38 17.62
N ILE A 66 5.66 0.70 17.37
CA ILE A 66 4.20 0.62 17.30
C ILE A 66 3.81 -0.25 16.12
N GLN A 67 4.50 -0.08 15.00
CA GLN A 67 4.25 -0.85 13.81
C GLN A 67 4.53 -2.31 14.07
N ALA A 68 5.66 -2.61 14.69
CA ALA A 68 6.04 -3.99 14.99
C ALA A 68 5.02 -4.69 15.88
N ARG A 69 4.48 -3.97 16.85
CA ARG A 69 3.47 -4.53 17.75
C ARG A 69 2.22 -4.98 16.98
N VAL A 70 1.65 -4.06 16.21
CA VAL A 70 0.44 -4.35 15.42
C VAL A 70 0.74 -5.36 14.33
N GLN A 71 1.96 -5.31 13.85
CA GLN A 71 2.49 -6.17 12.81
C GLN A 71 2.35 -7.64 13.21
N GLY A 72 2.34 -7.92 14.49
CA GLY A 72 2.16 -9.29 14.91
C GLY A 72 0.71 -9.79 14.74
N GLN A 73 -0.24 -8.86 14.60
CA GLN A 73 -1.65 -9.23 14.52
C GLN A 73 -2.23 -9.03 13.12
N ARG A 74 -2.10 -7.79 12.62
CA ARG A 74 -2.80 -7.34 11.39
C ARG A 74 -4.31 -7.46 11.50
N PRO A 75 -4.96 -6.45 12.09
CA PRO A 75 -6.43 -6.41 12.25
C PRO A 75 -7.17 -6.58 10.93
N GLY A 76 -6.65 -5.95 9.89
CA GLY A 76 -7.26 -6.06 8.57
C GLY A 76 -8.25 -4.94 8.32
N SER A 77 -8.31 -4.02 9.23
CA SER A 77 -9.15 -2.85 9.12
C SER A 77 -8.44 -1.69 9.84
N PRO A 78 -8.39 -0.51 9.19
CA PRO A 78 -7.67 0.66 9.72
C PRO A 78 -8.09 1.10 11.13
N GLU A 79 -9.38 1.15 11.39
CA GLU A 79 -9.88 1.66 12.68
C GLU A 79 -9.56 0.69 13.79
N GLU A 80 -9.55 -0.57 13.43
CA GLU A 80 -9.21 -1.62 14.35
C GLU A 80 -7.74 -1.46 14.74
N ALA A 81 -6.86 -1.23 13.72
CA ALA A 81 -5.45 -0.95 13.98
C ALA A 81 -5.30 0.29 14.83
N ALA A 82 -6.05 1.33 14.47
CA ALA A 82 -6.05 2.61 15.20
C ALA A 82 -6.35 2.39 16.67
N ALA A 83 -7.23 1.49 16.93
CA ALA A 83 -7.62 1.15 18.27
C ALA A 83 -6.47 0.50 19.03
N LEU A 84 -5.83 -0.55 18.47
CA LEU A 84 -4.74 -1.14 19.22
C LEU A 84 -3.52 -0.27 19.29
N VAL A 85 -3.23 0.48 18.22
CA VAL A 85 -2.05 1.37 18.23
C VAL A 85 -2.18 2.47 19.25
N ASP A 86 -3.41 2.93 19.49
CA ASP A 86 -3.65 3.93 20.54
C ASP A 86 -3.30 3.33 21.89
N GLY A 87 -3.49 2.05 22.00
CA GLY A 87 -3.09 1.34 23.18
C GLY A 87 -1.59 1.11 23.18
N LEU A 88 -1.05 0.65 22.05
CA LEU A 88 0.40 0.33 21.87
C LEU A 88 1.32 1.52 22.14
N ARG A 89 0.84 2.72 21.83
CA ARG A 89 1.61 3.96 22.06
C ARG A 89 1.64 4.31 23.55
N ARG A 90 0.95 3.55 24.32
CA ARG A 90 0.83 3.76 25.73
C ARG A 90 1.36 2.50 26.44
N GLU A 91 0.77 1.38 26.07
CA GLU A 91 1.16 0.03 26.44
C GLU A 91 1.12 -0.26 27.95
N PRO A 92 0.11 -1.05 28.38
CA PRO A 92 -0.02 -1.48 29.77
C PRO A 92 1.22 -2.25 30.27
N GLY A 93 1.59 -3.31 29.57
CA GLY A 93 2.71 -4.10 30.00
C GLY A 93 3.27 -5.01 28.94
N GLY A 94 4.45 -4.67 28.45
CA GLY A 94 5.12 -5.46 27.43
C GLY A 94 4.40 -5.45 26.10
N GLY B 1 -13.17 20.75 -10.60
CA GLY B 1 -12.82 21.22 -11.93
C GLY B 1 -11.36 20.97 -12.23
N SER B 2 -10.54 21.14 -11.22
CA SER B 2 -9.13 20.91 -11.33
C SER B 2 -8.61 20.45 -9.98
N ASP B 3 -7.74 19.47 -10.00
CA ASP B 3 -7.18 18.91 -8.80
C ASP B 3 -5.69 18.73 -8.98
N PRO B 4 -4.93 18.59 -7.88
CA PRO B 4 -3.51 18.27 -7.97
C PRO B 4 -3.30 16.88 -8.61
N GLY B 5 -4.32 16.04 -8.48
CA GLY B 5 -4.31 14.74 -9.09
C GLY B 5 -3.99 13.62 -8.12
N PRO B 6 -4.18 12.36 -8.52
CA PRO B 6 -3.97 11.19 -7.65
C PRO B 6 -2.50 11.01 -7.29
N GLU B 7 -1.62 11.40 -8.17
CA GLU B 7 -0.19 11.25 -7.96
C GLU B 7 0.24 12.18 -6.84
N ALA B 8 -0.22 13.41 -6.93
CA ALA B 8 0.09 14.41 -5.93
C ALA B 8 -0.54 14.02 -4.59
N ALA B 9 -1.73 13.42 -4.66
CA ALA B 9 -2.41 12.95 -3.48
C ALA B 9 -1.60 11.85 -2.80
N ARG B 10 -1.07 10.90 -3.60
CA ARG B 10 -0.24 9.83 -3.05
C ARG B 10 0.95 10.36 -2.28
N LEU B 11 1.56 11.41 -2.81
CA LEU B 11 2.72 12.03 -2.17
C LEU B 11 2.35 12.52 -0.79
N ARG B 12 1.28 13.29 -0.73
CA ARG B 12 0.77 13.84 0.54
C ARG B 12 0.36 12.73 1.49
N PHE B 13 -0.33 11.76 0.95
CA PHE B 13 -0.82 10.61 1.67
C PHE B 13 0.32 9.73 2.25
N ARG B 14 1.38 9.49 1.49
CA ARG B 14 2.50 8.70 2.00
C ARG B 14 3.43 9.51 2.90
N CYS B 15 3.45 10.81 2.74
CA CYS B 15 4.30 11.65 3.58
C CYS B 15 3.63 11.92 4.91
N PHE B 16 2.40 11.43 5.05
CA PHE B 16 1.66 11.57 6.27
C PHE B 16 2.35 10.77 7.36
N HIS B 17 2.77 11.44 8.37
CA HIS B 17 3.43 10.77 9.47
C HIS B 17 2.39 10.46 10.50
N TYR B 18 2.50 9.35 11.16
CA TYR B 18 1.58 9.06 12.20
C TYR B 18 1.89 9.94 13.38
N GLU B 19 0.95 10.74 13.72
CA GLU B 19 1.07 11.68 14.79
C GLU B 19 0.12 11.33 15.91
N GLU B 20 0.71 10.98 17.02
CA GLU B 20 -0.02 10.57 18.21
C GLU B 20 -0.81 11.72 18.80
N ALA B 21 -0.43 12.93 18.44
CA ALA B 21 -1.10 14.11 18.92
C ALA B 21 -2.52 14.20 18.39
N THR B 22 -2.75 13.72 17.17
CA THR B 22 -4.07 13.81 16.59
C THR B 22 -4.84 12.49 16.90
N GLY B 23 -4.12 11.46 17.30
CA GLY B 23 -4.72 10.18 17.58
C GLY B 23 -4.91 9.36 16.31
N PRO B 24 -4.71 8.03 16.34
CA PRO B 24 -4.80 7.19 15.15
C PRO B 24 -6.17 7.17 14.50
N GLN B 25 -7.24 7.27 15.31
CA GLN B 25 -8.61 7.27 14.77
C GLN B 25 -8.79 8.51 13.91
N GLU B 26 -8.32 9.61 14.41
CA GLU B 26 -8.43 10.88 13.73
C GLU B 26 -7.45 10.97 12.57
N ALA B 27 -6.29 10.36 12.73
CA ALA B 27 -5.31 10.29 11.65
C ALA B 27 -5.87 9.50 10.47
N LEU B 28 -6.67 8.48 10.78
CA LEU B 28 -7.37 7.72 9.77
C LEU B 28 -8.31 8.58 9.00
N ALA B 29 -9.03 9.43 9.72
CA ALA B 29 -9.97 10.34 9.10
C ALA B 29 -9.26 11.25 8.10
N GLN B 30 -7.98 11.50 8.34
CA GLN B 30 -7.18 12.32 7.46
C GLN B 30 -6.80 11.48 6.23
N LEU B 31 -6.24 10.29 6.50
CA LEU B 31 -5.80 9.35 5.46
C LEU B 31 -6.94 8.86 4.60
N ARG B 32 -8.07 8.70 5.21
CA ARG B 32 -9.24 8.18 4.54
C ARG B 32 -9.67 9.08 3.40
N GLU B 33 -9.66 10.38 3.63
CA GLU B 33 -10.03 11.27 2.58
C GLU B 33 -8.90 11.35 1.57
N LEU B 34 -7.64 11.42 2.07
CA LEU B 34 -6.45 11.53 1.20
C LEU B 34 -6.38 10.33 0.25
N CYS B 35 -6.65 9.15 0.78
CA CYS B 35 -6.64 7.93 0.01
C CYS B 35 -7.77 7.98 -1.04
N ARG B 36 -8.90 8.57 -0.66
CA ARG B 36 -10.00 8.74 -1.56
C ARG B 36 -9.71 9.80 -2.62
N GLN B 37 -8.93 10.83 -2.26
CA GLN B 37 -8.52 11.88 -3.20
C GLN B 37 -7.63 11.30 -4.27
N TRP B 38 -6.97 10.23 -3.90
CA TRP B 38 -6.09 9.49 -4.75
C TRP B 38 -6.84 8.43 -5.58
N LEU B 39 -7.44 7.45 -4.93
CA LEU B 39 -8.15 6.35 -5.61
C LEU B 39 -9.34 6.88 -6.40
N ARG B 40 -10.13 7.71 -5.75
CA ARG B 40 -11.36 8.28 -6.29
C ARG B 40 -12.32 7.24 -6.83
N PRO B 41 -12.95 6.45 -5.93
CA PRO B 41 -13.96 5.44 -6.28
C PRO B 41 -15.09 5.98 -7.15
N GLU B 42 -15.33 7.27 -7.04
CA GLU B 42 -16.38 7.93 -7.78
C GLU B 42 -16.05 7.89 -9.29
N VAL B 43 -14.77 7.91 -9.62
CA VAL B 43 -14.38 7.90 -11.01
C VAL B 43 -13.66 6.61 -11.41
N ARG B 44 -12.96 5.98 -10.47
CA ARG B 44 -12.27 4.76 -10.81
C ARG B 44 -13.03 3.54 -10.45
N SER B 45 -12.90 2.58 -11.31
CA SER B 45 -13.48 1.32 -11.14
C SER B 45 -12.57 0.48 -10.26
N LYS B 46 -13.11 -0.60 -9.73
CA LYS B 46 -12.40 -1.47 -8.82
C LYS B 46 -11.11 -2.04 -9.41
N GLU B 47 -11.13 -2.27 -10.69
CA GLU B 47 -9.97 -2.85 -11.42
C GLU B 47 -8.75 -1.98 -11.23
N GLN B 48 -8.97 -0.70 -11.44
CA GLN B 48 -7.91 0.31 -11.38
C GLN B 48 -7.32 0.46 -10.00
N MET B 49 -8.11 0.15 -9.00
CA MET B 49 -7.66 0.22 -7.62
C MET B 49 -6.57 -0.80 -7.40
N LEU B 50 -6.79 -2.00 -7.94
CA LEU B 50 -5.80 -3.07 -7.90
C LEU B 50 -4.51 -2.61 -8.51
N GLU B 51 -4.59 -2.05 -9.70
CA GLU B 51 -3.44 -1.60 -10.47
C GLU B 51 -2.58 -0.62 -9.65
N LEU B 52 -3.23 0.39 -9.07
CA LEU B 52 -2.56 1.38 -8.25
C LEU B 52 -1.90 0.72 -7.04
N LEU B 53 -2.63 -0.16 -6.42
CA LEU B 53 -2.20 -0.83 -5.23
C LEU B 53 -1.05 -1.83 -5.49
N VAL B 54 -1.04 -2.41 -6.69
CA VAL B 54 0.07 -3.27 -7.10
C VAL B 54 1.34 -2.45 -7.14
N LEU B 55 1.24 -1.26 -7.73
CA LEU B 55 2.35 -0.31 -7.83
C LEU B 55 2.87 0.02 -6.44
N GLU B 56 1.95 0.30 -5.52
CA GLU B 56 2.28 0.65 -4.14
C GLU B 56 3.18 -0.38 -3.48
N GLN B 57 2.83 -1.64 -3.57
CA GLN B 57 3.63 -2.68 -2.95
C GLN B 57 4.89 -2.91 -3.80
N PHE B 58 4.71 -2.95 -5.13
CA PHE B 58 5.80 -3.22 -6.07
C PHE B 58 6.98 -2.30 -5.85
N LEU B 59 6.69 -1.03 -5.64
CA LEU B 59 7.75 -0.08 -5.41
C LEU B 59 8.54 -0.34 -4.14
N GLY B 60 7.88 -0.83 -3.11
CA GLY B 60 8.59 -1.16 -1.88
C GLY B 60 9.27 -2.51 -1.97
N ALA B 61 8.73 -3.38 -2.83
CA ALA B 61 9.30 -4.70 -3.05
C ALA B 61 10.65 -4.58 -3.75
N LEU B 62 10.84 -3.47 -4.46
CA LEU B 62 12.09 -3.13 -5.10
C LEU B 62 13.18 -2.96 -4.04
N PRO B 63 14.42 -3.33 -4.35
CA PRO B 63 15.52 -3.15 -3.43
C PRO B 63 15.90 -1.67 -3.36
N PRO B 64 16.55 -1.25 -2.24
CA PRO B 64 16.93 0.16 -1.97
C PRO B 64 17.38 0.97 -3.20
N GLU B 65 18.33 0.44 -3.98
CA GLU B 65 18.83 1.21 -5.14
C GLU B 65 17.78 1.39 -6.22
N ILE B 66 17.08 0.33 -6.56
CA ILE B 66 16.08 0.40 -7.59
C ILE B 66 14.90 1.28 -7.12
N GLN B 67 14.54 1.13 -5.86
CA GLN B 67 13.46 1.86 -5.26
C GLN B 67 13.79 3.36 -5.17
N ALA B 68 15.04 3.65 -4.92
CA ALA B 68 15.51 5.04 -4.84
C ALA B 68 15.39 5.75 -6.19
N ARG B 69 15.58 5.00 -7.27
CA ARG B 69 15.53 5.54 -8.63
C ARG B 69 14.08 5.88 -9.04
N VAL B 70 13.19 4.89 -8.89
CA VAL B 70 11.77 5.02 -9.31
C VAL B 70 11.07 6.21 -8.64
N GLN B 71 11.37 6.42 -7.38
CA GLN B 71 10.82 7.55 -6.61
C GLN B 71 11.15 8.91 -7.21
N GLY B 72 12.27 9.02 -7.90
CA GLY B 72 12.65 10.26 -8.53
C GLY B 72 11.67 10.70 -9.62
N GLN B 73 11.20 9.76 -10.41
CA GLN B 73 10.25 10.08 -11.48
C GLN B 73 8.83 9.90 -11.00
N ARG B 74 8.66 8.85 -10.22
CA ARG B 74 7.40 8.41 -9.67
C ARG B 74 6.40 8.11 -10.81
N PRO B 75 6.42 6.88 -11.36
CA PRO B 75 5.58 6.48 -12.53
C PRO B 75 4.07 6.61 -12.30
N GLY B 76 3.60 6.02 -11.22
CA GLY B 76 2.18 6.07 -10.89
C GLY B 76 1.41 4.90 -11.43
N SER B 77 2.04 4.13 -12.28
CA SER B 77 1.44 2.95 -12.83
C SER B 77 2.44 1.79 -12.68
N PRO B 78 1.96 0.58 -12.33
CA PRO B 78 2.81 -0.57 -12.07
C PRO B 78 3.69 -0.97 -13.25
N GLU B 79 3.11 -0.99 -14.43
CA GLU B 79 3.82 -1.42 -15.62
C GLU B 79 4.80 -0.36 -16.10
N GLU B 80 4.47 0.89 -15.83
CA GLU B 80 5.32 1.99 -16.13
C GLU B 80 6.58 1.83 -15.27
N ALA B 81 6.36 1.53 -13.96
CA ALA B 81 7.43 1.25 -13.03
C ALA B 81 8.26 0.06 -13.51
N ALA B 82 7.58 -0.99 -13.97
CA ALA B 82 8.23 -2.20 -14.48
C ALA B 82 9.20 -1.87 -15.60
N ALA B 83 8.82 -0.95 -16.44
CA ALA B 83 9.66 -0.54 -17.54
C ALA B 83 10.83 0.34 -17.05
N LEU B 84 10.62 1.08 -15.96
CA LEU B 84 11.69 1.95 -15.42
C LEU B 84 12.74 1.07 -14.77
N VAL B 85 12.25 0.17 -13.93
CA VAL B 85 13.07 -0.70 -13.13
C VAL B 85 13.79 -1.74 -13.95
N ASP B 86 13.18 -2.13 -15.05
CA ASP B 86 13.82 -3.07 -15.97
C ASP B 86 15.17 -2.53 -16.46
N GLY B 87 15.26 -1.23 -16.61
CA GLY B 87 16.52 -0.64 -17.02
C GLY B 87 17.51 -0.60 -15.86
N LEU B 88 16.99 -0.74 -14.65
CA LEU B 88 17.77 -0.71 -13.43
C LEU B 88 18.30 -2.11 -13.07
N ARG B 89 17.56 -3.13 -13.47
CA ARG B 89 18.05 -4.51 -13.31
C ARG B 89 19.04 -4.80 -14.43
N ARG B 90 18.89 -4.05 -15.49
CA ARG B 90 19.74 -4.13 -16.67
C ARG B 90 20.77 -2.98 -16.61
N GLU B 91 20.92 -2.41 -15.41
CA GLU B 91 21.80 -1.27 -15.15
C GLU B 91 23.23 -1.51 -15.63
N PRO B 92 23.71 -0.71 -16.60
CA PRO B 92 25.07 -0.78 -17.06
C PRO B 92 25.98 0.21 -16.32
N GLY B 93 25.37 1.01 -15.45
CA GLY B 93 26.13 1.96 -14.67
C GLY B 93 25.72 3.38 -14.99
N GLY B 94 24.59 3.80 -14.43
CA GLY B 94 24.10 5.13 -14.66
C GLY B 94 22.68 5.26 -14.16
N GLY A 1 -11.46 -21.88 -7.22
CA GLY A 1 -11.95 -22.52 -6.00
C GLY A 1 -10.94 -22.43 -4.90
N SER A 2 -11.39 -22.76 -3.68
CA SER A 2 -10.55 -22.75 -2.48
C SER A 2 -9.96 -21.35 -2.23
N ASP A 3 -10.72 -20.52 -1.55
CA ASP A 3 -10.27 -19.16 -1.25
C ASP A 3 -9.48 -19.18 0.04
N PRO A 4 -8.22 -18.75 0.01
CA PRO A 4 -7.34 -18.77 1.18
C PRO A 4 -7.59 -17.62 2.16
N GLY A 5 -8.54 -16.77 1.85
CA GLY A 5 -8.80 -15.63 2.67
C GLY A 5 -7.98 -14.44 2.23
N PRO A 6 -8.58 -13.23 2.18
CA PRO A 6 -7.86 -12.00 1.76
C PRO A 6 -6.63 -11.74 2.62
N GLU A 7 -6.72 -12.12 3.89
CA GLU A 7 -5.62 -11.95 4.82
C GLU A 7 -4.38 -12.75 4.39
N ALA A 8 -4.60 -13.98 3.92
CA ALA A 8 -3.52 -14.85 3.48
C ALA A 8 -3.01 -14.39 2.14
N ALA A 9 -3.90 -13.87 1.33
CA ALA A 9 -3.54 -13.34 0.04
C ALA A 9 -2.62 -12.14 0.20
N ARG A 10 -2.97 -11.26 1.14
CA ARG A 10 -2.12 -10.14 1.46
C ARG A 10 -0.81 -10.57 2.08
N LEU A 11 -0.84 -11.67 2.84
CA LEU A 11 0.33 -12.21 3.42
C LEU A 11 1.31 -12.59 2.32
N ARG A 12 0.80 -13.25 1.28
CA ARG A 12 1.61 -13.62 0.10
C ARG A 12 2.18 -12.36 -0.54
N PHE A 13 1.29 -11.41 -0.73
CA PHE A 13 1.54 -10.13 -1.38
C PHE A 13 2.63 -9.32 -0.62
N ARG A 14 2.60 -9.38 0.69
CA ARG A 14 3.58 -8.68 1.52
C ARG A 14 4.81 -9.55 1.82
N CYS A 15 4.72 -10.83 1.56
CA CYS A 15 5.85 -11.73 1.76
C CYS A 15 6.68 -11.77 0.48
N PHE A 16 6.15 -11.17 -0.56
CA PHE A 16 6.81 -11.15 -1.84
C PHE A 16 8.03 -10.25 -1.79
N HIS A 17 9.17 -10.82 -2.08
CA HIS A 17 10.39 -10.03 -2.15
C HIS A 17 10.56 -9.62 -3.59
N TYR A 18 11.05 -8.45 -3.81
CA TYR A 18 11.34 -8.08 -5.16
C TYR A 18 12.58 -8.81 -5.60
N GLU A 19 12.45 -9.53 -6.65
CA GLU A 19 13.51 -10.29 -7.21
C GLU A 19 13.83 -9.79 -8.62
N GLU A 20 14.89 -8.98 -8.70
CA GLU A 20 15.35 -8.35 -9.95
C GLU A 20 15.52 -9.34 -11.08
N ALA A 21 15.99 -10.53 -10.73
CA ALA A 21 16.24 -11.63 -11.69
C ALA A 21 14.97 -12.01 -12.46
N THR A 22 13.87 -11.81 -11.82
CA THR A 22 12.58 -12.14 -12.30
C THR A 22 11.95 -10.98 -13.06
N GLY A 23 12.50 -9.81 -12.89
CA GLY A 23 12.00 -8.66 -13.57
C GLY A 23 10.92 -8.00 -12.75
N PRO A 24 10.64 -6.72 -12.98
CA PRO A 24 9.67 -6.03 -12.17
C PRO A 24 8.26 -6.24 -12.68
N GLN A 25 8.13 -6.42 -13.95
CA GLN A 25 6.88 -6.52 -14.58
C GLN A 25 6.31 -7.90 -14.35
N GLU A 26 7.19 -8.91 -14.17
CA GLU A 26 6.71 -10.23 -13.84
C GLU A 26 6.30 -10.22 -12.38
N ALA A 27 7.02 -9.43 -11.60
CA ALA A 27 6.69 -9.23 -10.21
C ALA A 27 5.32 -8.59 -10.10
N LEU A 28 5.07 -7.58 -10.95
CA LEU A 28 3.78 -6.92 -11.02
C LEU A 28 2.67 -7.90 -11.33
N ALA A 29 2.90 -8.77 -12.31
CA ALA A 29 1.92 -9.77 -12.70
C ALA A 29 1.53 -10.62 -11.51
N GLN A 30 2.53 -11.03 -10.75
CA GLN A 30 2.35 -11.82 -9.55
C GLN A 30 1.66 -11.03 -8.45
N LEU A 31 2.14 -9.82 -8.21
CA LEU A 31 1.57 -8.92 -7.20
C LEU A 31 0.14 -8.56 -7.52
N ARG A 32 -0.14 -8.30 -8.78
CA ARG A 32 -1.47 -7.97 -9.22
C ARG A 32 -2.41 -9.13 -8.99
N GLU A 33 -1.92 -10.30 -9.26
CA GLU A 33 -2.64 -11.52 -9.03
C GLU A 33 -2.89 -11.69 -7.52
N LEU A 34 -1.83 -11.54 -6.72
CA LEU A 34 -1.92 -11.66 -5.26
C LEU A 34 -2.84 -10.60 -4.66
N CYS A 35 -2.72 -9.37 -5.13
CA CYS A 35 -3.54 -8.29 -4.61
C CYS A 35 -4.99 -8.49 -5.02
N ARG A 36 -5.21 -9.11 -6.17
CA ARG A 36 -6.52 -9.41 -6.63
C ARG A 36 -7.15 -10.53 -5.79
N GLN A 37 -6.32 -11.42 -5.28
CA GLN A 37 -6.77 -12.49 -4.39
C GLN A 37 -7.18 -11.92 -3.02
N TRP A 38 -6.69 -10.73 -2.76
CA TRP A 38 -6.89 -9.98 -1.53
C TRP A 38 -8.05 -8.96 -1.66
N LEU A 39 -7.92 -8.06 -2.60
CA LEU A 39 -8.90 -7.01 -2.84
C LEU A 39 -10.17 -7.60 -3.45
N ARG A 40 -9.98 -8.50 -4.42
CA ARG A 40 -11.06 -9.20 -5.11
C ARG A 40 -12.13 -8.25 -5.67
N PRO A 41 -11.83 -7.56 -6.80
CA PRO A 41 -12.75 -6.60 -7.43
C PRO A 41 -14.06 -7.24 -7.87
N GLU A 42 -14.04 -8.55 -7.99
CA GLU A 42 -15.22 -9.29 -8.38
C GLU A 42 -16.26 -9.24 -7.27
N VAL A 43 -15.83 -9.35 -6.04
CA VAL A 43 -16.76 -9.40 -4.93
C VAL A 43 -16.73 -8.13 -4.09
N ARG A 44 -15.58 -7.48 -4.01
CA ARG A 44 -15.49 -6.28 -3.22
C ARG A 44 -15.62 -5.05 -4.04
N SER A 45 -16.27 -4.10 -3.44
CA SER A 45 -16.55 -2.85 -4.04
C SER A 45 -15.32 -1.93 -3.92
N LYS A 46 -15.31 -0.89 -4.73
CA LYS A 46 -14.26 0.13 -4.75
C LYS A 46 -14.01 0.68 -3.35
N GLU A 47 -15.10 0.96 -2.65
CA GLU A 47 -15.07 1.55 -1.30
C GLU A 47 -14.38 0.68 -0.29
N GLN A 48 -14.47 -0.59 -0.52
CA GLN A 48 -13.87 -1.58 0.36
C GLN A 48 -12.36 -1.59 0.20
N MET A 49 -11.89 -1.29 -1.01
CA MET A 49 -10.47 -1.26 -1.31
C MET A 49 -9.78 -0.14 -0.57
N LEU A 50 -10.50 0.98 -0.38
CA LEU A 50 -10.01 2.10 0.44
C LEU A 50 -9.58 1.61 1.80
N GLU A 51 -10.46 0.88 2.49
CA GLU A 51 -10.19 0.40 3.81
C GLU A 51 -8.94 -0.49 3.85
N LEU A 52 -8.79 -1.36 2.87
CA LEU A 52 -7.64 -2.21 2.80
C LEU A 52 -6.37 -1.39 2.59
N LEU A 53 -6.44 -0.43 1.67
CA LEU A 53 -5.35 0.44 1.38
C LEU A 53 -4.94 1.32 2.58
N VAL A 54 -5.90 1.83 3.35
CA VAL A 54 -5.58 2.69 4.50
C VAL A 54 -4.68 1.93 5.47
N LEU A 55 -5.01 0.67 5.71
CA LEU A 55 -4.26 -0.23 6.60
C LEU A 55 -2.81 -0.30 6.14
N GLU A 56 -2.63 -0.51 4.86
CA GLU A 56 -1.32 -0.66 4.25
C GLU A 56 -0.39 0.52 4.55
N GLN A 57 -0.87 1.75 4.33
CA GLN A 57 -0.01 2.91 4.58
C GLN A 57 0.10 3.12 6.09
N PHE A 58 -1.03 2.98 6.80
CA PHE A 58 -1.08 3.21 8.24
C PHE A 58 -0.03 2.39 8.97
N LEU A 59 0.10 1.14 8.59
CA LEU A 59 1.08 0.28 9.22
C LEU A 59 2.50 0.72 8.96
N GLY A 60 2.78 1.24 7.78
CA GLY A 60 4.13 1.65 7.49
C GLY A 60 4.45 2.99 8.08
N ALA A 61 3.42 3.77 8.34
CA ALA A 61 3.58 5.08 8.96
C ALA A 61 4.06 4.92 10.41
N LEU A 62 3.73 3.80 11.02
CA LEU A 62 4.14 3.46 12.38
C LEU A 62 5.68 3.35 12.46
N PRO A 63 6.27 3.55 13.66
CA PRO A 63 7.71 3.35 13.86
C PRO A 63 8.00 1.87 13.77
N PRO A 64 9.19 1.46 13.29
CA PRO A 64 9.58 0.06 13.12
C PRO A 64 9.18 -0.85 14.30
N GLU A 65 9.39 -0.37 15.51
CA GLU A 65 9.08 -1.15 16.71
C GLU A 65 7.56 -1.42 16.85
N ILE A 66 6.74 -0.38 16.68
CA ILE A 66 5.30 -0.52 16.78
C ILE A 66 4.77 -1.29 15.57
N GLN A 67 5.36 -1.00 14.43
CA GLN A 67 4.98 -1.63 13.18
C GLN A 67 5.24 -3.13 13.23
N ALA A 68 6.37 -3.52 13.79
CA ALA A 68 6.74 -4.92 13.95
C ALA A 68 5.74 -5.68 14.80
N ARG A 69 5.21 -4.98 15.81
CA ARG A 69 4.19 -5.56 16.69
C ARG A 69 2.97 -5.96 15.88
N VAL A 70 2.52 -5.03 15.06
CA VAL A 70 1.36 -5.24 14.21
C VAL A 70 1.67 -6.25 13.13
N GLN A 71 2.84 -6.13 12.57
CA GLN A 71 3.32 -6.93 11.46
C GLN A 71 3.20 -8.43 11.80
N GLY A 72 3.46 -8.75 13.06
CA GLY A 72 3.40 -10.12 13.51
C GLY A 72 1.97 -10.63 13.69
N GLN A 73 1.08 -9.79 14.22
CA GLN A 73 -0.29 -10.23 14.49
C GLN A 73 -1.10 -10.17 13.21
N ARG A 74 -0.85 -9.11 12.49
CA ARG A 74 -1.50 -8.72 11.26
C ARG A 74 -3.02 -8.69 11.41
N PRO A 75 -3.58 -7.58 11.90
CA PRO A 75 -5.03 -7.42 12.11
C PRO A 75 -5.81 -7.51 10.80
N GLY A 76 -5.30 -6.84 9.80
CA GLY A 76 -5.89 -6.85 8.48
C GLY A 76 -6.88 -5.73 8.26
N SER A 77 -7.23 -5.05 9.32
CA SER A 77 -8.12 -3.94 9.23
C SER A 77 -7.53 -2.74 9.98
N PRO A 78 -7.66 -1.53 9.38
CA PRO A 78 -7.10 -0.28 9.92
C PRO A 78 -7.49 -0.01 11.38
N GLU A 79 -8.74 -0.20 11.68
CA GLU A 79 -9.28 0.14 13.00
C GLU A 79 -8.80 -0.83 14.08
N GLU A 80 -8.56 -2.08 13.70
CA GLU A 80 -8.03 -3.06 14.59
C GLU A 80 -6.57 -2.70 14.85
N ALA A 81 -5.85 -2.34 13.75
CA ALA A 81 -4.47 -1.92 13.84
C ALA A 81 -4.34 -0.67 14.70
N ALA A 82 -5.27 0.26 14.49
CA ALA A 82 -5.33 1.50 15.24
C ALA A 82 -5.47 1.24 16.73
N ALA A 83 -6.22 0.22 17.06
CA ALA A 83 -6.43 -0.18 18.44
C ALA A 83 -5.20 -0.88 19.01
N LEU A 84 -4.48 -1.63 18.17
CA LEU A 84 -3.27 -2.33 18.62
C LEU A 84 -2.24 -1.28 19.01
N VAL A 85 -2.06 -0.33 18.11
CA VAL A 85 -1.07 0.70 18.27
C VAL A 85 -1.48 1.69 19.33
N ASP A 86 -2.78 1.87 19.48
CA ASP A 86 -3.38 2.71 20.51
C ASP A 86 -2.85 2.30 21.88
N GLY A 87 -2.70 1.00 22.07
CA GLY A 87 -2.13 0.49 23.29
C GLY A 87 -0.60 0.49 23.24
N LEU A 88 -0.04 0.11 22.08
CA LEU A 88 1.42 0.01 21.88
C LEU A 88 2.15 1.32 22.13
N ARG A 89 1.49 2.44 21.93
CA ARG A 89 2.10 3.74 22.13
C ARG A 89 2.30 4.10 23.61
N ARG A 90 1.50 3.50 24.49
CA ARG A 90 1.53 3.80 25.95
C ARG A 90 1.31 5.29 26.25
N GLU A 91 0.06 5.72 26.25
CA GLU A 91 -0.29 7.09 26.56
C GLU A 91 -1.49 7.12 27.51
N PRO A 92 -1.57 8.12 28.40
CA PRO A 92 -2.62 8.18 29.44
C PRO A 92 -4.01 8.61 28.92
N GLY A 93 -4.22 8.56 27.62
CA GLY A 93 -5.51 8.91 27.08
C GLY A 93 -6.52 7.81 27.36
N GLY A 94 -6.43 6.74 26.63
CA GLY A 94 -7.33 5.62 26.83
C GLY A 94 -8.65 5.82 26.12
N GLY B 1 -12.16 22.13 -10.88
CA GLY B 1 -12.79 22.22 -9.58
C GLY B 1 -11.77 22.16 -8.47
N SER B 2 -10.54 22.52 -8.81
CA SER B 2 -9.40 22.52 -7.90
C SER B 2 -9.14 21.11 -7.36
N ASP B 3 -8.59 20.28 -8.20
CA ASP B 3 -8.33 18.90 -7.83
C ASP B 3 -6.84 18.68 -7.67
N PRO B 4 -6.40 18.20 -6.49
CA PRO B 4 -4.97 17.93 -6.25
C PRO B 4 -4.40 16.86 -7.17
N GLY B 5 -5.25 15.97 -7.63
CA GLY B 5 -4.81 14.90 -8.46
C GLY B 5 -4.47 13.68 -7.65
N PRO B 6 -4.82 12.46 -8.13
CA PRO B 6 -4.56 11.21 -7.41
C PRO B 6 -3.08 11.04 -7.05
N GLU B 7 -2.23 11.53 -7.93
CA GLU B 7 -0.80 11.49 -7.74
C GLU B 7 -0.36 12.30 -6.49
N ALA B 8 -0.88 13.52 -6.37
CA ALA B 8 -0.56 14.39 -5.26
C ALA B 8 -1.25 13.90 -4.01
N ALA B 9 -2.45 13.36 -4.19
CA ALA B 9 -3.22 12.80 -3.11
C ALA B 9 -2.45 11.66 -2.46
N ARG B 10 -1.96 10.74 -3.31
CA ARG B 10 -1.17 9.63 -2.83
C ARG B 10 0.12 10.10 -2.16
N LEU B 11 0.71 11.16 -2.71
CA LEU B 11 1.92 11.70 -2.20
C LEU B 11 1.72 12.17 -0.77
N ARG B 12 0.68 12.97 -0.56
CA ARG B 12 0.35 13.51 0.75
C ARG B 12 -0.06 12.40 1.71
N PHE B 13 -0.74 11.41 1.16
CA PHE B 13 -1.18 10.24 1.88
C PHE B 13 0.00 9.41 2.40
N ARG B 14 0.98 9.13 1.54
CA ARG B 14 2.17 8.39 1.98
C ARG B 14 3.03 9.28 2.87
N CYS B 15 3.00 10.58 2.60
CA CYS B 15 3.79 11.56 3.33
C CYS B 15 3.23 11.77 4.75
N PHE B 16 2.10 11.14 5.03
CA PHE B 16 1.50 11.21 6.33
C PHE B 16 2.35 10.40 7.31
N HIS B 17 2.81 11.06 8.35
CA HIS B 17 3.58 10.38 9.36
C HIS B 17 2.65 9.94 10.44
N TYR B 18 2.88 8.81 11.01
CA TYR B 18 2.06 8.40 12.11
C TYR B 18 2.41 9.21 13.32
N GLU B 19 1.46 9.93 13.80
CA GLU B 19 1.62 10.74 14.96
C GLU B 19 0.68 10.26 16.05
N GLU B 20 1.27 9.69 17.08
CA GLU B 20 0.53 9.17 18.22
C GLU B 20 -0.29 10.28 18.86
N ALA B 21 0.25 11.49 18.75
CA ALA B 21 -0.36 12.68 19.28
C ALA B 21 -1.77 12.95 18.71
N THR B 22 -2.02 12.50 17.48
CA THR B 22 -3.34 12.75 16.90
C THR B 22 -4.24 11.51 17.17
N GLY B 23 -3.61 10.40 17.53
CA GLY B 23 -4.35 9.17 17.76
C GLY B 23 -4.47 8.37 16.47
N PRO B 24 -4.24 7.06 16.50
CA PRO B 24 -4.28 6.22 15.28
C PRO B 24 -5.65 6.19 14.59
N GLN B 25 -6.73 6.30 15.34
CA GLN B 25 -8.07 6.29 14.74
C GLN B 25 -8.29 7.59 14.01
N GLU B 26 -7.86 8.66 14.63
CA GLU B 26 -7.95 9.99 14.04
C GLU B 26 -6.98 10.08 12.84
N ALA B 27 -5.85 9.38 12.95
CA ALA B 27 -4.91 9.29 11.85
C ALA B 27 -5.56 8.59 10.66
N LEU B 28 -6.33 7.54 10.93
CA LEU B 28 -7.07 6.83 9.90
C LEU B 28 -8.04 7.75 9.21
N ALA B 29 -8.73 8.58 9.99
CA ALA B 29 -9.70 9.53 9.44
C ALA B 29 -9.04 10.46 8.41
N GLN B 30 -7.82 10.86 8.73
CA GLN B 30 -7.02 11.69 7.87
C GLN B 30 -6.58 10.92 6.62
N LEU B 31 -5.99 9.75 6.83
CA LEU B 31 -5.53 8.87 5.76
C LEU B 31 -6.67 8.46 4.84
N ARG B 32 -7.81 8.21 5.42
CA ARG B 32 -8.95 7.72 4.68
C ARG B 32 -9.44 8.69 3.65
N GLU B 33 -9.58 9.97 4.00
CA GLU B 33 -10.04 10.89 2.98
C GLU B 33 -8.95 11.07 1.94
N LEU B 34 -7.68 11.10 2.39
CA LEU B 34 -6.53 11.26 1.50
C LEU B 34 -6.45 10.11 0.50
N CYS B 35 -6.62 8.87 0.97
CA CYS B 35 -6.59 7.74 0.09
C CYS B 35 -7.80 7.77 -0.86
N ARG B 36 -8.91 8.33 -0.39
CA ARG B 36 -10.09 8.47 -1.19
C ARG B 36 -9.91 9.56 -2.25
N GLN B 37 -9.12 10.59 -1.96
CA GLN B 37 -8.78 11.65 -2.93
C GLN B 37 -7.98 11.06 -4.07
N TRP B 38 -7.33 9.98 -3.74
CA TRP B 38 -6.48 9.28 -4.62
C TRP B 38 -7.19 8.14 -5.42
N LEU B 39 -7.76 7.14 -4.73
CA LEU B 39 -8.44 6.04 -5.46
C LEU B 39 -9.69 6.56 -6.16
N ARG B 40 -10.45 7.37 -5.42
CA ARG B 40 -11.70 7.99 -5.88
C ARG B 40 -12.71 7.01 -6.46
N PRO B 41 -13.48 6.31 -5.59
CA PRO B 41 -14.54 5.38 -6.02
C PRO B 41 -15.67 6.10 -6.76
N GLU B 42 -15.64 7.43 -6.71
CA GLU B 42 -16.58 8.25 -7.43
C GLU B 42 -16.26 8.21 -8.93
N VAL B 43 -14.98 8.20 -9.27
CA VAL B 43 -14.61 8.27 -10.68
C VAL B 43 -13.84 7.05 -11.18
N ARG B 44 -13.08 6.40 -10.32
CA ARG B 44 -12.28 5.27 -10.80
C ARG B 44 -12.93 3.92 -10.64
N SER B 45 -12.51 3.00 -11.47
CA SER B 45 -12.95 1.63 -11.45
C SER B 45 -12.12 0.84 -10.43
N LYS B 46 -12.63 -0.31 -10.04
CA LYS B 46 -11.98 -1.19 -9.08
C LYS B 46 -10.61 -1.62 -9.57
N GLU B 47 -10.54 -1.98 -10.84
CA GLU B 47 -9.33 -2.49 -11.50
C GLU B 47 -8.18 -1.55 -11.31
N GLN B 48 -8.49 -0.29 -11.46
CA GLN B 48 -7.53 0.78 -11.31
C GLN B 48 -6.97 0.82 -9.89
N MET B 49 -7.82 0.51 -8.93
CA MET B 49 -7.44 0.49 -7.52
C MET B 49 -6.47 -0.63 -7.26
N LEU B 50 -6.71 -1.79 -7.92
CA LEU B 50 -5.76 -2.92 -7.87
C LEU B 50 -4.41 -2.42 -8.33
N GLU B 51 -4.40 -1.81 -9.51
CA GLU B 51 -3.20 -1.33 -10.15
C GLU B 51 -2.45 -0.34 -9.25
N LEU B 52 -3.17 0.64 -8.72
CA LEU B 52 -2.59 1.62 -7.83
C LEU B 52 -1.98 0.97 -6.59
N LEU B 53 -2.71 0.05 -5.99
CA LEU B 53 -2.25 -0.63 -4.81
C LEU B 53 -1.10 -1.62 -5.08
N VAL B 54 -1.05 -2.20 -6.29
CA VAL B 54 0.10 -3.05 -6.68
C VAL B 54 1.37 -2.20 -6.63
N LEU B 55 1.26 -1.00 -7.19
CA LEU B 55 2.37 -0.03 -7.24
C LEU B 55 2.85 0.28 -5.84
N GLU B 56 1.90 0.50 -4.95
CA GLU B 56 2.20 0.80 -3.54
C GLU B 56 3.11 -0.25 -2.91
N GLN B 57 2.77 -1.53 -3.09
CA GLN B 57 3.56 -2.60 -2.50
C GLN B 57 4.85 -2.74 -3.31
N PHE B 58 4.71 -2.73 -4.64
CA PHE B 58 5.85 -2.94 -5.55
C PHE B 58 6.99 -2.00 -5.23
N LEU B 59 6.66 -0.74 -5.03
CA LEU B 59 7.68 0.24 -4.72
C LEU B 59 8.38 -0.05 -3.42
N GLY B 60 7.66 -0.54 -2.43
CA GLY B 60 8.27 -0.85 -1.16
C GLY B 60 8.98 -2.19 -1.17
N ALA B 61 8.64 -3.03 -2.14
CA ALA B 61 9.31 -4.31 -2.31
C ALA B 61 10.71 -4.09 -2.87
N LEU B 62 10.87 -2.98 -3.60
CA LEU B 62 12.14 -2.55 -4.14
C LEU B 62 13.10 -2.24 -2.98
N PRO B 63 14.40 -2.44 -3.18
CA PRO B 63 15.39 -2.08 -2.17
C PRO B 63 15.47 -0.57 -2.06
N PRO B 64 15.74 -0.04 -0.85
CA PRO B 64 15.85 1.41 -0.58
C PRO B 64 16.58 2.20 -1.68
N GLU B 65 17.66 1.65 -2.22
CA GLU B 65 18.42 2.32 -3.27
C GLU B 65 17.63 2.44 -4.59
N ILE B 66 17.01 1.34 -5.03
CA ILE B 66 16.21 1.35 -6.24
C ILE B 66 14.92 2.14 -6.02
N GLN B 67 14.35 1.96 -4.85
CA GLN B 67 13.13 2.63 -4.45
C GLN B 67 13.31 4.14 -4.42
N ALA B 68 14.46 4.58 -3.94
CA ALA B 68 14.78 6.01 -3.88
C ALA B 68 14.81 6.63 -5.28
N ARG B 69 15.32 5.87 -6.24
CA ARG B 69 15.38 6.33 -7.62
C ARG B 69 13.96 6.53 -8.15
N VAL B 70 13.09 5.59 -7.81
CA VAL B 70 11.68 5.67 -8.18
C VAL B 70 11.05 6.89 -7.59
N GLN B 71 11.28 7.10 -6.31
CA GLN B 71 10.70 8.21 -5.61
C GLN B 71 11.19 9.56 -6.13
N GLY B 72 12.40 9.60 -6.65
CA GLY B 72 12.93 10.82 -7.25
C GLY B 72 12.22 11.20 -8.54
N GLN B 73 11.92 10.21 -9.38
CA GLN B 73 11.24 10.46 -10.66
C GLN B 73 9.73 10.49 -10.47
N ARG B 74 9.30 9.61 -9.60
CA ARG B 74 7.93 9.37 -9.22
C ARG B 74 7.03 9.00 -10.42
N PRO B 75 7.01 7.70 -10.79
CA PRO B 75 6.22 7.20 -11.94
C PRO B 75 4.71 7.31 -11.72
N GLY B 76 4.23 6.73 -10.64
CA GLY B 76 2.82 6.77 -10.30
C GLY B 76 2.04 5.58 -10.83
N SER B 77 2.64 4.79 -11.68
CA SER B 77 2.02 3.61 -12.19
C SER B 77 2.99 2.43 -12.11
N PRO B 78 2.48 1.20 -11.82
CA PRO B 78 3.30 -0.01 -11.68
C PRO B 78 4.22 -0.26 -12.87
N GLU B 79 3.67 -0.10 -14.05
CA GLU B 79 4.37 -0.41 -15.28
C GLU B 79 5.43 0.63 -15.63
N GLU B 80 5.20 1.87 -15.23
CA GLU B 80 6.18 2.90 -15.43
C GLU B 80 7.32 2.61 -14.46
N ALA B 81 6.96 2.27 -13.21
CA ALA B 81 7.93 1.89 -12.20
C ALA B 81 8.76 0.71 -12.68
N ALA B 82 8.08 -0.26 -13.29
CA ALA B 82 8.72 -1.44 -13.85
C ALA B 82 9.80 -1.05 -14.84
N ALA B 83 9.46 -0.15 -15.73
CA ALA B 83 10.37 0.33 -16.74
C ALA B 83 11.57 1.04 -16.11
N LEU B 84 11.34 1.80 -15.04
CA LEU B 84 12.42 2.54 -14.38
C LEU B 84 13.38 1.55 -13.75
N VAL B 85 12.80 0.63 -12.99
CA VAL B 85 13.55 -0.31 -12.21
C VAL B 85 14.22 -1.38 -13.03
N ASP B 86 13.60 -1.75 -14.14
CA ASP B 86 14.20 -2.74 -15.06
C ASP B 86 15.58 -2.26 -15.48
N GLY B 87 15.69 -0.97 -15.69
CA GLY B 87 16.95 -0.36 -16.01
C GLY B 87 17.85 -0.31 -14.79
N LEU B 88 17.29 0.16 -13.68
CA LEU B 88 18.01 0.31 -12.39
C LEU B 88 18.63 -1.00 -11.89
N ARG B 89 18.01 -2.10 -12.20
CA ARG B 89 18.47 -3.40 -11.72
C ARG B 89 19.63 -3.97 -12.59
N ARG B 90 19.90 -3.33 -13.73
CA ARG B 90 21.03 -3.69 -14.65
C ARG B 90 21.05 -5.17 -15.16
N GLU B 91 20.46 -5.40 -16.32
CA GLU B 91 20.56 -6.65 -17.08
C GLU B 91 20.39 -6.33 -18.54
N PRO B 92 21.01 -7.10 -19.45
CA PRO B 92 20.85 -6.89 -20.88
C PRO B 92 19.39 -7.10 -21.31
N GLY B 93 18.75 -6.04 -21.73
CA GLY B 93 17.39 -6.12 -22.15
C GLY B 93 16.94 -4.83 -22.77
N GLY B 94 15.65 -4.68 -22.91
CA GLY B 94 15.08 -3.52 -23.49
C GLY B 94 13.59 -3.60 -23.42
N GLY A 1 -17.32 -19.98 2.15
CA GLY A 1 -16.15 -20.78 1.78
C GLY A 1 -14.92 -20.30 2.49
N SER A 2 -13.86 -21.03 2.39
CA SER A 2 -12.63 -20.69 3.04
C SER A 2 -11.56 -20.32 2.02
N ASP A 3 -11.22 -19.06 1.97
CA ASP A 3 -10.21 -18.56 1.06
C ASP A 3 -8.90 -18.39 1.84
N PRO A 4 -7.74 -18.04 1.20
CA PRO A 4 -6.47 -17.81 1.93
C PRO A 4 -6.63 -16.78 3.04
N GLY A 5 -7.42 -15.77 2.76
CA GLY A 5 -7.65 -14.72 3.72
C GLY A 5 -6.90 -13.47 3.35
N PRO A 6 -7.53 -12.30 3.47
CA PRO A 6 -6.89 -11.01 3.11
C PRO A 6 -5.62 -10.75 3.93
N GLU A 7 -5.63 -11.18 5.19
CA GLU A 7 -4.48 -11.04 6.06
C GLU A 7 -3.30 -11.81 5.49
N ALA A 8 -3.56 -13.07 5.12
CA ALA A 8 -2.55 -13.96 4.57
C ALA A 8 -2.07 -13.46 3.22
N ALA A 9 -3.00 -13.00 2.41
CA ALA A 9 -2.70 -12.50 1.09
C ALA A 9 -1.79 -11.29 1.14
N ARG A 10 -2.10 -10.31 2.01
CA ARG A 10 -1.27 -9.13 2.11
C ARG A 10 0.10 -9.52 2.63
N LEU A 11 0.13 -10.49 3.53
CA LEU A 11 1.32 -10.96 4.12
C LEU A 11 2.26 -11.54 3.06
N ARG A 12 1.71 -12.36 2.16
CA ARG A 12 2.49 -12.94 1.07
C ARG A 12 2.97 -11.82 0.12
N PHE A 13 2.10 -10.87 -0.11
CA PHE A 13 2.35 -9.70 -0.95
C PHE A 13 3.49 -8.83 -0.32
N ARG A 14 3.47 -8.71 1.00
CA ARG A 14 4.52 -8.00 1.73
C ARG A 14 5.84 -8.76 1.75
N CYS A 15 5.77 -10.07 1.64
CA CYS A 15 6.97 -10.90 1.66
C CYS A 15 7.62 -10.97 0.28
N PHE A 16 6.96 -10.40 -0.72
CA PHE A 16 7.49 -10.44 -2.05
C PHE A 16 8.68 -9.51 -2.15
N HIS A 17 9.81 -10.06 -2.49
CA HIS A 17 10.99 -9.26 -2.68
C HIS A 17 11.06 -8.94 -4.16
N TYR A 18 11.46 -7.76 -4.51
CA TYR A 18 11.62 -7.49 -5.90
C TYR A 18 12.85 -8.17 -6.38
N GLU A 19 12.66 -9.05 -7.29
CA GLU A 19 13.74 -9.75 -7.85
C GLU A 19 13.81 -9.48 -9.32
N GLU A 20 14.92 -8.92 -9.72
CA GLU A 20 15.18 -8.55 -11.10
C GLU A 20 15.16 -9.79 -12.00
N ALA A 21 15.41 -10.94 -11.39
CA ALA A 21 15.44 -12.21 -12.08
C ALA A 21 14.07 -12.60 -12.65
N THR A 22 12.99 -12.27 -11.93
CA THR A 22 11.68 -12.63 -12.43
C THR A 22 11.21 -11.52 -13.39
N GLY A 23 11.85 -10.37 -13.30
CA GLY A 23 11.50 -9.25 -14.11
C GLY A 23 10.37 -8.46 -13.49
N PRO A 24 10.40 -7.13 -13.59
CA PRO A 24 9.39 -6.28 -12.94
C PRO A 24 7.95 -6.51 -13.43
N GLN A 25 7.77 -6.85 -14.71
CA GLN A 25 6.41 -7.06 -15.22
C GLN A 25 5.86 -8.37 -14.72
N GLU A 26 6.72 -9.36 -14.68
CA GLU A 26 6.35 -10.66 -14.17
C GLU A 26 6.14 -10.58 -12.65
N ALA A 27 6.93 -9.73 -12.01
CA ALA A 27 6.77 -9.44 -10.59
C ALA A 27 5.38 -8.87 -10.36
N LEU A 28 4.99 -7.91 -11.20
CA LEU A 28 3.66 -7.29 -11.14
C LEU A 28 2.56 -8.34 -11.23
N ALA A 29 2.73 -9.29 -12.14
CA ALA A 29 1.75 -10.36 -12.32
C ALA A 29 1.56 -11.15 -11.03
N GLN A 30 2.66 -11.48 -10.41
CA GLN A 30 2.68 -12.20 -9.17
C GLN A 30 2.11 -11.36 -8.04
N LEU A 31 2.45 -10.09 -8.04
CA LEU A 31 1.96 -9.12 -7.08
C LEU A 31 0.47 -8.90 -7.18
N ARG A 32 -0.04 -8.72 -8.40
CA ARG A 32 -1.47 -8.53 -8.58
C ARG A 32 -2.28 -9.75 -8.26
N GLU A 33 -1.68 -10.90 -8.45
CA GLU A 33 -2.29 -12.14 -8.04
C GLU A 33 -2.51 -12.10 -6.52
N LEU A 34 -1.46 -11.71 -5.81
CA LEU A 34 -1.43 -11.64 -4.36
C LEU A 34 -2.34 -10.53 -3.83
N CYS A 35 -2.19 -9.33 -4.40
CA CYS A 35 -2.95 -8.19 -3.95
C CYS A 35 -4.45 -8.43 -4.20
N ARG A 36 -4.78 -9.15 -5.28
CA ARG A 36 -6.13 -9.48 -5.59
C ARG A 36 -6.75 -10.37 -4.54
N GLN A 37 -5.97 -11.26 -3.95
CA GLN A 37 -6.48 -12.17 -2.94
C GLN A 37 -6.77 -11.44 -1.64
N TRP A 38 -6.21 -10.26 -1.55
CA TRP A 38 -6.34 -9.38 -0.42
C TRP A 38 -7.43 -8.30 -0.66
N LEU A 39 -7.45 -7.75 -1.85
CA LEU A 39 -8.37 -6.67 -2.20
C LEU A 39 -9.67 -7.23 -2.79
N ARG A 40 -9.55 -8.25 -3.66
CA ARG A 40 -10.68 -8.98 -4.25
C ARG A 40 -11.70 -8.08 -4.96
N PRO A 41 -11.40 -7.60 -6.17
CA PRO A 41 -12.28 -6.68 -6.92
C PRO A 41 -13.57 -7.32 -7.40
N GLU A 42 -13.63 -8.62 -7.40
CA GLU A 42 -14.81 -9.29 -7.88
C GLU A 42 -15.92 -9.29 -6.82
N VAL A 43 -15.54 -9.49 -5.58
CA VAL A 43 -16.52 -9.56 -4.49
C VAL A 43 -16.49 -8.32 -3.61
N ARG A 44 -15.35 -7.70 -3.50
CA ARG A 44 -15.23 -6.52 -2.67
C ARG A 44 -15.33 -5.27 -3.48
N SER A 45 -15.76 -4.24 -2.85
CA SER A 45 -15.97 -2.97 -3.48
C SER A 45 -14.77 -2.06 -3.24
N LYS A 46 -14.71 -0.97 -4.01
CA LYS A 46 -13.67 0.06 -3.92
C LYS A 46 -13.53 0.53 -2.48
N GLU A 47 -14.67 0.62 -1.83
CA GLU A 47 -14.81 1.07 -0.45
C GLU A 47 -13.87 0.32 0.49
N GLN A 48 -13.83 -0.99 0.31
CA GLN A 48 -13.00 -1.84 1.14
C GLN A 48 -11.54 -1.62 0.81
N MET A 49 -11.25 -1.40 -0.46
CA MET A 49 -9.88 -1.21 -0.94
C MET A 49 -9.25 0.01 -0.36
N LEU A 50 -10.02 1.12 -0.31
CA LEU A 50 -9.55 2.34 0.33
C LEU A 50 -9.07 2.05 1.74
N GLU A 51 -9.93 1.41 2.53
CA GLU A 51 -9.65 1.15 3.94
C GLU A 51 -8.46 0.19 4.10
N LEU A 52 -8.38 -0.82 3.25
CA LEU A 52 -7.29 -1.79 3.30
C LEU A 52 -5.97 -1.12 3.00
N LEU A 53 -5.98 -0.22 2.04
CA LEU A 53 -4.81 0.48 1.68
C LEU A 53 -4.42 1.53 2.75
N VAL A 54 -5.42 2.07 3.47
CA VAL A 54 -5.15 2.95 4.60
C VAL A 54 -4.35 2.15 5.62
N LEU A 55 -4.87 0.96 5.93
CA LEU A 55 -4.26 0.01 6.86
C LEU A 55 -2.82 -0.29 6.47
N GLU A 56 -2.61 -0.49 5.19
CA GLU A 56 -1.32 -0.83 4.63
C GLU A 56 -0.25 0.24 4.99
N GLN A 57 -0.60 1.51 4.83
CA GLN A 57 0.34 2.56 5.19
C GLN A 57 0.38 2.71 6.69
N PHE A 58 -0.79 2.73 7.30
CA PHE A 58 -0.96 2.93 8.74
C PHE A 58 -0.12 1.98 9.55
N LEU A 59 -0.11 0.73 9.17
CA LEU A 59 0.66 -0.26 9.89
C LEU A 59 2.14 -0.02 9.81
N GLY A 60 2.61 0.45 8.68
CA GLY A 60 4.02 0.74 8.55
C GLY A 60 4.38 2.10 9.13
N ALA A 61 3.39 2.96 9.26
CA ALA A 61 3.58 4.28 9.86
C ALA A 61 3.79 4.14 11.36
N LEU A 62 3.27 3.04 11.90
CA LEU A 62 3.45 2.67 13.28
C LEU A 62 4.92 2.44 13.56
N PRO A 63 5.41 2.79 14.77
CA PRO A 63 6.78 2.56 15.13
C PRO A 63 7.01 1.06 15.27
N PRO A 64 8.27 0.61 15.08
CA PRO A 64 8.65 -0.82 15.14
C PRO A 64 7.93 -1.59 16.24
N GLU A 65 7.96 -1.05 17.45
CA GLU A 65 7.36 -1.71 18.60
C GLU A 65 5.84 -1.93 18.43
N ILE A 66 5.11 -0.88 18.03
CA ILE A 66 3.68 -0.98 17.87
C ILE A 66 3.34 -1.84 16.65
N GLN A 67 4.11 -1.63 15.60
CA GLN A 67 3.92 -2.35 14.35
C GLN A 67 4.13 -3.85 14.54
N ALA A 68 5.18 -4.22 15.24
CA ALA A 68 5.49 -5.62 15.50
C ALA A 68 4.36 -6.32 16.23
N ARG A 69 3.74 -5.60 17.16
CA ARG A 69 2.63 -6.16 17.92
C ARG A 69 1.46 -6.45 16.97
N VAL A 70 1.14 -5.50 16.10
CA VAL A 70 0.07 -5.67 15.10
C VAL A 70 0.35 -6.86 14.22
N GLN A 71 1.55 -6.91 13.71
CA GLN A 71 2.01 -7.94 12.83
C GLN A 71 1.89 -9.35 13.42
N GLY A 72 1.92 -9.44 14.73
CA GLY A 72 1.69 -10.72 15.36
C GLY A 72 0.22 -11.20 15.21
N GLN A 73 -0.72 -10.25 15.04
CA GLN A 73 -2.15 -10.60 14.93
C GLN A 73 -2.69 -10.44 13.50
N ARG A 74 -2.58 -9.22 12.98
CA ARG A 74 -3.22 -8.78 11.73
C ARG A 74 -4.73 -8.61 11.90
N PRO A 75 -5.16 -7.41 12.35
CA PRO A 75 -6.59 -7.08 12.51
C PRO A 75 -7.40 -7.21 11.21
N GLY A 76 -6.79 -6.78 10.12
CA GLY A 76 -7.45 -6.87 8.82
C GLY A 76 -8.22 -5.61 8.46
N SER A 77 -8.24 -4.65 9.35
CA SER A 77 -8.90 -3.39 9.09
C SER A 77 -8.18 -2.27 9.83
N PRO A 78 -8.13 -1.05 9.24
CA PRO A 78 -7.39 0.10 9.80
C PRO A 78 -7.89 0.53 11.17
N GLU A 79 -9.19 0.63 11.33
CA GLU A 79 -9.78 1.08 12.59
C GLU A 79 -9.68 0.00 13.64
N GLU A 80 -9.70 -1.24 13.17
CA GLU A 80 -9.50 -2.38 14.04
C GLU A 80 -8.07 -2.28 14.62
N ALA A 81 -7.10 -1.98 13.72
CA ALA A 81 -5.72 -1.80 14.13
C ALA A 81 -5.58 -0.60 15.05
N ALA A 82 -6.33 0.45 14.73
CA ALA A 82 -6.35 1.69 15.49
C ALA A 82 -6.66 1.43 16.96
N ALA A 83 -7.50 0.47 17.20
CA ALA A 83 -7.88 0.11 18.55
C ALA A 83 -6.73 -0.55 19.33
N LEU A 84 -6.05 -1.53 18.73
CA LEU A 84 -4.93 -2.16 19.46
C LEU A 84 -3.74 -1.24 19.61
N VAL A 85 -3.46 -0.47 18.58
CA VAL A 85 -2.35 0.47 18.62
C VAL A 85 -2.62 1.59 19.62
N ASP A 86 -3.89 1.94 19.75
CA ASP A 86 -4.35 2.92 20.74
C ASP A 86 -3.91 2.50 22.13
N GLY A 87 -4.08 1.24 22.45
CA GLY A 87 -3.63 0.74 23.71
C GLY A 87 -2.11 0.71 23.80
N LEU A 88 -1.46 0.49 22.66
CA LEU A 88 0.00 0.39 22.57
C LEU A 88 0.69 1.75 22.69
N ARG A 89 -0.07 2.83 22.50
CA ARG A 89 0.49 4.19 22.68
C ARG A 89 0.34 4.60 24.15
N ARG A 90 0.02 3.60 24.98
CA ARG A 90 -0.15 3.72 26.44
C ARG A 90 -1.43 4.44 26.83
N GLU A 91 -2.27 4.70 25.86
CA GLU A 91 -3.52 5.36 26.14
C GLU A 91 -4.66 4.55 25.60
N PRO A 92 -5.13 3.55 26.34
CA PRO A 92 -6.16 2.66 25.88
C PRO A 92 -7.56 3.20 26.16
N GLY A 93 -8.31 3.41 25.11
CA GLY A 93 -9.67 3.88 25.26
C GLY A 93 -10.63 2.74 25.54
N GLY A 94 -10.13 1.53 25.39
CA GLY A 94 -10.91 0.36 25.68
C GLY A 94 -10.03 -0.80 26.04
N GLY B 1 -10.70 21.06 -13.36
CA GLY B 1 -10.82 19.64 -13.58
C GLY B 1 -9.48 18.96 -13.51
N SER B 2 -8.49 19.73 -13.16
CA SER B 2 -7.13 19.25 -13.07
C SER B 2 -6.86 18.63 -11.71
N ASP B 3 -6.60 17.34 -11.71
CA ASP B 3 -6.29 16.60 -10.48
C ASP B 3 -4.91 17.02 -9.99
N PRO B 4 -4.75 17.27 -8.67
CA PRO B 4 -3.45 17.69 -8.10
C PRO B 4 -2.33 16.66 -8.34
N GLY B 5 -2.70 15.43 -8.58
CA GLY B 5 -1.75 14.41 -8.84
C GLY B 5 -1.84 13.28 -7.86
N PRO B 6 -2.31 12.10 -8.28
CA PRO B 6 -2.38 10.93 -7.40
C PRO B 6 -0.99 10.56 -6.88
N GLU B 7 0.01 10.83 -7.71
CA GLU B 7 1.39 10.59 -7.36
C GLU B 7 1.77 11.46 -6.16
N ALA B 8 1.33 12.71 -6.20
CA ALA B 8 1.57 13.67 -5.13
C ALA B 8 0.75 13.31 -3.90
N ALA B 9 -0.46 12.86 -4.14
CA ALA B 9 -1.35 12.45 -3.06
C ALA B 9 -0.78 11.25 -2.30
N ARG B 10 -0.21 10.29 -3.04
CA ARG B 10 0.40 9.14 -2.40
C ARG B 10 1.62 9.59 -1.61
N LEU B 11 2.32 10.60 -2.13
CA LEU B 11 3.46 11.13 -1.50
C LEU B 11 3.06 11.70 -0.14
N ARG B 12 1.95 12.44 -0.11
CA ARG B 12 1.39 13.01 1.13
C ARG B 12 1.07 11.90 2.12
N PHE B 13 0.47 10.85 1.59
CA PHE B 13 0.04 9.68 2.34
C PHE B 13 1.26 8.89 2.89
N ARG B 14 2.30 8.76 2.10
CA ARG B 14 3.51 8.05 2.52
C ARG B 14 4.48 8.92 3.33
N CYS B 15 4.21 10.20 3.41
CA CYS B 15 5.03 11.09 4.24
C CYS B 15 4.40 11.28 5.60
N PHE B 16 3.22 10.70 5.78
CA PHE B 16 2.52 10.78 7.03
C PHE B 16 3.19 9.89 8.05
N HIS B 17 3.43 10.42 9.20
CA HIS B 17 4.00 9.63 10.27
C HIS B 17 2.88 9.30 11.22
N TYR B 18 2.84 8.10 11.72
CA TYR B 18 1.86 7.84 12.73
C TYR B 18 2.28 8.52 13.99
N GLU B 19 1.46 9.42 14.41
CA GLU B 19 1.70 10.17 15.57
C GLU B 19 0.71 9.81 16.64
N GLU B 20 1.24 9.31 17.73
CA GLU B 20 0.47 8.85 18.87
C GLU B 20 -0.38 9.98 19.46
N ALA B 21 0.08 11.21 19.28
CA ALA B 21 -0.60 12.40 19.81
C ALA B 21 -1.99 12.63 19.20
N THR B 22 -2.15 12.39 17.91
CA THR B 22 -3.43 12.65 17.27
C THR B 22 -4.32 11.40 17.43
N GLY B 23 -3.70 10.29 17.76
CA GLY B 23 -4.43 9.06 17.93
C GLY B 23 -4.62 8.35 16.61
N PRO B 24 -4.58 7.01 16.61
CA PRO B 24 -4.68 6.22 15.37
C PRO B 24 -5.99 6.43 14.60
N GLN B 25 -7.11 6.59 15.30
CA GLN B 25 -8.40 6.78 14.61
C GLN B 25 -8.38 8.09 13.84
N GLU B 26 -7.88 9.12 14.50
CA GLU B 26 -7.81 10.44 13.92
C GLU B 26 -6.73 10.50 12.83
N ALA B 27 -5.67 9.73 13.01
CA ALA B 27 -4.64 9.57 11.99
C ALA B 27 -5.25 8.93 10.74
N LEU B 28 -6.09 7.92 10.95
CA LEU B 28 -6.80 7.24 9.87
C LEU B 28 -7.68 8.18 9.09
N ALA B 29 -8.36 9.08 9.81
CA ALA B 29 -9.23 10.10 9.18
C ALA B 29 -8.43 10.92 8.17
N GLN B 30 -7.20 11.15 8.51
CA GLN B 30 -6.27 11.87 7.69
C GLN B 30 -5.73 11.00 6.57
N LEU B 31 -5.37 9.78 6.91
CA LEU B 31 -4.84 8.80 5.95
C LEU B 31 -5.84 8.40 4.90
N ARG B 32 -7.07 8.09 5.28
CA ARG B 32 -8.06 7.70 4.30
C ARG B 32 -8.43 8.84 3.39
N GLU B 33 -8.33 10.03 3.91
CA GLU B 33 -8.48 11.24 3.12
C GLU B 33 -7.38 11.31 2.05
N LEU B 34 -6.15 11.07 2.47
CA LEU B 34 -4.99 11.12 1.60
C LEU B 34 -4.99 9.98 0.58
N CYS B 35 -5.37 8.79 1.01
CA CYS B 35 -5.39 7.68 0.11
C CYS B 35 -6.55 7.80 -0.88
N ARG B 36 -7.68 8.34 -0.40
CA ARG B 36 -8.84 8.53 -1.23
C ARG B 36 -8.63 9.56 -2.34
N GLN B 37 -7.81 10.57 -2.08
CA GLN B 37 -7.49 11.54 -3.13
C GLN B 37 -6.48 10.98 -4.17
N TRP B 38 -5.84 9.88 -3.78
CA TRP B 38 -4.89 9.14 -4.63
C TRP B 38 -5.58 7.99 -5.41
N LEU B 39 -6.49 7.30 -4.77
CA LEU B 39 -7.20 6.18 -5.37
C LEU B 39 -8.44 6.64 -6.11
N ARG B 40 -9.18 7.57 -5.48
CA ARG B 40 -10.41 8.16 -6.00
C ARG B 40 -11.44 7.14 -6.49
N PRO B 41 -12.26 6.58 -5.57
CA PRO B 41 -13.28 5.57 -5.91
C PRO B 41 -14.39 6.14 -6.79
N GLU B 42 -14.46 7.44 -6.89
CA GLU B 42 -15.48 8.06 -7.69
C GLU B 42 -15.13 7.99 -9.18
N VAL B 43 -13.86 8.19 -9.49
CA VAL B 43 -13.43 8.22 -10.88
C VAL B 43 -12.68 6.95 -11.27
N ARG B 44 -12.07 6.30 -10.32
CA ARG B 44 -11.34 5.09 -10.62
C ARG B 44 -12.10 3.86 -10.17
N SER B 45 -11.84 2.79 -10.84
CA SER B 45 -12.45 1.53 -10.57
C SER B 45 -11.59 0.71 -9.63
N LYS B 46 -12.17 -0.37 -9.11
CA LYS B 46 -11.50 -1.30 -8.22
C LYS B 46 -10.21 -1.79 -8.85
N GLU B 47 -10.31 -2.11 -10.13
CA GLU B 47 -9.23 -2.64 -10.92
C GLU B 47 -8.00 -1.73 -10.87
N GLN B 48 -8.24 -0.43 -10.93
CA GLN B 48 -7.18 0.55 -10.88
C GLN B 48 -6.55 0.57 -9.50
N MET B 49 -7.35 0.31 -8.49
CA MET B 49 -6.86 0.27 -7.11
C MET B 49 -5.92 -0.88 -6.91
N LEU B 50 -6.25 -2.03 -7.51
CA LEU B 50 -5.35 -3.18 -7.49
C LEU B 50 -4.02 -2.76 -8.05
N GLU B 51 -4.05 -2.19 -9.24
CA GLU B 51 -2.87 -1.70 -9.96
C GLU B 51 -2.05 -0.71 -9.11
N LEU B 52 -2.72 0.31 -8.60
CA LEU B 52 -2.07 1.33 -7.78
C LEU B 52 -1.43 0.74 -6.54
N LEU B 53 -2.10 -0.20 -5.94
CA LEU B 53 -1.60 -0.84 -4.78
C LEU B 53 -0.46 -1.83 -5.12
N VAL B 54 -0.50 -2.41 -6.32
CA VAL B 54 0.62 -3.24 -6.79
C VAL B 54 1.84 -2.33 -6.90
N LEU B 55 1.62 -1.16 -7.52
CA LEU B 55 2.65 -0.11 -7.69
C LEU B 55 3.25 0.25 -6.35
N GLU B 56 2.38 0.43 -5.37
CA GLU B 56 2.76 0.78 -4.00
C GLU B 56 3.81 -0.21 -3.45
N GLN B 57 3.52 -1.50 -3.53
CA GLN B 57 4.43 -2.50 -3.01
C GLN B 57 5.63 -2.60 -3.92
N PHE B 58 5.38 -2.62 -5.22
CA PHE B 58 6.42 -2.76 -6.24
C PHE B 58 7.52 -1.73 -6.07
N LEU B 59 7.13 -0.48 -5.88
CA LEU B 59 8.09 0.60 -5.73
C LEU B 59 8.95 0.43 -4.51
N GLY B 60 8.39 -0.05 -3.43
CA GLY B 60 9.18 -0.22 -2.24
C GLY B 60 10.00 -1.48 -2.28
N ALA B 61 9.52 -2.46 -3.04
CA ALA B 61 10.22 -3.73 -3.20
C ALA B 61 11.54 -3.51 -3.94
N LEU B 62 11.57 -2.50 -4.80
CA LEU B 62 12.77 -2.10 -5.52
C LEU B 62 13.85 -1.68 -4.52
N PRO B 63 15.15 -1.91 -4.82
CA PRO B 63 16.22 -1.49 -3.93
C PRO B 63 16.29 0.02 -3.91
N PRO B 64 16.71 0.63 -2.78
CA PRO B 64 16.80 2.10 -2.63
C PRO B 64 17.37 2.84 -3.86
N GLU B 65 18.37 2.25 -4.53
CA GLU B 65 18.96 2.89 -5.71
C GLU B 65 17.96 2.93 -6.89
N ILE B 66 17.33 1.79 -7.20
CA ILE B 66 16.38 1.70 -8.28
C ILE B 66 15.10 2.45 -7.93
N GLN B 67 14.70 2.30 -6.69
CA GLN B 67 13.50 2.92 -6.16
C GLN B 67 13.61 4.44 -6.26
N ALA B 68 14.78 4.97 -5.92
CA ALA B 68 15.02 6.41 -5.98
C ALA B 68 14.97 6.95 -7.39
N ARG B 69 15.33 6.11 -8.35
CA ARG B 69 15.29 6.48 -9.75
C ARG B 69 13.85 6.65 -10.21
N VAL B 70 12.96 5.84 -9.67
CA VAL B 70 11.52 5.99 -9.95
C VAL B 70 10.98 7.14 -9.14
N GLN B 71 11.46 7.21 -7.92
CA GLN B 71 11.03 8.13 -6.90
C GLN B 71 11.10 9.57 -7.38
N GLY B 72 11.98 9.86 -8.29
CA GLY B 72 12.07 11.19 -8.83
C GLY B 72 10.91 11.55 -9.78
N GLN B 73 10.37 10.56 -10.48
CA GLN B 73 9.33 10.84 -11.47
C GLN B 73 7.95 10.53 -10.94
N ARG B 74 7.79 9.28 -10.46
CA ARG B 74 6.49 8.70 -10.13
C ARG B 74 5.60 8.61 -11.35
N PRO B 75 5.73 7.51 -12.11
CA PRO B 75 4.91 7.27 -13.31
C PRO B 75 3.43 7.23 -12.98
N GLY B 76 3.12 6.60 -11.88
CA GLY B 76 1.75 6.52 -11.41
C GLY B 76 1.05 5.28 -11.89
N SER B 77 1.78 4.42 -12.54
CA SER B 77 1.26 3.14 -12.98
C SER B 77 2.36 2.10 -12.81
N PRO B 78 2.02 0.92 -12.28
CA PRO B 78 2.97 -0.16 -12.00
C PRO B 78 3.76 -0.63 -13.21
N GLU B 79 3.13 -0.69 -14.35
CA GLU B 79 3.79 -1.23 -15.54
C GLU B 79 4.80 -0.24 -16.06
N GLU B 80 4.50 1.04 -15.88
CA GLU B 80 5.38 2.09 -16.29
C GLU B 80 6.60 2.03 -15.38
N ALA B 81 6.34 1.88 -14.07
CA ALA B 81 7.41 1.71 -13.09
C ALA B 81 8.25 0.48 -13.44
N ALA B 82 7.57 -0.59 -13.83
CA ALA B 82 8.20 -1.84 -14.22
C ALA B 82 9.11 -1.62 -15.42
N ALA B 83 8.65 -0.84 -16.35
CA ALA B 83 9.40 -0.51 -17.53
C ALA B 83 10.56 0.43 -17.21
N LEU B 84 10.39 1.28 -16.18
CA LEU B 84 11.47 2.18 -15.77
C LEU B 84 12.61 1.35 -15.25
N VAL B 85 12.26 0.44 -14.36
CA VAL B 85 13.22 -0.41 -13.69
C VAL B 85 13.80 -1.46 -14.63
N ASP B 86 12.98 -1.87 -15.59
CA ASP B 86 13.40 -2.80 -16.66
C ASP B 86 14.64 -2.24 -17.36
N GLY B 87 14.72 -0.92 -17.46
CA GLY B 87 15.88 -0.27 -18.02
C GLY B 87 16.97 -0.05 -16.96
N LEU B 88 16.55 0.30 -15.75
CA LEU B 88 17.46 0.60 -14.61
C LEU B 88 18.34 -0.59 -14.23
N ARG B 89 17.87 -1.79 -14.50
CA ARG B 89 18.64 -3.02 -14.23
C ARG B 89 19.67 -3.28 -15.36
N ARG B 90 20.00 -2.20 -16.05
CA ARG B 90 20.94 -2.16 -17.16
C ARG B 90 20.58 -3.05 -18.32
N GLU B 91 19.46 -2.73 -18.90
CA GLU B 91 18.95 -3.36 -20.08
C GLU B 91 18.21 -2.28 -20.84
N PRO B 92 18.05 -2.42 -22.18
CA PRO B 92 17.38 -1.39 -23.00
C PRO B 92 16.02 -0.98 -22.45
N GLY B 93 15.96 0.20 -21.89
CA GLY B 93 14.75 0.72 -21.33
C GLY B 93 14.70 2.22 -21.46
N GLY B 94 15.86 2.84 -21.37
CA GLY B 94 15.96 4.28 -21.53
C GLY B 94 15.54 5.02 -20.30
N GLY A 1 -14.08 -25.25 -2.85
CA GLY A 1 -12.82 -25.82 -2.39
C GLY A 1 -12.28 -25.08 -1.21
N SER A 2 -11.17 -24.41 -1.39
CA SER A 2 -10.55 -23.65 -0.35
C SER A 2 -10.15 -22.28 -0.87
N ASP A 3 -10.34 -21.29 -0.06
CA ASP A 3 -9.98 -19.94 -0.40
C ASP A 3 -8.65 -19.65 0.27
N PRO A 4 -7.70 -19.01 -0.43
CA PRO A 4 -6.37 -18.73 0.13
C PRO A 4 -6.41 -17.72 1.29
N GLY A 5 -7.49 -16.95 1.38
CA GLY A 5 -7.59 -15.94 2.39
C GLY A 5 -6.98 -14.64 1.92
N PRO A 6 -7.75 -13.53 1.92
CA PRO A 6 -7.24 -12.20 1.51
C PRO A 6 -6.09 -11.73 2.42
N GLU A 7 -6.14 -12.19 3.66
CA GLU A 7 -5.12 -11.88 4.63
C GLU A 7 -3.78 -12.54 4.24
N ALA A 8 -3.85 -13.78 3.74
CA ALA A 8 -2.68 -14.50 3.29
C ALA A 8 -2.22 -13.93 1.97
N ALA A 9 -3.18 -13.45 1.20
CA ALA A 9 -2.92 -12.87 -0.08
C ALA A 9 -2.05 -11.65 0.07
N ARG A 10 -2.42 -10.75 0.98
CA ARG A 10 -1.63 -9.56 1.21
C ARG A 10 -0.24 -9.95 1.73
N LEU A 11 -0.19 -10.96 2.56
CA LEU A 11 1.00 -11.43 3.15
C LEU A 11 2.00 -11.90 2.08
N ARG A 12 1.52 -12.71 1.13
CA ARG A 12 2.36 -13.19 0.03
C ARG A 12 2.78 -12.01 -0.87
N PHE A 13 1.85 -11.12 -1.10
CA PHE A 13 2.04 -9.94 -1.93
C PHE A 13 3.11 -8.99 -1.37
N ARG A 14 3.11 -8.77 -0.06
CA ARG A 14 4.08 -7.86 0.53
C ARG A 14 5.42 -8.54 0.71
N CYS A 15 5.41 -9.86 0.80
CA CYS A 15 6.62 -10.62 1.02
C CYS A 15 7.35 -10.85 -0.32
N PHE A 16 6.69 -10.47 -1.40
CA PHE A 16 7.23 -10.57 -2.73
C PHE A 16 8.43 -9.65 -2.87
N HIS A 17 9.54 -10.19 -3.32
CA HIS A 17 10.71 -9.38 -3.52
C HIS A 17 10.78 -8.98 -4.95
N TYR A 18 11.22 -7.79 -5.24
CA TYR A 18 11.42 -7.48 -6.60
C TYR A 18 12.72 -8.08 -7.06
N GLU A 19 12.62 -8.95 -7.98
CA GLU A 19 13.73 -9.59 -8.56
C GLU A 19 13.92 -9.11 -9.96
N GLU A 20 15.07 -8.54 -10.20
CA GLU A 20 15.43 -7.96 -11.48
C GLU A 20 15.44 -9.01 -12.57
N ALA A 21 15.77 -10.25 -12.20
CA ALA A 21 15.86 -11.35 -13.14
C ALA A 21 14.51 -11.70 -13.78
N THR A 22 13.42 -11.57 -13.03
CA THR A 22 12.12 -11.94 -13.57
C THR A 22 11.57 -10.79 -14.43
N GLY A 23 12.14 -9.61 -14.25
CA GLY A 23 11.68 -8.44 -14.98
C GLY A 23 10.54 -7.75 -14.24
N PRO A 24 10.47 -6.41 -14.25
CA PRO A 24 9.45 -5.69 -13.49
C PRO A 24 8.05 -5.87 -14.05
N GLN A 25 7.94 -6.05 -15.36
CA GLN A 25 6.65 -6.17 -16.00
C GLN A 25 6.04 -7.51 -15.59
N GLU A 26 6.90 -8.51 -15.45
CA GLU A 26 6.50 -9.83 -15.05
C GLU A 26 6.18 -9.86 -13.58
N ALA A 27 6.98 -9.16 -12.78
CA ALA A 27 6.74 -9.06 -11.35
C ALA A 27 5.34 -8.48 -11.10
N LEU A 28 4.95 -7.52 -11.94
CA LEU A 28 3.62 -6.92 -11.88
C LEU A 28 2.53 -7.96 -12.05
N ALA A 29 2.75 -8.93 -12.94
CA ALA A 29 1.77 -9.99 -13.19
C ALA A 29 1.53 -10.78 -11.92
N GLN A 30 2.61 -11.16 -11.27
CA GLN A 30 2.57 -11.87 -10.00
C GLN A 30 1.92 -11.01 -8.92
N LEU A 31 2.33 -9.77 -8.85
CA LEU A 31 1.80 -8.82 -7.90
C LEU A 31 0.31 -8.58 -8.07
N ARG A 32 -0.15 -8.36 -9.29
CA ARG A 32 -1.56 -8.10 -9.51
C ARG A 32 -2.42 -9.32 -9.20
N GLU A 33 -1.86 -10.51 -9.38
CA GLU A 33 -2.56 -11.74 -9.03
C GLU A 33 -2.74 -11.81 -7.50
N LEU A 34 -1.65 -11.59 -6.80
CA LEU A 34 -1.63 -11.65 -5.35
C LEU A 34 -2.46 -10.52 -4.75
N CYS A 35 -2.35 -9.34 -5.34
CA CYS A 35 -3.11 -8.18 -4.93
C CYS A 35 -4.61 -8.42 -5.20
N ARG A 36 -4.91 -9.13 -6.29
CA ARG A 36 -6.29 -9.45 -6.64
C ARG A 36 -6.90 -10.38 -5.61
N GLN A 37 -6.14 -11.38 -5.18
CA GLN A 37 -6.62 -12.35 -4.19
C GLN A 37 -6.90 -11.67 -2.85
N TRP A 38 -6.36 -10.50 -2.71
CA TRP A 38 -6.49 -9.70 -1.54
C TRP A 38 -7.63 -8.65 -1.67
N LEU A 39 -7.56 -7.80 -2.67
CA LEU A 39 -8.56 -6.74 -2.86
C LEU A 39 -9.88 -7.28 -3.40
N ARG A 40 -9.78 -8.17 -4.41
CA ARG A 40 -10.93 -8.85 -5.02
C ARG A 40 -11.98 -7.90 -5.62
N PRO A 41 -11.74 -7.38 -6.83
CA PRO A 41 -12.67 -6.46 -7.50
C PRO A 41 -14.01 -7.11 -7.90
N GLU A 42 -13.99 -8.39 -8.12
CA GLU A 42 -15.18 -9.08 -8.58
C GLU A 42 -16.18 -9.35 -7.46
N VAL A 43 -15.69 -9.58 -6.24
CA VAL A 43 -16.59 -9.86 -5.12
C VAL A 43 -16.59 -8.76 -4.07
N ARG A 44 -15.58 -7.92 -4.06
CA ARG A 44 -15.52 -6.83 -3.10
C ARG A 44 -15.77 -5.47 -3.74
N SER A 45 -15.94 -4.49 -2.90
CA SER A 45 -16.20 -3.13 -3.31
C SER A 45 -14.96 -2.27 -3.19
N LYS A 46 -14.99 -1.14 -3.91
CA LYS A 46 -13.96 -0.11 -3.87
C LYS A 46 -13.76 0.35 -2.43
N GLU A 47 -14.84 0.34 -1.69
CA GLU A 47 -14.86 0.73 -0.29
C GLU A 47 -13.84 -0.08 0.52
N GLN A 48 -13.87 -1.39 0.32
CA GLN A 48 -12.97 -2.30 1.02
C GLN A 48 -11.52 -2.06 0.61
N MET A 49 -11.33 -1.70 -0.64
CA MET A 49 -10.00 -1.43 -1.16
C MET A 49 -9.38 -0.24 -0.46
N LEU A 50 -10.17 0.83 -0.29
CA LEU A 50 -9.75 1.99 0.53
C LEU A 50 -9.35 1.52 1.92
N GLU A 51 -10.22 0.75 2.56
CA GLU A 51 -9.99 0.28 3.92
C GLU A 51 -8.70 -0.54 4.04
N LEU A 52 -8.53 -1.48 3.13
CA LEU A 52 -7.37 -2.34 3.13
C LEU A 52 -6.09 -1.54 2.93
N LEU A 53 -6.13 -0.57 2.04
CA LEU A 53 -5.00 0.22 1.75
C LEU A 53 -4.72 1.26 2.87
N VAL A 54 -5.76 1.73 3.56
CA VAL A 54 -5.57 2.61 4.73
C VAL A 54 -4.84 1.85 5.84
N LEU A 55 -5.26 0.60 6.06
CA LEU A 55 -4.65 -0.31 7.04
C LEU A 55 -3.16 -0.42 6.77
N GLU A 56 -2.83 -0.61 5.51
CA GLU A 56 -1.45 -0.79 5.05
C GLU A 56 -0.54 0.37 5.50
N GLN A 57 -0.93 1.59 5.19
CA GLN A 57 -0.12 2.73 5.59
C GLN A 57 -0.23 3.01 7.06
N PHE A 58 -1.39 2.73 7.64
CA PHE A 58 -1.55 2.94 9.07
C PHE A 58 -0.52 2.13 9.85
N LEU A 59 -0.42 0.84 9.51
CA LEU A 59 0.57 -0.02 10.16
C LEU A 59 1.99 0.45 9.95
N GLY A 60 2.31 0.84 8.73
CA GLY A 60 3.66 1.29 8.45
C GLY A 60 3.93 2.71 8.92
N ALA A 61 2.91 3.41 9.35
CA ALA A 61 3.09 4.72 9.92
C ALA A 61 3.44 4.60 11.40
N LEU A 62 2.97 3.52 12.01
CA LEU A 62 3.26 3.19 13.39
C LEU A 62 4.77 2.95 13.57
N PRO A 63 5.32 3.20 14.77
CA PRO A 63 6.73 2.94 15.06
C PRO A 63 6.96 1.43 15.06
N PRO A 64 8.19 0.97 14.75
CA PRO A 64 8.53 -0.47 14.67
C PRO A 64 7.97 -1.28 15.83
N GLU A 65 8.10 -0.75 17.04
CA GLU A 65 7.63 -1.44 18.24
C GLU A 65 6.10 -1.65 18.24
N ILE A 66 5.33 -0.61 17.94
CA ILE A 66 3.89 -0.72 17.92
C ILE A 66 3.45 -1.52 16.71
N GLN A 67 4.07 -1.25 15.57
CA GLN A 67 3.77 -1.90 14.33
C GLN A 67 3.94 -3.41 14.46
N ALA A 68 5.02 -3.82 15.09
CA ALA A 68 5.30 -5.23 15.29
C ALA A 68 4.29 -5.88 16.23
N ARG A 69 3.78 -5.13 17.19
CA ARG A 69 2.76 -5.67 18.10
C ARG A 69 1.47 -5.88 17.36
N VAL A 70 1.19 -5.01 16.41
CA VAL A 70 0.05 -5.17 15.53
C VAL A 70 0.31 -6.33 14.60
N GLN A 71 1.48 -6.33 14.02
CA GLN A 71 1.95 -7.34 13.10
C GLN A 71 1.82 -8.74 13.72
N GLY A 72 2.08 -8.82 15.01
CA GLY A 72 2.01 -10.07 15.72
C GLY A 72 0.59 -10.52 16.06
N GLN A 73 -0.38 -9.64 15.91
CA GLN A 73 -1.76 -9.99 16.23
C GLN A 73 -2.59 -10.10 14.95
N ARG A 74 -2.32 -9.20 14.02
CA ARG A 74 -2.98 -9.10 12.72
C ARG A 74 -4.47 -8.87 12.84
N PRO A 75 -4.86 -7.58 12.95
CA PRO A 75 -6.25 -7.15 13.08
C PRO A 75 -7.08 -7.36 11.80
N GLY A 76 -6.50 -6.98 10.68
CA GLY A 76 -7.18 -7.12 9.41
C GLY A 76 -7.99 -5.90 9.04
N SER A 77 -8.10 -4.97 9.94
CA SER A 77 -8.86 -3.76 9.72
C SER A 77 -8.19 -2.57 10.42
N PRO A 78 -8.16 -1.39 9.75
CA PRO A 78 -7.52 -0.17 10.29
C PRO A 78 -7.96 0.20 11.71
N GLU A 79 -9.25 0.16 11.98
CA GLU A 79 -9.76 0.56 13.28
C GLU A 79 -9.35 -0.40 14.38
N GLU A 80 -9.33 -1.68 14.05
CA GLU A 80 -8.89 -2.68 14.97
C GLU A 80 -7.41 -2.46 15.27
N ALA A 81 -6.62 -2.23 14.20
CA ALA A 81 -5.22 -1.89 14.36
C ALA A 81 -5.05 -0.67 15.26
N ALA A 82 -5.89 0.35 15.01
CA ALA A 82 -5.89 1.56 15.81
C ALA A 82 -6.21 1.27 17.26
N ALA A 83 -7.09 0.35 17.47
CA ALA A 83 -7.48 -0.07 18.81
C ALA A 83 -6.34 -0.81 19.50
N LEU A 84 -5.51 -1.51 18.72
CA LEU A 84 -4.39 -2.24 19.30
C LEU A 84 -3.37 -1.23 19.79
N VAL A 85 -3.04 -0.27 18.91
CA VAL A 85 -2.10 0.80 19.25
C VAL A 85 -2.64 1.70 20.32
N ASP A 86 -3.91 1.91 20.30
CA ASP A 86 -4.61 2.68 21.34
C ASP A 86 -4.28 2.16 22.74
N GLY A 87 -4.22 0.85 22.88
CA GLY A 87 -3.90 0.26 24.16
C GLY A 87 -2.40 0.19 24.40
N LEU A 88 -1.62 0.24 23.33
CA LEU A 88 -0.16 0.20 23.42
C LEU A 88 0.40 1.55 23.83
N ARG A 89 -0.34 2.61 23.50
CA ARG A 89 -0.03 3.94 23.96
C ARG A 89 -0.17 3.98 25.46
N ARG A 90 0.93 4.03 26.14
CA ARG A 90 0.96 4.11 27.58
C ARG A 90 0.48 5.47 27.99
N GLU A 91 -0.70 5.49 28.57
CA GLU A 91 -1.46 6.69 28.88
C GLU A 91 -1.88 7.36 27.57
N PRO A 92 -2.98 6.89 26.99
CA PRO A 92 -3.45 7.35 25.69
C PRO A 92 -4.27 8.63 25.76
N GLY A 93 -4.59 9.17 24.62
CA GLY A 93 -5.41 10.35 24.54
C GLY A 93 -6.23 10.36 23.28
N GLY A 94 -7.35 11.04 23.31
CA GLY A 94 -8.22 11.11 22.16
C GLY A 94 -9.66 10.92 22.55
N GLY B 1 -10.39 18.79 -9.44
CA GLY B 1 -9.75 18.95 -10.73
C GLY B 1 -8.31 19.40 -10.57
N SER B 2 -8.13 20.53 -9.96
CA SER B 2 -6.80 21.05 -9.74
C SER B 2 -6.17 20.40 -8.52
N ASP B 3 -5.39 19.37 -8.79
CA ASP B 3 -4.68 18.63 -7.78
C ASP B 3 -3.37 18.22 -8.33
N PRO B 4 -2.37 17.95 -7.48
CA PRO B 4 -1.09 17.42 -7.94
C PRO B 4 -1.21 15.93 -8.36
N GLY B 5 -2.42 15.42 -8.35
CA GLY B 5 -2.68 14.09 -8.80
C GLY B 5 -2.79 13.08 -7.67
N PRO B 6 -3.33 11.88 -7.96
CA PRO B 6 -3.41 10.80 -6.97
C PRO B 6 -2.01 10.38 -6.50
N GLU B 7 -1.02 10.55 -7.36
CA GLU B 7 0.37 10.23 -7.03
C GLU B 7 0.82 11.04 -5.81
N ALA B 8 0.50 12.32 -5.81
CA ALA B 8 0.86 13.19 -4.73
C ALA B 8 -0.03 12.98 -3.52
N ALA B 9 -1.23 12.49 -3.75
CA ALA B 9 -2.13 12.19 -2.65
C ALA B 9 -1.60 10.99 -1.87
N ARG B 10 -1.08 10.00 -2.61
CA ARG B 10 -0.45 8.84 -1.98
C ARG B 10 0.78 9.30 -1.20
N LEU B 11 1.45 10.31 -1.75
CA LEU B 11 2.60 10.90 -1.16
C LEU B 11 2.24 11.51 0.19
N ARG B 12 1.16 12.28 0.22
CA ARG B 12 0.65 12.90 1.45
C ARG B 12 0.34 11.82 2.48
N PHE B 13 -0.26 10.78 1.98
CA PHE B 13 -0.69 9.61 2.73
C PHE B 13 0.51 8.90 3.39
N ARG B 14 1.61 8.77 2.67
CA ARG B 14 2.80 8.15 3.25
C ARG B 14 3.71 9.14 3.96
N CYS B 15 3.52 10.41 3.70
CA CYS B 15 4.28 11.44 4.37
C CYS B 15 3.77 11.59 5.80
N PHE B 16 2.48 11.29 5.96
CA PHE B 16 1.79 11.35 7.23
C PHE B 16 2.53 10.54 8.28
N HIS B 17 2.92 11.18 9.35
CA HIS B 17 3.59 10.49 10.42
C HIS B 17 2.51 10.01 11.36
N TYR B 18 2.62 8.81 11.86
CA TYR B 18 1.68 8.46 12.86
C TYR B 18 2.05 9.16 14.14
N GLU B 19 1.16 9.96 14.58
CA GLU B 19 1.33 10.73 15.76
C GLU B 19 0.40 10.22 16.85
N GLU B 20 0.98 9.71 17.91
CA GLU B 20 0.22 9.15 19.04
C GLU B 20 -0.66 10.19 19.69
N ALA B 21 -0.25 11.45 19.56
CA ALA B 21 -0.96 12.57 20.14
C ALA B 21 -2.34 12.78 19.51
N THR B 22 -2.49 12.45 18.24
CA THR B 22 -3.78 12.65 17.61
C THR B 22 -4.63 11.39 17.81
N GLY B 23 -3.97 10.31 18.19
CA GLY B 23 -4.65 9.05 18.38
C GLY B 23 -4.73 8.28 17.08
N PRO B 24 -4.62 6.95 17.10
CA PRO B 24 -4.63 6.16 15.87
C PRO B 24 -5.98 6.21 15.20
N GLN B 25 -7.02 6.25 16.01
CA GLN B 25 -8.40 6.29 15.54
C GLN B 25 -8.62 7.54 14.69
N GLU B 26 -8.11 8.66 15.17
CA GLU B 26 -8.24 9.93 14.48
C GLU B 26 -7.32 9.99 13.28
N ALA B 27 -6.10 9.50 13.43
CA ALA B 27 -5.14 9.47 12.32
C ALA B 27 -5.72 8.71 11.12
N LEU B 28 -6.53 7.68 11.41
CA LEU B 28 -7.25 6.92 10.39
C LEU B 28 -8.12 7.81 9.53
N ALA B 29 -8.79 8.78 10.15
CA ALA B 29 -9.65 9.70 9.42
C ALA B 29 -8.84 10.46 8.38
N GLN B 30 -7.69 10.91 8.80
CA GLN B 30 -6.73 11.60 7.96
C GLN B 30 -6.21 10.69 6.85
N LEU B 31 -5.81 9.50 7.23
CA LEU B 31 -5.31 8.50 6.29
C LEU B 31 -6.35 8.07 5.26
N ARG B 32 -7.57 7.81 5.70
CA ARG B 32 -8.61 7.40 4.78
C ARG B 32 -8.97 8.54 3.85
N GLU B 33 -8.85 9.76 4.35
CA GLU B 33 -9.06 10.94 3.56
C GLU B 33 -7.99 11.05 2.48
N LEU B 34 -6.74 10.92 2.89
CA LEU B 34 -5.60 10.99 1.99
C LEU B 34 -5.65 9.85 0.97
N CYS B 35 -5.99 8.66 1.45
CA CYS B 35 -6.12 7.50 0.59
C CYS B 35 -7.26 7.70 -0.41
N ARG B 36 -8.39 8.24 0.06
CA ARG B 36 -9.51 8.56 -0.80
C ARG B 36 -9.14 9.57 -1.89
N GLN B 37 -8.34 10.57 -1.54
CA GLN B 37 -7.91 11.58 -2.52
C GLN B 37 -7.04 10.95 -3.61
N TRP B 38 -6.49 9.82 -3.28
CA TRP B 38 -5.64 9.05 -4.12
C TRP B 38 -6.42 7.99 -4.94
N LEU B 39 -7.13 7.10 -4.28
CA LEU B 39 -7.86 6.04 -4.98
C LEU B 39 -9.09 6.60 -5.71
N ARG B 40 -9.84 7.50 -5.02
CA ARG B 40 -11.05 8.14 -5.56
C ARG B 40 -12.06 7.13 -6.14
N PRO B 41 -12.77 6.39 -5.26
CA PRO B 41 -13.76 5.36 -5.66
C PRO B 41 -14.94 5.92 -6.43
N GLU B 42 -15.11 7.22 -6.40
CA GLU B 42 -16.20 7.87 -7.09
C GLU B 42 -15.91 8.01 -8.60
N VAL B 43 -14.62 8.05 -8.96
CA VAL B 43 -14.25 8.18 -10.36
C VAL B 43 -13.45 7.00 -10.86
N ARG B 44 -12.72 6.36 -9.98
CA ARG B 44 -11.93 5.22 -10.39
C ARG B 44 -12.58 3.91 -10.08
N SER B 45 -12.28 2.94 -10.90
CA SER B 45 -12.83 1.62 -10.80
C SER B 45 -11.97 0.77 -9.87
N LYS B 46 -12.52 -0.34 -9.44
CA LYS B 46 -11.87 -1.29 -8.55
C LYS B 46 -10.54 -1.76 -9.11
N GLU B 47 -10.51 -1.99 -10.41
CA GLU B 47 -9.33 -2.48 -11.10
C GLU B 47 -8.13 -1.56 -10.88
N GLN B 48 -8.37 -0.26 -10.96
CA GLN B 48 -7.32 0.73 -10.77
C GLN B 48 -6.76 0.70 -9.38
N MET B 49 -7.59 0.33 -8.43
CA MET B 49 -7.17 0.25 -7.05
C MET B 49 -6.18 -0.86 -6.87
N LEU B 50 -6.41 -1.97 -7.58
CA LEU B 50 -5.44 -3.06 -7.61
C LEU B 50 -4.14 -2.54 -8.18
N GLU B 51 -4.24 -1.89 -9.33
CA GLU B 51 -3.08 -1.35 -10.04
C GLU B 51 -2.27 -0.37 -9.17
N LEU B 52 -2.97 0.58 -8.56
CA LEU B 52 -2.34 1.57 -7.71
C LEU B 52 -1.64 0.91 -6.53
N LEU B 53 -2.28 -0.08 -5.96
CA LEU B 53 -1.74 -0.78 -4.85
C LEU B 53 -0.59 -1.72 -5.29
N VAL B 54 -0.66 -2.24 -6.52
CA VAL B 54 0.45 -2.98 -7.10
C VAL B 54 1.67 -2.07 -7.20
N LEU B 55 1.42 -0.85 -7.70
CA LEU B 55 2.45 0.20 -7.81
C LEU B 55 3.08 0.46 -6.44
N GLU B 56 2.21 0.57 -5.45
CA GLU B 56 2.61 0.85 -4.08
C GLU B 56 3.62 -0.20 -3.59
N GLN B 57 3.27 -1.46 -3.73
CA GLN B 57 4.14 -2.54 -3.30
C GLN B 57 5.35 -2.67 -4.23
N PHE B 58 5.11 -2.51 -5.53
CA PHE B 58 6.17 -2.63 -6.53
C PHE B 58 7.32 -1.68 -6.22
N LEU B 59 6.99 -0.42 -5.96
CA LEU B 59 8.00 0.58 -5.63
C LEU B 59 8.81 0.24 -4.40
N GLY B 60 8.17 -0.27 -3.37
CA GLY B 60 8.91 -0.61 -2.18
C GLY B 60 9.62 -1.94 -2.29
N ALA B 61 9.22 -2.76 -3.25
CA ALA B 61 9.87 -4.03 -3.50
C ALA B 61 11.20 -3.80 -4.21
N LEU B 62 11.27 -2.71 -4.97
CA LEU B 62 12.48 -2.26 -5.63
C LEU B 62 13.56 -1.97 -4.59
N PRO B 63 14.86 -2.14 -4.94
CA PRO B 63 15.95 -1.82 -4.03
C PRO B 63 16.00 -0.32 -3.82
N PRO B 64 16.44 0.17 -2.65
CA PRO B 64 16.48 1.61 -2.32
C PRO B 64 17.07 2.48 -3.45
N GLU B 65 18.14 2.00 -4.07
CA GLU B 65 18.80 2.74 -5.16
C GLU B 65 17.87 2.91 -6.36
N ILE B 66 17.23 1.82 -6.81
CA ILE B 66 16.31 1.87 -7.92
C ILE B 66 15.04 2.60 -7.55
N GLN B 67 14.56 2.31 -6.36
CA GLN B 67 13.36 2.92 -5.82
C GLN B 67 13.50 4.44 -5.80
N ALA B 68 14.64 4.92 -5.36
CA ALA B 68 14.90 6.36 -5.32
C ALA B 68 14.91 6.97 -6.72
N ARG B 69 15.39 6.21 -7.71
CA ARG B 69 15.40 6.67 -9.11
C ARG B 69 13.97 6.88 -9.56
N VAL B 70 13.12 5.92 -9.21
CA VAL B 70 11.70 5.98 -9.49
C VAL B 70 11.08 7.14 -8.77
N GLN B 71 11.34 7.23 -7.48
CA GLN B 71 10.84 8.32 -6.66
C GLN B 71 11.24 9.69 -7.21
N GLY B 72 12.37 9.75 -7.90
CA GLY B 72 12.81 10.98 -8.52
C GLY B 72 11.97 11.37 -9.73
N GLN B 73 11.30 10.41 -10.37
CA GLN B 73 10.49 10.72 -11.56
C GLN B 73 9.01 10.70 -11.22
N ARG B 74 8.65 9.81 -10.31
CA ARG B 74 7.25 9.59 -9.88
C ARG B 74 6.31 9.16 -11.01
N PRO B 75 6.21 7.83 -11.23
CA PRO B 75 5.32 7.27 -12.24
C PRO B 75 3.83 7.38 -11.85
N GLY B 76 3.47 6.76 -10.72
CA GLY B 76 2.10 6.79 -10.24
C GLY B 76 1.29 5.60 -10.73
N SER B 77 1.85 4.87 -11.68
CA SER B 77 1.20 3.72 -12.24
C SER B 77 2.22 2.56 -12.33
N PRO B 78 1.79 1.30 -12.09
CA PRO B 78 2.68 0.14 -11.99
C PRO B 78 3.53 -0.16 -13.23
N GLU B 79 2.93 -0.12 -14.39
CA GLU B 79 3.64 -0.46 -15.63
C GLU B 79 4.61 0.63 -15.99
N GLU B 80 4.25 1.85 -15.65
CA GLU B 80 5.11 2.99 -15.84
C GLU B 80 6.38 2.75 -15.01
N ALA B 81 6.19 2.43 -13.72
CA ALA B 81 7.28 2.10 -12.82
C ALA B 81 8.12 0.95 -13.35
N ALA B 82 7.45 -0.08 -13.85
CA ALA B 82 8.13 -1.23 -14.42
C ALA B 82 8.99 -0.82 -15.61
N ALA B 83 8.46 0.07 -16.41
CA ALA B 83 9.16 0.58 -17.57
C ALA B 83 10.37 1.40 -17.15
N LEU B 84 10.24 2.13 -16.03
CA LEU B 84 11.34 2.96 -15.54
C LEU B 84 12.47 2.05 -15.11
N VAL B 85 12.13 1.05 -14.30
CA VAL B 85 13.10 0.15 -13.71
C VAL B 85 13.73 -0.76 -14.72
N ASP B 86 12.97 -1.11 -15.72
CA ASP B 86 13.45 -1.92 -16.84
C ASP B 86 14.69 -1.26 -17.44
N GLY B 87 14.65 0.07 -17.56
CA GLY B 87 15.78 0.83 -18.06
C GLY B 87 16.81 1.14 -16.98
N LEU B 88 16.33 1.23 -15.71
CA LEU B 88 17.21 1.48 -14.55
C LEU B 88 18.18 0.34 -14.34
N ARG B 89 17.72 -0.87 -14.67
CA ARG B 89 18.58 -2.03 -14.64
C ARG B 89 19.68 -1.84 -15.65
N ARG B 90 20.86 -1.52 -15.20
CA ARG B 90 21.95 -1.28 -16.09
C ARG B 90 22.65 -2.55 -16.49
N GLU B 91 21.90 -3.31 -17.28
CA GLU B 91 22.23 -4.57 -17.93
C GLU B 91 21.14 -4.82 -18.94
N PRO B 92 21.32 -4.37 -20.19
CA PRO B 92 20.31 -4.53 -21.24
C PRO B 92 20.00 -6.00 -21.53
N GLY B 93 18.81 -6.41 -21.22
CA GLY B 93 18.40 -7.76 -21.43
C GLY B 93 17.22 -8.13 -20.58
N GLY B 94 16.40 -8.98 -21.09
CA GLY B 94 15.23 -9.40 -20.40
C GLY B 94 14.39 -10.29 -21.27
N GLY A 1 -14.55 -24.60 0.36
CA GLY A 1 -13.35 -23.85 0.04
C GLY A 1 -12.98 -22.94 1.16
N SER A 2 -11.72 -22.85 1.48
CA SER A 2 -11.28 -22.02 2.56
C SER A 2 -10.91 -20.64 2.05
N ASP A 3 -11.15 -19.64 2.86
CA ASP A 3 -10.80 -18.29 2.51
C ASP A 3 -9.42 -18.02 3.07
N PRO A 4 -8.45 -17.62 2.22
CA PRO A 4 -7.06 -17.40 2.64
C PRO A 4 -6.89 -16.22 3.61
N GLY A 5 -7.86 -15.33 3.65
CA GLY A 5 -7.70 -14.13 4.43
C GLY A 5 -7.11 -13.04 3.57
N PRO A 6 -7.75 -11.86 3.48
CA PRO A 6 -7.26 -10.81 2.60
C PRO A 6 -5.92 -10.22 3.04
N GLU A 7 -5.68 -10.04 4.34
CA GLU A 7 -4.40 -9.50 4.72
C GLU A 7 -3.32 -10.55 4.63
N ALA A 8 -3.71 -11.81 4.76
CA ALA A 8 -2.78 -12.90 4.56
C ALA A 8 -2.31 -12.88 3.11
N ALA A 9 -3.24 -12.57 2.21
CA ALA A 9 -2.91 -12.42 0.81
C ALA A 9 -2.01 -11.20 0.63
N ARG A 10 -2.32 -10.13 1.37
CA ARG A 10 -1.51 -8.91 1.39
C ARG A 10 -0.08 -9.24 1.84
N LEU A 11 0.03 -10.13 2.82
CA LEU A 11 1.26 -10.56 3.34
C LEU A 11 2.07 -11.27 2.26
N ARG A 12 1.43 -12.19 1.55
CA ARG A 12 2.07 -12.93 0.44
C ARG A 12 2.54 -11.95 -0.63
N PHE A 13 1.69 -10.98 -0.90
CA PHE A 13 1.93 -9.89 -1.82
C PHE A 13 3.16 -9.05 -1.40
N ARG A 14 3.22 -8.67 -0.14
CA ARG A 14 4.36 -7.92 0.39
C ARG A 14 5.63 -8.78 0.50
N CYS A 15 5.47 -10.08 0.62
CA CYS A 15 6.62 -10.98 0.72
C CYS A 15 7.23 -11.27 -0.64
N PHE A 16 6.62 -10.76 -1.67
CA PHE A 16 7.13 -10.88 -3.00
C PHE A 16 8.37 -10.01 -3.12
N HIS A 17 9.48 -10.58 -3.51
CA HIS A 17 10.64 -9.76 -3.68
C HIS A 17 10.69 -9.33 -5.11
N TYR A 18 11.02 -8.11 -5.34
CA TYR A 18 11.23 -7.73 -6.68
C TYR A 18 12.53 -8.30 -7.14
N GLU A 19 12.47 -9.08 -8.15
CA GLU A 19 13.60 -9.67 -8.70
C GLU A 19 13.79 -9.20 -10.12
N GLU A 20 14.88 -8.49 -10.35
CA GLU A 20 15.22 -7.94 -11.66
C GLU A 20 15.25 -9.03 -12.71
N ALA A 21 15.56 -10.22 -12.25
CA ALA A 21 15.65 -11.42 -13.07
C ALA A 21 14.33 -11.78 -13.75
N THR A 22 13.18 -11.46 -13.13
CA THR A 22 11.92 -11.80 -13.74
C THR A 22 11.36 -10.57 -14.48
N GLY A 23 11.90 -9.41 -14.16
CA GLY A 23 11.44 -8.18 -14.78
C GLY A 23 10.40 -7.48 -13.94
N PRO A 24 10.18 -6.18 -14.14
CA PRO A 24 9.24 -5.44 -13.31
C PRO A 24 7.81 -5.68 -13.73
N GLN A 25 7.63 -5.83 -15.00
CA GLN A 25 6.36 -5.92 -15.59
C GLN A 25 5.80 -7.31 -15.39
N GLU A 26 6.70 -8.29 -15.35
CA GLU A 26 6.30 -9.63 -15.08
C GLU A 26 6.01 -9.78 -13.60
N ALA A 27 6.79 -9.09 -12.79
CA ALA A 27 6.56 -9.05 -11.36
C ALA A 27 5.18 -8.48 -11.08
N LEU A 28 4.78 -7.48 -11.87
CA LEU A 28 3.46 -6.88 -11.77
C LEU A 28 2.37 -7.93 -11.94
N ALA A 29 2.57 -8.87 -12.88
CA ALA A 29 1.58 -9.93 -13.15
C ALA A 29 1.35 -10.78 -11.90
N GLN A 30 2.42 -11.02 -11.17
CA GLN A 30 2.39 -11.78 -9.95
C GLN A 30 1.81 -10.94 -8.81
N LEU A 31 2.20 -9.67 -8.77
CA LEU A 31 1.70 -8.74 -7.76
C LEU A 31 0.21 -8.45 -7.92
N ARG A 32 -0.23 -8.22 -9.15
CA ARG A 32 -1.66 -7.98 -9.39
C ARG A 32 -2.49 -9.20 -9.07
N GLU A 33 -1.90 -10.35 -9.22
CA GLU A 33 -2.54 -11.60 -8.86
C GLU A 33 -2.71 -11.66 -7.34
N LEU A 34 -1.65 -11.36 -6.64
CA LEU A 34 -1.64 -11.42 -5.19
C LEU A 34 -2.49 -10.31 -4.58
N CYS A 35 -2.41 -9.11 -5.11
CA CYS A 35 -3.19 -8.01 -4.60
C CYS A 35 -4.68 -8.27 -4.85
N ARG A 36 -5.00 -8.90 -5.99
CA ARG A 36 -6.33 -9.30 -6.31
C ARG A 36 -6.91 -10.31 -5.30
N GLN A 37 -6.06 -11.15 -4.73
CA GLN A 37 -6.52 -12.14 -3.73
C GLN A 37 -6.86 -11.44 -2.41
N TRP A 38 -6.33 -10.25 -2.28
CA TRP A 38 -6.48 -9.40 -1.13
C TRP A 38 -7.65 -8.41 -1.30
N LEU A 39 -7.56 -7.60 -2.33
CA LEU A 39 -8.55 -6.57 -2.62
C LEU A 39 -9.83 -7.17 -3.15
N ARG A 40 -9.68 -8.16 -4.04
CA ARG A 40 -10.79 -8.96 -4.59
C ARG A 40 -11.85 -8.09 -5.29
N PRO A 41 -11.55 -7.56 -6.49
CA PRO A 41 -12.51 -6.73 -7.24
C PRO A 41 -13.74 -7.52 -7.68
N GLU A 42 -13.58 -8.81 -7.75
CA GLU A 42 -14.64 -9.67 -8.20
C GLU A 42 -15.78 -9.76 -7.18
N VAL A 43 -15.44 -9.82 -5.91
CA VAL A 43 -16.44 -9.98 -4.87
C VAL A 43 -16.55 -8.77 -3.95
N ARG A 44 -15.52 -7.96 -3.90
CA ARG A 44 -15.52 -6.79 -3.04
C ARG A 44 -15.72 -5.50 -3.79
N SER A 45 -16.18 -4.49 -3.07
CA SER A 45 -16.45 -3.19 -3.61
C SER A 45 -15.21 -2.28 -3.51
N LYS A 46 -15.34 -1.11 -4.08
CA LYS A 46 -14.30 -0.08 -4.10
C LYS A 46 -14.08 0.44 -2.69
N GLU A 47 -15.16 0.41 -1.93
CA GLU A 47 -15.20 0.86 -0.56
C GLU A 47 -14.28 -0.02 0.28
N GLN A 48 -14.38 -1.31 0.05
CA GLN A 48 -13.55 -2.29 0.73
C GLN A 48 -12.08 -2.07 0.42
N MET A 49 -11.80 -1.64 -0.79
CA MET A 49 -10.44 -1.36 -1.21
C MET A 49 -9.89 -0.17 -0.50
N LEU A 50 -10.74 0.87 -0.33
CA LEU A 50 -10.35 2.02 0.46
C LEU A 50 -9.94 1.54 1.85
N GLU A 51 -10.82 0.76 2.49
CA GLU A 51 -10.60 0.25 3.84
C GLU A 51 -9.26 -0.51 3.93
N LEU A 52 -9.06 -1.47 3.03
CA LEU A 52 -7.86 -2.26 3.00
C LEU A 52 -6.62 -1.41 2.80
N LEU A 53 -6.69 -0.47 1.90
CA LEU A 53 -5.57 0.36 1.60
C LEU A 53 -5.29 1.41 2.68
N VAL A 54 -6.33 1.89 3.38
CA VAL A 54 -6.10 2.77 4.53
C VAL A 54 -5.30 1.99 5.57
N LEU A 55 -5.73 0.75 5.78
CA LEU A 55 -5.07 -0.17 6.70
C LEU A 55 -3.62 -0.40 6.29
N GLU A 56 -3.42 -0.57 4.99
CA GLU A 56 -2.12 -0.83 4.41
C GLU A 56 -1.12 0.28 4.76
N GLN A 57 -1.52 1.51 4.55
CA GLN A 57 -0.64 2.62 4.84
C GLN A 57 -0.54 2.83 6.34
N PHE A 58 -1.68 2.78 7.02
CA PHE A 58 -1.75 3.01 8.45
C PHE A 58 -0.81 2.11 9.22
N LEU A 59 -0.80 0.83 8.87
CA LEU A 59 0.07 -0.11 9.55
C LEU A 59 1.54 0.19 9.32
N GLY A 60 1.88 0.66 8.14
CA GLY A 60 3.26 0.99 7.88
C GLY A 60 3.62 2.36 8.42
N ALA A 61 2.62 3.20 8.62
CA ALA A 61 2.79 4.51 9.19
C ALA A 61 3.20 4.40 10.66
N LEU A 62 2.77 3.31 11.28
CA LEU A 62 3.13 2.98 12.65
C LEU A 62 4.64 2.78 12.76
N PRO A 63 5.25 3.06 13.91
CA PRO A 63 6.66 2.82 14.10
C PRO A 63 6.90 1.32 14.21
N PRO A 64 8.10 0.83 13.82
CA PRO A 64 8.43 -0.61 13.81
C PRO A 64 7.94 -1.36 15.06
N GLU A 65 8.14 -0.77 16.22
CA GLU A 65 7.75 -1.36 17.50
C GLU A 65 6.22 -1.59 17.60
N ILE A 66 5.43 -0.58 17.25
CA ILE A 66 3.98 -0.70 17.29
C ILE A 66 3.48 -1.57 16.14
N GLN A 67 4.07 -1.35 14.97
CA GLN A 67 3.73 -2.07 13.76
C GLN A 67 3.91 -3.58 13.93
N ALA A 68 5.01 -3.97 14.57
CA ALA A 68 5.32 -5.37 14.82
C ALA A 68 4.28 -6.05 15.70
N ARG A 69 3.71 -5.31 16.64
CA ARG A 69 2.70 -5.86 17.55
C ARG A 69 1.45 -6.22 16.77
N VAL A 70 1.08 -5.35 15.83
CA VAL A 70 -0.08 -5.56 14.96
C VAL A 70 0.04 -6.85 14.19
N GLN A 71 1.23 -7.08 13.67
CA GLN A 71 1.49 -8.22 12.81
C GLN A 71 1.16 -9.54 13.53
N GLY A 72 1.35 -9.55 14.84
CA GLY A 72 1.04 -10.71 15.64
C GLY A 72 -0.45 -10.86 15.97
N GLN A 73 -1.23 -9.83 15.70
CA GLN A 73 -2.64 -9.85 16.05
C GLN A 73 -3.49 -10.02 14.80
N ARG A 74 -3.16 -9.21 13.79
CA ARG A 74 -3.83 -9.19 12.50
C ARG A 74 -5.28 -8.72 12.59
N PRO A 75 -5.49 -7.40 12.50
CA PRO A 75 -6.83 -6.78 12.56
C PRO A 75 -7.72 -7.12 11.35
N GLY A 76 -7.20 -6.88 10.17
CA GLY A 76 -7.95 -7.11 8.95
C GLY A 76 -8.71 -5.87 8.50
N SER A 77 -8.77 -4.86 9.34
CA SER A 77 -9.47 -3.63 9.04
C SER A 77 -8.78 -2.43 9.74
N PRO A 78 -8.80 -1.21 9.13
CA PRO A 78 -8.08 -0.02 9.64
C PRO A 78 -8.49 0.41 11.05
N GLU A 79 -9.76 0.45 11.32
CA GLU A 79 -10.26 0.90 12.61
C GLU A 79 -10.01 -0.14 13.69
N GLU A 80 -9.99 -1.39 13.28
CA GLU A 80 -9.65 -2.46 14.16
C GLU A 80 -8.17 -2.27 14.56
N ALA A 81 -7.34 -1.97 13.54
CA ALA A 81 -5.93 -1.67 13.75
C ALA A 81 -5.77 -0.49 14.67
N ALA A 82 -6.59 0.53 14.46
CA ALA A 82 -6.58 1.74 15.27
C ALA A 82 -6.86 1.41 16.73
N ALA A 83 -7.72 0.49 16.95
CA ALA A 83 -8.08 0.04 18.28
C ALA A 83 -6.96 -0.80 18.90
N LEU A 84 -6.21 -1.53 18.05
CA LEU A 84 -5.11 -2.36 18.55
C LEU A 84 -4.02 -1.43 19.04
N VAL A 85 -3.69 -0.48 18.18
CA VAL A 85 -2.61 0.44 18.40
C VAL A 85 -2.90 1.43 19.49
N ASP A 86 -4.16 1.78 19.65
CA ASP A 86 -4.59 2.66 20.75
C ASP A 86 -4.05 2.19 22.09
N GLY A 87 -4.04 0.89 22.29
CA GLY A 87 -3.50 0.35 23.50
C GLY A 87 -1.99 0.23 23.45
N LEU A 88 -1.49 -0.13 22.28
CA LEU A 88 -0.06 -0.33 22.05
C LEU A 88 0.74 0.96 22.21
N ARG A 89 0.15 2.09 21.81
CA ARG A 89 0.82 3.39 21.88
C ARG A 89 0.99 3.85 23.32
N ARG A 90 0.26 3.25 24.22
CA ARG A 90 0.30 3.67 25.59
C ARG A 90 1.40 2.92 26.30
N GLU A 91 2.26 3.65 26.94
CA GLU A 91 3.37 3.08 27.62
C GLU A 91 2.95 2.89 29.09
N PRO A 92 3.13 1.67 29.65
CA PRO A 92 2.77 1.39 31.05
C PRO A 92 3.50 2.31 32.04
N GLY A 93 2.75 3.17 32.68
CA GLY A 93 3.33 4.08 33.63
C GLY A 93 3.74 5.38 32.98
N GLY A 94 3.07 5.73 31.92
CA GLY A 94 3.39 6.95 31.19
C GLY A 94 2.15 7.66 30.74
N GLY B 1 -9.70 25.17 -10.48
CA GLY B 1 -10.26 24.83 -11.77
C GLY B 1 -9.47 23.73 -12.45
N SER B 2 -8.79 22.94 -11.66
CA SER B 2 -7.99 21.86 -12.16
C SER B 2 -8.12 20.62 -11.26
N ASP B 3 -7.65 19.49 -11.72
CA ASP B 3 -7.68 18.29 -10.93
C ASP B 3 -6.32 18.11 -10.26
N PRO B 4 -6.28 17.90 -8.94
CA PRO B 4 -5.02 17.76 -8.18
C PRO B 4 -4.15 16.58 -8.64
N GLY B 5 -4.78 15.54 -9.14
CA GLY B 5 -4.06 14.36 -9.51
C GLY B 5 -4.03 13.35 -8.38
N PRO B 6 -4.51 12.11 -8.62
CA PRO B 6 -4.53 11.04 -7.59
C PRO B 6 -3.13 10.75 -7.05
N GLU B 7 -2.13 10.99 -7.88
CA GLU B 7 -0.76 10.80 -7.51
C GLU B 7 -0.36 11.75 -6.36
N ALA B 8 -0.92 12.96 -6.38
CA ALA B 8 -0.64 13.97 -5.36
C ALA B 8 -1.39 13.63 -4.10
N ALA B 9 -2.55 13.03 -4.26
CA ALA B 9 -3.35 12.56 -3.15
C ALA B 9 -2.59 11.49 -2.40
N ARG B 10 -2.05 10.54 -3.16
CA ARG B 10 -1.27 9.45 -2.58
C ARG B 10 -0.03 10.03 -1.92
N LEU B 11 0.50 11.09 -2.51
CA LEU B 11 1.67 11.73 -2.04
C LEU B 11 1.46 12.26 -0.61
N ARG B 12 0.29 12.82 -0.34
CA ARG B 12 -0.02 13.28 1.01
C ARG B 12 -0.20 12.07 1.92
N PHE B 13 -1.01 11.15 1.44
CA PHE B 13 -1.43 9.94 2.15
C PHE B 13 -0.26 9.03 2.53
N ARG B 14 0.63 8.79 1.60
CA ARG B 14 1.68 7.83 1.79
C ARG B 14 2.86 8.42 2.59
N CYS B 15 2.90 9.73 2.69
CA CYS B 15 3.97 10.38 3.46
C CYS B 15 3.49 10.69 4.88
N PHE B 16 2.21 10.43 5.13
CA PHE B 16 1.59 10.65 6.43
C PHE B 16 2.24 9.74 7.46
N HIS B 17 2.66 10.31 8.55
CA HIS B 17 3.25 9.53 9.61
C HIS B 17 2.19 9.21 10.62
N TYR B 18 2.22 8.05 11.18
CA TYR B 18 1.33 7.79 12.26
C TYR B 18 1.78 8.56 13.46
N GLU B 19 0.94 9.41 13.90
CA GLU B 19 1.22 10.23 15.03
C GLU B 19 0.28 9.88 16.17
N GLU B 20 0.86 9.30 17.21
CA GLU B 20 0.12 8.84 18.39
C GLU B 20 -0.70 9.97 18.98
N ALA B 21 -0.15 11.16 18.90
CA ALA B 21 -0.77 12.36 19.42
C ALA B 21 -2.16 12.60 18.80
N THR B 22 -2.30 12.33 17.52
CA THR B 22 -3.57 12.59 16.85
C THR B 22 -4.53 11.44 17.15
N GLY B 23 -3.97 10.31 17.60
CA GLY B 23 -4.77 9.14 17.84
C GLY B 23 -5.00 8.36 16.57
N PRO B 24 -4.95 7.03 16.60
CA PRO B 24 -5.08 6.21 15.39
C PRO B 24 -6.42 6.36 14.67
N GLN B 25 -7.51 6.59 15.43
CA GLN B 25 -8.82 6.73 14.80
C GLN B 25 -8.88 8.02 14.01
N GLU B 26 -8.29 9.04 14.59
CA GLU B 26 -8.24 10.34 13.97
C GLU B 26 -7.26 10.33 12.80
N ALA B 27 -6.17 9.59 12.94
CA ALA B 27 -5.20 9.40 11.86
C ALA B 27 -5.88 8.74 10.67
N LEU B 28 -6.73 7.77 10.95
CA LEU B 28 -7.51 7.11 9.90
C LEU B 28 -8.43 8.09 9.22
N ALA B 29 -8.98 9.01 9.98
CA ALA B 29 -9.86 10.03 9.43
C ALA B 29 -9.10 10.92 8.45
N GLN B 30 -7.82 11.13 8.74
CA GLN B 30 -6.97 11.91 7.86
C GLN B 30 -6.75 11.13 6.58
N LEU B 31 -6.35 9.88 6.78
CA LEU B 31 -6.01 8.95 5.71
C LEU B 31 -7.16 8.58 4.81
N ARG B 32 -8.31 8.30 5.38
CA ARG B 32 -9.42 7.77 4.63
C ARG B 32 -10.00 8.74 3.59
N GLU B 33 -9.90 10.05 3.84
CA GLU B 33 -10.34 10.95 2.79
C GLU B 33 -9.24 11.04 1.73
N LEU B 34 -7.98 11.02 2.18
CA LEU B 34 -6.82 11.14 1.29
C LEU B 34 -6.73 9.99 0.32
N CYS B 35 -6.90 8.77 0.83
CA CYS B 35 -6.84 7.59 -0.01
C CYS B 35 -7.98 7.63 -1.03
N ARG B 36 -9.12 8.18 -0.62
CA ARG B 36 -10.25 8.31 -1.47
C ARG B 36 -10.03 9.36 -2.57
N GLN B 37 -9.22 10.39 -2.31
CA GLN B 37 -8.91 11.40 -3.34
C GLN B 37 -7.99 10.76 -4.42
N TRP B 38 -7.35 9.68 -4.00
CA TRP B 38 -6.41 8.93 -4.81
C TRP B 38 -7.09 7.78 -5.57
N LEU B 39 -7.72 6.90 -4.85
CA LEU B 39 -8.38 5.74 -5.41
C LEU B 39 -9.67 6.14 -6.13
N ARG B 40 -10.37 7.10 -5.54
CA ARG B 40 -11.59 7.71 -6.08
C ARG B 40 -12.70 6.72 -6.51
N PRO B 41 -13.40 6.04 -5.57
CA PRO B 41 -14.51 5.12 -5.89
C PRO B 41 -15.69 5.81 -6.61
N GLU B 42 -15.75 7.13 -6.51
CA GLU B 42 -16.82 7.88 -7.11
C GLU B 42 -16.71 7.84 -8.64
N VAL B 43 -15.48 7.95 -9.14
CA VAL B 43 -15.27 7.99 -10.58
C VAL B 43 -14.41 6.83 -11.09
N ARG B 44 -13.60 6.27 -10.25
CA ARG B 44 -12.76 5.17 -10.65
C ARG B 44 -13.32 3.86 -10.21
N SER B 45 -12.97 2.85 -10.94
CA SER B 45 -13.41 1.53 -10.70
C SER B 45 -12.45 0.81 -9.77
N LYS B 46 -12.87 -0.36 -9.32
CA LYS B 46 -12.07 -1.25 -8.49
C LYS B 46 -10.76 -1.56 -9.20
N GLU B 47 -10.87 -1.71 -10.50
CA GLU B 47 -9.75 -2.03 -11.38
C GLU B 47 -8.59 -1.03 -11.20
N GLN B 48 -8.91 0.25 -11.15
CA GLN B 48 -7.91 1.28 -10.93
C GLN B 48 -7.25 1.16 -9.57
N MET B 49 -8.01 0.69 -8.61
CA MET B 49 -7.52 0.54 -7.26
C MET B 49 -6.48 -0.56 -7.18
N LEU B 50 -6.71 -1.65 -7.93
CA LEU B 50 -5.69 -2.70 -8.06
C LEU B 50 -4.43 -2.08 -8.62
N GLU B 51 -4.57 -1.34 -9.74
CA GLU B 51 -3.43 -0.71 -10.46
C GLU B 51 -2.60 0.15 -9.51
N LEU B 52 -3.26 1.07 -8.83
CA LEU B 52 -2.62 2.00 -7.93
C LEU B 52 -1.90 1.28 -6.79
N LEU B 53 -2.55 0.28 -6.24
CA LEU B 53 -2.01 -0.43 -5.14
C LEU B 53 -0.90 -1.43 -5.54
N VAL B 54 -0.97 -1.98 -6.75
CA VAL B 54 0.11 -2.84 -7.25
C VAL B 54 1.41 -2.03 -7.30
N LEU B 55 1.28 -0.81 -7.82
CA LEU B 55 2.38 0.14 -7.92
C LEU B 55 3.02 0.38 -6.57
N GLU B 56 2.17 0.63 -5.59
CA GLU B 56 2.57 0.97 -4.23
C GLU B 56 3.56 -0.08 -3.66
N GLN B 57 3.19 -1.34 -3.71
CA GLN B 57 4.05 -2.39 -3.18
C GLN B 57 5.23 -2.60 -4.10
N PHE B 58 4.96 -2.59 -5.42
CA PHE B 58 5.99 -2.80 -6.44
C PHE B 58 7.17 -1.87 -6.24
N LEU B 59 6.87 -0.61 -6.02
CA LEU B 59 7.90 0.38 -5.84
C LEU B 59 8.76 0.10 -4.63
N GLY B 60 8.15 -0.40 -3.57
CA GLY B 60 8.90 -0.68 -2.37
C GLY B 60 9.65 -2.00 -2.46
N ALA B 61 9.18 -2.90 -3.31
CA ALA B 61 9.84 -4.18 -3.52
C ALA B 61 11.20 -3.97 -4.22
N LEU B 62 11.28 -2.87 -4.97
CA LEU B 62 12.48 -2.47 -5.68
C LEU B 62 13.64 -2.20 -4.70
N PRO B 63 14.91 -2.37 -5.15
CA PRO B 63 16.08 -2.04 -4.35
C PRO B 63 16.12 -0.53 -4.13
N PRO B 64 16.76 -0.07 -3.03
CA PRO B 64 16.83 1.37 -2.69
C PRO B 64 17.15 2.27 -3.89
N GLU B 65 18.14 1.87 -4.68
CA GLU B 65 18.57 2.67 -5.83
C GLU B 65 17.49 2.77 -6.91
N ILE B 66 16.88 1.65 -7.29
CA ILE B 66 15.84 1.68 -8.31
C ILE B 66 14.61 2.40 -7.77
N GLN B 67 14.28 2.11 -6.52
CA GLN B 67 13.11 2.65 -5.86
C GLN B 67 13.19 4.18 -5.75
N ALA B 68 14.33 4.69 -5.33
CA ALA B 68 14.51 6.12 -5.17
C ALA B 68 14.47 6.84 -6.51
N ARG B 69 14.99 6.17 -7.56
CA ARG B 69 14.93 6.73 -8.92
C ARG B 69 13.50 6.94 -9.34
N VAL B 70 12.67 5.97 -9.01
CA VAL B 70 11.25 6.05 -9.25
C VAL B 70 10.67 7.25 -8.56
N GLN B 71 10.97 7.37 -7.28
CA GLN B 71 10.41 8.43 -6.47
C GLN B 71 10.75 9.80 -7.02
N GLY B 72 11.94 9.92 -7.58
CA GLY B 72 12.38 11.17 -8.16
C GLY B 72 11.55 11.58 -9.38
N GLN B 73 10.95 10.62 -10.05
CA GLN B 73 10.16 10.93 -11.24
C GLN B 73 8.67 10.92 -10.92
N ARG B 74 8.26 9.88 -10.19
CA ARG B 74 6.86 9.60 -9.89
C ARG B 74 6.08 9.22 -11.17
N PRO B 75 6.16 7.94 -11.59
CA PRO B 75 5.45 7.44 -12.79
C PRO B 75 3.93 7.54 -12.66
N GLY B 76 3.41 7.11 -11.53
CA GLY B 76 1.98 7.19 -11.25
C GLY B 76 1.22 5.93 -11.65
N SER B 77 1.88 5.05 -12.40
CA SER B 77 1.30 3.80 -12.82
C SER B 77 2.35 2.69 -12.73
N PRO B 78 1.95 1.44 -12.38
CA PRO B 78 2.88 0.30 -12.23
C PRO B 78 3.66 -0.04 -13.50
N GLU B 79 2.97 -0.06 -14.63
CA GLU B 79 3.59 -0.36 -15.93
C GLU B 79 4.51 0.77 -16.34
N GLU B 80 4.18 1.98 -15.90
CA GLU B 80 4.98 3.13 -16.19
C GLU B 80 6.28 3.01 -15.40
N ALA B 81 6.17 2.59 -14.13
CA ALA B 81 7.33 2.37 -13.30
C ALA B 81 8.18 1.28 -13.93
N ALA B 82 7.52 0.24 -14.41
CA ALA B 82 8.18 -0.88 -15.07
C ALA B 82 9.05 -0.42 -16.24
N ALA B 83 8.64 0.65 -16.88
CA ALA B 83 9.37 1.21 -18.01
C ALA B 83 10.74 1.72 -17.58
N LEU B 84 10.79 2.51 -16.52
CA LEU B 84 12.07 2.99 -16.01
C LEU B 84 12.84 1.88 -15.31
N VAL B 85 12.13 1.10 -14.51
CA VAL B 85 12.72 0.00 -13.77
C VAL B 85 13.39 -1.02 -14.69
N ASP B 86 12.79 -1.24 -15.85
CA ASP B 86 13.33 -2.17 -16.86
C ASP B 86 14.75 -1.77 -17.26
N GLY B 87 15.01 -0.47 -17.31
CA GLY B 87 16.34 0.00 -17.63
C GLY B 87 17.21 0.04 -16.39
N LEU B 88 16.63 0.48 -15.29
CA LEU B 88 17.35 0.62 -14.01
C LEU B 88 17.79 -0.73 -13.44
N ARG B 89 17.16 -1.81 -13.88
CA ARG B 89 17.48 -3.15 -13.40
C ARG B 89 18.66 -3.75 -14.17
N ARG B 90 19.23 -2.98 -15.06
CA ARG B 90 20.32 -3.47 -15.85
C ARG B 90 21.65 -3.12 -15.20
N GLU B 91 22.32 -4.15 -14.74
CA GLU B 91 23.59 -4.02 -14.05
C GLU B 91 24.59 -4.96 -14.73
N PRO B 92 25.52 -4.40 -15.52
CA PRO B 92 26.51 -5.20 -16.23
C PRO B 92 27.56 -5.81 -15.31
N GLY B 93 27.43 -7.09 -15.06
CA GLY B 93 28.38 -7.80 -14.23
C GLY B 93 29.28 -8.65 -15.09
N GLY B 94 29.04 -8.61 -16.36
CA GLY B 94 29.79 -9.33 -17.31
C GLY B 94 29.17 -9.16 -18.65
N GLY A 1 -15.68 -22.24 -2.39
CA GLY A 1 -16.26 -20.91 -2.49
C GLY A 1 -16.03 -20.09 -1.26
N SER A 2 -14.78 -19.90 -0.90
CA SER A 2 -14.41 -19.09 0.25
C SER A 2 -13.00 -18.55 0.02
N ASP A 3 -12.77 -17.34 0.48
CA ASP A 3 -11.46 -16.73 0.36
C ASP A 3 -10.62 -17.05 1.60
N PRO A 4 -9.33 -17.38 1.42
CA PRO A 4 -8.43 -17.78 2.52
C PRO A 4 -7.92 -16.60 3.36
N GLY A 5 -8.60 -15.49 3.26
CA GLY A 5 -8.21 -14.32 3.97
C GLY A 5 -7.35 -13.43 3.13
N PRO A 6 -7.75 -12.16 2.93
CA PRO A 6 -7.00 -11.20 2.10
C PRO A 6 -5.55 -11.08 2.57
N GLU A 7 -5.36 -11.18 3.88
CA GLU A 7 -4.05 -11.09 4.52
C GLU A 7 -3.04 -12.12 3.97
N ALA A 8 -3.54 -13.30 3.58
CA ALA A 8 -2.66 -14.36 3.09
C ALA A 8 -2.12 -14.02 1.73
N ALA A 9 -2.98 -13.46 0.90
CA ALA A 9 -2.58 -13.03 -0.42
C ALA A 9 -1.68 -11.82 -0.30
N ARG A 10 -2.00 -10.95 0.65
CA ARG A 10 -1.20 -9.78 0.91
C ARG A 10 0.20 -10.17 1.38
N LEU A 11 0.29 -11.28 2.11
CA LEU A 11 1.53 -11.76 2.62
C LEU A 11 2.46 -12.12 1.46
N ARG A 12 1.89 -12.56 0.36
CA ARG A 12 2.66 -12.83 -0.83
C ARG A 12 3.03 -11.53 -1.53
N PHE A 13 2.06 -10.63 -1.57
CA PHE A 13 2.17 -9.35 -2.28
C PHE A 13 3.06 -8.30 -1.59
N ARG A 14 2.83 -8.04 -0.31
CA ARG A 14 3.54 -6.98 0.39
C ARG A 14 4.96 -7.42 0.74
N CYS A 15 5.14 -8.71 0.93
CA CYS A 15 6.45 -9.24 1.26
C CYS A 15 7.25 -9.57 -0.02
N PHE A 16 6.59 -9.40 -1.17
CA PHE A 16 7.22 -9.62 -2.47
C PHE A 16 8.42 -8.69 -2.62
N HIS A 17 9.57 -9.26 -2.86
CA HIS A 17 10.75 -8.48 -3.09
C HIS A 17 10.85 -8.23 -4.57
N TYR A 18 11.26 -7.07 -4.95
CA TYR A 18 11.46 -6.82 -6.34
C TYR A 18 12.72 -7.52 -6.78
N GLU A 19 12.53 -8.43 -7.68
CA GLU A 19 13.58 -9.21 -8.20
C GLU A 19 13.77 -8.90 -9.65
N GLU A 20 14.94 -8.43 -9.96
CA GLU A 20 15.31 -8.05 -11.31
C GLU A 20 15.35 -9.24 -12.24
N ALA A 21 15.52 -10.41 -11.66
CA ALA A 21 15.58 -11.66 -12.40
C ALA A 21 14.28 -11.95 -13.14
N THR A 22 13.13 -11.60 -12.54
CA THR A 22 11.86 -11.89 -13.18
C THR A 22 11.48 -10.71 -14.10
N GLY A 23 12.14 -9.57 -13.88
CA GLY A 23 11.85 -8.38 -14.64
C GLY A 23 10.72 -7.60 -13.98
N PRO A 24 10.75 -6.26 -13.99
CA PRO A 24 9.71 -5.45 -13.34
C PRO A 24 8.31 -5.66 -13.92
N GLN A 25 8.22 -5.94 -15.21
CA GLN A 25 6.91 -6.14 -15.84
C GLN A 25 6.31 -7.44 -15.37
N GLU A 26 7.12 -8.47 -15.35
CA GLU A 26 6.67 -9.77 -14.89
C GLU A 26 6.40 -9.73 -13.38
N ALA A 27 7.17 -8.93 -12.67
CA ALA A 27 6.92 -8.69 -11.25
C ALA A 27 5.52 -8.10 -11.08
N LEU A 28 5.18 -7.16 -11.93
CA LEU A 28 3.84 -6.55 -11.96
C LEU A 28 2.77 -7.58 -12.22
N ALA A 29 3.01 -8.46 -13.18
CA ALA A 29 2.07 -9.53 -13.51
C ALA A 29 1.77 -10.37 -12.28
N GLN A 30 2.79 -10.59 -11.49
CA GLN A 30 2.68 -11.32 -10.26
C GLN A 30 2.01 -10.47 -9.18
N LEU A 31 2.45 -9.24 -9.03
CA LEU A 31 1.87 -8.30 -8.05
C LEU A 31 0.40 -8.06 -8.28
N ARG A 32 0.01 -7.81 -9.52
CA ARG A 32 -1.38 -7.55 -9.87
C ARG A 32 -2.26 -8.77 -9.60
N GLU A 33 -1.65 -9.94 -9.69
CA GLU A 33 -2.31 -11.19 -9.38
C GLU A 33 -2.49 -11.28 -7.87
N LEU A 34 -1.40 -11.07 -7.15
CA LEU A 34 -1.36 -11.18 -5.71
C LEU A 34 -2.26 -10.16 -5.05
N CYS A 35 -2.18 -8.90 -5.49
CA CYS A 35 -3.01 -7.85 -4.95
C CYS A 35 -4.48 -8.12 -5.26
N ARG A 36 -4.76 -8.66 -6.43
CA ARG A 36 -6.11 -8.97 -6.82
C ARG A 36 -6.69 -10.10 -6.01
N GLN A 37 -5.86 -11.03 -5.59
CA GLN A 37 -6.30 -12.12 -4.73
C GLN A 37 -6.51 -11.63 -3.31
N TRP A 38 -5.91 -10.49 -3.02
CA TRP A 38 -6.00 -9.81 -1.74
C TRP A 38 -7.27 -8.95 -1.62
N LEU A 39 -7.48 -8.01 -2.53
CA LEU A 39 -8.68 -7.17 -2.42
C LEU A 39 -9.87 -7.85 -3.04
N ARG A 40 -9.66 -8.47 -4.21
CA ARG A 40 -10.68 -9.19 -4.94
C ARG A 40 -11.90 -8.33 -5.29
N PRO A 41 -11.87 -7.62 -6.44
CA PRO A 41 -13.01 -6.81 -6.93
C PRO A 41 -14.23 -7.69 -7.23
N GLU A 42 -13.96 -8.98 -7.32
CA GLU A 42 -14.93 -10.02 -7.52
C GLU A 42 -15.83 -10.20 -6.28
N VAL A 43 -15.28 -10.00 -5.09
CA VAL A 43 -16.07 -10.18 -3.87
C VAL A 43 -16.17 -8.89 -3.07
N ARG A 44 -15.17 -8.05 -3.15
CA ARG A 44 -15.17 -6.81 -2.38
C ARG A 44 -15.42 -5.60 -3.23
N SER A 45 -15.91 -4.58 -2.57
CA SER A 45 -16.21 -3.32 -3.18
C SER A 45 -15.10 -2.29 -2.88
N LYS A 46 -15.18 -1.16 -3.55
CA LYS A 46 -14.18 -0.06 -3.51
C LYS A 46 -13.83 0.42 -2.09
N GLU A 47 -14.82 0.55 -1.24
CA GLU A 47 -14.62 1.09 0.10
C GLU A 47 -13.88 0.09 0.98
N GLN A 48 -14.09 -1.17 0.69
CA GLN A 48 -13.38 -2.23 1.35
C GLN A 48 -11.95 -2.29 0.88
N MET A 49 -11.70 -1.82 -0.33
CA MET A 49 -10.34 -1.70 -0.82
C MET A 49 -9.63 -0.59 -0.11
N LEU A 50 -10.37 0.50 0.17
CA LEU A 50 -9.85 1.59 0.99
C LEU A 50 -9.35 0.99 2.29
N GLU A 51 -10.22 0.18 2.91
CA GLU A 51 -9.99 -0.45 4.19
C GLU A 51 -8.66 -1.21 4.23
N LEU A 52 -8.47 -2.12 3.29
CA LEU A 52 -7.29 -2.94 3.23
C LEU A 52 -6.04 -2.10 3.02
N LEU A 53 -6.15 -1.11 2.16
CA LEU A 53 -5.05 -0.29 1.83
C LEU A 53 -4.71 0.76 2.93
N VAL A 54 -5.72 1.22 3.69
CA VAL A 54 -5.47 2.13 4.83
C VAL A 54 -4.58 1.43 5.84
N LEU A 55 -4.92 0.16 6.07
CA LEU A 55 -4.21 -0.70 7.02
C LEU A 55 -2.72 -0.76 6.71
N GLU A 56 -2.41 -0.86 5.42
CA GLU A 56 -1.05 -0.97 4.93
C GLU A 56 -0.15 0.14 5.41
N GLN A 57 -0.58 1.36 5.22
CA GLN A 57 0.23 2.49 5.60
C GLN A 57 0.19 2.64 7.09
N PHE A 58 -1.00 2.49 7.67
CA PHE A 58 -1.20 2.64 9.10
C PHE A 58 -0.25 1.75 9.89
N LEU A 59 -0.14 0.51 9.48
CA LEU A 59 0.71 -0.44 10.17
C LEU A 59 2.18 -0.07 10.05
N GLY A 60 2.58 0.47 8.91
CA GLY A 60 3.97 0.84 8.74
C GLY A 60 4.29 2.18 9.38
N ALA A 61 3.26 2.97 9.63
CA ALA A 61 3.42 4.26 10.28
C ALA A 61 3.69 4.07 11.77
N LEU A 62 3.22 2.94 12.29
CA LEU A 62 3.44 2.54 13.68
C LEU A 62 4.95 2.38 13.93
N PRO A 63 5.42 2.60 15.19
CA PRO A 63 6.82 2.42 15.52
C PRO A 63 7.16 0.93 15.42
N PRO A 64 8.43 0.58 15.13
CA PRO A 64 8.87 -0.81 14.94
C PRO A 64 8.33 -1.77 16.01
N GLU A 65 8.34 -1.33 17.27
CA GLU A 65 7.88 -2.17 18.35
C GLU A 65 6.36 -2.43 18.29
N ILE A 66 5.55 -1.39 18.10
CA ILE A 66 4.11 -1.54 18.03
C ILE A 66 3.72 -2.29 16.75
N GLN A 67 4.39 -1.94 15.67
CA GLN A 67 4.16 -2.55 14.36
C GLN A 67 4.40 -4.05 14.42
N ALA A 68 5.45 -4.46 15.12
CA ALA A 68 5.79 -5.86 15.26
C ALA A 68 4.72 -6.63 16.05
N ARG A 69 4.07 -5.96 16.99
CA ARG A 69 2.99 -6.59 17.77
C ARG A 69 1.83 -6.92 16.87
N VAL A 70 1.58 -6.05 15.92
CA VAL A 70 0.56 -6.28 14.91
C VAL A 70 0.90 -7.48 14.09
N GLN A 71 2.14 -7.54 13.67
CA GLN A 71 2.62 -8.56 12.79
C GLN A 71 2.38 -9.96 13.36
N GLY A 72 2.31 -10.06 14.67
CA GLY A 72 2.02 -11.34 15.30
C GLY A 72 0.53 -11.73 15.21
N GLN A 73 -0.36 -10.76 15.08
CA GLN A 73 -1.80 -11.04 15.05
C GLN A 73 -2.40 -10.96 13.65
N ARG A 74 -2.12 -9.83 12.98
CA ARG A 74 -2.77 -9.45 11.72
C ARG A 74 -4.24 -9.18 11.93
N PRO A 75 -4.58 -7.92 12.28
CA PRO A 75 -5.97 -7.49 12.48
C PRO A 75 -6.83 -7.70 11.23
N GLY A 76 -6.25 -7.41 10.09
CA GLY A 76 -6.93 -7.58 8.83
C GLY A 76 -7.73 -6.36 8.41
N SER A 77 -7.87 -5.43 9.31
CA SER A 77 -8.58 -4.20 9.05
C SER A 77 -7.98 -3.07 9.89
N PRO A 78 -8.03 -1.82 9.39
CA PRO A 78 -7.44 -0.67 10.08
C PRO A 78 -8.03 -0.39 11.47
N GLU A 79 -9.36 -0.45 11.58
CA GLU A 79 -10.02 -0.19 12.86
C GLU A 79 -9.73 -1.27 13.88
N GLU A 80 -9.51 -2.49 13.40
CA GLU A 80 -9.14 -3.59 14.27
C GLU A 80 -7.72 -3.32 14.81
N ALA A 81 -6.81 -2.88 13.90
CA ALA A 81 -5.45 -2.53 14.30
C ALA A 81 -5.47 -1.40 15.32
N ALA A 82 -6.35 -0.44 15.09
CA ALA A 82 -6.53 0.71 15.95
C ALA A 82 -6.85 0.30 17.39
N ALA A 83 -7.52 -0.82 17.52
CA ALA A 83 -7.92 -1.34 18.82
C ALA A 83 -6.70 -1.82 19.61
N LEU A 84 -5.84 -2.64 19.00
CA LEU A 84 -4.66 -3.10 19.71
C LEU A 84 -3.66 -1.99 19.92
N VAL A 85 -3.39 -1.21 18.88
CA VAL A 85 -2.39 -0.16 18.98
C VAL A 85 -2.73 0.93 19.96
N ASP A 86 -4.04 1.22 20.12
CA ASP A 86 -4.49 2.21 21.11
C ASP A 86 -3.97 1.83 22.47
N GLY A 87 -4.11 0.54 22.79
CA GLY A 87 -3.66 0.03 24.05
C GLY A 87 -2.15 -0.09 24.13
N LEU A 88 -1.54 -0.50 23.02
CA LEU A 88 -0.08 -0.68 22.94
C LEU A 88 0.68 0.63 23.17
N ARG A 89 0.01 1.76 22.95
CA ARG A 89 0.59 3.07 23.20
C ARG A 89 1.00 3.21 24.66
N ARG A 90 0.10 2.73 25.55
CA ARG A 90 0.22 2.81 27.02
C ARG A 90 -0.01 4.27 27.43
N GLU A 91 0.84 5.15 26.94
CA GLU A 91 0.74 6.55 27.23
C GLU A 91 -0.08 7.24 26.12
N PRO A 92 -0.97 8.15 26.50
CA PRO A 92 -1.69 8.96 25.55
C PRO A 92 -0.87 10.21 25.22
N GLY A 93 -1.40 11.07 24.39
CA GLY A 93 -0.67 12.26 24.06
C GLY A 93 -1.55 13.47 24.07
N GLY A 94 -2.51 13.45 24.93
CA GLY A 94 -3.46 14.52 25.04
C GLY A 94 -4.67 14.08 25.81
N GLY B 1 -7.52 23.68 -12.32
CA GLY B 1 -8.43 23.14 -13.32
C GLY B 1 -8.06 21.73 -13.68
N SER B 2 -6.96 21.28 -13.15
CA SER B 2 -6.48 19.95 -13.38
C SER B 2 -6.34 19.24 -12.03
N ASP B 3 -5.87 18.02 -12.05
CA ASP B 3 -5.68 17.28 -10.82
C ASP B 3 -4.21 16.92 -10.69
N PRO B 4 -3.68 16.86 -9.44
CA PRO B 4 -2.26 16.54 -9.19
C PRO B 4 -1.93 15.08 -9.54
N GLY B 5 -2.94 14.26 -9.52
CA GLY B 5 -2.77 12.88 -9.80
C GLY B 5 -2.99 12.06 -8.55
N PRO B 6 -3.73 10.96 -8.65
CA PRO B 6 -4.07 10.14 -7.49
C PRO B 6 -2.85 9.61 -6.73
N GLU B 7 -1.78 9.24 -7.42
CA GLU B 7 -0.66 8.67 -6.72
C GLU B 7 0.14 9.74 -5.95
N ALA B 8 0.04 10.98 -6.42
CA ALA B 8 0.61 12.12 -5.72
C ALA B 8 -0.12 12.31 -4.38
N ALA B 9 -1.39 11.89 -4.33
CA ALA B 9 -2.15 11.91 -3.10
C ALA B 9 -1.68 10.77 -2.20
N ARG B 10 -1.28 9.66 -2.83
CA ARG B 10 -0.69 8.53 -2.10
C ARG B 10 0.56 8.99 -1.38
N LEU B 11 1.30 9.89 -2.00
CA LEU B 11 2.48 10.42 -1.47
C LEU B 11 2.19 11.18 -0.17
N ARG B 12 1.08 11.89 -0.15
CA ARG B 12 0.65 12.64 1.04
C ARG B 12 0.29 11.63 2.13
N PHE B 13 -0.51 10.66 1.75
CA PHE B 13 -0.98 9.59 2.61
C PHE B 13 0.15 8.74 3.20
N ARG B 14 1.07 8.29 2.38
CA ARG B 14 2.15 7.43 2.83
C ARG B 14 3.22 8.18 3.68
N CYS B 15 3.25 9.49 3.59
CA CYS B 15 4.20 10.28 4.38
C CYS B 15 3.63 10.59 5.77
N PHE B 16 2.39 10.19 6.01
CA PHE B 16 1.73 10.39 7.30
C PHE B 16 2.45 9.60 8.39
N HIS B 17 2.72 10.24 9.50
CA HIS B 17 3.37 9.58 10.60
C HIS B 17 2.32 9.16 11.59
N TYR B 18 2.44 7.98 12.14
CA TYR B 18 1.52 7.60 13.17
C TYR B 18 1.87 8.34 14.43
N GLU B 19 0.94 9.12 14.86
CA GLU B 19 1.06 9.88 16.05
C GLU B 19 0.14 9.33 17.11
N GLU B 20 0.71 8.92 18.20
CA GLU B 20 0.00 8.28 19.27
C GLU B 20 -0.92 9.26 19.99
N ALA B 21 -0.60 10.53 19.88
CA ALA B 21 -1.35 11.59 20.52
C ALA B 21 -2.77 11.70 19.99
N THR B 22 -2.93 11.63 18.68
CA THR B 22 -4.24 11.83 18.09
C THR B 22 -5.05 10.51 18.16
N GLY B 23 -4.37 9.41 18.43
CA GLY B 23 -5.02 8.13 18.50
C GLY B 23 -4.94 7.46 17.15
N PRO B 24 -5.14 6.15 17.06
CA PRO B 24 -4.96 5.46 15.80
C PRO B 24 -6.15 5.56 14.90
N GLN B 25 -7.30 5.64 15.50
CA GLN B 25 -8.52 5.64 14.82
C GLN B 25 -8.79 7.02 14.22
N GLU B 26 -8.32 8.04 14.91
CA GLU B 26 -8.41 9.39 14.41
C GLU B 26 -7.38 9.59 13.32
N ALA B 27 -6.26 8.90 13.45
CA ALA B 27 -5.26 8.85 12.41
C ALA B 27 -5.88 8.18 11.18
N LEU B 28 -6.66 7.12 11.41
CA LEU B 28 -7.39 6.42 10.35
C LEU B 28 -8.37 7.35 9.65
N ALA B 29 -9.01 8.23 10.42
CA ALA B 29 -9.95 9.22 9.86
C ALA B 29 -9.24 10.07 8.82
N GLN B 30 -8.00 10.37 9.10
CA GLN B 30 -7.16 11.14 8.25
C GLN B 30 -6.63 10.29 7.09
N LEU B 31 -6.18 9.09 7.42
CA LEU B 31 -5.64 8.14 6.43
C LEU B 31 -6.65 7.68 5.41
N ARG B 32 -7.83 7.24 5.86
CA ARG B 32 -8.83 6.77 4.92
C ARG B 32 -9.30 7.89 4.03
N GLU B 33 -9.24 9.09 4.55
CA GLU B 33 -9.56 10.28 3.80
C GLU B 33 -8.52 10.47 2.69
N LEU B 34 -7.26 10.41 3.07
CA LEU B 34 -6.15 10.62 2.15
C LEU B 34 -6.01 9.50 1.14
N CYS B 35 -6.16 8.26 1.57
CA CYS B 35 -6.09 7.15 0.64
C CYS B 35 -7.28 7.20 -0.30
N ARG B 36 -8.40 7.74 0.18
CA ARG B 36 -9.57 7.91 -0.61
C ARG B 36 -9.37 9.05 -1.62
N GLN B 37 -8.55 10.05 -1.26
CA GLN B 37 -8.19 11.14 -2.21
C GLN B 37 -7.31 10.56 -3.33
N TRP B 38 -6.78 9.40 -3.07
CA TRP B 38 -5.93 8.66 -3.97
C TRP B 38 -6.72 7.63 -4.80
N LEU B 39 -7.35 6.69 -4.14
CA LEU B 39 -8.08 5.60 -4.79
C LEU B 39 -9.38 6.13 -5.43
N ARG B 40 -10.00 7.06 -4.71
CA ARG B 40 -11.24 7.74 -5.09
C ARG B 40 -12.35 6.82 -5.61
N PRO B 41 -13.01 6.04 -4.72
CA PRO B 41 -14.18 5.22 -5.08
C PRO B 41 -15.29 6.01 -5.76
N GLU B 42 -15.32 7.32 -5.50
CA GLU B 42 -16.30 8.19 -6.09
C GLU B 42 -16.07 8.40 -7.59
N VAL B 43 -14.83 8.34 -8.05
CA VAL B 43 -14.55 8.55 -9.47
C VAL B 43 -13.89 7.34 -10.12
N ARG B 44 -13.13 6.58 -9.35
CA ARG B 44 -12.49 5.39 -9.87
C ARG B 44 -13.22 4.16 -9.45
N SER B 45 -12.96 3.11 -10.14
CA SER B 45 -13.55 1.85 -9.87
C SER B 45 -12.47 0.91 -9.33
N LYS B 46 -12.90 -0.25 -8.91
CA LYS B 46 -12.06 -1.25 -8.28
C LYS B 46 -10.82 -1.63 -9.08
N GLU B 47 -10.95 -1.77 -10.40
CA GLU B 47 -9.83 -2.21 -11.22
C GLU B 47 -8.68 -1.21 -11.20
N GLN B 48 -9.05 0.06 -11.16
CA GLN B 48 -8.13 1.17 -11.09
C GLN B 48 -7.46 1.23 -9.72
N MET B 49 -8.14 0.75 -8.71
CA MET B 49 -7.56 0.68 -7.37
C MET B 49 -6.47 -0.34 -7.31
N LEU B 50 -6.70 -1.48 -7.95
CA LEU B 50 -5.66 -2.50 -8.08
C LEU B 50 -4.43 -1.90 -8.71
N GLU B 51 -4.64 -1.16 -9.79
CA GLU B 51 -3.60 -0.50 -10.55
C GLU B 51 -2.71 0.38 -9.64
N LEU B 52 -3.36 1.25 -8.88
CA LEU B 52 -2.67 2.14 -7.98
C LEU B 52 -1.93 1.36 -6.90
N LEU B 53 -2.54 0.30 -6.44
CA LEU B 53 -1.99 -0.50 -5.41
C LEU B 53 -0.85 -1.40 -5.89
N VAL B 54 -0.89 -1.82 -7.14
CA VAL B 54 0.20 -2.61 -7.70
C VAL B 54 1.45 -1.72 -7.73
N LEU B 55 1.24 -0.49 -8.16
CA LEU B 55 2.29 0.52 -8.24
C LEU B 55 2.83 0.83 -6.83
N GLU B 56 1.93 0.83 -5.86
CA GLU B 56 2.23 1.17 -4.46
C GLU B 56 3.35 0.25 -3.95
N GLN B 57 3.14 -1.06 -4.08
CA GLN B 57 4.11 -2.03 -3.63
C GLN B 57 5.29 -2.10 -4.56
N PHE B 58 5.04 -2.04 -5.85
CA PHE B 58 6.11 -2.12 -6.83
C PHE B 58 7.17 -1.07 -6.59
N LEU B 59 6.73 0.15 -6.36
CA LEU B 59 7.64 1.25 -6.12
C LEU B 59 8.45 1.08 -4.86
N GLY B 60 7.84 0.58 -3.81
CA GLY B 60 8.58 0.38 -2.57
C GLY B 60 9.42 -0.88 -2.58
N ALA B 61 9.04 -1.85 -3.43
CA ALA B 61 9.76 -3.09 -3.57
C ALA B 61 11.12 -2.84 -4.22
N LEU B 62 11.19 -1.79 -5.01
CA LEU B 62 12.41 -1.35 -5.63
C LEU B 62 13.41 -0.96 -4.54
N PRO B 63 14.72 -1.19 -4.78
CA PRO B 63 15.74 -0.78 -3.83
C PRO B 63 15.78 0.73 -3.77
N PRO B 64 16.13 1.31 -2.61
CA PRO B 64 16.16 2.76 -2.38
C PRO B 64 16.75 3.57 -3.54
N GLU B 65 17.83 3.07 -4.15
CA GLU B 65 18.48 3.77 -5.25
C GLU B 65 17.61 3.79 -6.53
N ILE B 66 17.07 2.62 -6.91
CA ILE B 66 16.22 2.53 -8.09
C ILE B 66 14.92 3.26 -7.84
N GLN B 67 14.40 3.11 -6.63
CA GLN B 67 13.18 3.75 -6.22
C GLN B 67 13.32 5.26 -6.28
N ALA B 68 14.47 5.76 -5.85
CA ALA B 68 14.76 7.20 -5.84
C ALA B 68 14.72 7.78 -7.24
N ARG B 69 15.20 7.02 -8.20
CA ARG B 69 15.23 7.44 -9.60
C ARG B 69 13.81 7.61 -10.12
N VAL B 70 12.93 6.75 -9.66
CA VAL B 70 11.52 6.80 -10.00
C VAL B 70 10.88 8.05 -9.43
N GLN B 71 11.26 8.36 -8.23
CA GLN B 71 10.69 9.47 -7.48
C GLN B 71 10.87 10.78 -8.22
N GLY B 72 11.94 10.88 -9.00
CA GLY B 72 12.20 12.07 -9.79
C GLY B 72 11.21 12.27 -10.93
N GLN B 73 10.46 11.23 -11.25
CA GLN B 73 9.48 11.33 -12.31
C GLN B 73 8.06 11.16 -11.79
N ARG B 74 7.84 10.07 -11.02
CA ARG B 74 6.52 9.67 -10.51
C ARG B 74 5.58 9.32 -11.69
N PRO B 75 5.72 8.09 -12.24
CA PRO B 75 4.97 7.61 -13.45
C PRO B 75 3.45 7.68 -13.36
N GLY B 76 2.92 7.21 -12.27
CA GLY B 76 1.48 7.19 -12.08
C GLY B 76 0.85 5.87 -12.50
N SER B 77 1.62 5.05 -13.16
CA SER B 77 1.16 3.74 -13.57
C SER B 77 2.27 2.70 -13.38
N PRO B 78 1.92 1.47 -12.89
CA PRO B 78 2.89 0.40 -12.60
C PRO B 78 3.80 0.01 -13.78
N GLU B 79 3.23 -0.14 -14.96
CA GLU B 79 4.01 -0.59 -16.12
C GLU B 79 4.95 0.48 -16.60
N GLU B 80 4.54 1.73 -16.43
CA GLU B 80 5.38 2.85 -16.76
C GLU B 80 6.60 2.84 -15.85
N ALA B 81 6.37 2.62 -14.55
CA ALA B 81 7.45 2.50 -13.57
C ALA B 81 8.36 1.35 -13.94
N ALA B 82 7.76 0.21 -14.29
CA ALA B 82 8.48 -0.99 -14.69
C ALA B 82 9.40 -0.72 -15.88
N ALA B 83 8.95 0.14 -16.74
CA ALA B 83 9.67 0.54 -17.92
C ALA B 83 10.95 1.29 -17.58
N LEU B 84 10.87 2.31 -16.69
CA LEU B 84 12.10 3.00 -16.31
C LEU B 84 13.02 2.15 -15.49
N VAL B 85 12.47 1.42 -14.53
CA VAL B 85 13.27 0.60 -13.63
C VAL B 85 14.02 -0.50 -14.36
N ASP B 86 13.43 -1.00 -15.44
CA ASP B 86 14.10 -2.01 -16.29
C ASP B 86 15.47 -1.51 -16.70
N GLY B 87 15.52 -0.25 -17.13
CA GLY B 87 16.77 0.34 -17.55
C GLY B 87 17.60 0.78 -16.36
N LEU B 88 16.94 1.12 -15.26
CA LEU B 88 17.62 1.56 -14.03
C LEU B 88 18.40 0.42 -13.39
N ARG B 89 18.12 -0.81 -13.85
CA ARG B 89 18.85 -2.00 -13.40
C ARG B 89 20.29 -1.94 -13.88
N ARG B 90 20.54 -1.01 -14.83
CA ARG B 90 21.82 -0.79 -15.48
C ARG B 90 22.02 -1.90 -16.50
N GLU B 91 22.20 -3.10 -16.02
CA GLU B 91 22.38 -4.22 -16.88
C GLU B 91 21.11 -5.07 -16.91
N PRO B 92 20.69 -5.52 -18.10
CA PRO B 92 19.48 -6.31 -18.26
C PRO B 92 19.58 -7.70 -17.63
N GLY B 93 19.07 -7.84 -16.44
CA GLY B 93 19.09 -9.09 -15.76
C GLY B 93 18.81 -8.93 -14.30
N GLY B 94 19.19 -9.91 -13.52
CA GLY B 94 19.00 -9.90 -12.13
C GLY B 94 19.59 -11.13 -11.53
N GLY A 1 -8.57 -23.74 1.22
CA GLY A 1 -9.92 -23.54 1.77
C GLY A 1 -10.83 -23.00 0.73
N SER A 2 -11.97 -22.51 1.13
CA SER A 2 -12.92 -21.94 0.20
C SER A 2 -12.41 -20.59 -0.31
N ASP A 3 -11.73 -19.87 0.56
CA ASP A 3 -11.10 -18.60 0.22
C ASP A 3 -9.76 -18.55 0.90
N PRO A 4 -8.74 -17.98 0.23
CA PRO A 4 -7.40 -17.88 0.80
C PRO A 4 -7.32 -16.85 1.93
N GLY A 5 -8.27 -15.92 1.92
CA GLY A 5 -8.27 -14.89 2.91
C GLY A 5 -7.44 -13.69 2.46
N PRO A 6 -8.06 -12.49 2.36
CA PRO A 6 -7.37 -11.26 1.93
C PRO A 6 -6.07 -11.00 2.71
N GLU A 7 -6.06 -11.39 3.99
CA GLU A 7 -4.88 -11.24 4.84
C GLU A 7 -3.66 -11.98 4.25
N ALA A 8 -3.85 -13.23 3.85
CA ALA A 8 -2.79 -14.07 3.33
C ALA A 8 -2.40 -13.63 1.95
N ALA A 9 -3.39 -13.25 1.18
CA ALA A 9 -3.18 -12.77 -0.17
C ALA A 9 -2.31 -11.52 -0.15
N ARG A 10 -2.66 -10.59 0.74
CA ARG A 10 -1.90 -9.34 0.86
C ARG A 10 -0.49 -9.61 1.32
N LEU A 11 -0.34 -10.57 2.23
CA LEU A 11 0.90 -10.92 2.78
C LEU A 11 1.84 -11.38 1.67
N ARG A 12 1.38 -12.32 0.87
CA ARG A 12 2.16 -12.81 -0.25
C ARG A 12 2.44 -11.70 -1.26
N PHE A 13 1.42 -10.94 -1.56
CA PHE A 13 1.49 -9.82 -2.50
C PHE A 13 2.52 -8.76 -2.08
N ARG A 14 2.46 -8.32 -0.85
CA ARG A 14 3.32 -7.24 -0.44
C ARG A 14 4.66 -7.70 0.15
N CYS A 15 4.79 -8.98 0.44
CA CYS A 15 6.06 -9.52 0.90
C CYS A 15 6.89 -9.93 -0.32
N PHE A 16 6.28 -9.84 -1.48
CA PHE A 16 6.92 -10.11 -2.74
C PHE A 16 8.01 -9.09 -2.96
N HIS A 17 9.19 -9.56 -3.25
CA HIS A 17 10.25 -8.67 -3.55
C HIS A 17 10.34 -8.59 -5.04
N TYR A 18 10.52 -7.42 -5.56
CA TYR A 18 10.72 -7.33 -6.94
C TYR A 18 12.11 -7.79 -7.27
N GLU A 19 12.17 -8.83 -8.04
CA GLU A 19 13.38 -9.34 -8.50
C GLU A 19 13.58 -8.95 -9.94
N GLU A 20 14.70 -8.33 -10.18
CA GLU A 20 15.06 -7.79 -11.47
C GLU A 20 15.21 -8.90 -12.49
N ALA A 21 15.52 -10.08 -11.99
CA ALA A 21 15.67 -11.26 -12.80
C ALA A 21 14.35 -11.71 -13.42
N THR A 22 13.22 -11.43 -12.77
CA THR A 22 11.95 -11.86 -13.32
C THR A 22 11.41 -10.75 -14.23
N GLY A 23 11.96 -9.54 -14.07
CA GLY A 23 11.53 -8.42 -14.87
C GLY A 23 10.34 -7.71 -14.26
N PRO A 24 10.18 -6.39 -14.46
CA PRO A 24 9.10 -5.65 -13.83
C PRO A 24 7.74 -5.97 -14.41
N GLN A 25 7.70 -6.26 -15.70
CA GLN A 25 6.46 -6.53 -16.38
C GLN A 25 5.90 -7.84 -15.86
N GLU A 26 6.79 -8.81 -15.64
CA GLU A 26 6.42 -10.12 -15.14
C GLU A 26 6.09 -10.06 -13.65
N ALA A 27 6.80 -9.23 -12.92
CA ALA A 27 6.52 -9.02 -11.51
C ALA A 27 5.11 -8.44 -11.34
N LEU A 28 4.75 -7.50 -12.21
CA LEU A 28 3.41 -6.93 -12.23
C LEU A 28 2.35 -7.99 -12.44
N ALA A 29 2.67 -8.98 -13.26
CA ALA A 29 1.75 -10.08 -13.53
C ALA A 29 1.50 -10.88 -12.26
N GLN A 30 2.53 -11.00 -11.45
CA GLN A 30 2.44 -11.74 -10.20
C GLN A 30 1.59 -10.92 -9.25
N LEU A 31 1.98 -9.66 -9.11
CA LEU A 31 1.35 -8.70 -8.22
C LEU A 31 -0.11 -8.45 -8.56
N ARG A 32 -0.41 -8.35 -9.83
CA ARG A 32 -1.76 -8.06 -10.27
C ARG A 32 -2.76 -9.11 -9.82
N GLU A 33 -2.43 -10.39 -9.99
CA GLU A 33 -3.37 -11.40 -9.59
C GLU A 33 -3.44 -11.49 -8.07
N LEU A 34 -2.28 -11.37 -7.40
CA LEU A 34 -2.21 -11.42 -5.94
C LEU A 34 -3.00 -10.28 -5.31
N CYS A 35 -2.91 -9.11 -5.92
CA CYS A 35 -3.63 -7.95 -5.46
C CYS A 35 -5.13 -8.20 -5.64
N ARG A 36 -5.50 -8.88 -6.71
CA ARG A 36 -6.86 -9.20 -6.96
C ARG A 36 -7.36 -10.28 -6.00
N GLN A 37 -6.46 -11.17 -5.55
CA GLN A 37 -6.81 -12.19 -4.56
C GLN A 37 -7.15 -11.53 -3.22
N TRP A 38 -6.49 -10.40 -3.00
CA TRP A 38 -6.62 -9.61 -1.79
C TRP A 38 -7.92 -8.77 -1.77
N LEU A 39 -8.09 -7.84 -2.70
CA LEU A 39 -9.27 -6.97 -2.63
C LEU A 39 -10.47 -7.64 -3.24
N ARG A 40 -10.25 -8.27 -4.38
CA ARG A 40 -11.28 -9.02 -5.11
C ARG A 40 -12.49 -8.16 -5.50
N PRO A 41 -12.38 -7.39 -6.61
CA PRO A 41 -13.54 -6.66 -7.21
C PRO A 41 -14.77 -7.57 -7.37
N GLU A 42 -14.49 -8.86 -7.53
CA GLU A 42 -15.49 -9.91 -7.65
C GLU A 42 -16.42 -9.94 -6.42
N VAL A 43 -15.88 -9.69 -5.25
CA VAL A 43 -16.70 -9.75 -4.04
C VAL A 43 -16.76 -8.42 -3.31
N ARG A 44 -15.71 -7.61 -3.42
CA ARG A 44 -15.68 -6.35 -2.71
C ARG A 44 -15.97 -5.15 -3.55
N SER A 45 -16.52 -4.17 -2.90
CA SER A 45 -16.82 -2.89 -3.49
C SER A 45 -15.60 -1.98 -3.32
N LYS A 46 -15.65 -0.81 -3.91
CA LYS A 46 -14.53 0.14 -3.93
C LYS A 46 -14.25 0.64 -2.52
N GLU A 47 -15.30 0.86 -1.78
CA GLU A 47 -15.24 1.31 -0.39
C GLU A 47 -14.40 0.35 0.46
N GLN A 48 -14.59 -0.92 0.18
CA GLN A 48 -13.90 -1.96 0.90
C GLN A 48 -12.41 -1.98 0.54
N MET A 49 -12.11 -1.50 -0.64
CA MET A 49 -10.73 -1.41 -1.10
C MET A 49 -10.02 -0.30 -0.40
N LEU A 50 -10.72 0.82 -0.21
CA LEU A 50 -10.20 1.93 0.58
C LEU A 50 -9.87 1.44 1.98
N GLU A 51 -10.78 0.66 2.55
CA GLU A 51 -10.65 0.07 3.85
C GLU A 51 -9.33 -0.72 3.97
N LEU A 52 -9.11 -1.65 3.06
CA LEU A 52 -7.92 -2.49 3.06
C LEU A 52 -6.65 -1.67 2.86
N LEU A 53 -6.74 -0.67 2.03
CA LEU A 53 -5.60 0.13 1.70
C LEU A 53 -5.26 1.14 2.80
N VAL A 54 -6.26 1.63 3.52
CA VAL A 54 -6.02 2.49 4.69
C VAL A 54 -5.20 1.71 5.72
N LEU A 55 -5.58 0.45 5.93
CA LEU A 55 -4.88 -0.45 6.85
C LEU A 55 -3.42 -0.59 6.47
N GLU A 56 -3.19 -0.74 5.18
CA GLU A 56 -1.88 -0.98 4.63
C GLU A 56 -0.89 0.11 5.03
N GLN A 57 -1.26 1.35 4.79
CA GLN A 57 -0.37 2.44 5.09
C GLN A 57 -0.34 2.64 6.59
N PHE A 58 -1.52 2.54 7.24
CA PHE A 58 -1.64 2.73 8.68
C PHE A 58 -0.67 1.86 9.45
N LEU A 59 -0.60 0.59 9.07
CA LEU A 59 0.28 -0.32 9.75
C LEU A 59 1.74 0.06 9.62
N GLY A 60 2.14 0.52 8.45
CA GLY A 60 3.52 0.90 8.26
C GLY A 60 3.81 2.29 8.80
N ALA A 61 2.77 3.06 9.05
CA ALA A 61 2.91 4.39 9.62
C ALA A 61 3.22 4.30 11.10
N LEU A 62 2.81 3.18 11.70
CA LEU A 62 3.07 2.86 13.09
C LEU A 62 4.58 2.77 13.34
N PRO A 63 5.04 3.12 14.56
CA PRO A 63 6.45 3.01 14.92
C PRO A 63 6.86 1.56 14.95
N PRO A 64 8.16 1.25 14.76
CA PRO A 64 8.69 -0.12 14.74
C PRO A 64 8.11 -1.02 15.83
N GLU A 65 8.09 -0.52 17.07
CA GLU A 65 7.59 -1.32 18.18
C GLU A 65 6.08 -1.63 18.06
N ILE A 66 5.27 -0.62 17.77
CA ILE A 66 3.83 -0.82 17.66
C ILE A 66 3.51 -1.70 16.43
N GLN A 67 4.21 -1.45 15.35
CA GLN A 67 4.01 -2.17 14.11
C GLN A 67 4.37 -3.66 14.28
N ALA A 68 5.45 -3.91 15.02
CA ALA A 68 5.90 -5.28 15.30
C ALA A 68 4.83 -6.07 16.05
N ARG A 69 4.11 -5.38 16.93
CA ARG A 69 3.02 -6.01 17.69
C ARG A 69 1.90 -6.43 16.76
N VAL A 70 1.59 -5.54 15.82
CA VAL A 70 0.56 -5.79 14.83
C VAL A 70 0.84 -7.04 14.04
N GLN A 71 2.02 -7.12 13.49
CA GLN A 71 2.42 -8.27 12.68
C GLN A 71 2.34 -9.60 13.43
N GLY A 72 2.50 -9.56 14.73
CA GLY A 72 2.42 -10.77 15.52
C GLY A 72 0.98 -11.20 15.82
N GLN A 73 0.03 -10.31 15.58
CA GLN A 73 -1.36 -10.62 15.90
C GLN A 73 -2.22 -10.60 14.62
N ARG A 74 -1.95 -9.64 13.74
CA ARG A 74 -2.64 -9.43 12.46
C ARG A 74 -4.14 -9.08 12.64
N PRO A 75 -4.47 -7.77 12.69
CA PRO A 75 -5.87 -7.31 12.82
C PRO A 75 -6.75 -7.72 11.62
N GLY A 76 -6.26 -7.43 10.43
CA GLY A 76 -7.00 -7.76 9.22
C GLY A 76 -7.89 -6.62 8.74
N SER A 77 -8.07 -5.60 9.56
CA SER A 77 -8.86 -4.44 9.21
C SER A 77 -8.31 -3.19 9.93
N PRO A 78 -8.43 -1.98 9.31
CA PRO A 78 -7.83 -0.74 9.85
C PRO A 78 -8.32 -0.36 11.25
N GLU A 79 -9.61 -0.44 11.48
CA GLU A 79 -10.15 -0.06 12.78
C GLU A 79 -9.82 -1.10 13.82
N GLU A 80 -9.69 -2.33 13.38
CA GLU A 80 -9.28 -3.42 14.24
C GLU A 80 -7.85 -3.12 14.72
N ALA A 81 -6.99 -2.72 13.77
CA ALA A 81 -5.62 -2.32 14.08
C ALA A 81 -5.59 -1.15 15.02
N ALA A 82 -6.42 -0.15 14.74
CA ALA A 82 -6.52 1.05 15.56
C ALA A 82 -6.85 0.69 17.01
N ALA A 83 -7.61 -0.37 17.19
CA ALA A 83 -7.99 -0.84 18.50
C ALA A 83 -6.78 -1.39 19.28
N LEU A 84 -5.98 -2.29 18.67
CA LEU A 84 -4.84 -2.84 19.41
C LEU A 84 -3.74 -1.83 19.62
N VAL A 85 -3.50 -1.00 18.64
CA VAL A 85 -2.46 0.01 18.74
C VAL A 85 -2.82 1.06 19.79
N ASP A 86 -4.10 1.32 19.92
CA ASP A 86 -4.61 2.21 20.96
C ASP A 86 -4.30 1.63 22.34
N GLY A 87 -4.41 0.32 22.46
CA GLY A 87 -4.08 -0.35 23.71
C GLY A 87 -2.59 -0.33 23.98
N LEU A 88 -1.82 -0.27 22.91
CA LEU A 88 -0.37 -0.24 22.99
C LEU A 88 0.16 1.12 23.42
N ARG A 89 -0.57 2.19 23.05
CA ARG A 89 -0.17 3.52 23.47
C ARG A 89 -0.50 3.76 24.97
N ARG A 90 0.39 3.29 25.79
CA ARG A 90 0.25 3.36 27.24
C ARG A 90 0.92 4.59 27.80
N GLU A 91 1.80 5.19 27.01
CA GLU A 91 2.50 6.39 27.44
C GLU A 91 1.50 7.55 27.53
N PRO A 92 1.53 8.33 28.60
CA PRO A 92 0.64 9.48 28.76
C PRO A 92 1.20 10.72 28.06
N GLY A 93 2.41 10.61 27.55
CA GLY A 93 3.06 11.74 26.95
C GLY A 93 3.83 12.49 27.99
N GLY A 94 4.85 11.85 28.53
CA GLY A 94 5.65 12.46 29.57
C GLY A 94 6.00 11.46 30.65
N GLY B 1 -2.84 20.99 -10.68
CA GLY B 1 -4.10 21.70 -10.77
C GLY B 1 -4.74 21.85 -9.41
N SER B 2 -6.06 21.83 -9.36
CA SER B 2 -6.76 21.95 -8.12
C SER B 2 -6.71 20.63 -7.37
N ASP B 3 -7.20 19.57 -8.00
CA ASP B 3 -7.14 18.24 -7.41
C ASP B 3 -5.72 17.75 -7.41
N PRO B 4 -5.26 17.17 -6.28
CA PRO B 4 -3.89 16.65 -6.15
C PRO B 4 -3.65 15.49 -7.11
N GLY B 5 -4.69 14.72 -7.34
CA GLY B 5 -4.61 13.58 -8.20
C GLY B 5 -4.00 12.40 -7.49
N PRO B 6 -4.10 11.19 -8.06
CA PRO B 6 -3.55 9.96 -7.46
C PRO B 6 -2.08 10.11 -7.08
N GLU B 7 -1.36 10.86 -7.89
CA GLU B 7 0.05 11.08 -7.71
C GLU B 7 0.38 11.81 -6.39
N ALA B 8 -0.22 12.97 -6.18
CA ALA B 8 0.04 13.77 -5.00
C ALA B 8 -0.69 13.24 -3.79
N ALA B 9 -1.85 12.64 -4.02
CA ALA B 9 -2.65 12.13 -2.93
C ALA B 9 -1.97 10.97 -2.24
N ARG B 10 -1.38 10.05 -3.01
CA ARG B 10 -0.67 8.92 -2.43
C ARG B 10 0.53 9.42 -1.64
N LEU B 11 1.13 10.52 -2.13
CA LEU B 11 2.23 11.12 -1.50
C LEU B 11 1.83 11.61 -0.10
N ARG B 12 0.74 12.38 -0.05
CA ARG B 12 0.20 12.89 1.23
C ARG B 12 -0.10 11.72 2.17
N PHE B 13 -0.78 10.75 1.62
CA PHE B 13 -1.24 9.56 2.31
C PHE B 13 -0.10 8.71 2.87
N ARG B 14 0.88 8.41 2.06
CA ARG B 14 1.94 7.54 2.51
C ARG B 14 3.05 8.27 3.28
N CYS B 15 3.12 9.58 3.12
CA CYS B 15 4.11 10.36 3.86
C CYS B 15 3.61 10.57 5.30
N PHE B 16 2.32 10.33 5.50
CA PHE B 16 1.66 10.46 6.79
C PHE B 16 2.28 9.53 7.81
N HIS B 17 2.58 10.07 8.97
CA HIS B 17 3.15 9.28 10.03
C HIS B 17 2.06 9.04 11.04
N TYR B 18 2.05 7.89 11.63
CA TYR B 18 1.12 7.68 12.69
C TYR B 18 1.58 8.44 13.90
N GLU B 19 0.69 9.20 14.43
CA GLU B 19 0.93 10.03 15.56
C GLU B 19 0.04 9.59 16.73
N GLU B 20 0.67 8.91 17.71
CA GLU B 20 0.01 8.34 18.90
C GLU B 20 -0.83 9.37 19.63
N ALA B 21 -0.35 10.59 19.62
CA ALA B 21 -1.01 11.73 20.26
C ALA B 21 -2.41 11.94 19.69
N THR B 22 -2.51 11.72 18.42
CA THR B 22 -3.67 11.96 17.66
C THR B 22 -4.63 10.76 17.66
N GLY B 23 -4.12 9.62 18.06
CA GLY B 23 -4.94 8.44 18.12
C GLY B 23 -5.02 7.74 16.78
N PRO B 24 -5.09 6.40 16.78
CA PRO B 24 -5.13 5.64 15.55
C PRO B 24 -6.46 5.76 14.83
N GLN B 25 -7.52 5.95 15.60
CA GLN B 25 -8.84 6.02 15.02
C GLN B 25 -8.93 7.31 14.20
N GLU B 26 -8.34 8.40 14.73
CA GLU B 26 -8.37 9.68 14.06
C GLU B 26 -7.41 9.69 12.89
N ALA B 27 -6.31 8.98 13.03
CA ALA B 27 -5.33 8.85 11.97
C ALA B 27 -5.96 8.13 10.77
N LEU B 28 -6.80 7.12 11.05
CA LEU B 28 -7.53 6.42 9.99
C LEU B 28 -8.43 7.37 9.24
N ALA B 29 -8.99 8.34 9.94
CA ALA B 29 -9.86 9.34 9.33
C ALA B 29 -9.07 10.15 8.32
N GLN B 30 -7.83 10.46 8.66
CA GLN B 30 -6.95 11.24 7.82
C GLN B 30 -6.63 10.42 6.58
N LEU B 31 -6.19 9.21 6.83
CA LEU B 31 -5.80 8.27 5.80
C LEU B 31 -6.92 7.90 4.88
N ARG B 32 -8.10 7.76 5.42
CA ARG B 32 -9.24 7.33 4.64
C ARG B 32 -9.55 8.33 3.54
N GLU B 33 -9.56 9.62 3.86
CA GLU B 33 -9.89 10.56 2.85
C GLU B 33 -8.72 10.74 1.91
N LEU B 34 -7.48 10.76 2.44
CA LEU B 34 -6.26 10.89 1.62
C LEU B 34 -6.17 9.75 0.61
N CYS B 35 -6.46 8.54 1.08
CA CYS B 35 -6.48 7.37 0.23
C CYS B 35 -7.59 7.54 -0.82
N ARG B 36 -8.72 8.09 -0.42
CA ARG B 36 -9.81 8.30 -1.32
C ARG B 36 -9.49 9.39 -2.35
N GLN B 37 -8.66 10.37 -1.97
CA GLN B 37 -8.20 11.41 -2.89
C GLN B 37 -7.35 10.79 -3.99
N TRP B 38 -6.77 9.65 -3.64
CA TRP B 38 -5.87 8.88 -4.48
C TRP B 38 -6.61 7.95 -5.46
N LEU B 39 -7.44 7.02 -4.96
CA LEU B 39 -8.08 6.09 -5.89
C LEU B 39 -9.38 6.65 -6.46
N ARG B 40 -10.07 7.46 -5.66
CA ARG B 40 -11.33 8.12 -6.04
C ARG B 40 -12.40 7.16 -6.61
N PRO B 41 -13.14 6.43 -5.73
CA PRO B 41 -14.18 5.46 -6.14
C PRO B 41 -15.31 6.10 -6.93
N GLU B 42 -15.40 7.41 -6.84
CA GLU B 42 -16.40 8.16 -7.55
C GLU B 42 -16.13 8.12 -9.05
N VAL B 43 -14.86 8.21 -9.43
CA VAL B 43 -14.50 8.23 -10.84
C VAL B 43 -13.86 6.94 -11.28
N ARG B 44 -13.26 6.21 -10.36
CA ARG B 44 -12.65 4.95 -10.73
C ARG B 44 -13.44 3.76 -10.27
N SER B 45 -13.31 2.70 -11.00
CA SER B 45 -13.86 1.44 -10.67
C SER B 45 -12.75 0.54 -10.16
N LYS B 46 -13.15 -0.53 -9.53
CA LYS B 46 -12.30 -1.43 -8.70
C LYS B 46 -10.99 -1.84 -9.36
N GLU B 47 -11.04 -2.07 -10.64
CA GLU B 47 -9.88 -2.51 -11.40
C GLU B 47 -8.76 -1.45 -11.40
N GLN B 48 -9.16 -0.23 -11.33
CA GLN B 48 -8.25 0.87 -11.33
C GLN B 48 -7.61 1.02 -9.98
N MET B 49 -8.32 0.57 -8.95
CA MET B 49 -7.76 0.52 -7.62
C MET B 49 -6.67 -0.51 -7.56
N LEU B 50 -6.93 -1.66 -8.18
CA LEU B 50 -5.94 -2.73 -8.28
C LEU B 50 -4.67 -2.17 -8.90
N GLU B 51 -4.84 -1.40 -9.96
CA GLU B 51 -3.76 -0.77 -10.69
C GLU B 51 -2.88 0.07 -9.76
N LEU B 52 -3.49 0.98 -9.03
CA LEU B 52 -2.78 1.88 -8.15
C LEU B 52 -2.12 1.13 -7.02
N LEU B 53 -2.78 0.10 -6.57
CA LEU B 53 -2.32 -0.66 -5.46
C LEU B 53 -1.18 -1.62 -5.85
N VAL B 54 -1.21 -2.11 -7.09
CA VAL B 54 -0.09 -2.89 -7.63
C VAL B 54 1.12 -1.97 -7.72
N LEU B 55 0.89 -0.76 -8.21
CA LEU B 55 1.91 0.28 -8.33
C LEU B 55 2.53 0.55 -6.96
N GLU B 56 1.66 0.71 -5.96
CA GLU B 56 2.05 0.97 -4.58
C GLU B 56 3.05 -0.09 -4.09
N GLN B 57 2.74 -1.35 -4.33
CA GLN B 57 3.60 -2.41 -3.87
C GLN B 57 4.82 -2.48 -4.73
N PHE B 58 4.62 -2.45 -6.05
CA PHE B 58 5.69 -2.57 -7.03
C PHE B 58 6.79 -1.57 -6.77
N LEU B 59 6.42 -0.33 -6.54
CA LEU B 59 7.40 0.70 -6.29
C LEU B 59 8.22 0.47 -5.02
N GLY B 60 7.60 -0.07 -4.00
CA GLY B 60 8.34 -0.35 -2.78
C GLY B 60 9.10 -1.65 -2.88
N ALA B 61 8.62 -2.55 -3.73
CA ALA B 61 9.25 -3.84 -3.95
C ALA B 61 10.57 -3.66 -4.71
N LEU B 62 10.70 -2.51 -5.34
CA LEU B 62 11.90 -2.13 -6.04
C LEU B 62 13.07 -1.98 -5.07
N PRO B 63 14.30 -2.19 -5.55
CA PRO B 63 15.47 -1.95 -4.74
C PRO B 63 15.59 -0.43 -4.55
N PRO B 64 16.11 0.02 -3.39
CA PRO B 64 16.24 1.45 -3.06
C PRO B 64 16.79 2.30 -4.21
N GLU B 65 17.78 1.79 -4.93
CA GLU B 65 18.35 2.51 -6.05
C GLU B 65 17.33 2.78 -7.17
N ILE B 66 16.59 1.75 -7.56
CA ILE B 66 15.58 1.89 -8.61
C ILE B 66 14.39 2.68 -8.09
N GLN B 67 14.02 2.41 -6.86
CA GLN B 67 12.91 3.08 -6.21
C GLN B 67 13.17 4.59 -6.13
N ALA B 68 14.40 4.97 -5.82
CA ALA B 68 14.82 6.37 -5.75
C ALA B 68 14.68 7.02 -7.12
N ARG B 69 15.00 6.26 -8.17
CA ARG B 69 14.90 6.75 -9.54
C ARG B 69 13.45 7.01 -9.90
N VAL B 70 12.58 6.09 -9.50
CA VAL B 70 11.15 6.22 -9.73
C VAL B 70 10.59 7.45 -9.08
N GLN B 71 10.85 7.60 -7.80
CA GLN B 71 10.38 8.77 -7.06
C GLN B 71 10.90 10.08 -7.66
N GLY B 72 12.05 10.02 -8.27
CA GLY B 72 12.60 11.19 -8.91
C GLY B 72 12.00 11.47 -10.28
N GLN B 73 11.15 10.59 -10.79
CA GLN B 73 10.57 10.75 -12.11
C GLN B 73 9.01 10.74 -12.03
N ARG B 74 8.48 9.83 -11.22
CA ARG B 74 7.04 9.69 -10.92
C ARG B 74 6.16 9.25 -12.11
N PRO B 75 6.04 7.92 -12.34
CA PRO B 75 5.16 7.36 -13.39
C PRO B 75 3.66 7.47 -13.04
N GLY B 76 3.29 6.98 -11.86
CA GLY B 76 1.91 7.02 -11.41
C GLY B 76 1.12 5.77 -11.77
N SER B 77 1.68 4.93 -12.61
CA SER B 77 1.04 3.70 -13.01
C SER B 77 2.07 2.55 -13.08
N PRO B 78 1.65 1.30 -12.77
CA PRO B 78 2.56 0.16 -12.64
C PRO B 78 3.32 -0.19 -13.93
N GLU B 79 2.64 -0.21 -15.04
CA GLU B 79 3.27 -0.59 -16.30
C GLU B 79 4.18 0.50 -16.83
N GLU B 80 3.84 1.75 -16.52
CA GLU B 80 4.71 2.87 -16.83
C GLU B 80 5.98 2.71 -16.01
N ALA B 81 5.81 2.41 -14.72
CA ALA B 81 6.94 2.18 -13.83
C ALA B 81 7.79 1.05 -14.36
N ALA B 82 7.15 -0.05 -14.76
CA ALA B 82 7.85 -1.22 -15.30
C ALA B 82 8.71 -0.85 -16.53
N ALA B 83 8.27 0.17 -17.26
CA ALA B 83 9.00 0.65 -18.42
C ALA B 83 10.32 1.28 -18.01
N LEU B 84 10.30 2.19 -17.03
CA LEU B 84 11.56 2.78 -16.58
C LEU B 84 12.37 1.79 -15.81
N VAL B 85 11.71 1.01 -14.96
CA VAL B 85 12.38 0.00 -14.14
C VAL B 85 13.14 -1.02 -15.00
N ASP B 86 12.60 -1.31 -16.18
CA ASP B 86 13.28 -2.20 -17.12
C ASP B 86 14.65 -1.66 -17.51
N GLY B 87 14.73 -0.35 -17.67
CA GLY B 87 15.97 0.29 -18.00
C GLY B 87 16.82 0.58 -16.77
N LEU B 88 16.19 0.61 -15.60
CA LEU B 88 16.86 0.93 -14.34
C LEU B 88 17.54 -0.28 -13.72
N ARG B 89 17.08 -1.47 -14.10
CA ARG B 89 17.66 -2.73 -13.58
C ARG B 89 18.95 -3.10 -14.32
N ARG B 90 19.71 -2.10 -14.72
CA ARG B 90 20.89 -2.30 -15.51
C ARG B 90 22.17 -2.57 -14.73
N GLU B 91 22.03 -2.90 -13.46
CA GLU B 91 23.19 -3.24 -12.66
C GLU B 91 23.04 -4.56 -11.89
N PRO B 92 23.44 -5.67 -12.53
CA PRO B 92 23.50 -6.99 -11.89
C PRO B 92 24.86 -7.17 -11.19
N GLY B 93 25.65 -6.12 -11.24
CA GLY B 93 26.95 -6.11 -10.64
C GLY B 93 27.85 -5.16 -11.39
N GLY B 94 28.66 -5.70 -12.25
CA GLY B 94 29.58 -4.91 -13.03
C GLY B 94 29.48 -5.28 -14.47
N GLY A 1 -17.58 -23.14 1.97
CA GLY A 1 -16.14 -23.38 1.92
C GLY A 1 -15.40 -22.35 2.72
N SER A 2 -14.10 -22.26 2.55
CA SER A 2 -13.32 -21.30 3.27
C SER A 2 -12.27 -20.66 2.38
N ASP A 3 -12.19 -19.36 2.41
CA ASP A 3 -11.14 -18.66 1.70
C ASP A 3 -9.97 -18.48 2.66
N PRO A 4 -8.73 -18.50 2.17
CA PRO A 4 -7.52 -18.37 3.01
C PRO A 4 -7.53 -17.10 3.85
N GLY A 5 -8.04 -16.03 3.29
CA GLY A 5 -8.08 -14.78 3.98
C GLY A 5 -7.28 -13.76 3.23
N PRO A 6 -7.75 -12.50 3.16
CA PRO A 6 -7.05 -11.41 2.46
C PRO A 6 -5.63 -11.22 2.97
N GLU A 7 -5.43 -11.53 4.26
CA GLU A 7 -4.15 -11.42 4.91
C GLU A 7 -3.09 -12.31 4.25
N ALA A 8 -3.47 -13.54 3.89
CA ALA A 8 -2.56 -14.50 3.30
C ALA A 8 -2.11 -14.02 1.94
N ALA A 9 -3.06 -13.53 1.19
CA ALA A 9 -2.82 -13.02 -0.13
C ALA A 9 -1.95 -11.78 -0.06
N ARG A 10 -2.26 -10.90 0.89
CA ARG A 10 -1.50 -9.68 1.07
C ARG A 10 -0.08 -10.00 1.48
N LEU A 11 0.08 -11.04 2.28
CA LEU A 11 1.35 -11.42 2.77
C LEU A 11 2.26 -11.84 1.61
N ARG A 12 1.72 -12.64 0.70
CA ARG A 12 2.48 -13.09 -0.48
C ARG A 12 2.83 -11.89 -1.36
N PHE A 13 1.85 -11.04 -1.54
CA PHE A 13 1.95 -9.83 -2.32
C PHE A 13 2.95 -8.84 -1.74
N ARG A 14 2.84 -8.57 -0.47
CA ARG A 14 3.64 -7.53 0.15
C ARG A 14 5.07 -8.01 0.43
N CYS A 15 5.24 -9.33 0.50
CA CYS A 15 6.55 -9.89 0.78
C CYS A 15 7.32 -10.17 -0.53
N PHE A 16 6.65 -9.94 -1.65
CA PHE A 16 7.22 -10.15 -2.99
C PHE A 16 8.44 -9.24 -3.18
N HIS A 17 9.52 -9.80 -3.68
CA HIS A 17 10.71 -9.01 -3.91
C HIS A 17 10.78 -8.67 -5.38
N TYR A 18 11.26 -7.52 -5.69
CA TYR A 18 11.46 -7.20 -7.06
C TYR A 18 12.62 -8.00 -7.63
N GLU A 19 12.34 -8.69 -8.69
CA GLU A 19 13.28 -9.52 -9.36
C GLU A 19 13.45 -9.06 -10.81
N GLU A 20 14.54 -8.32 -11.06
CA GLU A 20 14.86 -7.75 -12.38
C GLU A 20 14.97 -8.85 -13.42
N ALA A 21 15.36 -10.03 -12.96
CA ALA A 21 15.49 -11.24 -13.78
C ALA A 21 14.17 -11.57 -14.47
N THR A 22 13.13 -11.21 -13.83
CA THR A 22 11.81 -11.45 -14.24
C THR A 22 11.20 -10.25 -14.99
N GLY A 23 11.82 -9.11 -14.83
CA GLY A 23 11.35 -7.92 -15.46
C GLY A 23 10.30 -7.23 -14.60
N PRO A 24 10.37 -5.91 -14.43
CA PRO A 24 9.43 -5.17 -13.59
C PRO A 24 7.98 -5.27 -14.05
N GLN A 25 7.75 -5.41 -15.36
CA GLN A 25 6.39 -5.50 -15.86
C GLN A 25 5.79 -6.83 -15.53
N GLU A 26 6.57 -7.88 -15.68
CA GLU A 26 6.10 -9.20 -15.35
C GLU A 26 5.89 -9.33 -13.84
N ALA A 27 6.75 -8.65 -13.10
CA ALA A 27 6.60 -8.57 -11.65
C ALA A 27 5.24 -7.96 -11.31
N LEU A 28 4.85 -6.94 -12.07
CA LEU A 28 3.54 -6.29 -11.90
C LEU A 28 2.42 -7.28 -12.12
N ALA A 29 2.56 -8.12 -13.13
CA ALA A 29 1.54 -9.15 -13.44
C ALA A 29 1.32 -10.06 -12.23
N GLN A 30 2.42 -10.45 -11.61
CA GLN A 30 2.41 -11.29 -10.44
C GLN A 30 1.81 -10.56 -9.25
N LEU A 31 2.28 -9.34 -9.03
CA LEU A 31 1.79 -8.47 -7.97
C LEU A 31 0.32 -8.20 -8.10
N ARG A 32 -0.12 -7.88 -9.30
CA ARG A 32 -1.51 -7.57 -9.57
C ARG A 32 -2.42 -8.72 -9.22
N GLU A 33 -2.00 -9.90 -9.58
CA GLU A 33 -2.70 -11.12 -9.28
C GLU A 33 -2.83 -11.29 -7.76
N LEU A 34 -1.72 -11.16 -7.08
CA LEU A 34 -1.67 -11.32 -5.63
C LEU A 34 -2.46 -10.22 -4.93
N CYS A 35 -2.37 -9.02 -5.45
CA CYS A 35 -3.12 -7.87 -4.98
C CYS A 35 -4.60 -8.16 -5.16
N ARG A 36 -4.93 -8.78 -6.28
CA ARG A 36 -6.25 -9.11 -6.61
C ARG A 36 -6.77 -10.23 -5.70
N GLN A 37 -5.88 -11.11 -5.28
CA GLN A 37 -6.23 -12.17 -4.34
C GLN A 37 -6.57 -11.55 -2.98
N TRP A 38 -5.88 -10.46 -2.69
CA TRP A 38 -6.03 -9.70 -1.47
C TRP A 38 -7.34 -8.88 -1.43
N LEU A 39 -7.56 -7.99 -2.38
CA LEU A 39 -8.77 -7.17 -2.31
C LEU A 39 -9.95 -7.88 -2.93
N ARG A 40 -9.71 -8.55 -4.07
CA ARG A 40 -10.74 -9.31 -4.80
C ARG A 40 -11.90 -8.44 -5.27
N PRO A 41 -11.80 -7.84 -6.46
CA PRO A 41 -12.89 -7.02 -7.03
C PRO A 41 -14.14 -7.87 -7.32
N GLU A 42 -13.93 -9.17 -7.40
CA GLU A 42 -15.00 -10.12 -7.65
C GLU A 42 -15.92 -10.22 -6.43
N VAL A 43 -15.36 -10.23 -5.24
CA VAL A 43 -16.17 -10.40 -4.04
C VAL A 43 -16.28 -9.12 -3.23
N ARG A 44 -15.33 -8.22 -3.39
CA ARG A 44 -15.38 -6.95 -2.70
C ARG A 44 -15.44 -5.80 -3.67
N SER A 45 -16.07 -4.76 -3.23
CA SER A 45 -16.23 -3.57 -4.00
C SER A 45 -15.18 -2.52 -3.62
N LYS A 46 -15.22 -1.41 -4.35
CA LYS A 46 -14.28 -0.30 -4.19
C LYS A 46 -14.20 0.22 -2.77
N GLU A 47 -15.33 0.27 -2.10
CA GLU A 47 -15.40 0.77 -0.69
C GLU A 47 -14.45 -0.03 0.18
N GLN A 48 -14.55 -1.33 0.03
CA GLN A 48 -13.74 -2.28 0.77
C GLN A 48 -12.26 -2.11 0.45
N MET A 49 -11.96 -1.77 -0.79
CA MET A 49 -10.58 -1.60 -1.21
C MET A 49 -9.94 -0.44 -0.54
N LEU A 50 -10.68 0.66 -0.43
CA LEU A 50 -10.19 1.83 0.30
C LEU A 50 -9.81 1.45 1.71
N GLU A 51 -10.70 0.74 2.38
CA GLU A 51 -10.50 0.32 3.73
C GLU A 51 -9.20 -0.52 3.88
N LEU A 52 -9.04 -1.53 3.02
CA LEU A 52 -7.87 -2.40 3.06
C LEU A 52 -6.60 -1.61 2.75
N LEU A 53 -6.72 -0.66 1.88
CA LEU A 53 -5.60 0.13 1.46
C LEU A 53 -5.21 1.18 2.51
N VAL A 54 -6.21 1.70 3.22
CA VAL A 54 -5.95 2.58 4.36
C VAL A 54 -5.14 1.81 5.39
N LEU A 55 -5.55 0.56 5.61
CA LEU A 55 -4.86 -0.36 6.51
C LEU A 55 -3.39 -0.48 6.14
N GLU A 56 -3.14 -0.73 4.87
CA GLU A 56 -1.78 -0.94 4.37
C GLU A 56 -0.89 0.27 4.66
N GLN A 57 -1.43 1.47 4.45
CA GLN A 57 -0.65 2.69 4.68
C GLN A 57 -0.51 2.87 6.18
N PHE A 58 -1.63 2.74 6.88
CA PHE A 58 -1.68 2.93 8.32
C PHE A 58 -0.66 2.06 9.03
N LEU A 59 -0.60 0.80 8.63
CA LEU A 59 0.32 -0.11 9.24
C LEU A 59 1.76 0.29 8.98
N GLY A 60 2.05 0.73 7.77
CA GLY A 60 3.41 1.15 7.43
C GLY A 60 3.73 2.55 7.92
N ALA A 61 2.71 3.29 8.30
CA ALA A 61 2.88 4.62 8.86
C ALA A 61 3.34 4.48 10.30
N LEU A 62 2.88 3.41 10.94
CA LEU A 62 3.26 3.06 12.32
C LEU A 62 4.78 2.91 12.41
N PRO A 63 5.38 3.21 13.58
CA PRO A 63 6.81 3.03 13.78
C PRO A 63 7.12 1.55 13.82
N PRO A 64 8.35 1.13 13.44
CA PRO A 64 8.77 -0.28 13.40
C PRO A 64 8.27 -1.13 14.58
N GLU A 65 8.38 -0.60 15.82
CA GLU A 65 7.95 -1.38 16.99
C GLU A 65 6.43 -1.62 16.98
N ILE A 66 5.64 -0.57 16.74
CA ILE A 66 4.21 -0.67 16.73
C ILE A 66 3.74 -1.47 15.52
N GLN A 67 4.39 -1.23 14.39
CA GLN A 67 4.05 -1.90 13.15
C GLN A 67 4.28 -3.41 13.25
N ALA A 68 5.39 -3.77 13.86
CA ALA A 68 5.77 -5.18 14.00
C ALA A 68 4.79 -5.95 14.89
N ARG A 69 4.19 -5.25 15.85
CA ARG A 69 3.19 -5.88 16.74
C ARG A 69 1.98 -6.30 15.92
N VAL A 70 1.71 -5.54 14.89
CA VAL A 70 0.66 -5.86 13.96
C VAL A 70 1.06 -7.01 13.09
N GLN A 71 2.28 -6.95 12.59
CA GLN A 71 2.78 -7.93 11.64
C GLN A 71 2.70 -9.35 12.19
N GLY A 72 2.78 -9.48 13.49
CA GLY A 72 2.66 -10.79 14.11
C GLY A 72 1.22 -11.27 14.27
N GLN A 73 0.24 -10.43 13.95
CA GLN A 73 -1.17 -10.77 14.16
C GLN A 73 -2.01 -10.60 12.90
N ARG A 74 -1.90 -9.42 12.29
CA ARG A 74 -2.71 -9.02 11.12
C ARG A 74 -4.18 -8.92 11.47
N PRO A 75 -4.64 -7.73 11.94
CA PRO A 75 -6.05 -7.50 12.28
C PRO A 75 -6.97 -7.73 11.09
N GLY A 76 -6.54 -7.26 9.95
CA GLY A 76 -7.29 -7.42 8.71
C GLY A 76 -8.19 -6.23 8.40
N SER A 77 -8.34 -5.34 9.35
CA SER A 77 -9.10 -4.14 9.15
C SER A 77 -8.39 -2.96 9.85
N PRO A 78 -8.39 -1.75 9.22
CA PRO A 78 -7.71 -0.56 9.76
C PRO A 78 -8.17 -0.16 11.14
N GLU A 79 -9.48 -0.18 11.36
CA GLU A 79 -10.05 0.22 12.64
C GLU A 79 -9.68 -0.76 13.73
N GLU A 80 -9.49 -2.01 13.34
CA GLU A 80 -9.05 -3.02 14.27
C GLU A 80 -7.57 -2.79 14.58
N ALA A 81 -6.76 -2.49 13.54
CA ALA A 81 -5.35 -2.17 13.73
C ALA A 81 -5.22 -0.97 14.65
N ALA A 82 -6.07 0.02 14.42
CA ALA A 82 -6.13 1.23 15.21
C ALA A 82 -6.39 0.91 16.68
N ALA A 83 -7.08 -0.15 16.91
CA ALA A 83 -7.42 -0.62 18.24
C ALA A 83 -6.22 -1.24 18.95
N LEU A 84 -5.50 -2.19 18.29
CA LEU A 84 -4.33 -2.78 18.96
C LEU A 84 -3.20 -1.80 19.14
N VAL A 85 -3.04 -0.90 18.19
CA VAL A 85 -2.00 0.10 18.32
C VAL A 85 -2.36 1.11 19.41
N ASP A 86 -3.66 1.37 19.56
CA ASP A 86 -4.18 2.22 20.63
C ASP A 86 -3.93 1.57 21.98
N GLY A 87 -4.02 0.25 22.01
CA GLY A 87 -3.79 -0.49 23.22
C GLY A 87 -2.30 -0.63 23.54
N LEU A 88 -1.47 -0.38 22.56
CA LEU A 88 -0.09 -0.44 22.71
C LEU A 88 0.46 0.93 23.12
N ARG A 89 -0.05 2.01 22.52
CA ARG A 89 0.34 3.32 22.92
C ARG A 89 -0.17 3.54 24.33
N ARG A 90 0.71 3.83 25.20
CA ARG A 90 0.34 3.96 26.58
C ARG A 90 0.64 5.32 27.12
N GLU A 91 1.90 5.73 27.02
CA GLU A 91 2.42 6.93 27.67
C GLU A 91 2.27 6.76 29.18
N PRO A 92 3.29 6.17 29.82
CA PRO A 92 3.24 5.85 31.23
C PRO A 92 3.19 7.09 32.13
N GLY A 93 2.09 7.27 32.79
CA GLY A 93 1.94 8.38 33.67
C GLY A 93 1.25 9.54 33.01
N GLY A 94 1.66 10.72 33.38
CA GLY A 94 1.10 11.93 32.82
C GLY A 94 1.23 13.09 33.79
N GLY B 1 -11.26 22.52 -11.93
CA GLY B 1 -11.65 21.21 -12.43
C GLY B 1 -10.45 20.34 -12.72
N SER B 2 -9.32 20.97 -12.91
CA SER B 2 -8.11 20.25 -13.17
C SER B 2 -7.46 19.87 -11.86
N ASP B 3 -7.69 18.66 -11.43
CA ASP B 3 -7.16 18.15 -10.18
C ASP B 3 -5.65 17.93 -10.31
N PRO B 4 -4.86 18.27 -9.27
CA PRO B 4 -3.38 18.09 -9.28
C PRO B 4 -2.96 16.65 -9.61
N GLY B 5 -3.84 15.70 -9.37
CA GLY B 5 -3.57 14.34 -9.70
C GLY B 5 -3.70 13.43 -8.50
N PRO B 6 -4.24 12.20 -8.67
CA PRO B 6 -4.32 11.19 -7.60
C PRO B 6 -2.95 10.89 -7.03
N GLU B 7 -1.93 11.09 -7.85
CA GLU B 7 -0.55 10.90 -7.49
C GLU B 7 -0.11 11.93 -6.44
N ALA B 8 -0.67 13.14 -6.51
CA ALA B 8 -0.36 14.19 -5.55
C ALA B 8 -1.07 13.89 -4.25
N ALA B 9 -2.28 13.37 -4.38
CA ALA B 9 -3.06 12.94 -3.23
C ALA B 9 -2.33 11.80 -2.53
N ARG B 10 -1.82 10.86 -3.33
CA ARG B 10 -1.08 9.74 -2.80
C ARG B 10 0.19 10.22 -2.10
N LEU B 11 0.81 11.27 -2.62
CA LEU B 11 2.01 11.80 -2.08
C LEU B 11 1.76 12.34 -0.66
N ARG B 12 0.60 12.93 -0.46
CA ARG B 12 0.22 13.46 0.84
C ARG B 12 -0.17 12.33 1.78
N PHE B 13 -0.97 11.43 1.26
CA PHE B 13 -1.47 10.27 1.98
C PHE B 13 -0.39 9.26 2.35
N ARG B 14 0.43 8.89 1.42
CA ARG B 14 1.37 7.80 1.64
C ARG B 14 2.57 8.26 2.47
N CYS B 15 2.71 9.56 2.62
CA CYS B 15 3.79 10.13 3.39
C CYS B 15 3.32 10.45 4.82
N PHE B 16 2.02 10.24 5.06
CA PHE B 16 1.42 10.47 6.37
C PHE B 16 2.14 9.64 7.42
N HIS B 17 2.61 10.30 8.44
CA HIS B 17 3.30 9.61 9.50
C HIS B 17 2.29 9.19 10.53
N TYR B 18 2.42 8.03 11.08
CA TYR B 18 1.56 7.69 12.14
C TYR B 18 1.99 8.44 13.36
N GLU B 19 1.11 9.25 13.83
CA GLU B 19 1.33 10.02 14.98
C GLU B 19 0.35 9.60 16.05
N GLU B 20 0.86 9.01 17.12
CA GLU B 20 0.05 8.56 18.24
C GLU B 20 -0.70 9.75 18.81
N ALA B 21 -0.11 10.91 18.64
CA ALA B 21 -0.65 12.17 19.10
C ALA B 21 -2.03 12.50 18.50
N THR B 22 -2.32 12.02 17.28
CA THR B 22 -3.62 12.33 16.71
C THR B 22 -4.57 11.14 16.98
N GLY B 23 -3.99 10.01 17.34
CA GLY B 23 -4.77 8.81 17.59
C GLY B 23 -4.95 8.01 16.32
N PRO B 24 -4.81 6.68 16.36
CA PRO B 24 -4.93 5.84 15.17
C PRO B 24 -6.30 5.91 14.48
N GLN B 25 -7.37 6.03 15.28
CA GLN B 25 -8.71 6.10 14.70
C GLN B 25 -8.88 7.40 13.94
N GLU B 26 -8.36 8.45 14.53
CA GLU B 26 -8.43 9.77 13.92
C GLU B 26 -7.53 9.85 12.69
N ALA B 27 -6.40 9.16 12.74
CA ALA B 27 -5.51 9.05 11.60
C ALA B 27 -6.24 8.39 10.43
N LEU B 28 -6.98 7.33 10.73
CA LEU B 28 -7.79 6.62 9.73
C LEU B 28 -8.79 7.53 9.04
N ALA B 29 -9.42 8.43 9.81
CA ALA B 29 -10.40 9.36 9.25
C ALA B 29 -9.74 10.26 8.20
N GLN B 30 -8.51 10.60 8.45
CA GLN B 30 -7.71 11.41 7.56
C GLN B 30 -7.23 10.57 6.39
N LEU B 31 -6.67 9.42 6.70
CA LEU B 31 -6.14 8.48 5.71
C LEU B 31 -7.17 8.01 4.72
N ARG B 32 -8.34 7.65 5.21
CA ARG B 32 -9.41 7.16 4.33
C ARG B 32 -9.78 8.20 3.30
N GLU B 33 -9.88 9.42 3.75
CA GLU B 33 -10.20 10.56 2.91
C GLU B 33 -9.11 10.77 1.87
N LEU B 34 -7.87 10.83 2.32
CA LEU B 34 -6.74 11.08 1.42
C LEU B 34 -6.55 9.93 0.45
N CYS B 35 -6.80 8.72 0.92
CA CYS B 35 -6.73 7.54 0.09
C CYS B 35 -7.86 7.55 -0.91
N ARG B 36 -8.99 8.08 -0.50
CA ARG B 36 -10.14 8.17 -1.33
C ARG B 36 -9.89 9.21 -2.42
N GLN B 37 -9.20 10.27 -2.07
CA GLN B 37 -8.82 11.29 -3.02
C GLN B 37 -7.78 10.76 -4.01
N TRP B 38 -7.18 9.64 -3.65
CA TRP B 38 -6.22 8.96 -4.46
C TRP B 38 -6.90 7.95 -5.42
N LEU B 39 -7.68 7.01 -4.91
CA LEU B 39 -8.31 6.02 -5.82
C LEU B 39 -9.58 6.55 -6.43
N ARG B 40 -10.35 7.32 -5.65
CA ARG B 40 -11.58 7.96 -6.12
C ARG B 40 -12.64 6.96 -6.57
N PRO B 41 -13.30 6.30 -5.61
CA PRO B 41 -14.33 5.31 -5.90
C PRO B 41 -15.57 5.94 -6.55
N GLU B 42 -15.65 7.26 -6.49
CA GLU B 42 -16.73 8.00 -7.11
C GLU B 42 -16.64 7.86 -8.62
N VAL B 43 -15.43 7.95 -9.13
CA VAL B 43 -15.21 8.00 -10.56
C VAL B 43 -14.49 6.78 -11.10
N ARG B 44 -13.72 6.12 -10.26
CA ARG B 44 -13.01 4.94 -10.69
C ARG B 44 -13.65 3.67 -10.19
N SER B 45 -13.40 2.62 -10.91
CA SER B 45 -13.89 1.33 -10.62
C SER B 45 -12.86 0.57 -9.79
N LYS B 46 -13.28 -0.58 -9.31
CA LYS B 46 -12.46 -1.48 -8.53
C LYS B 46 -11.21 -1.92 -9.28
N GLU B 47 -11.36 -2.17 -10.55
CA GLU B 47 -10.29 -2.67 -11.40
C GLU B 47 -9.01 -1.80 -11.45
N GLN B 48 -9.15 -0.50 -11.45
CA GLN B 48 -7.99 0.38 -11.43
C GLN B 48 -7.36 0.47 -10.06
N MET B 49 -8.17 0.25 -9.02
CA MET B 49 -7.66 0.30 -7.66
C MET B 49 -6.59 -0.74 -7.43
N LEU B 50 -6.77 -1.91 -8.04
CA LEU B 50 -5.76 -2.96 -7.99
C LEU B 50 -4.45 -2.49 -8.54
N GLU B 51 -4.49 -1.90 -9.74
CA GLU B 51 -3.34 -1.47 -10.44
C GLU B 51 -2.60 -0.37 -9.66
N LEU B 52 -3.34 0.56 -9.08
CA LEU B 52 -2.77 1.63 -8.27
C LEU B 52 -2.00 1.06 -7.09
N LEU B 53 -2.57 0.05 -6.49
CA LEU B 53 -2.01 -0.60 -5.34
C LEU B 53 -0.78 -1.46 -5.70
N VAL B 54 -0.77 -1.99 -6.92
CA VAL B 54 0.39 -2.74 -7.41
C VAL B 54 1.64 -1.85 -7.37
N LEU B 55 1.44 -0.58 -7.72
CA LEU B 55 2.49 0.44 -7.70
C LEU B 55 3.10 0.54 -6.30
N GLU B 56 2.24 0.58 -5.29
CA GLU B 56 2.67 0.67 -3.90
C GLU B 56 3.62 -0.43 -3.49
N GLN B 57 3.30 -1.66 -3.86
CA GLN B 57 4.17 -2.75 -3.47
C GLN B 57 5.40 -2.69 -4.33
N PHE B 58 5.19 -2.50 -5.63
CA PHE B 58 6.27 -2.51 -6.60
C PHE B 58 7.38 -1.55 -6.23
N LEU B 59 7.02 -0.32 -5.88
CA LEU B 59 8.04 0.66 -5.50
C LEU B 59 8.82 0.23 -4.27
N GLY B 60 8.15 -0.40 -3.33
CA GLY B 60 8.83 -0.87 -2.14
C GLY B 60 9.56 -2.18 -2.36
N ALA B 61 9.13 -2.94 -3.36
CA ALA B 61 9.75 -4.20 -3.73
C ALA B 61 11.11 -3.93 -4.33
N LEU B 62 11.23 -2.77 -4.95
CA LEU B 62 12.48 -2.29 -5.49
C LEU B 62 13.52 -2.20 -4.37
N PRO B 63 14.80 -2.44 -4.68
CA PRO B 63 15.85 -2.29 -3.70
C PRO B 63 16.01 -0.80 -3.41
N PRO B 64 16.41 -0.42 -2.18
CA PRO B 64 16.52 0.99 -1.75
C PRO B 64 17.13 1.92 -2.82
N GLU B 65 18.23 1.50 -3.45
CA GLU B 65 18.88 2.29 -4.49
C GLU B 65 17.94 2.58 -5.69
N ILE B 66 17.27 1.54 -6.21
CA ILE B 66 16.37 1.70 -7.34
C ILE B 66 15.12 2.44 -6.91
N GLN B 67 14.66 2.12 -5.71
CA GLN B 67 13.50 2.74 -5.14
C GLN B 67 13.72 4.24 -5.00
N ALA B 68 14.91 4.62 -4.55
CA ALA B 68 15.28 6.01 -4.37
C ALA B 68 15.28 6.77 -5.70
N ARG B 69 15.60 6.07 -6.79
CA ARG B 69 15.61 6.69 -8.12
C ARG B 69 14.19 7.12 -8.46
N VAL B 70 13.25 6.28 -8.05
CA VAL B 70 11.85 6.54 -8.22
C VAL B 70 11.40 7.70 -7.35
N GLN B 71 11.89 7.70 -6.13
CA GLN B 71 11.48 8.68 -5.13
C GLN B 71 11.69 10.12 -5.59
N GLY B 72 12.64 10.34 -6.46
CA GLY B 72 12.87 11.67 -7.00
C GLY B 72 11.87 12.05 -8.12
N GLN B 73 11.03 11.10 -8.52
CA GLN B 73 10.07 11.32 -9.61
C GLN B 73 8.63 11.02 -9.17
N ARG B 74 8.43 9.79 -8.70
CA ARG B 74 7.10 9.22 -8.40
C ARG B 74 6.23 9.13 -9.66
N PRO B 75 6.34 8.02 -10.40
CA PRO B 75 5.53 7.78 -11.61
C PRO B 75 4.01 7.83 -11.32
N GLY B 76 3.61 7.11 -10.28
CA GLY B 76 2.22 7.08 -9.86
C GLY B 76 1.43 5.92 -10.47
N SER B 77 2.03 5.28 -11.44
CA SER B 77 1.44 4.12 -12.04
C SER B 77 2.50 3.02 -12.10
N PRO B 78 2.09 1.76 -11.89
CA PRO B 78 3.03 0.63 -11.80
C PRO B 78 3.85 0.42 -13.06
N GLU B 79 3.20 0.52 -14.19
CA GLU B 79 3.84 0.27 -15.47
C GLU B 79 4.81 1.38 -15.83
N GLU B 80 4.51 2.59 -15.40
CA GLU B 80 5.41 3.71 -15.60
C GLU B 80 6.68 3.46 -14.79
N ALA B 81 6.49 3.09 -13.50
CA ALA B 81 7.60 2.74 -12.61
C ALA B 81 8.43 1.63 -13.21
N ALA B 82 7.74 0.61 -13.69
CA ALA B 82 8.35 -0.56 -14.31
C ALA B 82 9.21 -0.16 -15.51
N ALA B 83 8.84 0.90 -16.15
CA ALA B 83 9.53 1.41 -17.31
C ALA B 83 10.86 2.08 -16.92
N LEU B 84 10.83 3.00 -15.94
CA LEU B 84 12.09 3.63 -15.52
C LEU B 84 13.04 2.64 -14.92
N VAL B 85 12.54 1.79 -14.04
CA VAL B 85 13.38 0.83 -13.35
C VAL B 85 14.01 -0.17 -14.31
N ASP B 86 13.29 -0.50 -15.37
CA ASP B 86 13.78 -1.41 -16.40
C ASP B 86 15.01 -0.82 -17.07
N GLY B 87 15.00 0.49 -17.23
CA GLY B 87 16.09 1.18 -17.86
C GLY B 87 17.22 1.55 -16.92
N LEU B 88 16.89 2.06 -15.74
CA LEU B 88 17.91 2.55 -14.80
C LEU B 88 18.68 1.45 -14.06
N ARG B 89 18.15 0.23 -14.04
CA ARG B 89 18.88 -0.89 -13.51
C ARG B 89 20.08 -1.15 -14.39
N ARG B 90 21.18 -1.28 -13.77
CA ARG B 90 22.39 -1.59 -14.49
C ARG B 90 22.38 -3.09 -14.78
N GLU B 91 21.65 -3.80 -13.91
CA GLU B 91 21.41 -5.24 -14.00
C GLU B 91 22.67 -6.06 -13.72
N PRO B 92 22.74 -6.68 -12.54
CA PRO B 92 23.86 -7.53 -12.16
C PRO B 92 23.79 -8.92 -12.83
N GLY B 93 22.60 -9.34 -13.23
CA GLY B 93 22.43 -10.65 -13.81
C GLY B 93 22.36 -10.60 -15.32
N GLY B 94 22.38 -11.75 -15.93
CA GLY B 94 22.29 -11.84 -17.35
C GLY B 94 22.20 -13.27 -17.74
N GLY A 1 -16.72 -19.52 -0.96
CA GLY A 1 -15.77 -20.37 -0.25
C GLY A 1 -14.90 -19.56 0.67
N SER A 2 -14.00 -20.22 1.35
CA SER A 2 -13.12 -19.56 2.26
C SER A 2 -11.87 -19.06 1.56
N ASP A 3 -11.18 -18.15 2.18
CA ASP A 3 -9.97 -17.57 1.67
C ASP A 3 -8.95 -17.52 2.79
N PRO A 4 -7.65 -17.40 2.49
CA PRO A 4 -6.59 -17.39 3.53
C PRO A 4 -6.49 -16.06 4.28
N GLY A 5 -7.41 -15.15 4.02
CA GLY A 5 -7.38 -13.86 4.67
C GLY A 5 -6.85 -12.80 3.74
N PRO A 6 -7.63 -11.74 3.47
CA PRO A 6 -7.21 -10.68 2.55
C PRO A 6 -5.96 -9.97 3.06
N GLU A 7 -5.85 -9.82 4.36
CA GLU A 7 -4.71 -9.16 4.94
C GLU A 7 -3.46 -10.03 4.89
N ALA A 8 -3.66 -11.33 4.91
CA ALA A 8 -2.57 -12.29 4.77
C ALA A 8 -2.09 -12.30 3.33
N ALA A 9 -3.04 -12.18 2.41
CA ALA A 9 -2.72 -12.07 0.98
C ALA A 9 -1.93 -10.80 0.75
N ARG A 10 -2.36 -9.73 1.42
CA ARG A 10 -1.67 -8.44 1.37
C ARG A 10 -0.24 -8.59 1.90
N LEU A 11 -0.09 -9.41 2.92
CA LEU A 11 1.16 -9.64 3.54
C LEU A 11 2.11 -10.32 2.56
N ARG A 12 1.61 -11.32 1.85
CA ARG A 12 2.41 -12.02 0.83
C ARG A 12 2.78 -11.08 -0.30
N PHE A 13 1.87 -10.20 -0.63
CA PHE A 13 2.06 -9.17 -1.63
C PHE A 13 3.14 -8.16 -1.18
N ARG A 14 3.16 -7.87 0.12
CA ARG A 14 4.17 -6.95 0.68
C ARG A 14 5.48 -7.66 0.95
N CYS A 15 5.41 -8.97 1.10
CA CYS A 15 6.58 -9.79 1.35
C CYS A 15 7.27 -10.12 0.03
N PHE A 16 6.61 -9.79 -1.07
CA PHE A 16 7.17 -10.00 -2.38
C PHE A 16 8.35 -9.07 -2.54
N HIS A 17 9.48 -9.64 -2.79
CA HIS A 17 10.66 -8.86 -2.96
C HIS A 17 10.83 -8.64 -4.43
N TYR A 18 11.14 -7.46 -4.84
CA TYR A 18 11.40 -7.27 -6.22
C TYR A 18 12.74 -7.85 -6.54
N GLU A 19 12.72 -8.81 -7.39
CA GLU A 19 13.89 -9.48 -7.81
C GLU A 19 14.20 -9.09 -9.23
N GLU A 20 15.40 -8.63 -9.43
CA GLU A 20 15.87 -8.17 -10.71
C GLU A 20 15.94 -9.32 -11.70
N ALA A 21 16.05 -10.52 -11.17
CA ALA A 21 16.11 -11.72 -11.94
C ALA A 21 14.77 -12.06 -12.59
N THR A 22 13.65 -11.67 -11.98
CA THR A 22 12.36 -11.99 -12.58
C THR A 22 11.99 -10.89 -13.57
N GLY A 23 12.66 -9.75 -13.46
CA GLY A 23 12.35 -8.61 -14.30
C GLY A 23 11.15 -7.83 -13.76
N PRO A 24 11.09 -6.52 -13.96
CA PRO A 24 10.01 -5.70 -13.39
C PRO A 24 8.63 -5.97 -14.01
N GLN A 25 8.61 -6.31 -15.29
CA GLN A 25 7.36 -6.52 -15.99
C GLN A 25 6.73 -7.80 -15.46
N GLU A 26 7.59 -8.77 -15.16
CA GLU A 26 7.17 -10.05 -14.66
C GLU A 26 6.77 -9.94 -13.21
N ALA A 27 7.48 -9.14 -12.44
CA ALA A 27 7.15 -8.89 -11.04
C ALA A 27 5.73 -8.38 -10.94
N LEU A 28 5.35 -7.54 -11.90
CA LEU A 28 3.98 -7.02 -11.99
C LEU A 28 2.95 -8.13 -12.14
N ALA A 29 3.29 -9.18 -12.88
CA ALA A 29 2.38 -10.30 -13.11
C ALA A 29 2.11 -11.05 -11.82
N GLN A 30 3.14 -11.16 -11.00
CA GLN A 30 3.04 -11.77 -9.69
C GLN A 30 2.27 -10.87 -8.73
N LEU A 31 2.66 -9.60 -8.67
CA LEU A 31 2.03 -8.61 -7.82
C LEU A 31 0.56 -8.43 -8.13
N ARG A 32 0.23 -8.43 -9.41
CA ARG A 32 -1.14 -8.24 -9.84
C ARG A 32 -2.07 -9.32 -9.31
N GLU A 33 -1.67 -10.58 -9.39
CA GLU A 33 -2.56 -11.60 -8.88
C GLU A 33 -2.66 -11.50 -7.36
N LEU A 34 -1.51 -11.28 -6.71
CA LEU A 34 -1.45 -11.18 -5.24
C LEU A 34 -2.32 -10.04 -4.71
N CYS A 35 -2.24 -8.88 -5.35
CA CYS A 35 -3.04 -7.74 -4.93
C CYS A 35 -4.53 -8.06 -5.15
N ARG A 36 -4.83 -8.76 -6.25
CA ARG A 36 -6.17 -9.18 -6.56
C ARG A 36 -6.71 -10.23 -5.55
N GLN A 37 -5.82 -11.05 -4.99
CA GLN A 37 -6.20 -12.05 -3.99
C GLN A 37 -6.65 -11.35 -2.71
N TRP A 38 -6.02 -10.22 -2.48
CA TRP A 38 -6.28 -9.35 -1.36
C TRP A 38 -7.50 -8.43 -1.59
N LEU A 39 -7.45 -7.64 -2.62
CA LEU A 39 -8.50 -6.67 -2.92
C LEU A 39 -9.80 -7.36 -3.35
N ARG A 40 -9.67 -8.34 -4.25
CA ARG A 40 -10.82 -9.12 -4.78
C ARG A 40 -11.92 -8.25 -5.42
N PRO A 41 -11.63 -7.61 -6.58
CA PRO A 41 -12.62 -6.75 -7.31
C PRO A 41 -13.81 -7.56 -7.85
N GLU A 42 -13.65 -8.87 -7.88
CA GLU A 42 -14.66 -9.79 -8.35
C GLU A 42 -15.86 -9.77 -7.39
N VAL A 43 -15.58 -9.65 -6.10
CA VAL A 43 -16.64 -9.67 -5.11
C VAL A 43 -16.72 -8.36 -4.32
N ARG A 44 -15.59 -7.70 -4.15
CA ARG A 44 -15.57 -6.50 -3.34
C ARG A 44 -15.66 -5.22 -4.09
N SER A 45 -16.23 -4.26 -3.42
CA SER A 45 -16.47 -2.94 -3.91
C SER A 45 -15.24 -2.05 -3.70
N LYS A 46 -15.22 -0.93 -4.43
CA LYS A 46 -14.16 0.07 -4.38
C LYS A 46 -13.93 0.56 -2.95
N GLU A 47 -15.01 0.75 -2.22
CA GLU A 47 -14.98 1.24 -0.85
C GLU A 47 -14.22 0.28 0.08
N GLN A 48 -14.25 -1.01 -0.24
CA GLN A 48 -13.54 -2.02 0.53
C GLN A 48 -12.07 -1.89 0.28
N MET A 49 -11.74 -1.44 -0.92
CA MET A 49 -10.37 -1.25 -1.32
C MET A 49 -9.77 -0.09 -0.60
N LEU A 50 -10.55 0.99 -0.45
CA LEU A 50 -10.16 2.12 0.41
C LEU A 50 -9.83 1.60 1.79
N GLU A 51 -10.77 0.84 2.37
CA GLU A 51 -10.65 0.29 3.69
C GLU A 51 -9.36 -0.53 3.85
N LEU A 52 -9.14 -1.47 2.93
CA LEU A 52 -7.98 -2.31 2.94
C LEU A 52 -6.70 -1.49 2.81
N LEU A 53 -6.74 -0.48 1.94
CA LEU A 53 -5.64 0.37 1.72
C LEU A 53 -5.36 1.30 2.93
N VAL A 54 -6.39 1.69 3.67
CA VAL A 54 -6.18 2.53 4.85
C VAL A 54 -5.36 1.75 5.87
N LEU A 55 -5.73 0.48 6.05
CA LEU A 55 -5.03 -0.45 6.95
C LEU A 55 -3.59 -0.59 6.50
N GLU A 56 -3.42 -0.69 5.19
CA GLU A 56 -2.12 -0.79 4.54
C GLU A 56 -1.16 0.31 4.99
N GLN A 57 -1.59 1.54 4.90
CA GLN A 57 -0.75 2.63 5.34
C GLN A 57 -0.70 2.75 6.83
N PHE A 58 -1.83 2.58 7.48
CA PHE A 58 -1.91 2.74 8.92
C PHE A 58 -0.87 1.87 9.65
N LEU A 59 -0.80 0.61 9.27
CA LEU A 59 0.17 -0.30 9.84
C LEU A 59 1.62 0.10 9.57
N GLY A 60 1.90 0.56 8.37
CA GLY A 60 3.26 0.98 8.07
C GLY A 60 3.57 2.38 8.57
N ALA A 61 2.53 3.13 8.90
CA ALA A 61 2.68 4.48 9.45
C ALA A 61 3.05 4.38 10.91
N LEU A 62 2.68 3.27 11.52
CA LEU A 62 3.02 2.95 12.88
C LEU A 62 4.54 2.87 13.02
N PRO A 63 5.08 3.16 14.20
CA PRO A 63 6.50 3.05 14.44
C PRO A 63 6.87 1.57 14.49
N PRO A 64 8.13 1.22 14.18
CA PRO A 64 8.61 -0.18 14.17
C PRO A 64 8.15 -0.97 15.40
N GLU A 65 8.22 -0.33 16.57
CA GLU A 65 7.83 -0.96 17.82
C GLU A 65 6.33 -1.33 17.87
N ILE A 66 5.45 -0.40 17.51
CA ILE A 66 4.02 -0.64 17.53
C ILE A 66 3.60 -1.55 16.36
N GLN A 67 4.22 -1.34 15.22
CA GLN A 67 3.92 -2.13 14.02
C GLN A 67 4.27 -3.61 14.25
N ALA A 68 5.37 -3.84 14.99
CA ALA A 68 5.80 -5.21 15.32
C ALA A 68 4.78 -5.89 16.23
N ARG A 69 4.11 -5.08 17.04
CA ARG A 69 3.11 -5.56 17.96
C ARG A 69 1.88 -6.00 17.19
N VAL A 70 1.43 -5.13 16.26
CA VAL A 70 0.21 -5.36 15.46
C VAL A 70 0.27 -6.68 14.73
N GLN A 71 1.36 -6.88 14.06
CA GLN A 71 1.67 -8.10 13.37
C GLN A 71 1.54 -9.36 14.27
N GLY A 72 1.70 -9.17 15.57
CA GLY A 72 1.51 -10.27 16.49
C GLY A 72 0.05 -10.70 16.59
N GLN A 73 -0.90 -9.76 16.61
CA GLN A 73 -2.33 -10.13 16.73
C GLN A 73 -3.05 -10.14 15.37
N ARG A 74 -2.64 -9.28 14.46
CA ARG A 74 -3.19 -9.20 13.09
C ARG A 74 -4.70 -8.93 13.02
N PRO A 75 -5.11 -7.65 13.15
CA PRO A 75 -6.52 -7.23 13.03
C PRO A 75 -7.06 -7.38 11.59
N GLY A 76 -6.41 -6.70 10.66
CA GLY A 76 -6.83 -6.74 9.25
C GLY A 76 -7.76 -5.60 8.87
N SER A 77 -8.24 -4.87 9.85
CA SER A 77 -9.08 -3.75 9.61
C SER A 77 -8.51 -2.51 10.31
N PRO A 78 -8.57 -1.33 9.64
CA PRO A 78 -7.96 -0.08 10.15
C PRO A 78 -8.42 0.31 11.55
N GLU A 79 -9.71 0.24 11.80
CA GLU A 79 -10.26 0.69 13.07
C GLU A 79 -9.97 -0.28 14.20
N GLU A 80 -9.86 -1.56 13.86
CA GLU A 80 -9.50 -2.56 14.83
C GLU A 80 -8.03 -2.37 15.20
N ALA A 81 -7.18 -2.15 14.17
CA ALA A 81 -5.80 -1.85 14.40
C ALA A 81 -5.67 -0.63 15.30
N ALA A 82 -6.43 0.43 14.98
CA ALA A 82 -6.43 1.67 15.75
C ALA A 82 -6.75 1.40 17.24
N ALA A 83 -7.71 0.53 17.45
CA ALA A 83 -8.13 0.17 18.81
C ALA A 83 -7.01 -0.52 19.58
N LEU A 84 -6.35 -1.48 18.95
CA LEU A 84 -5.29 -2.18 19.62
C LEU A 84 -4.00 -1.38 19.74
N VAL A 85 -3.67 -0.58 18.72
CA VAL A 85 -2.47 0.26 18.77
C VAL A 85 -2.55 1.31 19.84
N ASP A 86 -3.77 1.77 20.12
CA ASP A 86 -3.97 2.78 21.15
C ASP A 86 -3.47 2.28 22.50
N GLY A 87 -3.62 0.98 22.76
CA GLY A 87 -3.09 0.41 23.98
C GLY A 87 -1.59 0.20 23.89
N LEU A 88 -1.12 -0.10 22.68
CA LEU A 88 0.29 -0.36 22.36
C LEU A 88 1.14 0.92 22.40
N ARG A 89 0.50 2.02 22.77
CA ARG A 89 1.15 3.33 22.85
C ARG A 89 2.12 3.43 24.03
N ARG A 90 2.27 2.34 24.79
CA ARG A 90 3.26 2.21 25.90
C ARG A 90 2.96 3.06 27.12
N GLU A 91 2.04 3.99 27.00
CA GLU A 91 1.67 4.83 28.11
C GLU A 91 0.72 4.09 29.03
N PRO A 92 0.84 4.27 30.35
CA PRO A 92 -0.06 3.65 31.32
C PRO A 92 -1.44 4.31 31.27
N GLY A 93 -2.40 3.57 30.77
CA GLY A 93 -3.75 4.10 30.65
C GLY A 93 -3.91 4.96 29.42
N GLY A 94 -5.13 5.22 29.07
CA GLY A 94 -5.41 6.04 27.91
C GLY A 94 -6.77 5.73 27.33
N GLY B 1 -13.24 14.78 -11.30
CA GLY B 1 -12.64 15.22 -12.55
C GLY B 1 -11.40 16.06 -12.31
N SER B 2 -11.20 16.43 -11.07
CA SER B 2 -10.05 17.20 -10.69
C SER B 2 -9.18 16.38 -9.74
N ASP B 3 -7.88 16.57 -9.83
CA ASP B 3 -6.97 15.86 -8.96
C ASP B 3 -5.78 16.73 -8.62
N PRO B 4 -5.19 16.56 -7.42
CA PRO B 4 -3.96 17.22 -7.03
C PRO B 4 -2.77 16.31 -7.33
N GLY B 5 -3.01 15.36 -8.20
CA GLY B 5 -2.05 14.37 -8.50
C GLY B 5 -2.33 13.16 -7.65
N PRO B 6 -2.91 12.09 -8.22
CA PRO B 6 -3.24 10.88 -7.45
C PRO B 6 -1.99 10.25 -6.85
N GLU B 7 -0.89 10.34 -7.59
CA GLU B 7 0.37 9.83 -7.10
C GLU B 7 0.91 10.73 -6.00
N ALA B 8 0.57 12.02 -6.06
CA ALA B 8 0.98 12.97 -5.04
C ALA B 8 0.18 12.69 -3.79
N ALA B 9 -1.10 12.40 -3.99
CA ALA B 9 -2.00 12.04 -2.91
C ALA B 9 -1.50 10.77 -2.25
N ARG B 10 -1.11 9.78 -3.06
CA ARG B 10 -0.57 8.54 -2.54
C ARG B 10 0.72 8.81 -1.76
N LEU B 11 1.52 9.73 -2.26
CA LEU B 11 2.76 10.08 -1.69
C LEU B 11 2.53 10.70 -0.31
N ARG B 12 1.53 11.56 -0.20
CA ARG B 12 1.18 12.20 1.08
C ARG B 12 0.67 11.14 2.05
N PHE B 13 -0.09 10.21 1.52
CA PHE B 13 -0.62 9.09 2.27
C PHE B 13 0.52 8.23 2.85
N ARG B 14 1.49 7.88 2.02
CA ARG B 14 2.67 7.12 2.48
C ARG B 14 3.62 7.97 3.35
N CYS B 15 3.59 9.27 3.16
CA CYS B 15 4.47 10.19 3.90
C CYS B 15 3.88 10.48 5.27
N PHE B 16 2.56 10.35 5.38
CA PHE B 16 1.82 10.60 6.63
C PHE B 16 2.37 9.72 7.73
N HIS B 17 2.87 10.34 8.77
CA HIS B 17 3.40 9.59 9.88
C HIS B 17 2.29 9.37 10.88
N TYR B 18 2.24 8.20 11.44
CA TYR B 18 1.32 7.99 12.51
C TYR B 18 1.84 8.70 13.72
N GLU B 19 0.98 9.41 14.35
CA GLU B 19 1.30 10.12 15.52
C GLU B 19 0.29 9.77 16.59
N GLU B 20 0.78 9.07 17.60
CA GLU B 20 -0.02 8.63 18.72
C GLU B 20 -0.73 9.80 19.36
N ALA B 21 -0.07 10.94 19.31
CA ALA B 21 -0.58 12.17 19.88
C ALA B 21 -1.94 12.59 19.31
N THR B 22 -2.20 12.26 18.05
CA THR B 22 -3.47 12.65 17.44
C THR B 22 -4.49 11.51 17.63
N GLY B 23 -3.98 10.33 17.97
CA GLY B 23 -4.82 9.18 18.16
C GLY B 23 -4.96 8.40 16.86
N PRO B 24 -4.97 7.06 16.92
CA PRO B 24 -5.03 6.26 15.71
C PRO B 24 -6.37 6.34 15.00
N GLN B 25 -7.45 6.51 15.75
CA GLN B 25 -8.77 6.56 15.17
C GLN B 25 -8.88 7.83 14.33
N GLU B 26 -8.27 8.90 14.83
CA GLU B 26 -8.27 10.18 14.15
C GLU B 26 -7.39 10.13 12.94
N ALA B 27 -6.18 9.59 13.09
CA ALA B 27 -5.24 9.46 11.97
C ALA B 27 -5.87 8.68 10.81
N LEU B 28 -6.73 7.72 11.14
CA LEU B 28 -7.48 6.96 10.14
C LEU B 28 -8.34 7.86 9.27
N ALA B 29 -8.93 8.90 9.86
CA ALA B 29 -9.77 9.83 9.11
C ALA B 29 -8.93 10.52 8.05
N GLN B 30 -7.73 10.89 8.45
CA GLN B 30 -6.77 11.52 7.58
C GLN B 30 -6.32 10.57 6.49
N LEU B 31 -5.96 9.36 6.87
CA LEU B 31 -5.55 8.33 5.92
C LEU B 31 -6.68 7.95 4.98
N ARG B 32 -7.86 7.82 5.51
CA ARG B 32 -9.05 7.49 4.73
C ARG B 32 -9.33 8.57 3.71
N GLU B 33 -9.06 9.78 4.11
CA GLU B 33 -9.18 10.91 3.24
C GLU B 33 -8.09 10.88 2.17
N LEU B 34 -6.84 10.72 2.59
CA LEU B 34 -5.70 10.70 1.69
C LEU B 34 -5.80 9.57 0.66
N CYS B 35 -6.19 8.38 1.11
CA CYS B 35 -6.33 7.26 0.22
C CYS B 35 -7.52 7.47 -0.73
N ARG B 36 -8.55 8.17 -0.25
CA ARG B 36 -9.70 8.53 -1.09
C ARG B 36 -9.31 9.58 -2.12
N GLN B 37 -8.46 10.51 -1.73
CA GLN B 37 -7.95 11.53 -2.64
C GLN B 37 -7.13 10.89 -3.73
N TRP B 38 -6.47 9.83 -3.36
CA TRP B 38 -5.67 9.04 -4.27
C TRP B 38 -6.52 8.08 -5.13
N LEU B 39 -7.24 7.13 -4.53
CA LEU B 39 -7.99 6.14 -5.31
C LEU B 39 -9.14 6.82 -6.06
N ARG B 40 -9.93 7.66 -5.35
CA ARG B 40 -11.08 8.36 -5.93
C ARG B 40 -12.11 7.36 -6.48
N PRO B 41 -12.82 6.61 -5.58
CA PRO B 41 -13.80 5.57 -5.98
C PRO B 41 -15.01 6.13 -6.70
N GLU B 42 -15.17 7.42 -6.59
CA GLU B 42 -16.25 8.12 -7.22
C GLU B 42 -16.05 8.19 -8.72
N VAL B 43 -14.82 8.44 -9.13
CA VAL B 43 -14.54 8.58 -10.54
C VAL B 43 -13.83 7.36 -11.10
N ARG B 44 -13.13 6.62 -10.26
CA ARG B 44 -12.43 5.44 -10.71
C ARG B 44 -13.03 4.15 -10.26
N SER B 45 -12.76 3.13 -11.04
CA SER B 45 -13.24 1.80 -10.85
C SER B 45 -12.18 0.92 -10.15
N LYS B 46 -12.65 -0.23 -9.65
CA LYS B 46 -11.86 -1.22 -8.91
C LYS B 46 -10.57 -1.62 -9.61
N GLU B 47 -10.68 -1.90 -10.90
CA GLU B 47 -9.55 -2.31 -11.71
C GLU B 47 -8.40 -1.30 -11.73
N GLN B 48 -8.74 -0.02 -11.64
CA GLN B 48 -7.72 1.01 -11.53
C GLN B 48 -7.06 0.98 -10.19
N MET B 49 -7.81 0.59 -9.18
CA MET B 49 -7.31 0.51 -7.83
C MET B 49 -6.32 -0.60 -7.70
N LEU B 50 -6.59 -1.73 -8.38
CA LEU B 50 -5.63 -2.84 -8.44
C LEU B 50 -4.33 -2.31 -9.01
N GLU B 51 -4.43 -1.69 -10.16
CA GLU B 51 -3.32 -1.18 -10.92
C GLU B 51 -2.49 -0.15 -10.08
N LEU B 52 -3.17 0.76 -9.41
CA LEU B 52 -2.52 1.76 -8.56
C LEU B 52 -1.81 1.10 -7.40
N LEU B 53 -2.47 0.15 -6.81
CA LEU B 53 -1.98 -0.51 -5.66
C LEU B 53 -0.84 -1.50 -6.01
N VAL B 54 -0.86 -2.05 -7.23
CA VAL B 54 0.27 -2.86 -7.73
C VAL B 54 1.52 -1.95 -7.80
N LEU B 55 1.32 -0.75 -8.37
CA LEU B 55 2.37 0.29 -8.48
C LEU B 55 2.94 0.59 -7.11
N GLU B 56 2.05 0.71 -6.14
CA GLU B 56 2.39 0.95 -4.74
C GLU B 56 3.41 -0.07 -4.24
N GLN B 57 3.13 -1.34 -4.42
CA GLN B 57 4.07 -2.37 -3.97
C GLN B 57 5.26 -2.46 -4.87
N PHE B 58 5.07 -2.33 -6.16
CA PHE B 58 6.18 -2.42 -7.09
C PHE B 58 7.28 -1.42 -6.76
N LEU B 59 6.89 -0.17 -6.56
CA LEU B 59 7.85 0.87 -6.18
C LEU B 59 8.54 0.59 -4.85
N GLY B 60 7.80 0.13 -3.87
CA GLY B 60 8.40 -0.14 -2.57
C GLY B 60 9.14 -1.48 -2.52
N ALA B 61 8.90 -2.33 -3.49
CA ALA B 61 9.58 -3.60 -3.58
C ALA B 61 10.97 -3.41 -4.15
N LEU B 62 11.10 -2.34 -4.94
CA LEU B 62 12.36 -1.93 -5.51
C LEU B 62 13.35 -1.60 -4.41
N PRO B 63 14.65 -1.74 -4.68
CA PRO B 63 15.68 -1.33 -3.73
C PRO B 63 15.58 0.18 -3.56
N PRO B 64 15.82 0.70 -2.35
CA PRO B 64 15.72 2.15 -2.06
C PRO B 64 16.37 3.02 -3.15
N GLU B 65 17.53 2.59 -3.61
CA GLU B 65 18.27 3.30 -4.65
C GLU B 65 17.49 3.39 -5.99
N ILE B 66 16.90 2.27 -6.45
CA ILE B 66 16.12 2.25 -7.67
C ILE B 66 14.79 2.96 -7.44
N GLN B 67 14.22 2.71 -6.29
CA GLN B 67 12.96 3.30 -5.88
C GLN B 67 13.04 4.81 -5.86
N ALA B 68 14.14 5.34 -5.36
CA ALA B 68 14.36 6.77 -5.30
C ALA B 68 14.48 7.36 -6.70
N ARG B 69 15.10 6.61 -7.62
CA ARG B 69 15.21 7.03 -9.02
C ARG B 69 13.82 7.16 -9.61
N VAL B 70 13.02 6.12 -9.41
CA VAL B 70 11.64 6.12 -9.87
C VAL B 70 10.88 7.25 -9.22
N GLN B 71 11.07 7.39 -7.94
CA GLN B 71 10.43 8.41 -7.14
C GLN B 71 10.73 9.81 -7.70
N GLY B 72 11.89 9.96 -8.32
CA GLY B 72 12.23 11.22 -8.94
C GLY B 72 11.58 11.43 -10.30
N GLN B 73 11.53 10.37 -11.11
CA GLN B 73 10.97 10.48 -12.46
C GLN B 73 9.45 10.38 -12.50
N ARG B 74 8.93 9.59 -11.59
CA ARG B 74 7.48 9.45 -11.36
C ARG B 74 6.68 8.98 -12.59
N PRO B 75 6.67 7.64 -12.82
CA PRO B 75 5.89 7.01 -13.90
C PRO B 75 4.37 7.21 -13.75
N GLY B 76 3.86 6.91 -12.54
CA GLY B 76 2.44 7.05 -12.26
C GLY B 76 1.64 5.78 -12.53
N SER B 77 2.29 4.83 -13.18
CA SER B 77 1.69 3.56 -13.54
C SER B 77 2.73 2.43 -13.45
N PRO B 78 2.30 1.19 -13.09
CA PRO B 78 3.21 0.05 -12.87
C PRO B 78 4.06 -0.35 -14.08
N GLU B 79 3.46 -0.42 -15.25
CA GLU B 79 4.19 -0.85 -16.46
C GLU B 79 5.21 0.19 -16.88
N GLU B 80 4.86 1.46 -16.71
CA GLU B 80 5.74 2.55 -17.01
C GLU B 80 6.93 2.45 -16.07
N ALA B 81 6.65 2.26 -14.76
CA ALA B 81 7.68 2.07 -13.77
C ALA B 81 8.56 0.91 -14.15
N ALA B 82 7.95 -0.23 -14.48
CA ALA B 82 8.67 -1.43 -14.85
C ALA B 82 9.64 -1.17 -16.01
N ALA B 83 9.16 -0.46 -17.01
CA ALA B 83 9.96 -0.12 -18.18
C ALA B 83 11.20 0.67 -17.80
N LEU B 84 11.02 1.70 -16.99
CA LEU B 84 12.13 2.51 -16.56
C LEU B 84 13.03 1.81 -15.56
N VAL B 85 12.44 1.00 -14.70
CA VAL B 85 13.17 0.18 -13.72
C VAL B 85 14.11 -0.79 -14.41
N ASP B 86 13.67 -1.33 -15.53
CA ASP B 86 14.46 -2.27 -16.32
C ASP B 86 15.79 -1.63 -16.74
N GLY B 87 15.76 -0.32 -16.95
CA GLY B 87 16.96 0.45 -17.28
C GLY B 87 17.75 0.90 -16.05
N LEU B 88 17.13 0.85 -14.88
CA LEU B 88 17.72 1.36 -13.63
C LEU B 88 18.51 0.32 -12.85
N ARG B 89 18.61 -0.89 -13.36
CA ARG B 89 19.28 -1.95 -12.60
C ARG B 89 20.78 -1.97 -12.92
N ARG B 90 21.15 -1.25 -13.98
CA ARG B 90 22.54 -1.22 -14.53
C ARG B 90 22.86 -2.50 -15.27
N GLU B 91 21.82 -3.25 -15.61
CA GLU B 91 21.97 -4.51 -16.29
C GLU B 91 21.39 -4.42 -17.68
N PRO B 92 22.15 -4.78 -18.70
CA PRO B 92 21.63 -4.86 -20.04
C PRO B 92 20.98 -6.23 -20.25
N GLY B 93 19.77 -6.38 -19.73
CA GLY B 93 19.08 -7.65 -19.80
C GLY B 93 18.52 -7.90 -21.16
N GLY B 94 18.03 -6.87 -21.77
CA GLY B 94 17.47 -6.95 -23.08
C GLY B 94 16.62 -5.76 -23.34
#